data_6VQV
#
_entry.id   6VQV
#
_cell.length_a   1.00
_cell.length_b   1.00
_cell.length_c   1.00
_cell.angle_alpha   90.00
_cell.angle_beta   90.00
_cell.angle_gamma   90.00
#
_symmetry.space_group_name_H-M   'P 1'
#
loop_
_entity.id
_entity.type
_entity.pdbx_description
1 polymer AcrF9
2 polymer 'CRISPR-associated protein Csy1'
3 polymer 'CRISPR-associated protein Csy2'
4 polymer 'CRISPR-associated protein Csy3'
5 polymer 'CRISPR-associated endonuclease Cas6/Csy4'
6 polymer 'CrRNA (60-MER)'
#
loop_
_entity_poly.entity_id
_entity_poly.type
_entity_poly.pdbx_seq_one_letter_code
_entity_poly.pdbx_strand_id
1 'polypeptide(L)' MKAAYIIKEVQNINSEREGTQIEATSLSQAKRIASKEQCFHGTVMRIETVNGLWLAYKEDGKRWVDCQ A,B
2 'polypeptide(L)'
;MTSPLPTPTWQELRQFIESFIQERLQGKLDKLQPDEDDKRQTLLATHRREAWLADAARRVGQLQLVTHTLKPIHPDARGS
NLHSLPQAPGQPGLAGSHELGDRLVSDVVGNAAALDVFKFLSLQYQGKNLLNWLTEDSAEALQALSDNAEQAREWRQAFI
GITTVKGAPASHSLAKQLYFPLPGSGYHLLAPLFPTSLVHHVHALLREARFGDAAKAAREARSRQESWPHGFSEYPNLAI
QKFGGTKPQNISQLNNERRGENWLLPSLPPNWQRQNVNAPMRHSSVFEHDFGRTPEVSRLTRTLQRFLAKTVHNNLAIRQ
RRAQLVAQICDEALQYAARLRELEPGWSATPGCQLHDAEQLWLDPLRAQTDETFLQRRLRGDWPAEVGNRFANWLNRAVS
SDSQILGSPEAAQWSQELSKELTMFKEILEDERD
;
C
3 'polypeptide(L)'
;MSVTDPEALLLLPRLSIQNANAISSPLTWGFPSPGAFTGFVHALQRRVGISLDIELDGVGIVCHRFEAQISQPAGKRTKV
FNLTRNPLNRDGSTAAIVEEGRAHLEVSLLLGVHGDGLDDHPAQEIARQVQEQAGAMRLAGGSILPWCNERFPAPNAELL
MLGGSDEQRRKNQRRLTRRLLPGFALVSREALLQQHLETLRTTLPEATTLDALLDLCRINFEPPATSSEEEASPPDAAWQ
VRDKPGWLVPIPAGYNALSPLYLPGEVRNARDRETPLRFVENLFGLGEWLSPHRVAALSDLLWYHHAEPDKGLYRWSTPR
FVEHAIA
;
D
4 'polypeptide(L)'
;MKSSHHHHHHENLYFQSNASKPILSTASVLAFERKLDPSDALMSAGAWAQRDASQEWPAVTVREKSVRGTISNRLKTKDR
DPAKLDASIQSPNLQTVDVANLPSDADTLKVRFTLRVLGGAGTPSACNDAAYRDKLLQTVATYVNDQGFAELARRYAHNL
ANARFLWRNRVGAEAVEVRINHIRQGEVARAWRFDALAIGLRDFKADAELDALAELIASGLSGSGHVLLEVVAFARIGDG
QEVFPSQELILDKGDKKGQKSKTLYSVRDAAAIHSQKIGNALRTIDTWYPDEDGLGPIAVEPYGSVTSQGKAYRQPKQKL
DFYTLLDNWVLRDEAPAVEQQHYVIANLIRGGVFGEAEEK
;
E,F,G,H,I,J
5 'polypeptide(L)'
;MDHYLDIRLRPDPEFPPAQLMSVLFGKLHQALVAQGGDRIGVSFPDLDESRSRLGERLRIHASADDLRALLARPWLEGLR
DHLQFGEPAVVPHPTPYRQVSRVQAKSNPERLRRRLMRRHDLSEEEARKRIPDTVARALDLPFVTLRSQSTGQHFRLFIR
HGPLQVTAEEGGFTCYGLSKGGFVPWF
;
K
6 'polyribonucleotide' CUAAGAAAUUCACGGCGGGCUUGAUGUCCGCGUCUACCUGGUUCACUGCCGUAUAGGCAG L
#
loop_
_chem_comp.id
_chem_comp.type
_chem_comp.name
_chem_comp.formula
A RNA linking ADENOSINE-5'-MONOPHOSPHATE 'C10 H14 N5 O7 P'
C RNA linking CYTIDINE-5'-MONOPHOSPHATE 'C9 H14 N3 O8 P'
G RNA linking GUANOSINE-5'-MONOPHOSPHATE 'C10 H14 N5 O8 P'
U RNA linking URIDINE-5'-MONOPHOSPHATE 'C9 H13 N2 O9 P'
#
# COMPACT_ATOMS: atom_id res chain seq x y z
N MET A 1 -8.11 -26.44 -29.44
CA MET A 1 -7.28 -25.36 -28.96
C MET A 1 -5.91 -25.85 -28.53
N LYS A 2 -4.90 -25.02 -28.79
CA LYS A 2 -3.54 -25.27 -28.30
C LYS A 2 -2.99 -23.93 -27.82
N ALA A 3 -2.69 -23.86 -26.53
CA ALA A 3 -2.26 -22.61 -25.92
C ALA A 3 -0.74 -22.53 -25.90
N ALA A 4 -0.25 -21.30 -25.84
CA ALA A 4 1.17 -21.01 -25.86
C ALA A 4 1.68 -20.75 -24.45
N TYR A 5 2.81 -21.36 -24.10
CA TYR A 5 3.45 -21.17 -22.81
C TYR A 5 4.91 -20.84 -23.04
N ILE A 6 5.57 -20.41 -21.97
CA ILE A 6 7.01 -20.19 -21.98
C ILE A 6 7.63 -21.08 -20.92
N ILE A 7 8.44 -22.05 -21.34
CA ILE A 7 9.15 -22.95 -20.44
C ILE A 7 10.52 -22.37 -20.19
N LYS A 8 10.87 -22.17 -18.93
CA LYS A 8 12.16 -21.63 -18.54
C LYS A 8 12.88 -22.60 -17.63
N GLU A 9 14.19 -22.70 -17.79
CA GLU A 9 15.04 -23.50 -16.91
C GLU A 9 16.06 -22.57 -16.29
N VAL A 10 15.89 -22.26 -15.01
CA VAL A 10 16.71 -21.29 -14.31
C VAL A 10 17.45 -22.00 -13.17
N GLN A 11 18.41 -21.28 -12.59
CA GLN A 11 19.18 -21.82 -11.48
C GLN A 11 18.36 -21.94 -10.22
N ASN A 12 17.78 -20.83 -9.77
CA ASN A 12 16.90 -20.85 -8.61
C ASN A 12 15.60 -20.16 -8.97
N ILE A 13 14.72 -19.93 -7.99
CA ILE A 13 13.37 -19.48 -8.29
C ILE A 13 13.37 -18.05 -8.80
N ASN A 14 14.14 -17.17 -8.15
CA ASN A 14 14.13 -15.76 -8.52
C ASN A 14 15.25 -15.43 -9.51
N SER A 15 15.36 -16.21 -10.58
CA SER A 15 16.29 -15.92 -11.64
C SER A 15 15.53 -15.64 -12.93
N GLU A 16 16.11 -14.79 -13.76
CA GLU A 16 15.53 -14.41 -15.04
C GLU A 16 16.36 -15.04 -16.14
N ARG A 17 15.70 -15.71 -17.07
CA ARG A 17 16.40 -16.31 -18.20
C ARG A 17 15.40 -16.44 -19.35
N GLU A 18 15.88 -16.18 -20.57
CA GLU A 18 15.01 -16.27 -21.72
C GLU A 18 14.64 -17.73 -21.99
N GLY A 19 13.35 -17.98 -22.14
CA GLY A 19 12.85 -19.34 -22.25
C GLY A 19 12.43 -19.70 -23.66
N THR A 20 11.87 -20.90 -23.78
CA THR A 20 11.47 -21.47 -25.06
C THR A 20 9.96 -21.60 -25.10
N GLN A 21 9.36 -21.17 -26.20
CA GLN A 21 7.91 -21.23 -26.35
C GLN A 21 7.47 -22.61 -26.81
N ILE A 22 6.46 -23.16 -26.14
CA ILE A 22 5.87 -24.43 -26.51
C ILE A 22 4.46 -24.20 -27.03
N GLU A 23 3.82 -25.29 -27.43
CA GLU A 23 2.42 -25.33 -27.79
C GLU A 23 1.80 -26.47 -27.01
N ALA A 24 0.94 -26.15 -26.06
CA ALA A 24 0.35 -27.17 -25.21
C ALA A 24 -1.14 -26.92 -25.03
N THR A 25 -1.87 -28.00 -24.82
CA THR A 25 -3.31 -27.90 -24.64
C THR A 25 -3.67 -27.46 -23.23
N SER A 26 -3.15 -28.16 -22.22
CA SER A 26 -3.47 -27.88 -20.83
C SER A 26 -2.19 -27.47 -20.10
N LEU A 27 -2.36 -27.08 -18.83
CA LEU A 27 -1.18 -26.80 -18.00
C LEU A 27 -0.51 -28.09 -17.56
N SER A 28 -1.28 -29.18 -17.46
CA SER A 28 -0.68 -30.47 -17.13
C SER A 28 0.15 -31.01 -18.28
N GLN A 29 -0.26 -30.73 -19.52
CA GLN A 29 0.58 -31.07 -20.67
C GLN A 29 1.87 -30.27 -20.67
N ALA A 30 1.80 -29.00 -20.27
CA ALA A 30 3.00 -28.18 -20.14
C ALA A 30 3.90 -28.69 -19.02
N LYS A 31 3.32 -29.16 -17.92
CA LYS A 31 4.14 -29.75 -16.86
C LYS A 31 4.76 -31.07 -17.28
N ARG A 32 4.08 -31.85 -18.11
CA ARG A 32 4.67 -33.08 -18.63
C ARG A 32 5.82 -32.80 -19.59
N ILE A 33 5.67 -31.83 -20.49
CA ILE A 33 6.73 -31.56 -21.45
C ILE A 33 7.72 -30.54 -20.92
N ALA A 34 7.54 -30.07 -19.69
CA ALA A 34 8.56 -29.39 -18.93
C ALA A 34 9.24 -30.31 -17.93
N SER A 35 8.65 -31.47 -17.65
CA SER A 35 9.40 -32.53 -16.97
C SER A 35 10.55 -33.02 -17.83
N LYS A 36 10.29 -33.29 -19.11
CA LYS A 36 11.40 -33.39 -20.06
C LYS A 36 11.76 -32.00 -20.55
N GLU A 37 12.61 -31.97 -21.58
CA GLU A 37 13.18 -30.73 -22.17
C GLU A 37 13.92 -29.93 -21.10
N GLN A 38 14.48 -30.65 -20.12
CA GLN A 38 15.29 -30.09 -19.06
C GLN A 38 16.67 -30.74 -19.18
N CYS A 39 17.69 -29.92 -19.32
CA CYS A 39 19.00 -30.46 -19.64
C CYS A 39 19.85 -30.75 -18.42
N PHE A 40 19.63 -30.05 -17.31
CA PHE A 40 20.57 -30.05 -16.20
C PHE A 40 19.91 -30.63 -14.94
N HIS A 41 20.71 -30.79 -13.89
CA HIS A 41 20.22 -31.41 -12.66
C HIS A 41 19.69 -30.41 -11.64
N GLY A 42 20.54 -29.52 -11.15
CA GLY A 42 20.14 -28.70 -10.02
C GLY A 42 19.44 -27.43 -10.40
N THR A 43 18.50 -27.51 -11.34
CA THR A 43 17.85 -26.34 -11.89
C THR A 43 16.37 -26.35 -11.56
N VAL A 44 15.73 -25.20 -11.82
CA VAL A 44 14.33 -24.98 -11.52
C VAL A 44 13.61 -24.76 -12.84
N MET A 45 12.55 -25.53 -13.07
CA MET A 45 11.70 -25.29 -14.22
C MET A 45 10.62 -24.28 -13.84
N ARG A 46 10.25 -23.44 -14.78
CA ARG A 46 9.19 -22.47 -14.54
C ARG A 46 8.32 -22.37 -15.78
N ILE A 47 7.01 -22.30 -15.59
CA ILE A 47 6.05 -22.20 -16.69
C ILE A 47 5.38 -20.85 -16.60
N GLU A 48 5.41 -20.10 -17.69
CA GLU A 48 4.86 -18.75 -17.74
C GLU A 48 3.94 -18.60 -18.95
N THR A 49 3.19 -17.51 -18.94
CA THR A 49 2.41 -17.13 -20.11
C THR A 49 3.31 -16.37 -21.08
N VAL A 50 2.71 -15.88 -22.17
CA VAL A 50 3.50 -15.21 -23.20
C VAL A 50 3.87 -13.78 -22.76
N ASN A 51 3.15 -13.24 -21.78
CA ASN A 51 3.37 -11.87 -21.32
C ASN A 51 4.11 -11.78 -19.99
N GLY A 52 4.54 -12.90 -19.43
CA GLY A 52 5.42 -12.88 -18.27
C GLY A 52 4.78 -13.18 -16.95
N LEU A 53 3.59 -13.76 -16.92
CA LEU A 53 2.93 -14.10 -15.67
C LEU A 53 3.30 -15.54 -15.32
N TRP A 54 3.71 -15.78 -14.08
CA TRP A 54 4.13 -17.13 -13.70
C TRP A 54 2.90 -18.01 -13.45
N LEU A 55 3.05 -19.29 -13.77
CA LEU A 55 1.97 -20.25 -13.57
C LEU A 55 2.34 -21.34 -12.58
N ALA A 56 3.50 -21.97 -12.75
CA ALA A 56 3.94 -23.03 -11.86
C ALA A 56 5.45 -23.11 -11.91
N TYR A 57 6.03 -23.76 -10.91
CA TYR A 57 7.46 -24.03 -10.92
C TYR A 57 7.78 -25.29 -10.14
N LYS A 58 8.97 -25.83 -10.39
CA LYS A 58 9.40 -27.09 -9.81
C LYS A 58 10.89 -27.01 -9.52
N GLU A 59 11.29 -27.31 -8.27
CA GLU A 59 12.67 -27.08 -7.84
C GLU A 59 13.40 -28.36 -7.43
N ASP A 60 13.95 -29.05 -8.43
CA ASP A 60 14.95 -30.12 -8.30
C ASP A 60 14.36 -31.27 -7.47
N GLY A 61 13.39 -31.94 -8.10
CA GLY A 61 12.79 -33.11 -7.48
C GLY A 61 11.82 -32.80 -6.37
N LYS A 62 10.85 -31.93 -6.62
CA LYS A 62 9.77 -31.64 -5.69
C LYS A 62 8.46 -31.58 -6.48
N ARG A 63 7.39 -31.20 -5.79
CA ARG A 63 6.14 -30.97 -6.47
C ARG A 63 6.19 -29.70 -7.30
N TRP A 64 5.32 -29.67 -8.32
CA TRP A 64 5.02 -28.42 -9.00
C TRP A 64 4.29 -27.48 -8.04
N VAL A 65 4.96 -26.40 -7.67
CA VAL A 65 4.36 -25.38 -6.82
C VAL A 65 3.58 -24.44 -7.74
N ASP A 66 2.26 -24.52 -7.67
CA ASP A 66 1.44 -23.66 -8.50
C ASP A 66 1.43 -22.23 -7.97
N CYS A 67 1.28 -21.29 -8.89
CA CYS A 67 1.37 -19.86 -8.59
C CYS A 67 -0.03 -19.28 -8.74
N GLN A 68 -0.69 -19.03 -7.61
CA GLN A 68 -2.05 -18.53 -7.60
C GLN A 68 -2.11 -17.07 -8.04
N MET B 1 -14.64 -54.76 10.93
CA MET B 1 -13.94 -53.50 10.88
C MET B 1 -14.04 -52.76 12.21
N LYS B 2 -12.95 -52.07 12.57
CA LYS B 2 -12.92 -51.20 13.72
C LYS B 2 -12.16 -49.94 13.31
N ALA B 3 -12.84 -48.80 13.33
CA ALA B 3 -12.26 -47.56 12.85
C ALA B 3 -11.65 -46.78 14.01
N ALA B 4 -10.70 -45.92 13.67
CA ALA B 4 -9.97 -45.12 14.63
C ALA B 4 -10.54 -43.71 14.69
N TYR B 5 -10.74 -43.20 15.90
CA TYR B 5 -11.22 -41.86 16.12
C TYR B 5 -10.31 -41.17 17.12
N ILE B 6 -10.48 -39.85 17.25
CA ILE B 6 -9.80 -39.07 18.27
C ILE B 6 -10.86 -38.41 19.14
N ILE B 7 -10.91 -38.80 20.40
CA ILE B 7 -11.82 -38.21 21.38
C ILE B 7 -11.09 -37.10 22.11
N LYS B 8 -11.66 -35.91 22.08
CA LYS B 8 -11.08 -34.75 22.75
C LYS B 8 -12.05 -34.18 23.77
N GLU B 9 -11.52 -33.72 24.88
CA GLU B 9 -12.31 -33.04 25.90
C GLU B 9 -11.71 -31.65 26.09
N VAL B 10 -12.42 -30.65 25.60
CA VAL B 10 -11.93 -29.27 25.59
C VAL B 10 -12.87 -28.41 26.43
N GLN B 11 -12.43 -27.19 26.70
CA GLN B 11 -13.21 -26.25 27.49
C GLN B 11 -14.43 -25.76 26.72
N ASN B 12 -14.21 -25.19 25.54
CA ASN B 12 -15.31 -24.75 24.69
C ASN B 12 -15.11 -25.30 23.31
N ILE B 13 -15.94 -24.89 22.34
CA ILE B 13 -15.95 -25.55 21.04
C ILE B 13 -14.67 -25.25 20.26
N ASN B 14 -14.23 -24.00 20.27
CA ASN B 14 -13.06 -23.61 19.49
C ASN B 14 -11.79 -23.65 20.32
N SER B 15 -11.55 -24.75 21.01
CA SER B 15 -10.31 -24.97 21.73
C SER B 15 -9.58 -26.16 21.13
N GLU B 16 -8.25 -26.10 21.20
CA GLU B 16 -7.38 -27.13 20.69
C GLU B 16 -6.76 -27.86 21.87
N ARG B 17 -6.84 -29.18 21.88
CA ARG B 17 -6.23 -29.97 22.93
C ARG B 17 -5.93 -31.35 22.38
N GLU B 18 -4.79 -31.91 22.76
CA GLU B 18 -4.41 -33.22 22.28
C GLU B 18 -5.33 -34.28 22.89
N GLY B 19 -5.88 -35.14 22.03
CA GLY B 19 -6.88 -36.09 22.44
C GLY B 19 -6.35 -37.51 22.52
N THR B 20 -7.27 -38.43 22.79
CA THR B 20 -6.95 -39.84 22.99
C THR B 20 -7.58 -40.65 21.89
N GLN B 21 -6.80 -41.56 21.30
CA GLN B 21 -7.28 -42.37 20.19
C GLN B 21 -8.05 -43.58 20.72
N ILE B 22 -9.22 -43.82 20.15
CA ILE B 22 -10.03 -44.98 20.48
C ILE B 22 -10.08 -45.92 19.28
N GLU B 23 -10.76 -47.04 19.48
CA GLU B 23 -11.07 -47.99 18.44
C GLU B 23 -12.56 -48.24 18.50
N ALA B 24 -13.31 -47.80 17.50
CA ALA B 24 -14.74 -47.95 17.52
C ALA B 24 -15.25 -48.40 16.16
N THR B 25 -16.38 -49.10 16.19
CA THR B 25 -16.97 -49.60 14.96
C THR B 25 -17.73 -48.51 14.22
N SER B 26 -18.66 -47.84 14.90
CA SER B 26 -19.50 -46.83 14.29
C SER B 26 -19.24 -45.50 14.97
N LEU B 27 -19.89 -44.44 14.44
CA LEU B 27 -19.80 -43.15 15.09
C LEU B 27 -20.69 -43.10 16.32
N SER B 28 -21.76 -43.90 16.35
CA SER B 28 -22.60 -43.99 17.53
C SER B 28 -21.89 -44.69 18.68
N GLN B 29 -21.04 -45.67 18.36
CA GLN B 29 -20.21 -46.29 19.37
C GLN B 29 -19.19 -45.30 19.93
N ALA B 30 -18.64 -44.44 19.07
CA ALA B 30 -17.75 -43.39 19.53
C ALA B 30 -18.47 -42.36 20.39
N LYS B 31 -19.72 -42.04 20.06
CA LYS B 31 -20.50 -41.15 20.91
C LYS B 31 -20.87 -41.79 22.24
N ARG B 32 -21.09 -43.10 22.27
CA ARG B 32 -21.34 -43.77 23.54
C ARG B 32 -20.09 -43.80 24.42
N ILE B 33 -18.92 -44.10 23.85
CA ILE B 33 -17.71 -44.17 24.67
C ILE B 33 -17.02 -42.83 24.79
N ALA B 34 -17.58 -41.78 24.19
CA ALA B 34 -17.25 -40.40 24.51
C ALA B 34 -18.26 -39.78 25.45
N SER B 35 -19.43 -40.39 25.63
CA SER B 35 -20.29 -40.03 26.75
C SER B 35 -19.62 -40.35 28.07
N LYS B 36 -19.05 -41.56 28.21
CA LYS B 36 -18.09 -41.76 29.27
C LYS B 36 -16.71 -41.30 28.81
N GLU B 37 -15.70 -41.65 29.61
CA GLU B 37 -14.30 -41.24 29.42
C GLU B 37 -14.19 -39.71 29.39
N GLN B 38 -15.10 -39.06 30.11
CA GLN B 38 -15.12 -37.62 30.31
C GLN B 38 -14.96 -37.36 31.79
N CYS B 39 -13.95 -36.59 32.15
CA CYS B 39 -13.60 -36.46 33.55
C CYS B 39 -14.27 -35.29 34.22
N PHE B 40 -14.64 -34.24 33.48
CA PHE B 40 -15.01 -32.97 34.07
C PHE B 40 -16.45 -32.62 33.73
N HIS B 41 -16.95 -31.53 34.31
CA HIS B 41 -18.34 -31.15 34.13
C HIS B 41 -18.56 -30.17 32.97
N GLY B 42 -17.97 -28.99 33.06
CA GLY B 42 -18.33 -27.96 32.10
C GLY B 42 -17.51 -27.97 30.84
N THR B 43 -17.30 -29.15 30.27
CA THR B 43 -16.40 -29.32 29.14
C THR B 43 -17.17 -29.78 27.92
N VAL B 44 -16.51 -29.74 26.78
CA VAL B 44 -17.07 -30.09 25.49
C VAL B 44 -16.34 -31.30 24.96
N MET B 45 -17.09 -32.34 24.60
CA MET B 45 -16.49 -33.48 23.94
C MET B 45 -16.47 -33.23 22.44
N ARG B 46 -15.44 -33.71 21.77
CA ARG B 46 -15.36 -33.59 20.33
C ARG B 46 -14.81 -34.88 19.75
N ILE B 47 -15.38 -35.33 18.64
CA ILE B 47 -14.96 -36.55 17.97
C ILE B 47 -14.37 -36.16 16.61
N GLU B 48 -13.15 -36.62 16.35
CA GLU B 48 -12.44 -36.28 15.13
C GLU B 48 -11.90 -37.54 14.47
N THR B 49 -11.46 -37.38 13.23
CA THR B 49 -10.73 -38.43 12.54
C THR B 49 -9.26 -38.37 12.95
N VAL B 50 -8.44 -39.23 12.33
CA VAL B 50 -7.05 -39.29 12.70
C VAL B 50 -6.26 -38.13 12.09
N ASN B 51 -6.81 -37.49 11.06
CA ASN B 51 -6.13 -36.40 10.37
C ASN B 51 -6.66 -35.02 10.73
N GLY B 52 -7.62 -34.92 11.65
CA GLY B 52 -8.03 -33.64 12.18
C GLY B 52 -9.34 -33.09 11.68
N LEU B 53 -10.18 -33.92 11.06
CA LEU B 53 -11.46 -33.46 10.57
C LEU B 53 -12.50 -33.70 11.66
N TRP B 54 -13.32 -32.71 11.96
CA TRP B 54 -14.30 -32.86 13.03
C TRP B 54 -15.49 -33.68 12.54
N LEU B 55 -16.07 -34.44 13.46
CA LEU B 55 -17.23 -35.26 13.14
C LEU B 55 -18.46 -34.86 13.94
N ALA B 56 -18.32 -34.73 15.25
CA ALA B 56 -19.45 -34.36 16.11
C ALA B 56 -18.90 -33.72 17.36
N TYR B 57 -19.77 -33.00 18.07
CA TYR B 57 -19.40 -32.46 19.37
C TYR B 57 -20.63 -32.32 20.26
N LYS B 58 -20.37 -32.19 21.55
CA LYS B 58 -21.42 -32.15 22.58
C LYS B 58 -21.01 -31.18 23.67
N GLU B 59 -21.86 -30.21 23.99
CA GLU B 59 -21.48 -29.13 24.89
C GLU B 59 -22.32 -29.07 26.17
N ASP B 60 -21.91 -29.88 27.16
CA ASP B 60 -22.33 -29.82 28.56
C ASP B 60 -23.85 -30.02 28.66
N GLY B 61 -24.24 -31.26 28.37
CA GLY B 61 -25.63 -31.64 28.50
C GLY B 61 -26.52 -31.14 27.39
N LYS B 62 -26.14 -31.38 26.14
CA LYS B 62 -26.97 -31.07 24.99
C LYS B 62 -26.91 -32.25 24.02
N ARG B 63 -27.50 -32.06 22.85
CA ARG B 63 -27.38 -33.06 21.79
C ARG B 63 -25.98 -33.06 21.20
N TRP B 64 -25.61 -34.20 20.65
CA TRP B 64 -24.46 -34.26 19.76
C TRP B 64 -24.74 -33.46 18.50
N VAL B 65 -24.03 -32.36 18.33
CA VAL B 65 -24.13 -31.53 17.14
C VAL B 65 -23.21 -32.14 16.09
N ASP B 66 -23.79 -32.75 15.07
CA ASP B 66 -23.00 -33.36 14.03
C ASP B 66 -22.41 -32.30 13.11
N CYS B 67 -21.24 -32.61 12.56
CA CYS B 67 -20.46 -31.67 11.74
C CYS B 67 -20.52 -32.18 10.31
N GLN B 68 -21.33 -31.53 9.48
CA GLN B 68 -21.52 -31.94 8.09
C GLN B 68 -20.30 -31.60 7.27
N LEU C 13 -49.42 -53.24 -6.71
CA LEU C 13 -48.12 -53.59 -6.16
C LEU C 13 -48.33 -54.65 -5.06
N ARG C 14 -47.35 -55.53 -4.85
CA ARG C 14 -47.50 -56.62 -3.89
C ARG C 14 -46.39 -56.74 -2.86
N GLN C 15 -45.17 -56.29 -3.16
CA GLN C 15 -44.04 -56.40 -2.24
C GLN C 15 -43.93 -55.22 -1.29
N PHE C 16 -44.99 -54.44 -1.12
CA PHE C 16 -44.94 -53.14 -0.48
C PHE C 16 -45.10 -53.20 1.03
N ILE C 17 -45.81 -54.19 1.55
CA ILE C 17 -45.88 -54.40 2.99
C ILE C 17 -45.14 -55.68 3.35
N GLU C 18 -44.54 -56.33 2.36
CA GLU C 18 -43.84 -57.60 2.56
C GLU C 18 -42.36 -57.42 2.84
N SER C 19 -41.81 -56.23 2.65
CA SER C 19 -40.40 -55.98 2.89
C SER C 19 -40.12 -55.43 4.28
N PHE C 20 -40.99 -55.69 5.25
CA PHE C 20 -40.84 -55.20 6.61
C PHE C 20 -40.37 -56.27 7.60
N ILE C 21 -40.43 -57.54 7.22
CA ILE C 21 -40.17 -58.60 8.21
C ILE C 21 -38.72 -59.05 8.24
N GLN C 22 -37.93 -58.74 7.21
CA GLN C 22 -36.56 -59.22 7.16
C GLN C 22 -35.55 -58.25 7.77
N GLU C 23 -35.95 -57.00 8.03
CA GLU C 23 -35.03 -56.02 8.58
C GLU C 23 -35.11 -55.87 10.08
N ARG C 24 -36.11 -56.48 10.73
CA ARG C 24 -36.27 -56.32 12.16
C ARG C 24 -35.64 -57.44 12.97
N LEU C 25 -36.02 -58.68 12.72
CA LEU C 25 -35.59 -59.82 13.54
C LEU C 25 -34.26 -60.42 13.08
N GLN C 26 -33.61 -59.81 12.09
CA GLN C 26 -32.33 -60.33 11.61
C GLN C 26 -31.16 -59.58 12.24
N GLY C 27 -31.29 -58.26 12.39
CA GLY C 27 -30.20 -57.45 12.88
C GLY C 27 -30.32 -56.99 14.32
N LYS C 28 -31.53 -56.56 14.72
CA LYS C 28 -31.72 -56.01 16.05
C LYS C 28 -31.98 -57.07 17.11
N LEU C 29 -32.60 -58.19 16.73
CA LEU C 29 -32.90 -59.26 17.68
C LEU C 29 -31.65 -60.15 17.77
N ASP C 30 -30.85 -59.90 18.81
CA ASP C 30 -29.64 -60.68 19.07
C ASP C 30 -29.73 -61.55 20.31
N LYS C 31 -30.48 -61.12 21.34
CA LYS C 31 -30.72 -61.94 22.52
C LYS C 31 -32.02 -61.49 23.17
N LEU C 32 -32.92 -62.42 23.46
CA LEU C 32 -34.19 -62.14 24.11
C LEU C 32 -34.17 -62.72 25.51
N GLN C 33 -34.01 -61.85 26.50
CA GLN C 33 -33.90 -62.24 27.89
C GLN C 33 -35.28 -62.32 28.55
N PRO C 34 -35.45 -63.19 29.55
CA PRO C 34 -36.75 -63.29 30.24
C PRO C 34 -37.05 -62.13 31.19
N ASP C 35 -36.14 -61.16 31.35
CA ASP C 35 -36.46 -59.97 32.13
C ASP C 35 -37.53 -59.11 31.46
N GLU C 36 -37.66 -59.21 30.13
CA GLU C 36 -38.66 -58.48 29.37
C GLU C 36 -39.52 -59.47 28.57
N ASP C 37 -40.82 -59.42 28.79
CA ASP C 37 -41.79 -60.29 28.13
C ASP C 37 -43.08 -59.54 27.77
N ASP C 38 -42.98 -58.24 27.47
CA ASP C 38 -44.14 -57.36 27.48
C ASP C 38 -44.66 -56.94 26.12
N LYS C 39 -43.79 -56.51 25.18
CA LYS C 39 -44.26 -55.93 23.93
C LYS C 39 -43.68 -56.56 22.69
N ARG C 40 -42.42 -56.99 22.69
CA ARG C 40 -41.74 -57.44 21.48
C ARG C 40 -41.70 -58.96 21.37
N GLN C 41 -42.04 -59.68 22.43
CA GLN C 41 -41.99 -61.13 22.43
C GLN C 41 -43.32 -61.82 22.22
N THR C 42 -44.44 -61.22 22.65
CA THR C 42 -45.75 -61.86 22.54
C THR C 42 -46.70 -61.14 21.61
N LEU C 43 -46.66 -59.81 21.57
CA LEU C 43 -47.62 -59.00 20.83
C LEU C 43 -47.17 -58.69 19.41
N LEU C 44 -45.88 -58.88 19.10
CA LEU C 44 -45.34 -58.49 17.80
C LEU C 44 -45.87 -59.38 16.67
N ALA C 45 -46.06 -60.67 16.95
CA ALA C 45 -46.66 -61.58 15.99
C ALA C 45 -48.17 -61.73 16.18
N THR C 46 -48.75 -60.98 17.12
CA THR C 46 -50.18 -61.09 17.41
C THR C 46 -50.97 -59.90 16.84
N HIS C 47 -50.56 -58.68 17.18
CA HIS C 47 -51.32 -57.50 16.81
C HIS C 47 -50.47 -56.42 16.14
N ARG C 48 -49.15 -56.45 16.30
CA ARG C 48 -48.26 -55.40 15.83
C ARG C 48 -47.82 -55.63 14.37
N ARG C 49 -48.36 -56.65 13.71
CA ARG C 49 -47.86 -57.00 12.38
C ARG C 49 -48.66 -56.42 11.24
N GLU C 50 -49.98 -56.64 11.21
CA GLU C 50 -50.81 -56.13 10.12
C GLU C 50 -51.90 -55.17 10.59
N ALA C 51 -52.61 -55.52 11.67
CA ALA C 51 -53.69 -54.69 12.21
C ALA C 51 -53.18 -53.74 13.28
N TRP C 52 -51.95 -53.27 13.14
CA TRP C 52 -51.30 -52.42 14.13
C TRP C 52 -51.79 -50.97 14.11
N LEU C 53 -52.53 -50.56 13.07
CA LEU C 53 -52.94 -49.17 12.98
C LEU C 53 -54.22 -48.89 13.76
N ALA C 54 -54.76 -49.88 14.48
CA ALA C 54 -55.92 -49.64 15.33
C ALA C 54 -55.59 -48.75 16.51
N ASP C 55 -54.50 -49.05 17.23
CA ASP C 55 -54.05 -48.21 18.33
C ASP C 55 -53.17 -47.06 17.87
N ALA C 56 -52.76 -47.06 16.60
CA ALA C 56 -51.99 -45.96 16.03
C ALA C 56 -52.82 -45.04 15.15
N ALA C 57 -54.13 -44.97 15.38
CA ALA C 57 -55.01 -44.07 14.62
C ALA C 57 -55.20 -42.74 15.35
N ARG C 58 -54.10 -42.10 15.71
CA ARG C 58 -54.14 -40.74 16.23
C ARG C 58 -53.00 -39.88 15.71
N ARG C 59 -52.04 -40.47 14.98
CA ARG C 59 -51.03 -39.69 14.26
C ARG C 59 -51.36 -39.59 12.77
N VAL C 60 -52.39 -40.31 12.31
CA VAL C 60 -52.66 -40.41 10.87
C VAL C 60 -53.47 -39.22 10.37
N GLY C 61 -54.31 -38.63 11.22
CA GLY C 61 -55.05 -37.44 10.86
C GLY C 61 -54.35 -36.15 11.25
N GLN C 62 -53.16 -36.24 11.82
CA GLN C 62 -52.50 -35.11 12.45
C GLN C 62 -51.79 -34.20 11.45
N LEU C 63 -51.52 -34.67 10.25
CA LEU C 63 -50.61 -33.99 9.34
C LEU C 63 -51.36 -32.96 8.51
N GLN C 64 -50.61 -32.31 7.62
CA GLN C 64 -51.12 -31.33 6.67
C GLN C 64 -50.09 -31.17 5.57
N LEU C 65 -50.55 -31.01 4.33
CA LEU C 65 -49.67 -30.97 3.17
C LEU C 65 -49.68 -29.56 2.61
N VAL C 66 -48.57 -28.83 2.78
CA VAL C 66 -48.54 -27.39 2.54
C VAL C 66 -47.49 -27.06 1.49
N THR C 67 -47.47 -25.80 1.10
CA THR C 67 -46.50 -25.16 0.24
C THR C 67 -45.93 -23.90 0.87
N HIS C 68 -46.77 -23.13 1.57
CA HIS C 68 -46.36 -21.92 2.29
C HIS C 68 -46.74 -22.08 3.75
N THR C 69 -45.79 -21.90 4.65
CA THR C 69 -46.08 -22.17 6.06
C THR C 69 -45.70 -20.97 6.92
N LEU C 70 -45.89 -21.13 8.23
CA LEU C 70 -45.86 -20.02 9.18
C LEU C 70 -44.80 -20.15 10.26
N LYS C 71 -44.57 -21.34 10.78
CA LYS C 71 -43.57 -21.64 11.80
C LYS C 71 -42.11 -21.26 11.55
N PRO C 72 -41.61 -21.11 10.32
CA PRO C 72 -40.28 -20.49 10.17
C PRO C 72 -40.22 -19.04 10.54
N ILE C 73 -41.34 -18.32 10.54
CA ILE C 73 -41.34 -16.93 10.97
C ILE C 73 -41.12 -16.86 12.48
N HIS C 74 -41.86 -17.67 13.23
CA HIS C 74 -41.63 -17.85 14.65
C HIS C 74 -42.18 -19.22 15.00
N PRO C 75 -41.49 -20.00 15.83
CA PRO C 75 -41.97 -21.36 16.15
C PRO C 75 -43.25 -21.38 16.96
N ASP C 76 -43.53 -20.35 17.74
CA ASP C 76 -44.75 -20.28 18.54
C ASP C 76 -45.84 -19.52 17.81
N ALA C 77 -46.10 -19.93 16.58
CA ALA C 77 -47.10 -19.29 15.72
C ALA C 77 -48.08 -20.37 15.28
N ARG C 78 -49.36 -20.14 15.56
CA ARG C 78 -50.37 -21.19 15.42
C ARG C 78 -51.51 -20.77 14.49
N GLY C 79 -51.21 -20.03 13.44
CA GLY C 79 -52.20 -19.66 12.46
C GLY C 79 -52.33 -20.68 11.37
N SER C 80 -52.66 -20.21 10.18
CA SER C 80 -52.95 -21.09 9.05
C SER C 80 -51.69 -21.36 8.23
N ASN C 81 -51.47 -22.63 7.93
CA ASN C 81 -50.51 -23.06 6.93
C ASN C 81 -51.28 -23.40 5.67
N LEU C 82 -50.90 -22.80 4.55
CA LEU C 82 -51.67 -22.91 3.32
C LEU C 82 -50.90 -23.67 2.26
N HIS C 83 -51.64 -24.35 1.40
CA HIS C 83 -51.06 -25.08 0.29
C HIS C 83 -51.19 -24.34 -1.03
N SER C 84 -52.16 -23.43 -1.13
CA SER C 84 -52.60 -22.80 -2.37
C SER C 84 -51.48 -22.15 -3.19
N LEU C 85 -51.24 -22.70 -4.37
CA LEU C 85 -50.20 -22.19 -5.25
C LEU C 85 -50.63 -20.86 -5.88
N PRO C 86 -49.70 -19.95 -6.10
CA PRO C 86 -50.07 -18.62 -6.62
C PRO C 86 -50.43 -18.67 -8.09
N GLN C 87 -50.90 -17.52 -8.57
CA GLN C 87 -51.09 -17.29 -9.98
C GLN C 87 -49.88 -16.58 -10.56
N ALA C 88 -49.83 -16.51 -11.86
CA ALA C 88 -48.76 -15.76 -12.49
C ALA C 88 -49.06 -14.26 -12.38
N PRO C 89 -48.02 -13.43 -12.25
CA PRO C 89 -48.23 -11.98 -12.25
C PRO C 89 -48.76 -11.46 -13.58
N GLY C 90 -48.03 -11.71 -14.66
CA GLY C 90 -48.37 -11.13 -15.94
C GLY C 90 -47.54 -9.93 -16.30
N GLN C 91 -46.72 -9.49 -15.46
CA GLN C 91 -45.74 -8.44 -15.63
C GLN C 91 -44.35 -9.05 -15.74
N PRO C 92 -43.42 -8.42 -16.51
CA PRO C 92 -42.25 -9.14 -17.02
C PRO C 92 -41.26 -9.77 -16.03
N GLY C 93 -40.58 -8.97 -15.23
CA GLY C 93 -39.40 -9.47 -14.56
C GLY C 93 -39.58 -9.97 -13.14
N LEU C 94 -40.62 -10.75 -12.88
CA LEU C 94 -41.00 -11.12 -11.53
C LEU C 94 -40.91 -12.62 -11.35
N ALA C 95 -40.23 -13.05 -10.29
CA ALA C 95 -39.98 -14.46 -10.01
C ALA C 95 -40.61 -14.86 -8.69
N GLY C 96 -41.44 -15.88 -8.72
CA GLY C 96 -42.07 -16.35 -7.50
C GLY C 96 -42.16 -17.85 -7.41
N SER C 97 -43.18 -18.35 -6.70
CA SER C 97 -43.48 -19.76 -6.67
C SER C 97 -44.45 -20.17 -7.78
N HIS C 98 -44.85 -19.23 -8.63
CA HIS C 98 -45.85 -19.49 -9.64
C HIS C 98 -45.32 -20.26 -10.83
N GLU C 99 -44.01 -20.38 -10.96
CA GLU C 99 -43.37 -21.04 -12.09
C GLU C 99 -43.08 -22.52 -11.84
N LEU C 100 -43.50 -23.03 -10.70
CA LEU C 100 -43.44 -24.45 -10.39
C LEU C 100 -44.76 -25.07 -10.83
N GLY C 101 -45.06 -26.27 -10.36
CA GLY C 101 -46.37 -26.86 -10.63
C GLY C 101 -46.29 -28.34 -10.89
N ASP C 102 -45.13 -28.78 -11.37
CA ASP C 102 -44.78 -30.19 -11.41
C ASP C 102 -43.37 -30.46 -10.92
N ARG C 103 -42.59 -29.42 -10.64
CA ARG C 103 -41.28 -29.55 -10.01
C ARG C 103 -41.32 -29.21 -8.54
N LEU C 104 -42.49 -28.97 -7.97
CA LEU C 104 -42.59 -28.54 -6.59
C LEU C 104 -42.60 -29.75 -5.67
N VAL C 105 -42.17 -29.51 -4.43
CA VAL C 105 -42.15 -30.53 -3.39
C VAL C 105 -43.05 -30.05 -2.26
N SER C 106 -44.07 -30.84 -1.95
CA SER C 106 -45.11 -30.42 -1.02
C SER C 106 -44.70 -30.76 0.41
N ASP C 107 -44.48 -29.73 1.21
CA ASP C 107 -44.06 -29.86 2.59
C ASP C 107 -45.16 -30.49 3.45
N VAL C 108 -44.75 -31.21 4.49
CA VAL C 108 -45.69 -31.81 5.44
C VAL C 108 -45.45 -31.20 6.82
N VAL C 109 -46.54 -30.85 7.51
CA VAL C 109 -46.48 -30.23 8.83
C VAL C 109 -47.29 -31.08 9.80
N GLY C 110 -46.68 -31.46 10.92
CA GLY C 110 -47.36 -32.20 11.96
C GLY C 110 -46.49 -32.38 13.19
N ASN C 111 -46.56 -33.56 13.80
CA ASN C 111 -45.70 -33.91 14.92
C ASN C 111 -44.41 -34.55 14.42
N ALA C 112 -43.70 -35.24 15.30
CA ALA C 112 -42.50 -35.98 14.94
C ALA C 112 -42.79 -37.40 14.46
N ALA C 113 -44.06 -37.71 14.16
CA ALA C 113 -44.46 -39.02 13.69
C ALA C 113 -44.87 -39.01 12.22
N ALA C 114 -44.12 -38.28 11.37
CA ALA C 114 -44.52 -38.04 10.00
C ALA C 114 -43.55 -38.64 8.98
N LEU C 115 -42.86 -39.72 9.32
CA LEU C 115 -41.96 -40.35 8.37
C LEU C 115 -42.58 -41.54 7.64
N ASP C 116 -43.35 -42.36 8.35
CA ASP C 116 -43.87 -43.58 7.74
C ASP C 116 -45.23 -43.38 7.07
N VAL C 117 -46.16 -42.73 7.77
CA VAL C 117 -47.50 -42.52 7.23
C VAL C 117 -47.49 -41.56 6.06
N PHE C 118 -46.50 -40.66 5.98
CA PHE C 118 -46.43 -39.75 4.84
C PHE C 118 -45.98 -40.48 3.58
N LYS C 119 -44.96 -41.34 3.68
CA LYS C 119 -44.54 -42.12 2.51
C LYS C 119 -45.60 -43.17 2.16
N PHE C 120 -46.38 -43.61 3.14
CA PHE C 120 -47.46 -44.54 2.83
C PHE C 120 -48.60 -43.84 2.09
N LEU C 121 -48.94 -42.62 2.49
CA LEU C 121 -50.03 -41.90 1.84
C LEU C 121 -49.62 -41.26 0.51
N SER C 122 -48.32 -41.02 0.31
CA SER C 122 -47.86 -40.21 -0.83
C SER C 122 -47.97 -40.96 -2.16
N LEU C 123 -47.62 -42.24 -2.19
CA LEU C 123 -47.41 -42.94 -3.45
C LEU C 123 -48.69 -43.26 -4.20
N GLN C 124 -49.81 -43.43 -3.50
CA GLN C 124 -51.05 -43.88 -4.16
C GLN C 124 -51.75 -42.75 -4.91
N TYR C 125 -51.68 -41.53 -4.39
CA TYR C 125 -52.31 -40.38 -5.03
C TYR C 125 -51.42 -39.75 -6.09
N GLN C 126 -50.16 -39.49 -5.77
CA GLN C 126 -49.21 -38.95 -6.73
C GLN C 126 -48.37 -40.08 -7.33
N GLY C 127 -48.37 -40.18 -8.65
CA GLY C 127 -47.48 -41.09 -9.36
C GLY C 127 -48.18 -42.18 -10.15
N LYS C 128 -49.38 -41.93 -10.67
CA LYS C 128 -50.13 -42.93 -11.41
C LYS C 128 -49.52 -43.08 -12.81
N ASN C 129 -49.89 -44.17 -13.48
CA ASN C 129 -49.20 -44.62 -14.68
C ASN C 129 -50.13 -44.74 -15.90
N LEU C 130 -50.92 -43.70 -16.18
CA LEU C 130 -51.87 -43.75 -17.28
C LEU C 130 -51.45 -42.79 -18.38
N LEU C 131 -50.84 -43.34 -19.44
CA LEU C 131 -50.40 -42.56 -20.59
C LEU C 131 -50.75 -43.17 -21.93
N ASN C 132 -50.92 -44.49 -22.01
CA ASN C 132 -50.87 -45.18 -23.30
C ASN C 132 -52.21 -45.10 -24.04
N TRP C 133 -53.28 -45.59 -23.43
CA TRP C 133 -54.54 -45.80 -24.13
C TRP C 133 -55.61 -44.82 -23.66
N LEU C 134 -56.41 -44.37 -24.62
CA LEU C 134 -57.59 -43.55 -24.36
C LEU C 134 -58.89 -44.33 -24.52
N THR C 135 -58.84 -45.51 -25.16
CA THR C 135 -60.03 -46.31 -25.38
C THR C 135 -59.96 -47.66 -24.68
N GLU C 136 -58.84 -48.37 -24.82
CA GLU C 136 -58.71 -49.74 -24.32
C GLU C 136 -58.30 -49.73 -22.85
N ASP C 137 -59.06 -50.48 -22.03
CA ASP C 137 -58.90 -50.59 -20.58
C ASP C 137 -58.98 -49.24 -19.88
N SER C 138 -59.91 -48.41 -20.35
CA SER C 138 -60.23 -47.15 -19.71
C SER C 138 -61.70 -47.07 -19.31
N ALA C 139 -62.55 -47.90 -19.89
CA ALA C 139 -63.97 -47.97 -19.54
C ALA C 139 -64.28 -49.07 -18.52
N GLU C 140 -63.34 -49.40 -17.65
CA GLU C 140 -63.53 -50.46 -16.66
C GLU C 140 -63.97 -49.86 -15.33
N ALA C 141 -65.03 -50.43 -14.77
CA ALA C 141 -65.52 -50.07 -13.45
C ALA C 141 -65.95 -51.30 -12.65
N LEU C 142 -65.88 -52.48 -13.25
CA LEU C 142 -66.27 -53.72 -12.59
C LEU C 142 -65.08 -54.61 -12.26
N GLN C 143 -63.88 -54.07 -12.19
CA GLN C 143 -62.69 -54.82 -11.81
C GLN C 143 -62.36 -54.66 -10.33
N ALA C 144 -63.38 -54.52 -9.48
CA ALA C 144 -63.21 -54.42 -8.04
C ALA C 144 -63.40 -55.80 -7.42
N LEU C 145 -63.33 -55.84 -6.08
CA LEU C 145 -63.50 -57.08 -5.35
C LEU C 145 -64.94 -57.57 -5.32
N SER C 146 -65.90 -56.63 -5.32
CA SER C 146 -67.34 -56.91 -5.34
C SER C 146 -67.79 -57.78 -4.16
N ASP C 147 -67.64 -57.25 -2.96
CA ASP C 147 -68.07 -57.90 -1.72
C ASP C 147 -69.38 -57.28 -1.25
N ASN C 148 -69.86 -57.77 -0.11
CA ASN C 148 -71.16 -57.33 0.42
C ASN C 148 -70.96 -56.08 1.29
N ALA C 149 -72.04 -55.34 1.51
CA ALA C 149 -71.99 -54.10 2.25
C ALA C 149 -72.48 -54.22 3.69
N GLU C 150 -73.16 -55.31 4.03
CA GLU C 150 -73.72 -55.51 5.36
C GLU C 150 -72.76 -56.21 6.31
N GLN C 151 -71.76 -56.91 5.77
CA GLN C 151 -70.88 -57.73 6.60
C GLN C 151 -69.88 -56.89 7.38
N ALA C 152 -69.51 -55.71 6.88
CA ALA C 152 -68.44 -54.90 7.46
C ALA C 152 -68.98 -53.57 8.01
N ARG C 153 -70.08 -53.62 8.75
CA ARG C 153 -70.80 -52.43 9.19
C ARG C 153 -70.16 -51.72 10.39
N GLU C 154 -69.72 -52.46 11.41
CA GLU C 154 -69.42 -51.84 12.70
C GLU C 154 -68.02 -51.25 12.78
N TRP C 155 -67.00 -51.95 12.24
CA TRP C 155 -65.62 -51.61 12.55
C TRP C 155 -64.87 -50.96 11.38
N ARG C 156 -65.55 -50.66 10.27
CA ARG C 156 -64.97 -49.86 9.21
C ARG C 156 -65.30 -48.38 9.31
N GLN C 157 -64.91 -47.73 10.41
CA GLN C 157 -65.34 -46.35 10.70
C GLN C 157 -64.37 -45.30 10.18
N ALA C 158 -63.31 -45.69 9.46
CA ALA C 158 -62.23 -44.77 9.12
C ALA C 158 -62.13 -44.40 7.64
N PHE C 159 -63.22 -44.51 6.88
CA PHE C 159 -63.15 -44.14 5.47
C PHE C 159 -63.18 -42.63 5.25
N ILE C 160 -63.98 -41.90 6.04
CA ILE C 160 -64.21 -40.48 5.79
C ILE C 160 -63.28 -39.56 6.58
N GLY C 161 -62.85 -39.94 7.78
CA GLY C 161 -62.05 -39.06 8.62
C GLY C 161 -60.57 -39.06 8.29
N ILE C 162 -60.15 -39.85 7.30
CA ILE C 162 -58.74 -39.97 6.97
C ILE C 162 -58.20 -38.74 6.24
N THR C 163 -59.08 -37.90 5.68
CA THR C 163 -58.62 -36.76 4.89
C THR C 163 -58.99 -35.42 5.53
N THR C 164 -60.19 -35.32 6.09
CA THR C 164 -60.82 -34.04 6.42
C THR C 164 -60.17 -33.41 7.64
N VAL C 165 -59.20 -32.52 7.42
CA VAL C 165 -58.62 -31.70 8.47
C VAL C 165 -59.47 -30.45 8.64
N LYS C 166 -59.25 -29.71 9.73
CA LYS C 166 -60.02 -28.51 10.00
C LYS C 166 -59.57 -27.35 9.13
N GLY C 167 -60.45 -26.36 9.00
CA GLY C 167 -60.20 -25.18 8.21
C GLY C 167 -59.83 -23.98 9.08
N ALA C 168 -60.79 -23.03 9.17
CA ALA C 168 -60.75 -21.85 10.05
C ALA C 168 -59.55 -20.94 9.76
N PRO C 169 -59.59 -20.14 8.66
CA PRO C 169 -58.43 -19.33 8.26
C PRO C 169 -58.00 -18.30 9.30
N ALA C 170 -56.83 -18.51 9.89
CA ALA C 170 -56.37 -17.71 11.01
C ALA C 170 -54.95 -17.21 10.77
N SER C 171 -54.57 -16.23 11.56
CA SER C 171 -53.19 -15.73 11.59
C SER C 171 -52.72 -15.77 13.03
N HIS C 172 -51.60 -15.14 13.35
CA HIS C 172 -51.14 -15.14 14.73
C HIS C 172 -50.61 -13.75 15.07
N SER C 173 -50.47 -13.48 16.36
CA SER C 173 -49.93 -12.20 16.80
C SER C 173 -48.44 -12.07 16.53
N LEU C 174 -47.73 -13.17 16.39
CA LEU C 174 -46.35 -13.15 15.89
C LEU C 174 -46.38 -13.80 14.52
N ALA C 175 -46.83 -13.06 13.52
CA ALA C 175 -46.97 -13.64 12.19
C ALA C 175 -46.67 -12.66 11.07
N LYS C 176 -46.15 -11.47 11.35
CA LYS C 176 -45.66 -10.50 10.37
C LYS C 176 -46.76 -10.04 9.41
N GLN C 177 -47.66 -9.21 9.93
CA GLN C 177 -48.70 -8.59 9.13
C GLN C 177 -48.30 -7.16 8.77
N LEU C 178 -48.82 -6.67 7.64
CA LEU C 178 -48.34 -5.43 7.06
C LEU C 178 -49.46 -4.75 6.27
N TYR C 179 -49.40 -3.43 6.17
CA TYR C 179 -50.36 -2.65 5.39
C TYR C 179 -49.78 -2.30 4.04
N PHE C 180 -50.61 -2.38 3.01
CA PHE C 180 -50.20 -1.99 1.66
C PHE C 180 -51.19 -0.98 1.12
N PRO C 181 -50.74 0.22 0.74
CA PRO C 181 -51.68 1.26 0.29
C PRO C 181 -52.25 0.99 -1.10
N LEU C 182 -53.57 1.01 -1.19
CA LEU C 182 -54.22 0.88 -2.48
C LEU C 182 -54.15 2.21 -3.24
N PRO C 183 -54.25 2.17 -4.59
CA PRO C 183 -54.28 3.42 -5.35
C PRO C 183 -55.50 4.29 -5.07
N GLY C 184 -55.27 5.46 -4.48
CA GLY C 184 -56.31 6.42 -4.22
C GLY C 184 -57.34 6.00 -3.18
N SER C 185 -57.01 5.05 -2.32
CA SER C 185 -58.01 4.45 -1.44
C SER C 185 -57.31 4.04 -0.15
N GLY C 186 -57.94 3.14 0.60
CA GLY C 186 -57.42 2.70 1.88
C GLY C 186 -56.33 1.65 1.75
N TYR C 187 -56.44 0.56 2.50
CA TYR C 187 -55.33 -0.37 2.64
C TYR C 187 -55.83 -1.79 2.50
N HIS C 188 -54.90 -2.69 2.22
CA HIS C 188 -55.05 -4.13 2.36
C HIS C 188 -54.01 -4.62 3.33
N LEU C 189 -54.41 -5.50 4.24
CA LEU C 189 -53.50 -6.01 5.25
C LEU C 189 -52.89 -7.29 4.72
N LEU C 190 -51.59 -7.28 4.47
CA LEU C 190 -50.92 -8.40 3.83
C LEU C 190 -50.17 -9.19 4.87
N ALA C 191 -50.45 -10.50 4.94
CA ALA C 191 -49.80 -11.42 5.86
C ALA C 191 -48.96 -12.40 5.06
N PRO C 192 -47.67 -12.14 4.88
CA PRO C 192 -46.83 -13.07 4.13
C PRO C 192 -46.53 -14.34 4.90
N LEU C 193 -46.37 -15.42 4.16
CA LEU C 193 -45.99 -16.71 4.68
C LEU C 193 -44.59 -17.07 4.18
N PHE C 194 -44.02 -18.12 4.75
CA PHE C 194 -42.70 -18.57 4.34
C PHE C 194 -42.84 -19.62 3.24
N PRO C 195 -42.25 -19.41 2.08
CA PRO C 195 -42.33 -20.39 0.99
C PRO C 195 -41.40 -21.57 1.22
N THR C 196 -41.96 -22.72 1.57
CA THR C 196 -41.11 -23.88 1.79
C THR C 196 -40.67 -24.50 0.47
N SER C 197 -41.60 -24.62 -0.47
CA SER C 197 -41.30 -25.28 -1.73
C SER C 197 -40.33 -24.47 -2.59
N LEU C 198 -40.40 -23.15 -2.53
CA LEU C 198 -39.50 -22.34 -3.33
C LEU C 198 -38.09 -22.33 -2.73
N VAL C 199 -37.99 -22.30 -1.41
CA VAL C 199 -36.69 -22.42 -0.76
C VAL C 199 -36.12 -23.80 -0.96
N HIS C 200 -36.97 -24.83 -1.08
CA HIS C 200 -36.48 -26.17 -1.38
C HIS C 200 -35.98 -26.30 -2.81
N HIS C 201 -36.70 -25.70 -3.76
CA HIS C 201 -36.27 -25.67 -5.15
C HIS C 201 -34.97 -24.89 -5.33
N VAL C 202 -34.81 -23.79 -4.60
CA VAL C 202 -33.55 -23.04 -4.61
C VAL C 202 -32.48 -23.73 -3.77
N HIS C 203 -32.83 -24.71 -2.97
CA HIS C 203 -31.79 -25.50 -2.33
C HIS C 203 -31.22 -26.58 -3.28
N ALA C 204 -31.59 -26.55 -4.56
CA ALA C 204 -30.88 -27.20 -5.65
C ALA C 204 -29.88 -26.21 -6.25
N LEU C 205 -29.39 -25.30 -5.40
CA LEU C 205 -28.18 -24.53 -5.56
C LEU C 205 -26.97 -25.37 -5.23
N LEU C 206 -27.20 -26.53 -4.62
CA LEU C 206 -26.14 -27.40 -4.12
C LEU C 206 -25.61 -28.32 -5.20
N ARG C 207 -26.46 -29.24 -5.69
CA ARG C 207 -25.96 -30.37 -6.46
C ARG C 207 -25.57 -29.97 -7.88
N GLU C 208 -26.30 -29.06 -8.50
CA GLU C 208 -25.89 -28.66 -9.83
C GLU C 208 -24.84 -27.56 -9.83
N ALA C 209 -24.71 -26.80 -8.75
CA ALA C 209 -23.87 -25.61 -8.79
C ALA C 209 -22.69 -25.65 -7.82
N ARG C 210 -22.91 -25.87 -6.52
CA ARG C 210 -21.82 -25.55 -5.59
C ARG C 210 -20.81 -26.67 -5.48
N PHE C 211 -21.19 -27.81 -4.91
CA PHE C 211 -20.25 -28.91 -4.84
C PHE C 211 -20.90 -30.25 -5.18
N GLY C 212 -21.61 -30.27 -6.30
CA GLY C 212 -21.86 -31.51 -7.00
C GLY C 212 -20.66 -31.93 -7.82
N ASP C 213 -20.80 -33.06 -8.54
CA ASP C 213 -19.65 -33.65 -9.22
C ASP C 213 -19.30 -32.94 -10.52
N ALA C 214 -20.30 -32.60 -11.33
CA ALA C 214 -20.02 -31.98 -12.62
C ALA C 214 -19.50 -30.56 -12.46
N ALA C 215 -19.79 -29.91 -11.34
CA ALA C 215 -19.25 -28.58 -11.10
C ALA C 215 -17.81 -28.64 -10.63
N LYS C 216 -17.49 -29.54 -9.70
CA LYS C 216 -16.13 -29.62 -9.22
C LYS C 216 -15.20 -30.25 -10.24
N ALA C 217 -15.72 -31.02 -11.19
CA ALA C 217 -14.93 -31.44 -12.34
C ALA C 217 -14.45 -30.24 -13.15
N ALA C 218 -15.33 -29.28 -13.42
CA ALA C 218 -14.92 -28.09 -14.15
C ALA C 218 -14.12 -27.14 -13.29
N ARG C 219 -14.28 -27.19 -11.97
CA ARG C 219 -13.36 -26.46 -11.10
C ARG C 219 -11.96 -27.05 -11.15
N GLU C 220 -11.85 -28.37 -11.32
CA GLU C 220 -10.54 -28.98 -11.54
C GLU C 220 -9.99 -28.62 -12.92
N ALA C 221 -10.83 -28.63 -13.94
CA ALA C 221 -10.43 -28.27 -15.30
C ALA C 221 -10.14 -26.79 -15.46
N ARG C 222 -10.58 -25.95 -14.53
CA ARG C 222 -10.19 -24.54 -14.56
C ARG C 222 -8.74 -24.38 -14.16
N SER C 223 -8.28 -25.17 -13.19
CA SER C 223 -6.91 -25.06 -12.71
C SER C 223 -5.92 -25.63 -13.70
N ARG C 224 -6.27 -26.73 -14.35
CA ARG C 224 -5.42 -27.34 -15.36
C ARG C 224 -5.59 -26.70 -16.74
N GLN C 225 -6.47 -25.72 -16.86
CA GLN C 225 -6.72 -24.95 -18.09
C GLN C 225 -7.17 -25.85 -19.25
N GLU C 226 -7.95 -26.88 -18.93
CA GLU C 226 -8.49 -27.79 -19.93
C GLU C 226 -9.74 -27.17 -20.57
N SER C 227 -10.51 -27.96 -21.31
CA SER C 227 -11.70 -27.42 -21.96
C SER C 227 -12.70 -28.54 -22.23
N TRP C 228 -13.89 -28.42 -21.65
CA TRP C 228 -15.06 -29.17 -22.08
C TRP C 228 -16.26 -28.23 -21.93
N PRO C 229 -17.42 -28.50 -22.65
CA PRO C 229 -18.45 -27.45 -22.73
C PRO C 229 -19.29 -27.20 -21.49
N HIS C 230 -18.88 -27.70 -20.32
CA HIS C 230 -19.56 -27.36 -19.08
C HIS C 230 -18.73 -26.32 -18.34
N GLY C 231 -19.16 -25.06 -18.42
CA GLY C 231 -18.68 -24.05 -17.49
C GLY C 231 -19.44 -24.11 -16.17
N PHE C 232 -18.75 -23.76 -15.09
CA PHE C 232 -19.34 -23.84 -13.76
C PHE C 232 -19.71 -22.45 -13.26
N SER C 233 -20.36 -22.41 -12.10
CA SER C 233 -20.86 -21.20 -11.47
C SER C 233 -20.29 -21.08 -10.07
N GLU C 234 -20.13 -19.85 -9.60
CA GLU C 234 -19.59 -19.61 -8.27
C GLU C 234 -20.44 -18.56 -7.58
N TYR C 235 -20.93 -18.87 -6.38
CA TYR C 235 -21.85 -18.03 -5.59
C TYR C 235 -21.09 -17.42 -4.43
N PRO C 236 -20.70 -16.17 -4.49
CA PRO C 236 -20.01 -15.55 -3.35
C PRO C 236 -20.98 -14.95 -2.34
N ASN C 237 -20.54 -14.96 -1.08
CA ASN C 237 -21.13 -14.20 0.03
C ASN C 237 -22.51 -14.69 0.44
N LEU C 238 -22.81 -15.97 0.29
CA LEU C 238 -24.07 -16.52 0.79
C LEU C 238 -24.11 -16.47 2.31
N ALA C 239 -25.31 -16.47 2.86
CA ALA C 239 -25.51 -16.44 4.29
C ALA C 239 -26.35 -17.62 4.73
N ILE C 240 -26.16 -18.04 5.97
CA ILE C 240 -26.86 -19.19 6.53
C ILE C 240 -27.90 -18.67 7.50
N GLN C 241 -29.16 -19.03 7.25
CA GLN C 241 -30.29 -18.73 8.13
C GLN C 241 -30.81 -20.05 8.68
N LYS C 242 -30.49 -20.33 9.94
CA LYS C 242 -30.87 -21.60 10.54
C LYS C 242 -32.23 -21.48 11.20
N PHE C 243 -33.18 -22.28 10.75
CA PHE C 243 -34.49 -22.35 11.37
C PHE C 243 -34.50 -23.43 12.44
N GLY C 244 -35.64 -23.56 13.10
CA GLY C 244 -35.74 -24.42 14.24
C GLY C 244 -34.87 -23.90 15.38
N GLY C 245 -34.55 -24.79 16.29
CA GLY C 245 -33.52 -24.51 17.26
C GLY C 245 -32.43 -25.54 17.13
N THR C 246 -32.29 -26.36 18.16
CA THR C 246 -31.61 -27.63 18.07
C THR C 246 -32.52 -28.74 17.55
N LYS C 247 -33.76 -28.41 17.20
CA LYS C 247 -34.77 -29.39 16.78
C LYS C 247 -35.43 -28.94 15.50
N PRO C 248 -34.82 -29.21 14.34
CA PRO C 248 -35.49 -28.85 13.07
C PRO C 248 -36.47 -29.90 12.58
N GLN C 249 -37.30 -30.43 13.49
CA GLN C 249 -38.37 -31.34 13.14
C GLN C 249 -39.70 -30.88 13.68
N ASN C 250 -39.71 -29.93 14.63
CA ASN C 250 -40.91 -29.29 15.11
C ASN C 250 -41.37 -28.15 14.20
N ILE C 251 -40.80 -28.05 13.02
CA ILE C 251 -41.08 -26.95 12.09
C ILE C 251 -41.53 -27.49 10.73
N SER C 252 -40.74 -28.38 10.12
CA SER C 252 -40.98 -28.81 8.74
C SER C 252 -40.21 -30.09 8.51
N GLN C 253 -40.11 -30.49 7.24
CA GLN C 253 -39.22 -31.57 6.82
C GLN C 253 -37.81 -31.04 6.59
N LEU C 254 -37.20 -30.57 7.68
CA LEU C 254 -35.84 -30.03 7.65
C LEU C 254 -34.80 -31.06 8.04
N ASN C 255 -35.01 -32.32 7.69
CA ASN C 255 -34.16 -33.39 8.20
C ASN C 255 -33.57 -34.32 7.16
N ASN C 256 -34.02 -34.28 5.91
CA ASN C 256 -33.46 -35.18 4.90
C ASN C 256 -32.15 -34.64 4.36
N GLU C 257 -32.19 -33.49 3.71
CA GLU C 257 -30.98 -32.91 3.14
C GLU C 257 -30.91 -31.40 3.27
N ARG C 258 -31.89 -30.75 3.89
CA ARG C 258 -31.85 -29.33 4.22
C ARG C 258 -31.84 -29.26 5.73
N ARG C 259 -30.65 -29.21 6.32
CA ARG C 259 -30.47 -29.54 7.73
C ARG C 259 -30.86 -28.37 8.64
N GLY C 260 -32.13 -27.97 8.51
CA GLY C 260 -32.66 -26.86 9.28
C GLY C 260 -32.01 -25.53 8.99
N GLU C 261 -31.61 -25.28 7.75
CA GLU C 261 -30.92 -24.05 7.43
C GLU C 261 -31.36 -23.56 6.06
N ASN C 262 -31.04 -22.29 5.79
CA ASN C 262 -31.51 -21.61 4.59
C ASN C 262 -30.37 -20.79 4.02
N TRP C 263 -30.13 -20.93 2.73
CA TRP C 263 -29.03 -20.25 2.05
C TRP C 263 -29.56 -18.97 1.42
N LEU C 264 -28.94 -17.85 1.74
CA LEU C 264 -29.43 -16.54 1.37
C LEU C 264 -28.52 -15.89 0.35
N LEU C 265 -29.11 -15.34 -0.70
CA LEU C 265 -28.38 -14.66 -1.74
C LEU C 265 -28.05 -13.23 -1.33
N PRO C 266 -26.91 -12.70 -1.74
CA PRO C 266 -26.54 -11.35 -1.34
C PRO C 266 -27.29 -10.28 -2.12
N SER C 267 -27.57 -9.16 -1.45
CA SER C 267 -28.13 -7.97 -2.08
C SER C 267 -27.40 -6.74 -1.61
N LEU C 268 -26.17 -6.77 -1.66
CA LEU C 268 -25.31 -5.80 -1.00
C LEU C 268 -25.00 -4.62 -1.90
N PRO C 269 -24.72 -3.45 -1.33
CA PRO C 269 -24.24 -2.32 -2.15
C PRO C 269 -22.81 -2.55 -2.60
N PRO C 270 -22.25 -1.68 -3.45
CA PRO C 270 -20.80 -1.68 -3.61
C PRO C 270 -20.07 -1.18 -2.39
N ASN C 271 -20.71 -0.38 -1.53
CA ASN C 271 -20.12 0.13 -0.30
C ASN C 271 -19.89 -0.94 0.75
N TRP C 272 -20.45 -2.13 0.54
CA TRP C 272 -20.09 -3.35 1.25
C TRP C 272 -18.58 -3.51 1.36
N GLN C 273 -18.16 -3.91 2.57
CA GLN C 273 -16.77 -4.16 2.99
C GLN C 273 -15.78 -3.07 2.53
N ARG C 274 -16.22 -1.82 2.60
CA ARG C 274 -15.34 -0.72 2.23
C ARG C 274 -14.33 -0.48 3.35
N GLN C 275 -13.14 -0.03 2.96
CA GLN C 275 -12.06 0.18 3.90
C GLN C 275 -12.35 1.40 4.77
N ASN C 276 -11.92 1.35 6.04
CA ASN C 276 -12.48 2.21 7.09
C ASN C 276 -12.14 3.69 6.85
N VAL C 277 -10.87 4.03 6.92
CA VAL C 277 -10.42 5.40 6.69
C VAL C 277 -9.48 5.37 5.49
N ASN C 278 -9.88 6.07 4.42
CA ASN C 278 -9.13 6.11 3.18
C ASN C 278 -7.76 6.75 3.37
N ALA C 279 -6.79 6.32 2.56
CA ALA C 279 -5.45 6.87 2.64
C ALA C 279 -5.40 8.22 1.94
N PRO C 280 -4.90 9.26 2.59
CA PRO C 280 -4.80 10.58 1.94
C PRO C 280 -3.68 10.63 0.91
N MET C 281 -3.89 11.47 -0.10
CA MET C 281 -2.97 11.62 -1.21
C MET C 281 -1.73 12.41 -0.76
N ARG C 282 -0.62 12.20 -1.48
CA ARG C 282 0.61 13.00 -1.40
C ARG C 282 1.30 12.85 -0.05
N HIS C 283 1.43 11.61 0.41
CA HIS C 283 2.31 11.29 1.53
C HIS C 283 3.36 10.27 1.15
N SER C 284 2.97 9.19 0.47
CA SER C 284 3.93 8.22 -0.05
C SER C 284 3.50 7.71 -1.41
N SER C 285 2.77 8.51 -2.19
CA SER C 285 2.12 8.04 -3.40
C SER C 285 3.14 7.84 -4.52
N VAL C 286 3.39 6.56 -4.86
CA VAL C 286 4.24 6.19 -5.99
C VAL C 286 3.45 5.45 -7.07
N PHE C 287 2.56 4.54 -6.67
CA PHE C 287 1.70 3.85 -7.61
C PHE C 287 0.32 4.49 -7.71
N GLU C 288 -0.20 4.98 -6.60
CA GLU C 288 -1.58 5.43 -6.47
C GLU C 288 -1.64 6.93 -6.74
N HIS C 289 -1.90 7.31 -8.00
CA HIS C 289 -2.12 8.71 -8.36
C HIS C 289 -3.53 8.97 -8.87
N ASP C 290 -3.91 8.32 -9.96
CA ASP C 290 -5.24 8.49 -10.54
C ASP C 290 -6.00 7.18 -10.60
N PHE C 291 -5.34 6.07 -10.28
CA PHE C 291 -6.01 4.78 -10.18
C PHE C 291 -6.97 4.76 -9.00
N GLY C 292 -6.64 5.51 -7.95
CA GLY C 292 -7.22 5.27 -6.65
C GLY C 292 -6.62 3.97 -6.12
N ARG C 293 -7.20 3.46 -5.03
CA ARG C 293 -6.92 2.10 -4.62
C ARG C 293 -8.19 1.29 -4.86
N THR C 294 -8.08 0.31 -5.75
CA THR C 294 -9.20 -0.56 -6.07
C THR C 294 -8.70 -1.99 -5.98
N PRO C 295 -9.55 -2.94 -5.62
CA PRO C 295 -9.13 -4.35 -5.67
C PRO C 295 -9.30 -5.04 -7.00
N GLU C 296 -9.65 -4.31 -8.08
CA GLU C 296 -9.83 -4.93 -9.39
C GLU C 296 -8.64 -4.73 -10.33
N VAL C 297 -7.41 -4.76 -9.81
CA VAL C 297 -6.20 -4.71 -10.64
C VAL C 297 -6.13 -5.93 -11.55
N SER C 298 -6.33 -7.13 -11.00
CA SER C 298 -6.30 -8.33 -11.82
C SER C 298 -7.68 -8.67 -12.35
N ARG C 299 -8.70 -7.91 -12.00
CA ARG C 299 -10.09 -8.23 -12.35
C ARG C 299 -10.63 -7.39 -13.49
N LEU C 300 -10.51 -6.07 -13.43
CA LEU C 300 -11.10 -5.22 -14.46
C LEU C 300 -10.19 -5.05 -15.66
N THR C 301 -8.87 -5.03 -15.47
CA THR C 301 -7.98 -4.67 -16.56
C THR C 301 -7.23 -5.87 -17.13
N ARG C 302 -6.93 -6.86 -16.29
CA ARG C 302 -6.11 -8.00 -16.72
C ARG C 302 -6.86 -8.93 -17.67
N THR C 303 -7.97 -9.52 -17.22
CA THR C 303 -8.63 -10.60 -17.95
C THR C 303 -9.96 -10.20 -18.58
N LEU C 304 -10.41 -8.97 -18.41
CA LEU C 304 -11.80 -8.66 -18.72
C LEU C 304 -11.99 -8.22 -20.18
N GLN C 305 -11.29 -7.17 -20.58
CA GLN C 305 -11.40 -6.60 -21.91
C GLN C 305 -10.25 -6.97 -22.84
N ARG C 306 -9.43 -7.95 -22.45
CA ARG C 306 -8.25 -8.31 -23.23
C ARG C 306 -8.35 -9.64 -23.97
N PHE C 307 -9.50 -10.32 -23.93
CA PHE C 307 -9.68 -11.55 -24.69
C PHE C 307 -10.68 -11.31 -25.82
N LEU C 308 -10.39 -11.92 -26.98
CA LEU C 308 -11.07 -11.66 -28.26
C LEU C 308 -11.08 -10.17 -28.60
N ALA C 309 -9.94 -9.52 -28.36
CA ALA C 309 -9.71 -8.15 -28.79
C ALA C 309 -8.79 -8.06 -29.99
N LYS C 310 -8.04 -9.11 -30.28
CA LYS C 310 -7.10 -9.18 -31.38
C LYS C 310 -7.73 -9.70 -32.67
N THR C 311 -8.87 -10.37 -32.58
CA THR C 311 -9.51 -10.94 -33.74
C THR C 311 -10.98 -10.51 -33.72
N VAL C 312 -11.19 -9.20 -33.53
CA VAL C 312 -12.53 -8.64 -33.54
C VAL C 312 -13.04 -8.64 -34.98
N HIS C 313 -14.17 -9.33 -35.19
CA HIS C 313 -14.79 -9.37 -36.51
C HIS C 313 -16.19 -8.78 -36.56
N ASN C 314 -16.85 -8.60 -35.42
CA ASN C 314 -18.13 -7.92 -35.34
C ASN C 314 -18.03 -6.73 -34.40
N ASN C 315 -18.83 -5.70 -34.68
CA ASN C 315 -18.82 -4.47 -33.90
C ASN C 315 -20.25 -4.13 -33.47
N LEU C 316 -20.93 -5.12 -32.90
CA LEU C 316 -22.26 -4.91 -32.34
C LEU C 316 -22.29 -4.94 -30.83
N ALA C 317 -21.61 -5.90 -30.20
CA ALA C 317 -21.62 -6.04 -28.76
C ALA C 317 -20.22 -5.90 -28.13
N ILE C 318 -19.20 -5.64 -28.94
CA ILE C 318 -17.83 -5.56 -28.47
C ILE C 318 -17.49 -4.17 -27.94
N ARG C 319 -17.80 -3.13 -28.71
CA ARG C 319 -17.41 -1.79 -28.32
C ARG C 319 -18.39 -1.13 -27.37
N GLN C 320 -19.57 -1.73 -27.14
CA GLN C 320 -20.44 -1.24 -26.07
C GLN C 320 -19.83 -1.44 -24.70
N ARG C 321 -19.28 -2.62 -24.43
CA ARG C 321 -18.66 -2.83 -23.12
C ARG C 321 -17.32 -2.12 -23.01
N ARG C 322 -16.63 -1.90 -24.13
CA ARG C 322 -15.46 -1.03 -24.13
C ARG C 322 -15.83 0.43 -23.90
N ALA C 323 -17.06 0.83 -24.25
CA ALA C 323 -17.54 2.18 -23.97
C ALA C 323 -18.01 2.37 -22.54
N GLN C 324 -18.64 1.36 -21.95
CA GLN C 324 -19.17 1.50 -20.61
C GLN C 324 -18.18 1.09 -19.51
N LEU C 325 -17.20 0.25 -19.82
CA LEU C 325 -16.23 -0.18 -18.82
C LEU C 325 -15.28 0.96 -18.46
N VAL C 326 -15.05 1.88 -19.39
CA VAL C 326 -14.30 3.09 -19.06
C VAL C 326 -15.18 4.14 -18.41
N ALA C 327 -16.49 4.12 -18.67
CA ALA C 327 -17.40 5.01 -17.95
C ALA C 327 -17.50 4.60 -16.49
N GLN C 328 -17.39 3.31 -16.20
CA GLN C 328 -17.30 2.84 -14.82
C GLN C 328 -16.06 3.39 -14.12
N ILE C 329 -14.94 3.46 -14.85
CA ILE C 329 -13.71 4.00 -14.26
C ILE C 329 -13.82 5.50 -14.05
N CYS C 330 -14.45 6.20 -15.01
CA CYS C 330 -14.71 7.62 -14.86
C CYS C 330 -15.66 7.91 -13.70
N ASP C 331 -16.58 6.98 -13.41
CA ASP C 331 -17.47 7.16 -12.26
C ASP C 331 -16.76 6.85 -10.95
N GLU C 332 -15.98 5.77 -10.90
CA GLU C 332 -15.34 5.41 -9.65
C GLU C 332 -14.16 6.31 -9.31
N ALA C 333 -13.61 7.04 -10.29
CA ALA C 333 -12.67 8.11 -9.97
C ALA C 333 -13.34 9.24 -9.20
N LEU C 334 -14.54 9.64 -9.63
CA LEU C 334 -15.32 10.62 -8.90
C LEU C 334 -15.78 10.09 -7.55
N GLN C 335 -16.03 8.78 -7.45
CA GLN C 335 -16.32 8.15 -6.17
C GLN C 335 -15.13 8.26 -5.21
N TYR C 336 -13.92 7.98 -5.71
CA TYR C 336 -12.71 8.15 -4.93
C TYR C 336 -12.50 9.60 -4.50
N ALA C 337 -12.80 10.53 -5.41
CA ALA C 337 -12.72 11.95 -5.10
C ALA C 337 -13.70 12.34 -4.00
N ALA C 338 -14.91 11.78 -4.03
CA ALA C 338 -15.91 12.09 -3.00
C ALA C 338 -15.59 11.45 -1.66
N ARG C 339 -14.96 10.27 -1.66
CA ARG C 339 -14.52 9.69 -0.39
C ARG C 339 -13.39 10.50 0.21
N LEU C 340 -12.40 10.90 -0.59
CA LEU C 340 -11.35 11.76 -0.04
C LEU C 340 -11.80 13.19 0.18
N ARG C 341 -12.97 13.57 -0.33
CA ARG C 341 -13.49 14.92 -0.14
C ARG C 341 -13.91 15.12 1.32
N GLU C 342 -14.75 14.23 1.83
CA GLU C 342 -15.06 14.21 3.24
C GLU C 342 -14.01 13.36 3.96
N LEU C 343 -14.25 13.05 5.23
CA LEU C 343 -13.58 12.04 6.05
C LEU C 343 -12.12 12.39 6.39
N GLU C 344 -11.57 13.47 5.84
CA GLU C 344 -10.17 13.84 6.05
C GLU C 344 -10.10 15.26 6.58
N PRO C 345 -10.11 15.44 7.90
CA PRO C 345 -10.13 16.79 8.49
C PRO C 345 -8.78 17.47 8.65
N GLY C 346 -7.72 16.99 7.98
CA GLY C 346 -6.43 17.64 8.07
C GLY C 346 -5.57 17.41 6.85
N TRP C 347 -4.63 18.33 6.64
CA TRP C 347 -3.63 18.22 5.59
C TRP C 347 -2.27 18.67 6.10
N SER C 348 -1.25 17.86 5.87
CA SER C 348 0.15 18.23 6.04
C SER C 348 0.88 17.78 4.78
N ALA C 349 0.83 18.61 3.74
CA ALA C 349 1.25 18.19 2.41
C ALA C 349 2.68 18.60 2.08
N THR C 350 3.48 18.96 3.07
CA THR C 350 4.85 19.35 2.78
C THR C 350 5.83 18.20 2.49
N PRO C 351 5.80 17.02 3.19
CA PRO C 351 6.72 15.95 2.75
C PRO C 351 6.11 15.00 1.73
N GLY C 352 6.95 14.10 1.21
CA GLY C 352 6.49 12.89 0.55
C GLY C 352 6.03 13.03 -0.88
N CYS C 353 5.73 14.24 -1.37
CA CYS C 353 5.20 14.43 -2.71
C CYS C 353 6.24 15.11 -3.58
N GLN C 354 6.57 14.48 -4.71
CA GLN C 354 7.50 15.06 -5.67
C GLN C 354 7.05 14.91 -7.11
N LEU C 355 5.93 14.24 -7.38
CA LEU C 355 5.37 14.14 -8.72
C LEU C 355 3.86 14.29 -8.73
N HIS C 356 3.26 14.76 -7.63
CA HIS C 356 1.81 14.82 -7.50
C HIS C 356 1.42 16.26 -7.18
N ASP C 357 0.96 16.98 -8.20
CA ASP C 357 0.67 18.40 -8.07
C ASP C 357 -0.60 18.76 -8.84
N ALA C 358 -1.03 20.01 -8.68
CA ALA C 358 -2.20 20.60 -9.33
C ALA C 358 -3.47 19.80 -9.05
N GLU C 359 -3.67 19.48 -7.77
CA GLU C 359 -4.80 18.71 -7.32
C GLU C 359 -5.65 19.45 -6.29
N GLN C 360 -5.48 20.76 -6.18
CA GLN C 360 -6.25 21.54 -5.22
C GLN C 360 -7.70 21.71 -5.64
N LEU C 361 -8.02 21.46 -6.90
CA LEU C 361 -9.40 21.44 -7.36
C LEU C 361 -10.01 20.03 -7.29
N TRP C 362 -9.23 19.03 -6.90
CA TRP C 362 -9.63 17.65 -7.10
C TRP C 362 -9.68 16.84 -5.82
N LEU C 363 -8.79 17.12 -4.87
CA LEU C 363 -8.78 16.39 -3.61
C LEU C 363 -8.69 17.31 -2.40
N ASP C 364 -9.17 18.54 -2.52
CA ASP C 364 -9.02 19.52 -1.46
C ASP C 364 -10.38 20.11 -1.16
N PRO C 365 -10.79 20.16 0.10
CA PRO C 365 -11.99 20.92 0.46
C PRO C 365 -11.72 22.41 0.50
N LEU C 366 -12.73 23.20 0.87
CA LEU C 366 -12.56 24.64 0.89
C LEU C 366 -11.75 25.08 2.10
N ARG C 367 -11.94 24.40 3.24
CA ARG C 367 -11.23 24.60 4.51
C ARG C 367 -11.43 25.97 5.14
N ALA C 368 -12.34 26.79 4.58
CA ALA C 368 -12.58 28.18 4.98
C ALA C 368 -11.29 29.00 5.02
N GLN C 369 -10.43 28.78 4.04
CA GLN C 369 -9.08 29.33 4.09
C GLN C 369 -8.52 29.37 2.69
N THR C 370 -7.80 30.45 2.39
CA THR C 370 -7.17 30.62 1.08
C THR C 370 -5.98 29.65 0.93
N ASP C 371 -6.24 28.54 0.24
CA ASP C 371 -5.24 27.54 -0.12
C ASP C 371 -4.67 27.80 -1.51
N GLU C 372 -4.62 29.07 -1.93
CA GLU C 372 -4.22 29.41 -3.29
C GLU C 372 -2.73 29.18 -3.50
N THR C 373 -2.34 29.05 -4.77
CA THR C 373 -0.97 28.76 -5.16
C THR C 373 -0.44 29.84 -6.09
N PHE C 374 -0.59 31.10 -5.68
CA PHE C 374 -0.35 32.30 -6.49
C PHE C 374 -1.19 32.23 -7.78
N LEU C 375 -2.47 31.93 -7.58
CA LEU C 375 -3.48 31.99 -8.63
C LEU C 375 -4.80 32.43 -8.00
N GLN C 376 -5.88 32.36 -8.77
CA GLN C 376 -7.24 32.63 -8.30
C GLN C 376 -8.00 31.34 -8.02
N ARG C 377 -7.31 30.36 -7.43
CA ARG C 377 -7.84 29.02 -7.20
C ARG C 377 -9.08 28.99 -6.31
N ARG C 378 -9.21 29.94 -5.40
CA ARG C 378 -10.18 29.79 -4.31
C ARG C 378 -11.60 30.13 -4.72
N LEU C 379 -11.80 30.93 -5.76
CA LEU C 379 -13.14 31.25 -6.22
C LEU C 379 -13.40 30.88 -7.66
N ARG C 380 -12.40 30.34 -8.36
CA ARG C 380 -12.50 30.01 -9.77
C ARG C 380 -11.72 28.72 -10.01
N GLY C 381 -12.30 27.82 -10.80
CA GLY C 381 -11.75 26.48 -10.90
C GLY C 381 -11.66 25.89 -12.30
N ASP C 382 -11.42 26.72 -13.31
CA ASP C 382 -11.54 26.28 -14.68
C ASP C 382 -10.30 25.53 -15.17
N TRP C 383 -10.23 25.35 -16.50
CA TRP C 383 -9.32 24.55 -17.33
C TRP C 383 -8.91 23.20 -16.72
N PRO C 384 -9.85 22.32 -16.32
CA PRO C 384 -9.44 21.15 -15.52
C PRO C 384 -8.81 20.02 -16.33
N ALA C 385 -7.89 20.35 -17.24
CA ALA C 385 -7.07 19.35 -17.91
C ALA C 385 -5.87 18.94 -17.08
N GLU C 386 -5.68 19.54 -15.90
CA GLU C 386 -4.70 19.04 -14.94
C GLU C 386 -5.19 17.78 -14.25
N VAL C 387 -6.42 17.36 -14.51
CA VAL C 387 -6.91 16.06 -14.09
C VAL C 387 -7.49 15.28 -15.26
N GLY C 388 -8.31 15.93 -16.11
CA GLY C 388 -9.08 15.20 -17.11
C GLY C 388 -8.22 14.52 -18.16
N ASN C 389 -7.40 15.29 -18.86
CA ASN C 389 -6.43 14.69 -19.77
C ASN C 389 -5.37 13.88 -19.02
N ARG C 390 -5.06 14.23 -17.77
CA ARG C 390 -3.97 13.56 -17.06
C ARG C 390 -4.32 12.15 -16.61
N PHE C 391 -5.60 11.82 -16.42
CA PHE C 391 -5.94 10.41 -16.33
C PHE C 391 -6.55 9.85 -17.60
N ALA C 392 -6.94 10.70 -18.57
CA ALA C 392 -7.30 10.18 -19.88
C ALA C 392 -6.09 9.57 -20.58
N ASN C 393 -4.89 10.03 -20.22
CA ASN C 393 -3.68 9.36 -20.67
C ASN C 393 -3.30 8.17 -19.79
N TRP C 394 -3.67 8.21 -18.49
CA TRP C 394 -3.51 7.06 -17.60
C TRP C 394 -4.27 5.85 -18.12
N LEU C 395 -5.45 6.09 -18.69
CA LEU C 395 -6.24 4.99 -19.23
C LEU C 395 -5.61 4.42 -20.50
N ASN C 396 -4.98 5.27 -21.30
CA ASN C 396 -4.31 4.80 -22.52
C ASN C 396 -3.03 4.04 -22.19
N ARG C 397 -2.28 4.48 -21.20
CA ARG C 397 -1.09 3.75 -20.77
C ARG C 397 -1.40 2.63 -19.80
N ALA C 398 -2.66 2.17 -19.72
CA ALA C 398 -2.99 0.92 -19.07
C ALA C 398 -2.68 -0.28 -19.96
N VAL C 399 -2.35 -0.03 -21.24
CA VAL C 399 -2.05 -1.09 -22.20
C VAL C 399 -1.14 -0.51 -23.30
N SER C 400 -0.11 -1.26 -23.69
CA SER C 400 0.80 -0.81 -24.72
C SER C 400 1.14 -1.89 -25.75
N SER C 401 0.74 -3.14 -25.52
CA SER C 401 1.03 -4.21 -26.45
C SER C 401 0.06 -4.27 -27.61
N ASP C 402 -1.02 -3.48 -27.58
CA ASP C 402 -1.94 -3.43 -28.71
C ASP C 402 -1.29 -2.68 -29.87
N SER C 403 -1.14 -3.35 -31.00
CA SER C 403 -0.29 -2.86 -32.09
C SER C 403 -1.05 -2.60 -33.38
N GLN C 404 -1.88 -3.54 -33.83
CA GLN C 404 -2.46 -3.47 -35.17
C GLN C 404 -3.71 -2.61 -35.25
N ILE C 405 -4.02 -1.83 -34.22
CA ILE C 405 -5.14 -0.89 -34.32
C ILE C 405 -4.73 0.32 -35.15
N LEU C 406 -3.44 0.55 -35.35
CA LEU C 406 -2.97 1.72 -36.09
C LEU C 406 -3.20 1.54 -37.58
N GLY C 407 -3.53 2.65 -38.25
CA GLY C 407 -3.86 2.58 -39.66
C GLY C 407 -5.16 1.86 -39.96
N SER C 408 -6.13 1.93 -39.06
CA SER C 408 -7.40 1.22 -39.18
C SER C 408 -8.53 2.18 -38.86
N PRO C 409 -9.71 1.99 -39.45
CA PRO C 409 -10.87 2.80 -39.08
C PRO C 409 -11.51 2.42 -37.75
N GLU C 410 -11.00 1.42 -37.05
CA GLU C 410 -11.51 1.07 -35.73
C GLU C 410 -10.78 1.79 -34.61
N ALA C 411 -9.58 2.32 -34.88
CA ALA C 411 -8.90 3.18 -33.91
C ALA C 411 -9.60 4.52 -33.73
N ALA C 412 -10.39 4.94 -34.72
CA ALA C 412 -11.22 6.14 -34.53
C ALA C 412 -12.31 5.88 -33.49
N GLN C 413 -12.79 4.64 -33.41
CA GLN C 413 -13.83 4.28 -32.46
C GLN C 413 -13.33 4.31 -31.03
N TRP C 414 -12.04 4.01 -30.81
CA TRP C 414 -11.47 4.14 -29.47
C TRP C 414 -11.39 5.59 -29.01
N SER C 415 -11.22 6.53 -29.92
CA SER C 415 -11.21 7.94 -29.59
C SER C 415 -12.60 8.56 -29.57
N GLN C 416 -13.65 7.77 -29.75
CA GLN C 416 -15.00 8.31 -29.62
C GLN C 416 -15.40 8.46 -28.16
N GLU C 417 -15.22 7.42 -27.36
CA GLU C 417 -15.64 7.51 -25.96
C GLU C 417 -14.68 8.33 -25.13
N LEU C 418 -13.43 8.49 -25.56
CA LEU C 418 -12.56 9.43 -24.88
C LEU C 418 -12.78 10.86 -25.34
N SER C 419 -13.43 11.05 -26.48
CA SER C 419 -14.01 12.36 -26.78
C SER C 419 -15.32 12.55 -26.02
N LYS C 420 -15.91 11.46 -25.53
CA LYS C 420 -17.12 11.57 -24.74
C LYS C 420 -16.84 11.85 -23.27
N GLU C 421 -15.83 11.21 -22.68
CA GLU C 421 -15.48 11.48 -21.29
C GLU C 421 -14.64 12.75 -21.15
N LEU C 422 -14.18 13.32 -22.26
CA LEU C 422 -13.72 14.70 -22.32
C LEU C 422 -14.82 15.66 -22.72
N THR C 423 -16.09 15.23 -22.64
CA THR C 423 -17.20 16.16 -22.79
C THR C 423 -17.92 16.34 -21.45
N MET C 424 -18.12 15.24 -20.72
CA MET C 424 -19.01 15.20 -19.57
C MET C 424 -18.28 15.39 -18.25
N PHE C 425 -16.99 15.75 -18.30
CA PHE C 425 -16.21 15.75 -17.07
C PHE C 425 -15.83 17.16 -16.62
N LYS C 426 -15.98 18.20 -17.46
CA LYS C 426 -15.49 19.52 -17.07
C LYS C 426 -16.32 20.21 -16.00
N GLU C 427 -17.61 20.46 -16.26
CA GLU C 427 -18.38 21.38 -15.43
C GLU C 427 -18.72 20.79 -14.07
N ILE C 428 -18.61 19.47 -13.92
CA ILE C 428 -18.78 18.83 -12.63
C ILE C 428 -17.53 18.99 -11.77
N LEU C 429 -16.50 19.63 -12.30
CA LEU C 429 -15.33 19.98 -11.52
C LEU C 429 -15.13 21.47 -11.32
N GLU C 430 -16.00 22.31 -11.85
CA GLU C 430 -15.96 23.74 -11.54
C GLU C 430 -17.00 24.14 -10.51
N ASP C 431 -18.09 23.38 -10.38
CA ASP C 431 -19.23 23.79 -9.58
C ASP C 431 -19.04 23.56 -8.08
N GLU C 432 -17.90 23.05 -7.65
CA GLU C 432 -17.68 22.92 -6.21
C GLU C 432 -16.97 24.11 -5.59
N ARG C 433 -16.40 25.01 -6.39
CA ARG C 433 -15.63 26.13 -5.88
C ARG C 433 -16.36 27.43 -6.19
N ASP C 434 -17.22 27.84 -5.26
CA ASP C 434 -17.97 29.09 -5.38
C ASP C 434 -18.37 29.63 -4.00
N SER D 2 -44.51 7.39 -15.92
CA SER D 2 -44.20 8.60 -15.16
C SER D 2 -45.44 9.10 -14.43
N VAL D 3 -46.00 8.24 -13.59
CA VAL D 3 -47.26 8.57 -12.89
C VAL D 3 -46.97 9.50 -11.73
N THR D 4 -47.68 10.63 -11.70
CA THR D 4 -47.63 11.64 -10.64
C THR D 4 -46.21 12.21 -10.50
N ASP D 5 -45.84 12.98 -11.52
CA ASP D 5 -44.55 13.67 -11.55
C ASP D 5 -44.44 14.65 -10.39
N PRO D 6 -43.38 14.58 -9.58
CA PRO D 6 -43.24 15.52 -8.46
C PRO D 6 -42.93 16.94 -8.91
N GLU D 7 -43.66 17.88 -8.33
CA GLU D 7 -43.35 19.29 -8.47
C GLU D 7 -42.21 19.74 -7.58
N ALA D 8 -41.73 18.89 -6.67
CA ALA D 8 -40.66 19.27 -5.77
C ALA D 8 -39.97 18.02 -5.24
N LEU D 9 -38.64 18.00 -5.30
CA LEU D 9 -37.85 16.98 -4.64
C LEU D 9 -37.41 17.48 -3.27
N LEU D 10 -37.28 16.56 -2.33
CA LEU D 10 -36.93 16.83 -0.95
C LEU D 10 -35.82 15.87 -0.54
N LEU D 11 -34.71 16.40 -0.07
CA LEU D 11 -33.53 15.58 0.24
C LEU D 11 -33.30 15.51 1.74
N LEU D 12 -33.80 14.45 2.37
CA LEU D 12 -33.38 14.08 3.70
C LEU D 12 -31.93 13.63 3.61
N PRO D 13 -30.96 14.44 4.05
CA PRO D 13 -29.59 14.33 3.54
C PRO D 13 -28.79 13.08 3.91
N ARG D 14 -28.63 12.77 5.20
CA ARG D 14 -27.80 11.64 5.63
C ARG D 14 -28.43 11.06 6.88
N LEU D 15 -29.25 10.04 6.69
CA LEU D 15 -29.93 9.35 7.79
C LEU D 15 -29.06 8.17 8.23
N SER D 16 -28.68 8.16 9.51
CA SER D 16 -27.87 7.11 10.07
C SER D 16 -28.76 6.17 10.85
N ILE D 17 -28.72 4.88 10.52
CA ILE D 17 -29.66 3.88 11.01
C ILE D 17 -28.88 2.77 11.68
N GLN D 18 -29.27 2.40 12.90
CA GLN D 18 -28.65 1.29 13.58
C GLN D 18 -29.65 0.15 13.74
N ASN D 19 -29.18 -1.06 13.46
CA ASN D 19 -29.92 -2.33 13.64
C ASN D 19 -31.13 -2.42 12.72
N ALA D 20 -30.93 -2.13 11.45
CA ALA D 20 -31.95 -2.37 10.44
C ALA D 20 -32.00 -3.86 10.12
N ASN D 21 -33.14 -4.30 9.60
CA ASN D 21 -33.32 -5.70 9.27
C ASN D 21 -32.51 -6.04 8.03
N ALA D 22 -31.67 -7.07 8.12
CA ALA D 22 -30.79 -7.45 7.02
C ALA D 22 -31.22 -8.72 6.31
N ILE D 23 -32.29 -9.38 6.72
CA ILE D 23 -32.69 -10.60 6.03
C ILE D 23 -33.46 -10.28 4.76
N SER D 24 -34.49 -9.46 4.86
CA SER D 24 -35.19 -8.79 3.76
C SER D 24 -36.08 -9.66 2.87
N SER D 25 -35.96 -11.00 2.94
CA SER D 25 -36.76 -11.96 2.19
C SER D 25 -36.33 -13.36 2.60
N PRO D 26 -37.11 -14.40 2.27
CA PRO D 26 -36.61 -15.76 2.47
C PRO D 26 -35.44 -16.15 1.58
N LEU D 27 -35.21 -15.47 0.46
CA LEU D 27 -34.13 -15.83 -0.42
C LEU D 27 -32.94 -14.90 -0.40
N THR D 28 -33.15 -13.61 -0.15
CA THR D 28 -32.08 -12.65 -0.28
C THR D 28 -31.57 -12.30 1.12
N TRP D 29 -30.49 -11.51 1.20
CA TRP D 29 -30.07 -10.86 2.43
C TRP D 29 -29.22 -9.67 2.05
N GLY D 30 -29.13 -8.71 2.95
CA GLY D 30 -28.22 -7.61 2.71
C GLY D 30 -28.79 -6.25 3.00
N PHE D 31 -28.87 -5.42 1.98
CA PHE D 31 -29.56 -4.16 2.10
C PHE D 31 -31.07 -4.45 2.16
N PRO D 32 -31.83 -3.77 3.02
CA PRO D 32 -33.23 -4.12 3.22
C PRO D 32 -34.10 -3.81 2.01
N SER D 33 -35.35 -4.26 2.11
CA SER D 33 -36.28 -4.25 0.99
C SER D 33 -36.67 -2.83 0.61
N PRO D 34 -37.01 -2.60 -0.66
CA PRO D 34 -37.51 -1.27 -1.04
C PRO D 34 -38.89 -0.96 -0.49
N GLY D 35 -39.69 -1.98 -0.18
CA GLY D 35 -40.98 -1.78 0.44
C GLY D 35 -40.93 -1.18 1.82
N ALA D 36 -39.81 -1.37 2.52
CA ALA D 36 -39.56 -0.66 3.76
C ALA D 36 -39.47 0.85 3.53
N PHE D 37 -38.80 1.27 2.48
CA PHE D 37 -38.67 2.70 2.19
C PHE D 37 -39.99 3.27 1.67
N THR D 38 -40.69 2.50 0.84
CA THR D 38 -41.99 2.99 0.37
C THR D 38 -43.06 2.94 1.45
N GLY D 39 -42.84 2.22 2.55
CA GLY D 39 -43.70 2.33 3.71
C GLY D 39 -43.26 3.43 4.67
N PHE D 40 -41.97 3.73 4.68
CA PHE D 40 -41.47 4.84 5.49
C PHE D 40 -41.95 6.18 4.96
N VAL D 41 -41.95 6.36 3.64
CA VAL D 41 -42.45 7.60 3.07
C VAL D 41 -43.96 7.72 3.26
N HIS D 42 -44.68 6.61 3.34
CA HIS D 42 -46.09 6.68 3.61
C HIS D 42 -46.38 6.87 5.09
N ALA D 43 -45.46 6.50 5.97
CA ALA D 43 -45.63 6.83 7.38
C ALA D 43 -45.30 8.28 7.66
N LEU D 44 -44.34 8.87 6.93
CA LEU D 44 -44.22 10.33 6.90
C LEU D 44 -45.47 10.99 6.39
N GLN D 45 -46.08 10.43 5.35
CA GLN D 45 -47.25 11.06 4.71
C GLN D 45 -48.45 11.11 5.63
N ARG D 46 -48.65 10.13 6.49
CA ARG D 46 -49.76 10.21 7.43
C ARG D 46 -49.36 10.74 8.80
N ARG D 47 -48.27 11.51 8.88
CA ARG D 47 -47.99 12.29 10.06
C ARG D 47 -47.79 13.78 9.80
N VAL D 48 -47.22 14.16 8.67
CA VAL D 48 -46.98 15.57 8.37
C VAL D 48 -47.61 15.94 7.04
N GLY D 49 -47.93 14.95 6.21
CA GLY D 49 -48.48 15.22 4.90
C GLY D 49 -49.86 15.82 4.89
N ILE D 50 -50.69 15.49 5.87
CA ILE D 50 -52.01 16.09 5.95
C ILE D 50 -51.96 17.43 6.69
N SER D 51 -51.08 17.56 7.67
CA SER D 51 -50.92 18.82 8.38
C SER D 51 -50.25 19.90 7.53
N LEU D 52 -49.61 19.53 6.43
CA LEU D 52 -49.02 20.49 5.51
C LEU D 52 -49.69 20.48 4.14
N ASP D 53 -50.71 19.65 3.95
CA ASP D 53 -51.52 19.53 2.72
C ASP D 53 -50.67 19.20 1.49
N ILE D 54 -49.60 18.45 1.71
CA ILE D 54 -48.67 18.05 0.66
C ILE D 54 -48.78 16.55 0.47
N GLU D 55 -48.11 16.04 -0.55
CA GLU D 55 -48.15 14.62 -0.88
C GLU D 55 -46.74 14.10 -1.07
N LEU D 56 -46.26 13.32 -0.11
CA LEU D 56 -45.00 12.58 -0.25
C LEU D 56 -45.33 11.23 -0.86
N ASP D 57 -44.84 10.97 -2.07
CA ASP D 57 -45.26 9.74 -2.74
C ASP D 57 -44.10 8.93 -3.30
N GLY D 58 -43.05 9.55 -3.80
CA GLY D 58 -41.90 8.83 -4.30
C GLY D 58 -40.74 8.90 -3.35
N VAL D 59 -39.78 8.00 -3.54
CA VAL D 59 -38.60 7.98 -2.68
C VAL D 59 -37.40 7.44 -3.46
N GLY D 60 -36.25 8.10 -3.29
CA GLY D 60 -35.00 7.66 -3.89
C GLY D 60 -34.07 7.14 -2.80
N ILE D 61 -33.53 5.95 -3.05
CA ILE D 61 -32.77 5.21 -2.06
C ILE D 61 -31.29 5.35 -2.41
N VAL D 62 -30.51 6.01 -1.57
CA VAL D 62 -29.09 6.21 -1.81
C VAL D 62 -28.34 5.72 -0.59
N CYS D 63 -27.62 4.61 -0.73
CA CYS D 63 -26.87 4.03 0.38
C CYS D 63 -25.44 4.55 0.35
N HIS D 64 -25.05 5.25 1.41
CA HIS D 64 -23.68 5.74 1.47
C HIS D 64 -22.73 4.74 2.10
N ARG D 65 -23.14 4.16 3.22
CA ARG D 65 -22.29 3.31 4.04
C ARG D 65 -23.11 2.10 4.46
N PHE D 66 -22.49 0.93 4.51
CA PHE D 66 -23.19 -0.29 4.90
C PHE D 66 -22.26 -1.10 5.80
N GLU D 67 -22.85 -1.75 6.81
CA GLU D 67 -22.12 -2.65 7.67
C GLU D 67 -23.09 -3.64 8.25
N ALA D 68 -22.79 -4.93 8.15
CA ALA D 68 -23.66 -5.96 8.70
C ALA D 68 -22.99 -6.66 9.86
N GLN D 69 -23.80 -7.08 10.83
CA GLN D 69 -23.33 -7.94 11.91
C GLN D 69 -23.33 -9.37 11.43
N ILE D 70 -22.27 -9.73 10.72
CA ILE D 70 -22.06 -11.08 10.25
C ILE D 70 -20.68 -11.52 10.69
N SER D 71 -20.41 -12.81 10.51
CA SER D 71 -19.11 -13.35 10.85
C SER D 71 -18.86 -14.55 9.95
N GLN D 72 -17.66 -14.67 9.48
CA GLN D 72 -17.39 -15.81 8.62
C GLN D 72 -16.82 -16.94 9.44
N PRO D 73 -17.39 -18.14 9.37
CA PRO D 73 -16.93 -19.23 10.23
C PRO D 73 -15.58 -19.76 9.77
N ALA D 74 -14.96 -20.54 10.64
CA ALA D 74 -13.68 -21.17 10.29
C ALA D 74 -13.92 -22.29 9.31
N GLY D 75 -13.35 -22.16 8.11
CA GLY D 75 -13.46 -23.22 7.13
C GLY D 75 -14.70 -23.19 6.28
N LYS D 76 -15.38 -22.06 6.18
CA LYS D 76 -16.52 -21.92 5.30
C LYS D 76 -16.39 -20.60 4.55
N ARG D 77 -16.96 -20.56 3.35
CA ARG D 77 -16.96 -19.34 2.54
C ARG D 77 -18.27 -18.59 2.64
N THR D 78 -19.18 -19.04 3.49
CA THR D 78 -20.46 -18.40 3.72
C THR D 78 -20.38 -17.51 4.94
N LYS D 79 -21.49 -16.88 5.30
CA LYS D 79 -21.57 -16.02 6.46
C LYS D 79 -22.67 -16.51 7.39
N VAL D 80 -22.53 -16.19 8.67
CA VAL D 80 -23.59 -16.39 9.64
C VAL D 80 -23.83 -15.05 10.34
N PHE D 81 -25.01 -14.93 10.93
CA PHE D 81 -25.46 -13.67 11.50
C PHE D 81 -25.16 -13.63 12.98
N ASN D 82 -24.76 -12.45 13.44
CA ASN D 82 -24.60 -12.21 14.86
C ASN D 82 -25.95 -11.96 15.50
N LEU D 83 -26.12 -12.42 16.73
CA LEU D 83 -27.42 -12.47 17.37
C LEU D 83 -27.40 -11.70 18.68
N THR D 84 -28.57 -11.65 19.33
CA THR D 84 -28.74 -11.04 20.64
C THR D 84 -29.19 -12.10 21.63
N ARG D 85 -28.80 -11.94 22.89
CA ARG D 85 -29.33 -12.81 23.93
C ARG D 85 -30.68 -12.28 24.38
N ASN D 86 -31.73 -13.05 24.18
CA ASN D 86 -33.08 -12.69 24.54
C ASN D 86 -33.30 -12.94 26.03
N PRO D 87 -34.37 -12.42 26.62
CA PRO D 87 -34.67 -12.78 28.02
C PRO D 87 -35.07 -14.23 28.18
N LEU D 88 -35.03 -14.68 29.43
CA LEU D 88 -35.36 -16.05 29.78
C LEU D 88 -36.87 -16.25 29.80
N ASN D 89 -37.27 -17.45 30.18
CA ASN D 89 -38.68 -17.73 30.40
C ASN D 89 -38.99 -17.62 31.88
N ARG D 90 -40.27 -17.73 32.22
CA ARG D 90 -40.65 -17.78 33.63
C ARG D 90 -40.30 -19.12 34.27
N ASP D 91 -39.93 -20.11 33.46
CA ASP D 91 -39.41 -21.37 33.99
C ASP D 91 -37.98 -21.23 34.47
N GLY D 92 -37.25 -20.22 34.00
CA GLY D 92 -35.86 -20.06 34.30
C GLY D 92 -34.91 -20.62 33.26
N SER D 93 -35.44 -21.15 32.16
CA SER D 93 -34.63 -21.74 31.11
C SER D 93 -34.43 -20.74 29.98
N THR D 94 -33.49 -21.08 29.08
CA THR D 94 -33.23 -20.22 27.93
C THR D 94 -34.31 -20.42 26.89
N ALA D 95 -34.75 -19.31 26.30
CA ALA D 95 -35.76 -19.36 25.26
C ALA D 95 -35.14 -19.84 23.96
N ALA D 96 -35.97 -19.98 22.94
CA ALA D 96 -35.48 -20.38 21.63
C ALA D 96 -34.64 -19.28 21.02
N ILE D 97 -33.76 -19.67 20.12
CA ILE D 97 -32.92 -18.74 19.37
C ILE D 97 -33.62 -18.57 18.03
N VAL D 98 -34.46 -17.55 17.92
CA VAL D 98 -35.09 -17.19 16.67
C VAL D 98 -34.22 -16.10 16.07
N GLU D 99 -33.39 -16.49 15.11
CA GLU D 99 -32.27 -15.65 14.69
C GLU D 99 -32.77 -14.49 13.82
N GLU D 100 -32.08 -13.36 13.93
CA GLU D 100 -32.39 -12.18 13.15
C GLU D 100 -31.10 -11.53 12.69
N GLY D 101 -31.12 -11.02 11.46
CA GLY D 101 -29.98 -10.30 10.94
C GLY D 101 -30.13 -8.81 11.18
N ARG D 102 -29.02 -8.16 11.44
CA ARG D 102 -29.01 -6.73 11.68
C ARG D 102 -27.93 -6.07 10.85
N ALA D 103 -28.07 -4.77 10.63
CA ALA D 103 -27.10 -4.01 9.86
C ALA D 103 -27.14 -2.55 10.26
N HIS D 104 -25.99 -1.91 10.24
CA HIS D 104 -25.92 -0.46 10.31
C HIS D 104 -26.00 0.12 8.92
N LEU D 105 -26.41 1.38 8.84
CA LEU D 105 -26.92 1.86 7.58
C LEU D 105 -26.87 3.38 7.55
N GLU D 106 -26.34 3.93 6.46
CA GLU D 106 -26.25 5.36 6.23
C GLU D 106 -26.91 5.65 4.90
N VAL D 107 -28.01 6.39 4.92
CA VAL D 107 -28.86 6.47 3.73
C VAL D 107 -29.23 7.92 3.48
N SER D 108 -29.62 8.19 2.23
CA SER D 108 -30.19 9.48 1.83
C SER D 108 -31.53 9.22 1.15
N LEU D 109 -32.47 10.12 1.34
CA LEU D 109 -33.81 9.92 0.82
C LEU D 109 -34.26 11.14 0.02
N LEU D 110 -34.29 10.99 -1.30
CA LEU D 110 -34.91 11.95 -2.20
C LEU D 110 -36.42 11.74 -2.19
N LEU D 111 -37.15 12.58 -1.46
CA LEU D 111 -38.60 12.48 -1.50
C LEU D 111 -39.15 13.29 -2.67
N GLY D 112 -40.44 13.11 -2.96
CA GLY D 112 -41.06 13.83 -4.04
C GLY D 112 -42.42 14.39 -3.68
N VAL D 113 -42.60 15.71 -3.78
CA VAL D 113 -43.75 16.40 -3.21
C VAL D 113 -44.63 16.93 -4.34
N HIS D 114 -45.95 16.85 -4.17
CA HIS D 114 -46.91 17.09 -5.25
C HIS D 114 -47.92 18.18 -4.98
N GLY D 115 -48.39 18.33 -3.75
CA GLY D 115 -49.65 18.99 -3.49
C GLY D 115 -49.63 20.50 -3.60
N ASP D 116 -50.73 21.10 -3.14
CA ASP D 116 -50.92 22.54 -3.13
C ASP D 116 -50.30 23.22 -1.92
N GLY D 117 -49.79 22.47 -0.96
CA GLY D 117 -49.10 23.04 0.18
C GLY D 117 -47.72 23.56 -0.13
N LEU D 118 -47.20 23.27 -1.33
CA LEU D 118 -45.97 23.90 -1.78
C LEU D 118 -46.14 25.40 -1.97
N ASP D 119 -47.31 25.80 -2.43
CA ASP D 119 -47.57 27.17 -2.86
C ASP D 119 -48.07 28.05 -1.74
N ASP D 120 -48.26 27.50 -0.55
CA ASP D 120 -48.72 28.26 0.61
C ASP D 120 -47.61 28.47 1.64
N HIS D 121 -46.76 27.49 1.82
CA HIS D 121 -45.65 27.52 2.75
C HIS D 121 -44.36 27.79 2.01
N PRO D 122 -43.33 28.32 2.68
CA PRO D 122 -42.01 28.41 2.06
C PRO D 122 -41.37 27.04 1.95
N ALA D 123 -40.32 26.99 1.12
CA ALA D 123 -39.61 25.72 0.89
C ALA D 123 -38.79 25.31 2.09
N GLN D 124 -38.53 26.22 3.02
CA GLN D 124 -37.80 25.88 4.23
C GLN D 124 -38.72 25.43 5.36
N GLU D 125 -40.00 25.83 5.32
CA GLU D 125 -40.95 25.32 6.32
C GLU D 125 -41.20 23.83 6.14
N ILE D 126 -41.29 23.39 4.88
CA ILE D 126 -41.61 22.00 4.61
C ILE D 126 -40.49 21.09 5.06
N ALA D 127 -39.25 21.50 4.83
CA ALA D 127 -38.10 20.62 5.05
C ALA D 127 -37.82 20.35 6.51
N ARG D 128 -37.95 21.35 7.38
CA ARG D 128 -37.84 21.13 8.83
C ARG D 128 -38.95 20.25 9.37
N GLN D 129 -40.19 20.49 8.95
CA GLN D 129 -41.30 19.70 9.47
C GLN D 129 -41.24 18.26 9.01
N VAL D 130 -40.59 17.99 7.88
CA VAL D 130 -40.34 16.62 7.46
C VAL D 130 -39.15 16.02 8.20
N GLN D 131 -38.03 16.76 8.30
CA GLN D 131 -36.81 16.22 8.89
C GLN D 131 -36.96 15.93 10.37
N GLU D 132 -37.42 16.91 11.15
CA GLU D 132 -37.60 16.71 12.58
C GLU D 132 -38.74 15.76 12.90
N GLN D 133 -39.65 15.52 11.96
CA GLN D 133 -40.55 14.38 12.14
C GLN D 133 -39.82 13.07 11.95
N ALA D 134 -39.01 12.97 10.89
CA ALA D 134 -38.34 11.74 10.53
C ALA D 134 -37.22 11.34 11.50
N GLY D 135 -36.93 12.11 12.53
CA GLY D 135 -36.07 11.68 13.61
C GLY D 135 -36.81 11.07 14.76
N ALA D 136 -38.13 10.95 14.64
CA ALA D 136 -38.95 10.26 15.62
C ALA D 136 -39.33 8.86 15.18
N MET D 137 -38.90 8.43 13.99
CA MET D 137 -39.38 7.20 13.41
C MET D 137 -38.25 6.24 13.16
N ARG D 138 -38.63 5.03 12.76
CA ARG D 138 -37.72 3.91 12.56
C ARG D 138 -37.83 3.45 11.12
N LEU D 139 -36.69 3.22 10.48
CA LEU D 139 -36.75 2.86 9.08
C LEU D 139 -37.03 1.39 8.86
N ALA D 140 -36.05 0.52 9.08
CA ALA D 140 -36.28 -0.84 8.62
C ALA D 140 -36.31 -1.77 9.82
N GLY D 141 -37.03 -1.37 10.86
CA GLY D 141 -36.83 -1.93 12.16
C GLY D 141 -35.65 -1.34 12.89
N GLY D 142 -34.99 -0.36 12.31
CA GLY D 142 -33.81 0.24 12.89
C GLY D 142 -34.06 1.68 13.27
N SER D 143 -33.36 2.13 14.30
CA SER D 143 -33.57 3.48 14.79
C SER D 143 -32.86 4.49 13.90
N ILE D 144 -33.61 5.51 13.46
CA ILE D 144 -33.00 6.64 12.80
C ILE D 144 -32.30 7.49 13.85
N LEU D 145 -30.99 7.62 13.74
CA LEU D 145 -30.21 8.29 14.75
C LEU D 145 -29.98 9.74 14.35
N PRO D 146 -30.47 10.72 15.11
CA PRO D 146 -30.28 12.12 14.74
C PRO D 146 -28.85 12.57 14.95
N TRP D 147 -28.57 13.76 14.44
CA TRP D 147 -27.20 14.25 14.37
C TRP D 147 -26.70 14.71 15.73
N CYS D 148 -25.47 14.33 16.04
CA CYS D 148 -24.58 15.11 16.90
C CYS D 148 -23.17 14.66 16.60
N ASN D 149 -22.26 15.61 16.37
CA ASN D 149 -20.91 15.32 15.93
C ASN D 149 -20.07 16.58 16.17
N GLU D 150 -18.88 16.60 15.57
CA GLU D 150 -17.97 17.74 15.59
C GLU D 150 -18.20 18.68 14.41
N ARG D 151 -18.89 18.23 13.35
CA ARG D 151 -18.81 18.93 12.07
C ARG D 151 -19.81 20.06 11.90
N PHE D 152 -21.06 19.70 11.55
CA PHE D 152 -22.24 20.54 11.37
C PHE D 152 -23.36 19.59 10.94
N PRO D 153 -24.60 19.77 11.37
CA PRO D 153 -25.67 18.88 10.89
C PRO D 153 -26.02 19.16 9.44
N ALA D 154 -26.23 18.07 8.70
CA ALA D 154 -26.49 18.20 7.27
C ALA D 154 -27.92 18.67 7.05
N PRO D 155 -28.14 19.72 6.26
CA PRO D 155 -29.48 20.31 6.16
C PRO D 155 -30.34 19.68 5.08
N ASN D 156 -31.64 19.80 5.29
CA ASN D 156 -32.67 19.24 4.43
C ASN D 156 -33.00 20.28 3.37
N ALA D 157 -32.57 20.03 2.14
CA ALA D 157 -32.81 20.97 1.06
C ALA D 157 -34.19 20.73 0.46
N GLU D 158 -34.47 21.42 -0.65
CA GLU D 158 -35.65 21.19 -1.48
C GLU D 158 -35.44 21.85 -2.83
N LEU D 159 -35.69 21.12 -3.90
CA LEU D 159 -35.82 21.71 -5.22
C LEU D 159 -37.28 21.90 -5.60
N LEU D 160 -37.50 22.66 -6.67
CA LEU D 160 -38.81 22.79 -7.31
C LEU D 160 -38.55 22.46 -8.77
N MET D 161 -38.59 21.17 -9.11
CA MET D 161 -38.01 20.72 -10.36
C MET D 161 -38.89 21.01 -11.58
N LEU D 162 -40.11 21.50 -11.39
CA LEU D 162 -40.86 22.07 -12.49
C LEU D 162 -40.55 23.54 -12.72
N GLY D 163 -39.83 24.18 -11.78
CA GLY D 163 -39.47 25.57 -11.91
C GLY D 163 -38.06 25.71 -12.46
N GLY D 164 -37.88 26.71 -13.31
CA GLY D 164 -36.60 27.03 -13.90
C GLY D 164 -36.53 26.71 -15.38
N SER D 165 -35.52 27.29 -16.02
CA SER D 165 -35.25 27.06 -17.43
C SER D 165 -34.45 25.78 -17.60
N ASP D 166 -34.05 25.50 -18.85
CA ASP D 166 -33.29 24.30 -19.15
C ASP D 166 -31.85 24.40 -18.64
N GLU D 167 -31.34 25.61 -18.45
CA GLU D 167 -30.07 25.76 -17.77
C GLU D 167 -30.22 25.44 -16.28
N GLN D 168 -31.35 25.82 -15.67
CA GLN D 168 -31.61 25.43 -14.28
C GLN D 168 -31.95 23.95 -14.16
N ARG D 169 -32.47 23.34 -15.22
CA ARG D 169 -32.72 21.91 -15.22
C ARG D 169 -31.47 21.07 -15.41
N ARG D 170 -30.30 21.69 -15.55
CA ARG D 170 -29.03 21.03 -15.36
C ARG D 170 -28.13 21.78 -14.40
N LYS D 171 -28.61 22.85 -13.78
CA LYS D 171 -27.94 23.49 -12.65
C LYS D 171 -28.45 22.95 -11.33
N ASN D 172 -29.73 22.60 -11.26
CA ASN D 172 -30.31 22.06 -10.04
C ASN D 172 -30.05 20.57 -9.91
N GLN D 173 -30.35 19.80 -10.96
CA GLN D 173 -30.16 18.35 -10.91
C GLN D 173 -28.71 17.91 -11.03
N ARG D 174 -27.77 18.86 -11.14
CA ARG D 174 -26.36 18.55 -10.96
C ARG D 174 -25.79 19.21 -9.72
N ARG D 175 -26.64 19.85 -8.92
CA ARG D 175 -26.28 20.36 -7.60
C ARG D 175 -26.60 19.37 -6.49
N LEU D 176 -27.74 18.68 -6.59
CA LEU D 176 -28.05 17.63 -5.62
C LEU D 176 -27.14 16.42 -5.79
N THR D 177 -26.68 16.16 -7.01
CA THR D 177 -25.85 15.00 -7.26
C THR D 177 -24.47 15.14 -6.62
N ARG D 178 -24.06 16.35 -6.27
CA ARG D 178 -22.90 16.54 -5.40
C ARG D 178 -23.14 16.05 -3.98
N ARG D 179 -24.40 15.91 -3.57
CA ARG D 179 -24.74 15.49 -2.22
C ARG D 179 -25.19 14.04 -2.18
N LEU D 180 -25.12 13.33 -3.29
CA LEU D 180 -25.55 11.95 -3.37
C LEU D 180 -24.45 11.05 -3.89
N LEU D 181 -23.30 11.59 -4.21
CA LEU D 181 -22.23 10.92 -4.94
C LEU D 181 -21.33 9.96 -4.17
N PRO D 182 -20.96 10.15 -2.88
CA PRO D 182 -20.21 9.08 -2.19
C PRO D 182 -20.93 7.75 -2.10
N GLY D 183 -22.25 7.71 -2.25
CA GLY D 183 -23.00 6.49 -2.24
C GLY D 183 -23.52 6.09 -3.61
N PHE D 184 -24.39 5.10 -3.60
CA PHE D 184 -24.94 4.50 -4.80
C PHE D 184 -26.46 4.46 -4.70
N ALA D 185 -27.13 4.52 -5.84
CA ALA D 185 -28.58 4.53 -5.89
C ALA D 185 -29.10 3.19 -6.39
N LEU D 186 -30.17 2.71 -5.76
CA LEU D 186 -30.78 1.42 -6.07
C LEU D 186 -31.98 1.65 -6.96
N VAL D 187 -31.94 1.14 -8.18
CA VAL D 187 -33.00 1.34 -9.14
C VAL D 187 -33.54 -0.04 -9.50
N SER D 188 -34.72 -0.08 -10.10
CA SER D 188 -35.37 -1.32 -10.49
C SER D 188 -35.10 -1.62 -11.97
N ARG D 189 -34.58 -2.82 -12.24
CA ARG D 189 -34.27 -3.24 -13.61
C ARG D 189 -35.15 -4.43 -13.95
N GLU D 190 -36.36 -4.15 -14.43
CA GLU D 190 -37.30 -5.20 -14.78
C GLU D 190 -37.18 -5.62 -16.24
N ALA D 191 -36.66 -4.75 -17.10
CA ALA D 191 -36.51 -5.08 -18.50
C ALA D 191 -35.31 -5.98 -18.75
N LEU D 192 -34.27 -5.87 -17.91
CA LEU D 192 -33.13 -6.76 -18.06
C LEU D 192 -33.51 -8.21 -17.79
N LEU D 193 -34.26 -8.46 -16.74
CA LEU D 193 -34.59 -9.84 -16.39
C LEU D 193 -35.58 -10.47 -17.36
N GLN D 194 -36.35 -9.66 -18.08
CA GLN D 194 -37.20 -10.19 -19.15
C GLN D 194 -36.43 -10.36 -20.45
N GLN D 195 -35.55 -9.45 -20.81
CA GLN D 195 -34.82 -9.63 -22.05
C GLN D 195 -33.70 -10.65 -21.92
N HIS D 196 -33.31 -10.98 -20.69
CA HIS D 196 -32.40 -12.09 -20.42
C HIS D 196 -33.14 -13.41 -20.41
N LEU D 197 -34.48 -13.38 -20.43
CA LEU D 197 -35.30 -14.58 -20.42
C LEU D 197 -35.59 -15.10 -21.82
N GLU D 198 -35.77 -14.24 -22.81
CA GLU D 198 -35.75 -14.72 -24.18
C GLU D 198 -34.36 -14.75 -24.77
N THR D 199 -33.36 -14.23 -24.06
CA THR D 199 -31.97 -14.47 -24.44
C THR D 199 -31.63 -15.94 -24.29
N LEU D 200 -32.09 -16.56 -23.21
CA LEU D 200 -31.97 -18.01 -23.06
C LEU D 200 -32.92 -18.71 -24.03
N ARG D 201 -32.35 -19.00 -25.20
CA ARG D 201 -32.96 -19.85 -26.21
C ARG D 201 -32.40 -21.26 -26.17
N THR D 202 -31.28 -21.46 -25.47
CA THR D 202 -30.69 -22.78 -25.37
C THR D 202 -31.55 -23.70 -24.50
N THR D 203 -31.95 -23.21 -23.33
CA THR D 203 -32.89 -23.87 -22.46
C THR D 203 -34.18 -23.05 -22.51
N LEU D 204 -35.27 -23.59 -21.94
CA LEU D 204 -36.53 -22.87 -21.85
C LEU D 204 -36.93 -22.73 -20.38
N PRO D 205 -36.22 -21.85 -19.63
CA PRO D 205 -36.41 -21.81 -18.19
C PRO D 205 -37.52 -20.87 -17.79
N GLU D 206 -37.66 -20.67 -16.49
CA GLU D 206 -38.50 -19.63 -15.94
C GLU D 206 -37.61 -18.49 -15.44
N ALA D 207 -38.25 -17.47 -14.86
CA ALA D 207 -37.50 -16.33 -14.33
C ALA D 207 -36.80 -16.64 -13.02
N THR D 208 -37.15 -17.75 -12.35
CA THR D 208 -36.55 -18.08 -11.07
C THR D 208 -35.09 -18.51 -11.24
N THR D 209 -34.86 -19.50 -12.11
CA THR D 209 -33.52 -19.98 -12.38
C THR D 209 -32.71 -18.99 -13.21
N LEU D 210 -33.36 -18.00 -13.80
CA LEU D 210 -32.68 -17.04 -14.64
C LEU D 210 -32.33 -15.75 -13.91
N ASP D 211 -33.06 -15.41 -12.84
CA ASP D 211 -32.56 -14.39 -11.92
C ASP D 211 -31.42 -14.93 -11.09
N ALA D 212 -31.39 -16.24 -10.87
CA ALA D 212 -30.25 -16.86 -10.20
C ALA D 212 -29.03 -16.94 -11.10
N LEU D 213 -29.18 -16.68 -12.40
CA LEU D 213 -28.08 -16.75 -13.34
C LEU D 213 -27.58 -15.37 -13.73
N LEU D 214 -27.98 -14.34 -12.99
CA LEU D 214 -27.44 -12.99 -13.10
C LEU D 214 -26.72 -12.54 -11.84
N ASP D 215 -26.87 -13.27 -10.74
CA ASP D 215 -26.20 -12.98 -9.48
C ASP D 215 -24.78 -13.54 -9.45
N LEU D 216 -24.39 -14.21 -10.52
CA LEU D 216 -23.23 -15.08 -10.52
C LEU D 216 -22.01 -14.37 -11.07
N CYS D 217 -20.86 -14.68 -10.48
CA CYS D 217 -19.57 -14.41 -11.11
C CYS D 217 -19.15 -15.73 -11.78
N ARG D 218 -20.02 -16.22 -12.67
CA ARG D 218 -19.91 -17.58 -13.17
C ARG D 218 -18.84 -17.62 -14.25
N ILE D 219 -18.15 -18.74 -14.35
CA ILE D 219 -16.87 -18.81 -15.04
C ILE D 219 -17.03 -19.71 -16.26
N ASN D 220 -16.78 -19.15 -17.43
CA ASN D 220 -17.04 -19.83 -18.69
C ASN D 220 -15.79 -20.55 -19.18
N PHE D 221 -16.00 -21.68 -19.85
CA PHE D 221 -14.89 -22.51 -20.26
C PHE D 221 -14.12 -21.89 -21.41
N GLU D 222 -12.83 -22.18 -21.46
CA GLU D 222 -11.95 -21.57 -22.44
C GLU D 222 -12.15 -22.24 -23.79
N PRO D 223 -12.59 -21.51 -24.83
CA PRO D 223 -12.94 -22.14 -26.11
C PRO D 223 -11.72 -22.52 -26.94
N TRP D 239 -9.29 -19.66 -17.86
CA TRP D 239 -10.62 -19.52 -18.46
C TRP D 239 -11.10 -18.08 -18.44
N GLN D 240 -12.37 -17.87 -18.74
CA GLN D 240 -12.94 -16.53 -18.81
C GLN D 240 -14.21 -16.46 -17.98
N VAL D 241 -14.65 -15.23 -17.71
CA VAL D 241 -15.84 -14.94 -16.93
C VAL D 241 -16.83 -14.24 -17.85
N ARG D 242 -18.10 -14.60 -17.74
CA ARG D 242 -19.15 -13.97 -18.54
C ARG D 242 -19.30 -12.51 -18.14
N ASP D 243 -19.72 -11.69 -19.11
CA ASP D 243 -19.65 -10.23 -19.07
C ASP D 243 -20.52 -9.65 -17.94
N LYS D 244 -20.15 -8.43 -17.52
CA LYS D 244 -20.84 -7.73 -16.44
C LYS D 244 -21.73 -6.64 -16.99
N PRO D 245 -23.05 -6.72 -16.81
CA PRO D 245 -23.91 -5.60 -17.19
C PRO D 245 -23.97 -4.46 -16.18
N GLY D 246 -23.32 -4.61 -15.03
CA GLY D 246 -23.36 -3.64 -13.95
C GLY D 246 -23.32 -4.36 -12.61
N TRP D 247 -23.57 -3.62 -11.53
CA TRP D 247 -23.66 -4.19 -10.19
C TRP D 247 -25.11 -4.58 -9.97
N LEU D 248 -25.45 -5.82 -10.27
CA LEU D 248 -26.82 -6.31 -10.21
C LEU D 248 -27.04 -7.13 -8.95
N VAL D 249 -28.20 -6.93 -8.33
CA VAL D 249 -28.55 -7.61 -7.08
C VAL D 249 -29.97 -8.16 -7.21
N PRO D 250 -30.31 -9.19 -6.43
CA PRO D 250 -31.72 -9.57 -6.32
C PRO D 250 -32.41 -8.72 -5.26
N ILE D 251 -33.61 -8.28 -5.57
CA ILE D 251 -34.38 -7.49 -4.63
C ILE D 251 -35.73 -8.17 -4.44
N PRO D 252 -36.36 -8.06 -3.27
CA PRO D 252 -37.79 -8.34 -3.20
C PRO D 252 -38.54 -7.28 -3.98
N ALA D 253 -39.49 -7.68 -4.80
CA ALA D 253 -40.16 -6.75 -5.68
C ALA D 253 -41.66 -6.70 -5.45
N GLY D 254 -42.12 -7.09 -4.27
CA GLY D 254 -43.52 -6.95 -3.96
C GLY D 254 -44.08 -8.24 -3.41
N TYR D 255 -45.39 -8.38 -3.54
CA TYR D 255 -46.11 -9.53 -3.02
C TYR D 255 -47.09 -10.03 -4.07
N ASN D 256 -47.59 -11.23 -3.84
CA ASN D 256 -48.55 -11.85 -4.74
C ASN D 256 -49.46 -12.71 -3.88
N ALA D 257 -50.76 -12.63 -4.13
CA ALA D 257 -51.73 -13.30 -3.29
C ALA D 257 -51.71 -14.80 -3.48
N LEU D 258 -51.84 -15.51 -2.37
CA LEU D 258 -52.06 -16.95 -2.40
C LEU D 258 -53.37 -17.31 -1.70
N SER D 259 -54.22 -16.30 -1.46
CA SER D 259 -55.52 -16.48 -0.84
C SER D 259 -56.48 -15.46 -1.45
N PRO D 260 -57.78 -15.75 -1.47
CA PRO D 260 -58.75 -14.69 -1.76
C PRO D 260 -58.83 -13.71 -0.60
N LEU D 261 -59.39 -12.54 -0.89
CA LEU D 261 -59.40 -11.46 0.09
C LEU D 261 -60.52 -11.66 1.11
N TYR D 262 -60.17 -11.51 2.38
CA TYR D 262 -61.06 -11.80 3.49
C TYR D 262 -61.70 -10.53 4.02
N LEU D 263 -62.94 -10.67 4.47
CA LEU D 263 -63.69 -9.56 5.05
C LEU D 263 -63.01 -9.12 6.35
N PRO D 264 -63.12 -7.82 6.71
CA PRO D 264 -62.19 -7.27 7.72
C PRO D 264 -62.45 -7.65 9.17
N GLY D 265 -63.27 -8.66 9.43
CA GLY D 265 -63.41 -9.14 10.79
C GLY D 265 -63.26 -10.63 10.95
N GLU D 266 -63.21 -11.37 9.84
CA GLU D 266 -63.30 -12.83 9.90
C GLU D 266 -61.98 -13.52 10.14
N VAL D 267 -60.95 -12.80 10.58
CA VAL D 267 -59.79 -13.39 11.24
C VAL D 267 -59.59 -12.60 12.53
N ARG D 268 -59.53 -13.32 13.66
CA ARG D 268 -59.39 -12.65 14.96
C ARG D 268 -57.96 -12.59 15.45
N ASN D 269 -56.97 -12.59 14.56
CA ASN D 269 -55.58 -12.30 14.93
C ASN D 269 -54.97 -11.25 14.01
N ALA D 270 -55.81 -10.48 13.32
CA ALA D 270 -55.32 -9.45 12.43
C ALA D 270 -54.75 -8.27 13.22
N ARG D 271 -54.09 -7.34 12.52
CA ARG D 271 -53.61 -6.15 13.19
C ARG D 271 -54.74 -5.18 13.54
N ASP D 272 -55.88 -5.30 12.87
CA ASP D 272 -57.02 -4.42 13.10
C ASP D 272 -58.26 -5.04 12.50
N ARG D 273 -59.40 -4.76 13.12
CA ARG D 273 -60.68 -5.25 12.60
C ARG D 273 -61.37 -4.21 11.71
N GLU D 274 -60.65 -3.60 10.77
CA GLU D 274 -61.31 -2.74 9.80
C GLU D 274 -60.68 -2.79 8.41
N THR D 275 -59.70 -3.65 8.17
CA THR D 275 -59.00 -3.72 6.89
C THR D 275 -59.05 -5.15 6.38
N PRO D 276 -59.28 -5.36 5.09
CA PRO D 276 -59.25 -6.72 4.54
C PRO D 276 -57.86 -7.34 4.57
N LEU D 277 -57.85 -8.68 4.51
CA LEU D 277 -56.63 -9.48 4.58
C LEU D 277 -56.46 -10.39 3.37
N ARG D 278 -55.20 -10.55 2.98
CA ARG D 278 -54.75 -11.64 2.12
C ARG D 278 -53.49 -12.27 2.69
N PHE D 279 -53.40 -13.59 2.54
CA PHE D 279 -52.14 -14.29 2.72
C PHE D 279 -51.37 -14.18 1.42
N VAL D 280 -50.15 -13.66 1.46
CA VAL D 280 -49.38 -13.39 0.26
C VAL D 280 -48.05 -14.13 0.34
N GLU D 281 -47.40 -14.22 -0.82
CA GLU D 281 -46.04 -14.69 -0.94
C GLU D 281 -45.16 -13.54 -1.41
N ASN D 282 -43.87 -13.79 -1.54
CA ASN D 282 -42.96 -12.81 -2.10
C ASN D 282 -42.89 -12.91 -3.61
N LEU D 283 -42.14 -11.99 -4.20
CA LEU D 283 -42.16 -11.80 -5.64
C LEU D 283 -40.82 -11.15 -5.96
N PHE D 284 -39.93 -11.88 -6.60
CA PHE D 284 -38.54 -11.48 -6.66
C PHE D 284 -38.19 -10.89 -8.01
N GLY D 285 -37.29 -9.90 -7.98
CA GLY D 285 -36.90 -9.21 -9.18
C GLY D 285 -35.44 -8.80 -9.18
N LEU D 286 -35.08 -7.92 -10.10
CA LEU D 286 -33.70 -7.52 -10.31
C LEU D 286 -33.56 -6.03 -10.07
N GLY D 287 -32.42 -5.63 -9.54
CA GLY D 287 -32.12 -4.24 -9.35
C GLY D 287 -30.64 -3.97 -9.55
N GLU D 288 -30.29 -2.70 -9.64
CA GLU D 288 -28.90 -2.33 -9.89
C GLU D 288 -28.51 -1.16 -9.01
N TRP D 289 -27.33 -1.26 -8.40
CA TRP D 289 -26.72 -0.12 -7.74
C TRP D 289 -25.86 0.63 -8.75
N LEU D 290 -26.10 1.94 -8.86
CA LEU D 290 -25.40 2.75 -9.85
C LEU D 290 -25.11 4.12 -9.28
N SER D 291 -23.99 4.69 -9.72
CA SER D 291 -23.63 6.05 -9.33
C SER D 291 -24.64 7.04 -9.91
N PRO D 292 -24.98 8.10 -9.17
CA PRO D 292 -26.03 9.02 -9.66
C PRO D 292 -25.61 9.95 -10.78
N HIS D 293 -24.41 9.77 -11.34
CA HIS D 293 -24.02 10.50 -12.54
C HIS D 293 -24.57 9.86 -13.80
N ARG D 294 -24.89 8.56 -13.77
CA ARG D 294 -25.62 7.95 -14.86
C ARG D 294 -27.07 8.39 -14.92
N VAL D 295 -27.56 9.05 -13.88
CA VAL D 295 -28.95 9.47 -13.80
C VAL D 295 -29.11 10.77 -14.57
N ALA D 296 -30.00 10.79 -15.55
CA ALA D 296 -30.30 12.01 -16.28
C ALA D 296 -31.07 12.99 -15.40
N ALA D 297 -32.26 12.58 -14.95
CA ALA D 297 -33.08 13.38 -14.05
C ALA D 297 -33.32 12.61 -12.77
N LEU D 298 -33.13 13.26 -11.63
CA LEU D 298 -33.24 12.58 -10.35
C LEU D 298 -34.67 12.23 -9.97
N SER D 299 -35.67 12.76 -10.67
CA SER D 299 -37.03 12.32 -10.44
C SER D 299 -37.30 10.97 -11.05
N ASP D 300 -36.45 10.51 -11.98
CA ASP D 300 -36.60 9.18 -12.54
C ASP D 300 -36.10 8.09 -11.61
N LEU D 301 -35.46 8.46 -10.52
CA LEU D 301 -34.82 7.56 -9.58
C LEU D 301 -35.75 7.17 -8.43
N LEU D 302 -37.02 7.55 -8.49
CA LEU D 302 -37.89 7.42 -7.33
C LEU D 302 -38.65 6.10 -7.32
N TRP D 303 -38.94 5.60 -6.12
CA TRP D 303 -39.65 4.35 -5.91
C TRP D 303 -41.11 4.61 -5.57
N TYR D 304 -42.00 3.97 -6.30
CA TYR D 304 -43.43 4.02 -6.07
C TYR D 304 -43.90 2.60 -5.82
N HIS D 305 -45.11 2.44 -5.28
CA HIS D 305 -45.74 1.14 -5.31
C HIS D 305 -47.14 1.24 -5.89
N HIS D 306 -47.40 0.45 -6.92
CA HIS D 306 -48.72 0.30 -7.49
C HIS D 306 -49.28 -1.07 -7.12
N ALA D 307 -50.58 -1.15 -6.96
CA ALA D 307 -51.23 -2.39 -6.65
C ALA D 307 -52.26 -2.71 -7.72
N GLU D 308 -52.48 -4.00 -7.94
CA GLU D 308 -53.60 -4.48 -8.72
C GLU D 308 -54.41 -5.36 -7.78
N PRO D 309 -55.29 -4.77 -6.97
CA PRO D 309 -56.04 -5.59 -6.00
C PRO D 309 -57.14 -6.44 -6.61
N ASP D 310 -57.46 -6.28 -7.90
CA ASP D 310 -58.35 -7.23 -8.56
C ASP D 310 -57.59 -8.51 -8.90
N LYS D 311 -56.30 -8.38 -9.17
CA LYS D 311 -55.35 -9.49 -9.19
C LYS D 311 -54.85 -9.60 -7.75
N GLY D 312 -53.76 -10.31 -7.49
CA GLY D 312 -53.22 -10.25 -6.17
C GLY D 312 -51.88 -9.55 -6.10
N LEU D 313 -51.58 -8.75 -7.10
CA LEU D 313 -50.26 -8.14 -7.23
C LEU D 313 -50.18 -6.87 -6.40
N TYR D 314 -49.25 -6.86 -5.45
CA TYR D 314 -48.95 -5.69 -4.62
C TYR D 314 -47.45 -5.49 -4.78
N ARG D 315 -47.03 -4.60 -5.65
CA ARG D 315 -45.60 -4.53 -5.94
C ARG D 315 -45.13 -3.08 -5.99
N TRP D 316 -43.81 -2.94 -6.12
CA TRP D 316 -43.17 -1.64 -6.12
C TRP D 316 -42.03 -1.65 -7.13
N SER D 317 -41.76 -0.49 -7.71
CA SER D 317 -40.70 -0.36 -8.69
C SER D 317 -40.32 1.11 -8.81
N THR D 318 -39.26 1.37 -9.57
CA THR D 318 -39.02 2.70 -10.10
C THR D 318 -39.57 2.71 -11.51
N PRO D 319 -40.71 3.33 -11.77
CA PRO D 319 -41.11 3.59 -13.16
C PRO D 319 -40.26 4.74 -13.69
N ARG D 320 -40.53 5.11 -14.95
CA ARG D 320 -39.89 6.21 -15.71
C ARG D 320 -38.36 6.19 -15.65
N PHE D 321 -37.73 5.05 -15.42
CA PHE D 321 -36.29 4.89 -15.50
C PHE D 321 -36.01 4.03 -16.72
N VAL D 322 -35.64 4.66 -17.82
CA VAL D 322 -35.33 3.95 -19.05
C VAL D 322 -33.91 3.39 -19.00
N LEU E 24 -0.49 20.54 -50.51
CA LEU E 24 -1.60 19.63 -50.78
C LEU E 24 -2.47 19.48 -49.54
N SER E 25 -1.80 19.52 -48.38
CA SER E 25 -2.41 19.74 -47.08
C SER E 25 -1.31 20.12 -46.11
N THR E 26 -1.72 20.48 -44.90
CA THR E 26 -0.80 20.88 -43.84
C THR E 26 -0.12 19.65 -43.27
N ALA E 27 1.17 19.77 -42.97
CA ALA E 27 1.91 18.71 -42.28
C ALA E 27 1.46 18.60 -40.83
N SER E 28 2.12 17.72 -40.08
CA SER E 28 1.78 17.53 -38.68
C SER E 28 2.80 18.09 -37.72
N VAL E 29 4.07 18.08 -38.11
CA VAL E 29 5.15 18.56 -37.25
C VAL E 29 5.89 19.63 -38.02
N LEU E 30 5.87 20.85 -37.50
CA LEU E 30 6.53 21.97 -38.13
C LEU E 30 6.91 22.98 -37.07
N ALA E 31 8.15 23.44 -37.12
CA ALA E 31 8.65 24.45 -36.20
C ALA E 31 9.59 25.37 -36.95
N PHE E 32 9.57 26.64 -36.57
CA PHE E 32 10.49 27.64 -37.07
C PHE E 32 11.33 28.17 -35.94
N GLU E 33 12.43 28.80 -36.31
CA GLU E 33 13.42 29.27 -35.36
C GLU E 33 13.41 30.80 -35.26
N ARG E 34 13.82 31.27 -34.09
CA ARG E 34 13.75 32.67 -33.70
C ARG E 34 14.77 33.49 -34.46
N LYS E 35 14.34 34.12 -35.54
CA LYS E 35 15.12 35.21 -36.12
C LYS E 35 14.83 36.47 -35.33
N LEU E 36 15.75 37.43 -35.42
CA LEU E 36 15.82 38.61 -34.54
C LEU E 36 15.86 38.19 -33.07
N ASP E 37 16.97 37.54 -32.73
CA ASP E 37 17.17 37.10 -31.35
C ASP E 37 18.01 38.10 -30.58
N PRO E 38 17.45 38.75 -29.58
CA PRO E 38 18.24 39.61 -28.72
C PRO E 38 18.87 38.78 -27.61
N SER E 39 19.84 39.39 -26.95
CA SER E 39 20.45 38.82 -25.76
C SER E 39 19.88 39.55 -24.55
N ASP E 40 20.19 39.01 -23.36
CA ASP E 40 19.72 39.63 -22.12
C ASP E 40 20.39 40.98 -21.94
N ALA E 41 19.57 42.02 -21.74
CA ALA E 41 20.07 43.38 -21.68
C ALA E 41 20.46 43.70 -20.25
N LEU E 42 21.76 43.77 -20.00
CA LEU E 42 22.24 44.14 -18.69
C LEU E 42 22.11 45.65 -18.50
N MET E 43 21.68 46.06 -17.31
CA MET E 43 21.39 47.46 -17.03
C MET E 43 22.38 47.97 -15.99
N SER E 44 23.18 48.95 -16.38
CA SER E 44 24.11 49.61 -15.49
C SER E 44 23.71 51.07 -15.32
N ALA E 45 23.99 51.62 -14.15
CA ALA E 45 23.75 53.04 -13.91
C ALA E 45 25.04 53.81 -14.19
N GLY E 46 25.07 55.07 -13.83
CA GLY E 46 26.27 55.88 -13.97
C GLY E 46 25.92 57.34 -14.13
N ALA E 47 26.86 58.20 -13.75
CA ALA E 47 26.66 59.64 -13.80
C ALA E 47 26.83 60.16 -15.21
N TRP E 48 26.03 61.17 -15.57
CA TRP E 48 26.11 61.83 -16.86
C TRP E 48 27.42 62.61 -16.97
N ALA E 49 27.70 63.10 -18.18
CA ALA E 49 28.95 63.75 -18.62
C ALA E 49 30.15 62.80 -18.56
N GLN E 50 29.88 61.50 -18.52
CA GLN E 50 30.87 60.45 -18.73
C GLN E 50 30.38 59.51 -19.83
N ARG E 51 29.65 60.06 -20.81
CA ARG E 51 28.81 59.25 -21.69
C ARG E 51 29.63 58.49 -22.72
N ASP E 52 30.47 59.19 -23.48
CA ASP E 52 31.29 58.49 -24.44
C ASP E 52 32.46 57.77 -23.78
N ALA E 53 32.88 58.22 -22.61
CA ALA E 53 33.86 57.49 -21.81
C ALA E 53 33.15 56.64 -20.76
N SER E 54 32.26 55.77 -21.24
CA SER E 54 31.48 54.87 -20.39
C SER E 54 32.05 53.45 -20.42
N GLN E 55 33.38 53.33 -20.44
CA GLN E 55 34.01 52.02 -20.34
C GLN E 55 33.72 51.37 -19.00
N GLU E 56 33.82 52.15 -17.92
CA GLU E 56 33.57 51.65 -16.57
C GLU E 56 32.44 52.49 -15.98
N TRP E 57 31.21 52.08 -16.23
CA TRP E 57 30.15 52.46 -15.33
C TRP E 57 29.71 51.22 -14.58
N PRO E 58 29.57 51.29 -13.26
CA PRO E 58 29.15 50.10 -12.50
C PRO E 58 27.70 49.77 -12.76
N ALA E 59 27.35 48.53 -12.50
CA ALA E 59 25.97 48.08 -12.60
C ALA E 59 25.31 48.11 -11.23
N VAL E 60 24.00 47.88 -11.23
CA VAL E 60 23.19 47.88 -10.02
C VAL E 60 23.60 46.73 -9.11
N THR E 61 24.22 47.06 -7.99
CA THR E 61 24.82 46.07 -7.10
C THR E 61 23.89 45.80 -5.93
N VAL E 62 23.29 44.61 -5.93
CA VAL E 62 22.37 44.25 -4.87
C VAL E 62 23.05 43.37 -3.82
N ALA E 100 20.38 46.04 -2.63
CA ALA E 100 19.31 46.65 -3.40
C ALA E 100 19.13 48.12 -3.02
N ASN E 101 20.23 48.85 -2.95
CA ASN E 101 20.22 50.27 -2.55
C ASN E 101 20.82 51.09 -3.67
N LEU E 102 20.06 52.11 -4.14
CA LEU E 102 20.53 52.84 -5.31
C LEU E 102 20.89 54.29 -4.99
N PRO E 103 22.04 54.77 -5.49
CA PRO E 103 22.56 56.07 -5.08
C PRO E 103 21.82 57.28 -5.65
N SER E 104 22.42 58.45 -5.46
CA SER E 104 21.96 59.68 -6.10
C SER E 104 23.03 60.34 -6.96
N ASP E 105 24.28 59.84 -6.94
CA ASP E 105 25.29 60.32 -7.85
C ASP E 105 24.93 59.99 -9.30
N ALA E 106 24.62 58.73 -9.56
CA ALA E 106 24.26 58.29 -10.90
C ALA E 106 22.92 58.87 -11.28
N ASP E 107 22.87 59.58 -12.41
CA ASP E 107 21.64 60.23 -12.84
C ASP E 107 21.05 59.68 -14.13
N THR E 108 21.63 58.64 -14.73
CA THR E 108 21.11 58.07 -15.95
C THR E 108 21.40 56.57 -15.98
N LEU E 109 20.74 55.88 -16.90
CA LEU E 109 20.78 54.44 -17.02
C LEU E 109 21.59 54.08 -18.26
N LYS E 110 21.87 52.78 -18.42
CA LYS E 110 22.68 52.28 -19.53
C LYS E 110 22.25 50.85 -19.78
N VAL E 111 21.58 50.61 -20.91
CA VAL E 111 20.99 49.31 -21.21
C VAL E 111 21.58 48.83 -22.53
N ARG E 112 22.32 47.72 -22.47
CA ARG E 112 23.05 47.23 -23.62
C ARG E 112 22.69 45.79 -23.91
N PHE E 113 22.33 45.52 -25.15
CA PHE E 113 22.16 44.15 -25.59
C PHE E 113 22.59 44.07 -27.04
N THR E 114 22.99 42.89 -27.44
CA THR E 114 23.36 42.63 -28.81
C THR E 114 22.21 41.95 -29.52
N LEU E 115 22.13 42.14 -30.82
CA LEU E 115 21.01 41.67 -31.61
C LEU E 115 21.54 41.05 -32.88
N ARG E 116 21.16 39.81 -33.16
CA ARG E 116 21.56 39.13 -34.37
C ARG E 116 20.37 39.06 -35.31
N VAL E 117 20.59 39.45 -36.56
CA VAL E 117 19.56 39.41 -37.59
C VAL E 117 19.96 38.30 -38.55
N LEU E 118 19.29 37.16 -38.46
CA LEU E 118 19.89 35.93 -38.98
C LEU E 118 19.71 35.76 -40.49
N GLY E 119 18.47 35.62 -40.95
CA GLY E 119 18.29 35.32 -42.35
C GLY E 119 17.58 34.00 -42.57
N GLY E 120 16.87 33.89 -43.68
CA GLY E 120 15.93 32.81 -43.88
C GLY E 120 14.58 33.19 -43.29
N ALA E 121 13.49 32.98 -44.02
CA ALA E 121 12.19 33.33 -43.48
C ALA E 121 11.27 32.13 -43.36
N GLY E 122 11.04 31.41 -44.44
CA GLY E 122 10.06 30.35 -44.45
C GLY E 122 10.67 28.98 -44.52
N THR E 123 11.93 28.87 -44.13
CA THR E 123 12.62 27.59 -44.06
C THR E 123 12.45 27.02 -42.67
N PRO E 124 11.70 25.94 -42.48
CA PRO E 124 11.54 25.39 -41.12
C PRO E 124 12.81 24.69 -40.66
N SER E 125 12.98 24.69 -39.34
CA SER E 125 14.01 23.83 -38.76
C SER E 125 13.64 22.36 -38.92
N ALA E 126 12.38 22.01 -38.68
CA ALA E 126 11.96 20.62 -38.70
C ALA E 126 10.55 20.55 -39.30
N CYS E 127 10.48 20.22 -40.58
CA CYS E 127 9.22 20.06 -41.28
C CYS E 127 8.81 18.59 -41.25
N ASN E 128 7.70 18.27 -41.93
CA ASN E 128 7.24 16.88 -41.98
C ASN E 128 6.77 16.46 -43.37
N ASP E 129 6.42 17.37 -44.26
CA ASP E 129 5.96 17.05 -45.60
C ASP E 129 6.75 17.89 -46.61
N ALA E 130 7.29 17.24 -47.64
CA ALA E 130 8.16 17.92 -48.58
C ALA E 130 7.40 18.76 -49.60
N ALA E 131 6.20 18.34 -49.99
CA ALA E 131 5.39 19.17 -50.86
C ALA E 131 4.93 20.44 -50.16
N TYR E 132 4.53 20.33 -48.90
CA TYR E 132 4.23 21.49 -48.09
C TYR E 132 5.46 22.35 -47.86
N ARG E 133 6.63 21.72 -47.71
CA ARG E 133 7.90 22.42 -47.58
C ARG E 133 8.17 23.30 -48.80
N ASP E 134 8.08 22.72 -50.00
CA ASP E 134 8.37 23.52 -51.19
C ASP E 134 7.27 24.52 -51.49
N LYS E 135 6.01 24.22 -51.14
CA LYS E 135 4.94 25.19 -51.33
C LYS E 135 5.11 26.40 -50.41
N LEU E 136 5.51 26.17 -49.16
CA LEU E 136 5.78 27.26 -48.24
C LEU E 136 7.01 28.07 -48.65
N LEU E 137 8.06 27.41 -49.14
CA LEU E 137 9.21 28.14 -49.64
C LEU E 137 8.91 28.92 -50.92
N GLN E 138 8.02 28.44 -51.78
CA GLN E 138 7.65 29.23 -52.94
C GLN E 138 6.65 30.32 -52.60
N THR E 139 5.88 30.18 -51.52
CA THR E 139 5.07 31.29 -51.05
C THR E 139 5.95 32.40 -50.49
N VAL E 140 6.97 32.05 -49.71
CA VAL E 140 7.93 33.05 -49.24
C VAL E 140 8.74 33.61 -50.42
N ALA E 141 8.98 32.80 -51.45
CA ALA E 141 9.62 33.29 -52.67
C ALA E 141 8.76 34.27 -53.45
N THR E 142 7.46 34.06 -53.54
CA THR E 142 6.59 35.03 -54.18
C THR E 142 6.37 36.26 -53.33
N TYR E 143 6.47 36.14 -52.00
CA TYR E 143 6.49 37.32 -51.15
C TYR E 143 7.76 38.14 -51.34
N VAL E 144 8.91 37.48 -51.47
CA VAL E 144 10.17 38.20 -51.50
C VAL E 144 10.52 38.68 -52.91
N ASN E 145 9.90 38.12 -53.94
CA ASN E 145 10.03 38.71 -55.28
C ASN E 145 9.23 40.00 -55.39
N ASP E 146 8.08 40.07 -54.70
CA ASP E 146 7.26 41.27 -54.67
C ASP E 146 8.00 42.45 -54.10
N GLN E 147 8.64 42.24 -52.95
CA GLN E 147 9.33 43.29 -52.22
C GLN E 147 10.33 42.65 -51.29
N GLY E 148 11.23 43.46 -50.76
CA GLY E 148 12.16 43.00 -49.75
C GLY E 148 11.49 42.84 -48.41
N PHE E 149 12.30 42.71 -47.39
CA PHE E 149 11.81 42.72 -46.02
C PHE E 149 11.75 44.12 -45.45
N ALA E 150 11.93 45.14 -46.30
CA ALA E 150 12.22 46.49 -45.84
C ALA E 150 11.02 47.16 -45.20
N GLU E 151 9.80 46.76 -45.55
CA GLU E 151 8.62 47.32 -44.88
C GLU E 151 8.50 46.80 -43.46
N LEU E 152 8.77 45.51 -43.25
CA LEU E 152 8.90 45.00 -41.89
C LEU E 152 10.17 45.52 -41.23
N ALA E 153 11.23 45.70 -42.01
CA ALA E 153 12.51 46.08 -41.42
C ALA E 153 12.49 47.52 -40.92
N ARG E 154 11.77 48.42 -41.59
CA ARG E 154 11.67 49.77 -41.08
C ARG E 154 10.79 49.83 -39.85
N ARG E 155 9.84 48.91 -39.71
CA ARG E 155 9.05 48.90 -38.50
C ARG E 155 9.78 48.25 -37.34
N TYR E 156 10.68 47.30 -37.61
CA TYR E 156 11.60 46.86 -36.57
C TYR E 156 12.59 47.95 -36.21
N ALA E 157 13.03 48.73 -37.20
CA ALA E 157 13.93 49.84 -36.95
C ALA E 157 13.26 50.95 -36.15
N HIS E 158 11.94 51.07 -36.26
CA HIS E 158 11.20 52.02 -35.43
C HIS E 158 11.26 51.63 -33.96
N ASN E 159 11.10 50.34 -33.66
CA ASN E 159 11.20 49.90 -32.27
C ASN E 159 12.64 49.95 -31.78
N LEU E 160 13.61 49.81 -32.70
CA LEU E 160 14.99 50.03 -32.34
C LEU E 160 15.28 51.50 -32.10
N ALA E 161 14.52 52.38 -32.75
CA ALA E 161 14.85 53.81 -32.77
C ALA E 161 14.64 54.45 -31.40
N ASN E 162 13.51 54.17 -30.77
CA ASN E 162 13.32 54.58 -29.39
C ASN E 162 13.89 53.50 -28.47
N ALA E 163 13.79 53.74 -27.17
CA ALA E 163 14.05 52.68 -26.21
C ALA E 163 12.74 52.11 -25.67
N ARG E 164 11.92 51.52 -26.55
CA ARG E 164 10.69 50.90 -26.03
C ARG E 164 10.94 49.54 -25.43
N PHE E 165 12.18 49.04 -25.50
CA PHE E 165 12.60 47.89 -24.70
C PHE E 165 12.83 48.25 -23.25
N LEU E 166 12.88 49.54 -22.93
CA LEU E 166 12.69 49.99 -21.55
C LEU E 166 11.20 50.10 -21.32
N TRP E 167 10.64 49.15 -20.56
CA TRP E 167 9.19 49.05 -20.48
C TRP E 167 8.60 50.13 -19.58
N ARG E 168 8.95 50.13 -18.29
CA ARG E 168 8.54 51.22 -17.41
C ARG E 168 9.72 52.06 -16.94
N ASN E 169 10.95 51.74 -17.35
CA ASN E 169 12.09 52.61 -17.11
C ASN E 169 12.22 53.70 -18.15
N ARG E 170 11.27 53.78 -19.09
CA ARG E 170 11.22 54.83 -20.08
C ARG E 170 10.10 55.83 -19.82
N VAL E 171 8.92 55.37 -19.40
CA VAL E 171 7.87 56.30 -19.04
C VAL E 171 8.24 56.97 -17.71
N GLY E 172 8.32 58.29 -17.74
CA GLY E 172 8.91 59.04 -16.64
C GLY E 172 10.35 59.42 -16.85
N ALA E 173 10.76 59.72 -18.09
CA ALA E 173 12.13 60.07 -18.39
C ALA E 173 12.18 61.36 -19.20
N GLU E 174 13.23 62.14 -18.98
CA GLU E 174 13.35 63.47 -19.57
C GLU E 174 14.14 63.49 -20.86
N ALA E 175 15.09 62.57 -21.06
CA ALA E 175 15.82 62.47 -22.33
C ALA E 175 16.38 61.06 -22.45
N VAL E 176 15.99 60.35 -23.50
CA VAL E 176 16.48 58.99 -23.73
C VAL E 176 17.13 58.95 -25.11
N GLU E 177 18.38 58.47 -25.16
CA GLU E 177 19.14 58.38 -26.40
C GLU E 177 19.57 56.95 -26.64
N VAL E 178 19.40 56.48 -27.87
CA VAL E 178 19.68 55.10 -28.25
C VAL E 178 20.76 55.10 -29.33
N ARG E 179 21.81 54.30 -29.12
CA ARG E 179 22.95 54.24 -30.01
C ARG E 179 23.11 52.82 -30.54
N ILE E 180 22.94 52.63 -31.84
CA ILE E 180 23.01 51.32 -32.49
C ILE E 180 24.28 51.25 -33.31
N ASN E 181 25.06 50.18 -33.12
CA ASN E 181 26.36 50.03 -33.76
C ASN E 181 26.37 48.72 -34.53
N HIS E 182 26.58 48.81 -35.85
CA HIS E 182 26.70 47.64 -36.72
C HIS E 182 28.16 47.23 -36.83
N ILE E 183 28.53 46.11 -36.23
CA ILE E 183 29.92 45.73 -36.05
C ILE E 183 30.23 44.48 -36.86
N ARG E 184 31.35 44.52 -37.57
CA ARG E 184 31.88 43.39 -38.33
C ARG E 184 32.95 42.62 -37.56
N GLN E 185 33.82 43.33 -36.87
CA GLN E 185 34.74 42.74 -35.91
C GLN E 185 34.52 43.49 -34.61
N GLY E 186 35.47 43.42 -33.68
CA GLY E 186 35.43 44.33 -32.54
C GLY E 186 35.45 45.80 -32.95
N GLU E 187 36.02 46.11 -34.11
CA GLU E 187 35.91 47.45 -34.67
C GLU E 187 34.46 47.77 -35.06
N VAL E 188 34.03 48.98 -34.74
CA VAL E 188 32.70 49.46 -35.10
C VAL E 188 32.73 49.98 -36.53
N ALA E 189 31.77 49.56 -37.34
CA ALA E 189 31.76 49.93 -38.75
C ALA E 189 30.90 51.14 -39.07
N ARG E 190 29.71 51.26 -38.47
CA ARG E 190 28.89 52.44 -38.67
C ARG E 190 28.02 52.60 -37.43
N ALA E 191 27.90 53.83 -36.95
CA ALA E 191 27.18 54.13 -35.73
C ALA E 191 25.93 54.95 -36.02
N TRP E 192 25.02 54.95 -35.06
CA TRP E 192 23.77 55.68 -35.13
C TRP E 192 23.49 56.31 -33.77
N ARG E 193 22.77 57.43 -33.79
CA ARG E 193 22.26 58.05 -32.56
C ARG E 193 20.85 58.52 -32.83
N PHE E 194 19.92 58.14 -31.95
CA PHE E 194 18.52 58.56 -32.05
C PHE E 194 18.08 59.14 -30.72
N ASP E 195 17.04 59.97 -30.75
CA ASP E 195 16.44 60.54 -29.55
C ASP E 195 15.08 59.90 -29.33
N ALA E 196 14.94 59.16 -28.25
CA ALA E 196 13.79 58.26 -28.09
C ALA E 196 12.50 59.04 -27.83
N LEU E 197 12.57 60.12 -27.07
CA LEU E 197 11.36 60.90 -26.80
C LEU E 197 10.91 61.67 -28.03
N ALA E 198 11.84 62.02 -28.92
CA ALA E 198 11.53 62.89 -30.04
C ALA E 198 11.17 62.13 -31.32
N ILE E 199 11.14 60.80 -31.30
CA ILE E 199 10.89 60.02 -32.51
C ILE E 199 9.69 59.13 -32.28
N GLY E 200 8.54 59.54 -32.84
CA GLY E 200 7.43 58.66 -33.13
C GLY E 200 6.75 57.94 -31.99
N LEU E 201 7.02 56.63 -31.91
CA LEU E 201 6.52 55.57 -31.02
C LEU E 201 5.08 55.18 -31.38
N ARG E 202 4.40 55.91 -32.26
CA ARG E 202 3.06 55.51 -32.69
C ARG E 202 2.99 55.21 -34.19
N ASP E 203 3.24 56.19 -35.05
CA ASP E 203 2.80 56.10 -36.44
C ASP E 203 3.58 57.08 -37.31
N PHE E 204 2.99 57.40 -38.48
CA PHE E 204 3.28 58.37 -39.54
C PHE E 204 4.56 58.10 -40.31
N LYS E 205 5.36 57.13 -39.83
CA LYS E 205 6.33 56.38 -40.65
C LYS E 205 7.39 57.28 -41.30
N ALA E 206 7.86 58.26 -40.53
CA ALA E 206 8.65 59.33 -41.15
C ALA E 206 9.75 59.77 -40.18
N ASP E 207 10.99 59.41 -40.52
CA ASP E 207 12.18 60.02 -39.94
C ASP E 207 13.35 59.73 -40.89
N ALA E 208 14.14 60.76 -41.17
CA ALA E 208 15.26 60.61 -42.10
C ALA E 208 16.38 59.81 -41.43
N GLU E 209 17.30 59.33 -42.27
CA GLU E 209 18.52 58.55 -41.97
C GLU E 209 18.28 57.27 -41.16
N LEU E 210 17.01 56.89 -40.97
CA LEU E 210 16.61 55.63 -40.39
C LEU E 210 16.36 54.58 -41.46
N ASP E 211 16.26 55.01 -42.72
CA ASP E 211 16.08 54.07 -43.81
C ASP E 211 17.33 53.24 -44.08
N ALA E 212 18.51 53.74 -43.72
CA ALA E 212 19.71 52.90 -43.84
C ALA E 212 19.70 51.78 -42.81
N LEU E 213 19.24 52.07 -41.59
CA LEU E 213 19.05 51.03 -40.59
C LEU E 213 17.94 50.07 -40.99
N ALA E 214 17.00 50.51 -41.82
CA ALA E 214 15.99 49.62 -42.35
C ALA E 214 16.56 48.70 -43.42
N GLU E 215 17.34 49.25 -44.35
CA GLU E 215 17.96 48.46 -45.41
C GLU E 215 18.97 47.46 -44.87
N LEU E 216 19.63 47.78 -43.76
CA LEU E 216 20.53 46.83 -43.11
C LEU E 216 19.78 45.58 -42.63
N ILE E 217 18.67 45.78 -41.93
CA ILE E 217 17.89 44.67 -41.41
C ILE E 217 17.19 43.93 -42.55
N ALA E 218 16.83 44.64 -43.62
CA ALA E 218 16.27 43.96 -44.78
C ALA E 218 17.30 43.07 -45.47
N SER E 219 18.55 43.52 -45.52
CA SER E 219 19.62 42.67 -46.05
C SER E 219 19.88 41.48 -45.14
N GLY E 220 19.86 41.71 -43.82
CA GLY E 220 20.14 40.64 -42.88
C GLY E 220 19.03 39.61 -42.78
N LEU E 221 17.78 40.03 -42.98
CA LEU E 221 16.67 39.07 -43.05
C LEU E 221 16.60 38.40 -44.40
N SER E 222 16.98 39.09 -45.46
CA SER E 222 17.07 38.45 -46.77
C SER E 222 18.38 37.71 -46.96
N GLY E 223 19.35 37.90 -46.08
CA GLY E 223 20.58 37.14 -46.10
C GLY E 223 21.73 37.77 -46.87
N SER E 224 21.65 39.06 -47.18
CA SER E 224 22.69 39.71 -47.98
C SER E 224 23.91 40.14 -47.16
N GLY E 225 24.06 39.62 -45.94
CA GLY E 225 25.20 39.94 -45.11
C GLY E 225 24.98 39.52 -43.69
N HIS E 226 26.05 39.21 -42.96
CA HIS E 226 25.94 39.00 -41.53
C HIS E 226 25.72 40.34 -40.85
N VAL E 227 24.70 40.43 -40.01
CA VAL E 227 24.35 41.67 -39.33
C VAL E 227 24.40 41.42 -37.83
N LEU E 228 25.25 42.16 -37.13
CA LEU E 228 25.32 42.13 -35.68
C LEU E 228 25.20 43.56 -35.18
N LEU E 229 24.25 43.79 -34.28
CA LEU E 229 23.93 45.13 -33.82
C LEU E 229 24.13 45.19 -32.31
N GLU E 230 24.88 46.19 -31.88
CA GLU E 230 25.26 46.36 -30.49
C GLU E 230 24.69 47.67 -29.99
N VAL E 231 23.59 47.61 -29.24
CA VAL E 231 22.82 48.80 -28.94
C VAL E 231 23.09 49.22 -27.50
N VAL E 232 22.95 50.52 -27.24
CA VAL E 232 23.12 51.12 -25.92
C VAL E 232 21.98 52.12 -25.76
N ALA E 233 21.35 52.13 -24.57
CA ALA E 233 20.24 53.06 -24.31
C ALA E 233 20.53 53.82 -23.03
N PHE E 234 20.60 55.15 -23.14
CA PHE E 234 20.83 56.03 -22.00
C PHE E 234 19.50 56.67 -21.60
N ALA E 235 18.98 56.29 -20.45
CA ALA E 235 17.70 56.80 -19.97
C ALA E 235 17.94 57.76 -18.81
N ARG E 236 17.70 59.04 -19.04
CA ARG E 236 17.68 60.04 -17.96
C ARG E 236 16.36 59.92 -17.23
N ILE E 237 16.26 58.89 -16.39
CA ILE E 237 15.08 58.66 -15.58
C ILE E 237 15.05 59.60 -14.38
N GLY E 238 16.15 60.30 -14.12
CA GLY E 238 16.27 61.20 -13.00
C GLY E 238 17.49 60.88 -12.17
N ASP E 239 17.72 61.73 -11.16
CA ASP E 239 18.95 61.71 -10.38
C ASP E 239 18.91 60.55 -9.39
N GLY E 240 19.00 59.34 -9.91
CA GLY E 240 19.10 58.16 -9.09
C GLY E 240 17.85 57.74 -8.34
N GLN E 241 16.75 57.52 -9.06
CA GLN E 241 15.63 56.79 -8.48
C GLN E 241 15.93 55.30 -8.52
N GLU E 242 15.00 54.51 -8.01
CA GLU E 242 15.16 53.06 -7.99
C GLU E 242 14.43 52.48 -9.20
N VAL E 243 15.21 52.04 -10.19
CA VAL E 243 14.71 51.42 -11.41
C VAL E 243 14.24 50.01 -11.12
N PHE E 244 13.61 49.38 -12.10
CA PHE E 244 12.93 48.11 -11.91
C PHE E 244 13.39 47.11 -12.96
N PRO E 245 14.23 46.15 -12.61
CA PRO E 245 14.53 45.05 -13.51
C PRO E 245 13.39 44.03 -13.55
N SER E 246 13.60 42.98 -14.33
CA SER E 246 12.66 41.87 -14.38
C SER E 246 12.66 41.10 -13.06
N GLN E 247 11.65 40.27 -12.89
CA GLN E 247 11.48 39.56 -11.63
C GLN E 247 11.12 38.10 -11.86
N GLU E 248 11.82 37.22 -11.16
CA GLU E 248 11.75 35.78 -11.28
C GLU E 248 10.68 35.24 -10.33
N LEU E 249 10.69 33.94 -10.07
CA LEU E 249 9.90 33.38 -8.98
C LEU E 249 10.72 33.33 -7.71
N LYS E 262 9.17 37.01 -4.51
CA LYS E 262 9.69 38.17 -5.23
C LYS E 262 11.19 38.33 -5.09
N THR E 263 11.91 38.23 -6.20
CA THR E 263 13.32 38.57 -6.25
C THR E 263 13.60 39.13 -7.64
N LEU E 264 14.39 40.20 -7.68
CA LEU E 264 14.77 40.84 -8.93
C LEU E 264 15.70 39.94 -9.74
N TYR E 265 15.57 40.00 -11.06
CA TYR E 265 16.34 39.16 -11.96
C TYR E 265 17.76 39.70 -12.11
N SER E 266 18.74 38.80 -12.02
CA SER E 266 20.15 39.16 -12.09
C SER E 266 20.81 38.38 -13.22
N VAL E 267 22.09 38.66 -13.44
CA VAL E 267 22.87 37.84 -14.36
C VAL E 267 24.09 37.31 -13.61
N ARG E 268 24.90 38.21 -13.06
CA ARG E 268 26.12 37.76 -12.37
C ARG E 268 26.34 38.44 -11.03
N ASP E 269 25.29 39.02 -10.42
CA ASP E 269 25.12 40.18 -9.52
C ASP E 269 24.97 41.52 -10.25
N ALA E 270 24.49 41.49 -11.48
CA ALA E 270 24.07 42.71 -12.16
C ALA E 270 22.65 42.52 -12.67
N ALA E 271 21.79 43.50 -12.43
CA ALA E 271 20.38 43.38 -12.80
C ALA E 271 20.22 43.50 -14.32
N ALA E 272 19.18 42.86 -14.84
CA ALA E 272 18.99 42.82 -16.28
C ALA E 272 17.54 42.52 -16.61
N ILE E 273 17.25 42.51 -17.91
CA ILE E 273 15.93 42.22 -18.44
C ILE E 273 16.04 40.92 -19.23
N HIS E 274 15.00 40.09 -19.19
CA HIS E 274 14.97 38.87 -19.99
C HIS E 274 15.01 39.20 -21.48
N SER E 275 15.55 38.27 -22.26
CA SER E 275 15.65 38.49 -23.69
C SER E 275 14.33 38.28 -24.41
N GLN E 276 13.39 37.57 -23.81
CA GLN E 276 12.04 37.52 -24.38
C GLN E 276 11.27 38.79 -24.09
N LYS E 277 11.63 39.53 -23.06
CA LYS E 277 11.02 40.81 -22.74
C LYS E 277 11.67 41.95 -23.51
N ILE E 278 12.99 41.90 -23.70
CA ILE E 278 13.66 42.76 -24.66
C ILE E 278 13.19 42.46 -26.07
N GLY E 279 13.02 41.18 -26.39
CA GLY E 279 12.51 40.81 -27.68
C GLY E 279 11.05 41.06 -27.88
N ASN E 280 10.29 41.26 -26.80
CA ASN E 280 8.87 41.49 -26.98
C ASN E 280 8.59 42.89 -27.48
N ALA E 281 9.48 43.83 -27.18
CA ALA E 281 9.34 45.17 -27.70
C ALA E 281 9.78 45.29 -29.14
N LEU E 282 10.43 44.28 -29.68
CA LEU E 282 10.91 44.37 -31.05
C LEU E 282 9.88 43.92 -32.08
N ARG E 283 9.08 42.90 -31.78
CA ARG E 283 8.00 42.54 -32.68
C ARG E 283 6.69 43.23 -32.30
N THR E 284 6.76 44.26 -31.44
CA THR E 284 5.64 45.18 -31.30
C THR E 284 5.59 46.01 -32.57
N ILE E 285 4.86 45.52 -33.55
CA ILE E 285 4.87 46.00 -34.92
C ILE E 285 3.45 46.35 -35.29
N ASP E 286 2.53 45.45 -34.93
CA ASP E 286 1.28 45.21 -35.65
C ASP E 286 0.29 46.33 -35.38
N THR E 287 0.34 47.37 -36.19
CA THR E 287 -0.71 48.37 -36.22
C THR E 287 -1.83 48.02 -37.16
N TRP E 288 -1.82 46.83 -37.75
CA TRP E 288 -2.91 46.40 -38.61
C TRP E 288 -3.64 45.25 -37.95
N TYR E 289 -4.94 45.41 -37.79
CA TYR E 289 -5.78 44.55 -36.98
C TYR E 289 -7.22 44.86 -37.36
N PRO E 290 -8.22 44.07 -36.93
CA PRO E 290 -9.61 44.38 -37.29
C PRO E 290 -10.16 45.73 -36.81
N ASP E 291 -9.77 46.24 -35.65
CA ASP E 291 -10.32 47.52 -35.22
C ASP E 291 -9.65 48.68 -35.94
N GLU E 292 -10.16 49.88 -35.67
CA GLU E 292 -9.60 51.10 -36.27
C GLU E 292 -8.21 51.37 -35.70
N ASP E 293 -7.40 52.07 -36.49
CA ASP E 293 -6.02 52.31 -36.13
C ASP E 293 -5.83 53.53 -35.24
N GLY E 294 -6.43 53.51 -34.05
CA GLY E 294 -6.33 54.63 -33.13
C GLY E 294 -5.53 54.33 -31.89
N LEU E 295 -5.33 53.05 -31.56
CA LEU E 295 -4.62 52.67 -30.36
C LEU E 295 -3.18 52.26 -30.61
N GLY E 296 -2.84 51.86 -31.83
CA GLY E 296 -1.46 51.66 -32.20
C GLY E 296 -1.02 50.22 -32.27
N PRO E 297 0.24 49.97 -31.91
CA PRO E 297 0.86 48.67 -32.21
C PRO E 297 0.65 47.63 -31.14
N ILE E 298 0.50 46.39 -31.59
CA ILE E 298 0.43 45.23 -30.71
C ILE E 298 1.57 44.30 -31.11
N ALA E 299 2.02 43.47 -30.18
CA ALA E 299 3.04 42.48 -30.48
C ALA E 299 2.48 41.40 -31.40
N VAL E 300 3.28 40.98 -32.37
CA VAL E 300 2.84 40.02 -33.38
C VAL E 300 2.77 38.64 -32.74
N GLU E 301 1.56 38.17 -32.48
CA GLU E 301 1.29 36.95 -31.75
C GLU E 301 0.27 36.15 -32.54
N PRO E 302 0.39 34.83 -32.58
CA PRO E 302 -0.73 34.02 -33.06
C PRO E 302 -1.87 34.13 -32.07
N TYR E 303 -3.08 34.36 -32.59
CA TYR E 303 -4.30 34.67 -31.82
C TYR E 303 -4.05 35.89 -30.95
N GLY E 304 -3.68 36.99 -31.61
CA GLY E 304 -2.88 38.03 -30.99
C GLY E 304 -3.43 38.68 -29.74
N SER E 305 -2.89 38.29 -28.60
CA SER E 305 -3.49 38.53 -27.30
C SER E 305 -2.62 39.44 -26.46
N VAL E 306 -3.23 39.99 -25.41
CA VAL E 306 -2.53 40.77 -24.41
C VAL E 306 -2.76 40.09 -23.06
N THR E 307 -1.67 39.78 -22.36
CA THR E 307 -1.71 38.79 -21.29
C THR E 307 -2.07 39.36 -19.92
N SER E 308 -1.92 40.66 -19.71
CA SER E 308 -2.19 41.24 -18.39
C SER E 308 -3.23 42.34 -18.43
N GLN E 309 -3.30 43.10 -19.52
CA GLN E 309 -4.36 44.08 -19.67
C GLN E 309 -5.72 43.39 -19.83
N GLY E 310 -5.74 42.19 -20.43
CA GLY E 310 -6.88 41.30 -20.39
C GLY E 310 -7.49 41.02 -21.74
N LYS E 311 -7.43 41.99 -22.66
CA LYS E 311 -8.14 41.86 -23.93
C LYS E 311 -7.41 40.90 -24.85
N ALA E 312 -8.06 39.78 -25.17
CA ALA E 312 -7.48 38.75 -26.03
C ALA E 312 -8.06 38.95 -27.42
N TYR E 313 -7.26 39.52 -28.30
CA TYR E 313 -7.74 40.03 -29.57
C TYR E 313 -7.58 38.97 -30.65
N ARG E 314 -7.99 39.28 -31.89
CA ARG E 314 -7.87 38.43 -33.09
C ARG E 314 -8.55 37.07 -32.88
N GLN E 315 -9.87 37.11 -32.74
CA GLN E 315 -10.63 35.89 -32.55
C GLN E 315 -10.65 35.07 -33.84
N PRO E 316 -10.59 33.74 -33.75
CA PRO E 316 -10.58 32.91 -34.95
C PRO E 316 -11.92 32.81 -35.66
N LYS E 317 -13.00 33.34 -35.07
CA LYS E 317 -14.28 33.43 -35.76
C LYS E 317 -14.15 34.28 -37.02
N GLN E 318 -13.72 35.52 -36.86
CA GLN E 318 -13.36 36.32 -38.01
C GLN E 318 -11.98 35.86 -38.50
N LYS E 319 -11.67 36.18 -39.74
CA LYS E 319 -10.63 35.44 -40.44
C LYS E 319 -9.24 36.03 -40.28
N LEU E 320 -9.13 37.28 -39.85
CA LEU E 320 -7.81 37.93 -39.75
C LEU E 320 -7.11 37.42 -38.51
N ASP E 321 -6.17 36.51 -38.72
CA ASP E 321 -5.57 35.64 -37.71
C ASP E 321 -4.45 34.88 -38.40
N PHE E 322 -3.46 34.45 -37.62
CA PHE E 322 -2.24 33.91 -38.23
C PHE E 322 -2.45 32.55 -38.87
N TYR E 323 -3.11 31.63 -38.17
CA TYR E 323 -3.23 30.28 -38.71
C TYR E 323 -4.17 30.25 -39.91
N THR E 324 -5.21 31.08 -39.91
CA THR E 324 -6.10 31.24 -41.05
C THR E 324 -5.38 31.86 -42.25
N LEU E 325 -4.69 32.99 -42.05
CA LEU E 325 -3.97 33.64 -43.12
C LEU E 325 -2.75 32.88 -43.59
N LEU E 326 -2.24 31.94 -42.79
CA LEU E 326 -1.14 31.10 -43.26
C LEU E 326 -1.66 29.92 -44.07
N ASP E 327 -2.69 29.25 -43.56
CA ASP E 327 -3.18 28.04 -44.21
C ASP E 327 -3.99 28.34 -45.46
N ASN E 328 -4.59 29.53 -45.56
CA ASN E 328 -5.30 29.85 -46.80
C ASN E 328 -4.38 30.46 -47.86
N TRP E 329 -3.20 30.94 -47.47
CA TRP E 329 -2.28 31.50 -48.46
C TRP E 329 -1.24 30.50 -48.92
N VAL E 330 -0.90 29.51 -48.09
CA VAL E 330 -0.03 28.45 -48.56
C VAL E 330 -0.81 27.45 -49.40
N LEU E 331 -1.90 26.93 -48.85
CA LEU E 331 -2.63 25.85 -49.50
C LEU E 331 -3.60 26.34 -50.57
N ARG E 332 -4.18 27.53 -50.38
CA ARG E 332 -5.27 28.00 -51.24
C ARG E 332 -4.93 29.30 -51.95
N ASP E 333 -3.64 29.57 -52.12
CA ASP E 333 -2.99 30.55 -53.03
C ASP E 333 -3.75 31.87 -53.22
N GLU E 334 -4.12 32.48 -52.09
CA GLU E 334 -4.95 33.68 -52.11
C GLU E 334 -4.12 34.90 -52.49
N ALA E 335 -4.64 35.73 -53.38
CA ALA E 335 -4.04 37.02 -53.71
C ALA E 335 -5.06 38.04 -54.22
N PRO E 336 -5.93 38.58 -53.33
CA PRO E 336 -6.50 39.91 -53.60
C PRO E 336 -5.56 40.99 -53.11
N ALA E 337 -6.02 42.23 -53.05
CA ALA E 337 -5.25 43.32 -52.42
C ALA E 337 -5.23 43.04 -50.92
N VAL E 338 -4.30 42.19 -50.52
CA VAL E 338 -4.23 41.64 -49.17
C VAL E 338 -2.80 41.84 -48.68
N GLU E 339 -2.13 42.86 -49.25
CA GLU E 339 -0.68 43.02 -49.09
C GLU E 339 -0.25 43.38 -47.67
N GLN E 340 -1.17 43.45 -46.71
CA GLN E 340 -0.84 43.26 -45.30
C GLN E 340 -0.67 41.78 -45.03
N GLN E 341 0.42 41.21 -45.55
CA GLN E 341 0.93 39.86 -45.32
C GLN E 341 2.08 39.90 -44.33
N HIS E 342 2.43 41.12 -43.94
CA HIS E 342 3.51 41.42 -43.02
C HIS E 342 3.28 40.82 -41.65
N TYR E 343 2.02 40.67 -41.23
CA TYR E 343 1.70 39.95 -40.00
C TYR E 343 2.11 38.48 -40.08
N VAL E 344 1.86 37.82 -41.22
CA VAL E 344 2.21 36.41 -41.37
C VAL E 344 3.71 36.23 -41.43
N ILE E 345 4.40 37.06 -42.21
CA ILE E 345 5.86 36.95 -42.29
C ILE E 345 6.50 37.33 -40.96
N ALA E 346 5.93 38.31 -40.24
CA ALA E 346 6.42 38.67 -38.92
C ALA E 346 6.18 37.58 -37.90
N ASN E 347 5.17 36.75 -38.08
CA ASN E 347 5.07 35.55 -37.26
C ASN E 347 6.12 34.51 -37.64
N LEU E 348 6.45 34.39 -38.93
CA LEU E 348 7.49 33.44 -39.31
C LEU E 348 8.87 33.89 -38.83
N ILE E 349 9.10 35.19 -38.72
CA ILE E 349 10.33 35.70 -38.14
C ILE E 349 10.38 35.44 -36.64
N ARG E 350 9.24 35.54 -35.97
CA ARG E 350 9.11 35.12 -34.58
C ARG E 350 9.40 33.65 -34.38
N GLY E 351 8.99 32.81 -35.31
CA GLY E 351 9.17 31.38 -35.19
C GLY E 351 8.20 30.78 -34.20
N GLY E 352 8.45 29.53 -33.87
CA GLY E 352 7.65 28.81 -32.90
C GLY E 352 7.07 27.54 -33.49
N VAL E 353 6.63 26.67 -32.58
CA VAL E 353 5.99 25.43 -32.99
C VAL E 353 4.60 25.80 -33.50
N PHE E 354 4.51 25.89 -34.82
CA PHE E 354 3.26 26.25 -35.45
C PHE E 354 2.47 24.99 -35.66
N GLY E 355 1.36 24.87 -34.95
CA GLY E 355 0.50 23.72 -35.02
C GLY E 355 1.21 22.49 -34.52
N GLU E 356 1.01 21.36 -35.21
CA GLU E 356 0.03 21.17 -36.27
C GLU E 356 -0.76 19.92 -35.96
N ALA E 357 -1.57 19.48 -36.91
CA ALA E 357 -2.30 18.23 -36.78
C ALA E 357 -2.54 17.61 -38.14
N LEU F 24 24.45 -21.43 -44.23
CA LEU F 24 24.94 -20.08 -44.46
C LEU F 24 23.80 -19.09 -44.35
N SER F 25 23.60 -18.57 -43.13
CA SER F 25 22.51 -17.66 -42.84
C SER F 25 23.02 -16.53 -41.97
N THR F 26 22.22 -15.49 -41.83
CA THR F 26 22.57 -14.37 -40.97
C THR F 26 22.41 -14.81 -39.52
N ALA F 27 23.44 -14.55 -38.72
CA ALA F 27 23.42 -14.94 -37.31
C ALA F 27 22.38 -14.13 -36.55
N SER F 28 21.81 -14.75 -35.52
CA SER F 28 20.79 -14.10 -34.72
C SER F 28 21.35 -13.11 -33.72
N VAL F 29 22.67 -13.10 -33.52
CA VAL F 29 23.33 -12.12 -32.67
C VAL F 29 24.48 -11.53 -33.47
N LEU F 30 24.47 -10.21 -33.62
CA LEU F 30 25.56 -9.44 -34.24
C LEU F 30 25.66 -8.11 -33.53
N ALA F 31 26.74 -7.91 -32.82
CA ALA F 31 26.98 -6.63 -32.18
C ALA F 31 28.31 -6.11 -32.68
N PHE F 32 28.36 -4.80 -32.89
CA PHE F 32 29.56 -4.11 -33.32
C PHE F 32 29.83 -2.98 -32.36
N GLU F 33 31.05 -2.92 -31.85
CA GLU F 33 31.45 -1.78 -31.06
C GLU F 33 31.62 -0.58 -31.97
N ARG F 34 31.42 0.60 -31.42
CA ARG F 34 31.57 1.81 -32.21
C ARG F 34 33.04 2.08 -32.43
N LYS F 35 33.37 2.41 -33.66
CA LYS F 35 34.60 3.12 -33.95
C LYS F 35 34.24 4.59 -33.97
N LEU F 36 35.25 5.45 -33.94
CA LEU F 36 35.10 6.90 -33.91
C LEU F 36 34.27 7.33 -32.70
N ASP F 37 34.78 7.15 -31.48
CA ASP F 37 33.99 7.56 -30.33
C ASP F 37 34.45 8.89 -29.75
N PRO F 38 33.64 9.93 -29.85
CA PRO F 38 33.99 11.21 -29.23
C PRO F 38 33.54 11.26 -27.77
N SER F 39 34.01 12.27 -27.08
CA SER F 39 33.57 12.55 -25.74
C SER F 39 32.48 13.61 -25.78
N ASP F 40 32.05 14.08 -24.62
CA ASP F 40 31.16 15.23 -24.57
C ASP F 40 31.97 16.48 -24.82
N ALA F 41 31.31 17.51 -25.34
CA ALA F 41 31.97 18.74 -25.74
C ALA F 41 31.72 19.81 -24.70
N LEU F 42 32.76 20.19 -23.98
CA LEU F 42 32.64 21.27 -23.02
C LEU F 42 32.61 22.61 -23.74
N MET F 43 31.66 23.44 -23.39
CA MET F 43 31.54 24.78 -23.95
C MET F 43 32.32 25.77 -23.09
N SER F 44 33.12 26.59 -23.74
CA SER F 44 33.87 27.64 -23.06
C SER F 44 33.73 28.94 -23.84
N ALA F 45 34.00 30.04 -23.15
CA ALA F 45 33.66 31.36 -23.66
C ALA F 45 34.84 32.30 -23.53
N GLY F 46 35.22 32.93 -24.63
CA GLY F 46 36.26 33.93 -24.56
C GLY F 46 36.18 34.86 -25.75
N ALA F 47 37.08 35.83 -25.77
CA ALA F 47 37.11 36.78 -26.86
C ALA F 47 37.79 36.17 -28.08
N TRP F 48 37.55 36.78 -29.23
CA TRP F 48 38.33 36.42 -30.41
C TRP F 48 39.72 37.02 -30.27
N ALA F 49 40.68 36.43 -30.98
CA ALA F 49 42.12 36.75 -30.96
C ALA F 49 42.78 36.53 -29.60
N GLN F 50 42.04 35.99 -28.64
CA GLN F 50 42.60 35.38 -27.45
C GLN F 50 42.49 33.87 -27.51
N ARG F 51 42.31 33.32 -28.71
CA ARG F 51 42.07 31.91 -28.92
C ARG F 51 43.34 31.13 -29.19
N ASP F 52 44.48 31.79 -29.28
CA ASP F 52 45.78 31.14 -29.20
C ASP F 52 46.29 31.03 -27.78
N ALA F 53 45.47 31.44 -26.80
CA ALA F 53 45.77 31.30 -25.39
C ALA F 53 44.53 30.86 -24.63
N SER F 54 43.76 29.96 -25.22
CA SER F 54 42.45 29.57 -24.70
C SER F 54 42.54 28.37 -23.77
N GLN F 55 43.42 28.43 -22.77
CA GLN F 55 43.56 27.33 -21.83
C GLN F 55 42.93 27.62 -20.47
N GLU F 56 42.50 28.85 -20.23
CA GLU F 56 41.85 29.20 -18.97
C GLU F 56 40.57 29.99 -19.21
N TRP F 57 39.95 29.80 -20.37
CA TRP F 57 38.65 30.39 -20.63
C TRP F 57 37.60 29.79 -19.71
N PRO F 58 36.71 30.60 -19.14
CA PRO F 58 35.69 30.07 -18.23
C PRO F 58 34.67 29.23 -18.96
N ALA F 59 33.98 28.41 -18.19
CA ALA F 59 32.95 27.56 -18.73
C ALA F 59 31.67 28.34 -18.95
N VAL F 60 30.97 28.05 -20.03
CA VAL F 60 29.61 28.54 -20.21
C VAL F 60 28.73 27.82 -19.20
N THR F 61 28.18 28.55 -18.24
CA THR F 61 27.32 27.94 -17.25
C THR F 61 25.89 27.82 -17.76
N VAL F 62 25.07 27.11 -16.98
CA VAL F 62 23.64 26.99 -17.22
C VAL F 62 22.91 27.77 -16.13
N ARG F 63 22.07 28.71 -16.54
CA ARG F 63 21.36 29.60 -15.62
C ARG F 63 19.87 29.27 -15.59
N GLU F 64 19.14 30.06 -14.81
CA GLU F 64 17.73 29.85 -14.58
C GLU F 64 17.00 31.16 -14.86
N LYS F 65 16.02 31.13 -15.76
CA LYS F 65 15.13 32.27 -15.91
C LYS F 65 13.68 31.81 -15.92
N SER F 66 12.78 32.75 -15.63
CA SER F 66 11.36 32.49 -15.65
C SER F 66 10.76 33.02 -16.93
N VAL F 67 9.82 32.28 -17.50
CA VAL F 67 9.35 32.54 -18.84
C VAL F 67 7.83 32.43 -18.86
N ARG F 68 7.16 33.50 -19.30
CA ARG F 68 5.73 33.50 -19.47
C ARG F 68 5.41 33.90 -20.90
N GLY F 69 4.52 33.15 -21.53
CA GLY F 69 3.95 33.53 -22.80
C GLY F 69 2.52 33.08 -22.85
N THR F 70 1.75 33.71 -23.74
CA THR F 70 0.35 33.34 -23.86
C THR F 70 0.21 32.05 -24.67
N ILE F 71 -1.04 31.65 -24.89
CA ILE F 71 -1.31 30.48 -25.72
C ILE F 71 -0.97 30.82 -27.17
N SER F 72 -0.42 29.85 -27.88
CA SER F 72 0.03 30.10 -29.24
C SER F 72 -0.33 29.00 -30.22
N ASN F 73 -0.75 27.83 -29.77
CA ASN F 73 -0.94 26.66 -30.62
C ASN F 73 -2.11 26.85 -31.58
N ARG F 74 -2.39 25.83 -32.38
CA ARG F 74 -3.67 25.82 -33.06
C ARG F 74 -4.73 25.45 -32.04
N LEU F 75 -5.85 26.16 -32.07
CA LEU F 75 -6.91 25.85 -31.14
C LEU F 75 -7.58 24.55 -31.57
N LYS F 76 -8.27 23.91 -30.63
CA LYS F 76 -9.00 22.69 -30.94
C LYS F 76 -10.14 23.01 -31.90
N THR F 77 -10.03 22.47 -33.12
CA THR F 77 -11.08 22.59 -34.12
C THR F 77 -12.34 21.88 -33.63
N LYS F 78 -13.49 22.44 -34.05
CA LYS F 78 -14.86 22.09 -33.67
C LYS F 78 -15.16 22.46 -32.22
N ASP F 79 -14.20 23.07 -31.53
CA ASP F 79 -14.36 23.51 -30.14
C ASP F 79 -14.06 25.00 -29.99
N ARG F 80 -14.42 25.79 -31.00
CA ARG F 80 -14.25 27.24 -30.97
C ARG F 80 -15.48 27.95 -30.41
N ASP F 81 -16.31 27.25 -29.64
CA ASP F 81 -17.43 27.87 -28.94
C ASP F 81 -16.91 28.79 -27.84
N PRO F 82 -17.68 29.84 -27.49
CA PRO F 82 -17.20 30.78 -26.46
C PRO F 82 -17.24 30.25 -25.04
N ALA F 83 -17.60 28.99 -24.81
CA ALA F 83 -17.49 28.42 -23.47
C ALA F 83 -16.03 28.10 -23.14
N LYS F 84 -15.41 27.23 -23.94
CA LYS F 84 -14.01 26.88 -23.75
C LYS F 84 -13.07 28.01 -24.17
N LEU F 85 -13.55 28.92 -25.02
CA LEU F 85 -12.73 29.99 -25.57
C LEU F 85 -12.24 30.95 -24.49
N ASP F 86 -13.13 31.40 -23.61
CA ASP F 86 -12.86 32.50 -22.71
C ASP F 86 -12.23 32.07 -21.40
N ALA F 87 -11.49 30.96 -21.38
CA ALA F 87 -10.96 30.40 -20.15
C ALA F 87 -9.45 30.49 -20.06
N SER F 88 -8.73 29.91 -21.02
CA SER F 88 -7.28 29.78 -20.93
C SER F 88 -6.54 31.03 -21.42
N ILE F 89 -7.16 31.84 -22.28
CA ILE F 89 -6.45 32.92 -22.95
C ILE F 89 -6.14 34.09 -22.03
N GLN F 90 -6.76 34.18 -20.86
CA GLN F 90 -6.45 35.21 -19.87
C GLN F 90 -5.66 34.68 -18.68
N SER F 91 -5.62 33.37 -18.48
CA SER F 91 -4.81 32.74 -17.45
C SER F 91 -3.43 32.44 -18.00
N PRO F 92 -2.37 32.75 -17.26
CA PRO F 92 -1.02 32.74 -17.86
C PRO F 92 -0.46 31.33 -18.00
N ASN F 93 0.78 31.28 -18.51
CA ASN F 93 1.57 30.04 -18.62
C ASN F 93 2.95 30.38 -18.09
N LEU F 94 3.15 30.20 -16.78
CA LEU F 94 4.41 30.53 -16.14
C LEU F 94 5.32 29.30 -16.13
N GLN F 95 6.31 29.29 -17.01
CA GLN F 95 7.32 28.23 -17.10
C GLN F 95 8.55 28.57 -16.27
N THR F 96 9.57 27.73 -16.37
CA THR F 96 10.92 27.99 -15.90
C THR F 96 11.86 27.17 -16.76
N VAL F 97 12.80 27.82 -17.44
CA VAL F 97 13.67 27.15 -18.38
C VAL F 97 15.12 27.33 -17.94
N ASP F 98 16.00 26.66 -18.66
CA ASP F 98 17.43 26.88 -18.60
C ASP F 98 17.91 27.57 -19.87
N VAL F 99 18.85 28.48 -19.71
CA VAL F 99 19.52 29.10 -20.83
C VAL F 99 21.02 29.05 -20.61
N ALA F 100 21.75 29.07 -21.72
CA ALA F 100 23.19 29.21 -21.69
C ALA F 100 23.55 30.38 -22.58
N ASN F 101 24.31 31.31 -22.05
CA ASN F 101 24.68 32.53 -22.73
C ASN F 101 26.18 32.75 -22.59
N LEU F 102 26.73 33.49 -23.55
CA LEU F 102 28.07 33.98 -23.37
C LEU F 102 28.07 35.10 -22.34
N PRO F 103 29.18 35.32 -21.65
CA PRO F 103 29.29 36.48 -20.77
C PRO F 103 29.35 37.77 -21.58
N SER F 104 29.12 38.89 -20.88
CA SER F 104 29.00 40.19 -21.50
C SER F 104 30.34 40.76 -21.97
N ASP F 105 31.44 40.05 -21.79
CA ASP F 105 32.73 40.41 -22.36
C ASP F 105 33.31 39.33 -23.27
N ALA F 106 32.44 38.46 -23.81
CA ALA F 106 32.91 37.28 -24.54
C ALA F 106 32.04 37.07 -25.76
N ASP F 107 32.66 36.89 -26.92
CA ASP F 107 31.92 36.79 -28.16
C ASP F 107 32.27 35.59 -29.01
N THR F 108 33.14 34.69 -28.54
CA THR F 108 33.52 33.50 -29.29
C THR F 108 33.30 32.29 -28.40
N LEU F 109 32.50 31.35 -28.88
CA LEU F 109 32.29 30.09 -28.19
C LEU F 109 33.44 29.14 -28.48
N LYS F 110 33.97 28.52 -27.44
CA LYS F 110 34.93 27.43 -27.59
C LYS F 110 34.25 26.10 -27.29
N VAL F 111 34.36 25.16 -28.23
CA VAL F 111 33.83 23.81 -28.06
C VAL F 111 34.97 22.83 -28.26
N ARG F 112 35.24 22.04 -27.23
CA ARG F 112 36.38 21.14 -27.20
C ARG F 112 35.93 19.73 -26.82
N PHE F 113 36.29 18.76 -27.65
CA PHE F 113 36.07 17.35 -27.34
C PHE F 113 37.31 16.58 -27.78
N THR F 114 37.21 15.26 -27.71
CA THR F 114 38.34 14.38 -28.01
C THR F 114 37.81 13.21 -28.81
N LEU F 115 38.45 12.89 -29.92
CA LEU F 115 37.98 11.84 -30.82
C LEU F 115 39.01 10.73 -30.88
N ARG F 116 38.56 9.49 -30.70
CA ARG F 116 39.43 8.33 -30.74
C ARG F 116 39.02 7.42 -31.88
N VAL F 117 39.97 7.07 -32.73
CA VAL F 117 39.73 6.22 -33.89
C VAL F 117 40.34 4.86 -33.59
N LEU F 118 39.56 3.79 -33.77
CA LEU F 118 39.88 2.51 -33.18
C LEU F 118 40.37 1.46 -34.18
N GLY F 119 39.64 1.21 -35.24
CA GLY F 119 40.10 0.21 -36.19
C GLY F 119 39.73 -1.20 -35.78
N GLY F 120 39.70 -2.09 -36.77
CA GLY F 120 39.10 -3.39 -36.60
C GLY F 120 37.62 -3.33 -36.93
N ALA F 121 37.31 -2.82 -38.13
CA ALA F 121 35.96 -2.33 -38.43
C ALA F 121 34.97 -3.48 -38.60
N GLY F 122 35.33 -4.47 -39.40
CA GLY F 122 34.40 -5.54 -39.69
C GLY F 122 34.28 -6.63 -38.65
N THR F 123 35.15 -6.65 -37.65
CA THR F 123 35.15 -7.66 -36.59
C THR F 123 34.06 -7.40 -35.57
N PRO F 124 33.07 -8.29 -35.44
CA PRO F 124 31.99 -8.06 -34.49
C PRO F 124 32.38 -8.39 -33.06
N SER F 125 31.58 -7.89 -32.13
CA SER F 125 31.76 -8.20 -30.73
C SER F 125 31.19 -9.56 -30.39
N ALA F 126 29.89 -9.72 -30.59
CA ALA F 126 29.19 -10.96 -30.37
C ALA F 126 28.66 -11.49 -31.70
N CYS F 127 28.82 -12.79 -31.91
CA CYS F 127 28.32 -13.42 -33.13
C CYS F 127 28.13 -14.90 -32.84
N ASN F 128 26.92 -15.42 -33.08
CA ASN F 128 26.63 -16.82 -32.82
C ASN F 128 27.37 -17.72 -33.79
N ASP F 129 27.15 -17.53 -35.08
CA ASP F 129 27.69 -18.41 -36.09
C ASP F 129 29.15 -18.09 -36.33
N ALA F 130 29.94 -19.12 -36.62
CA ALA F 130 31.33 -18.93 -36.99
C ALA F 130 31.55 -18.99 -38.49
N ALA F 131 30.70 -19.68 -39.22
CA ALA F 131 30.76 -19.63 -40.68
C ALA F 131 30.37 -18.25 -41.18
N TYR F 132 29.37 -17.64 -40.56
CA TYR F 132 28.96 -16.29 -40.91
C TYR F 132 30.04 -15.28 -40.56
N ARG F 133 30.68 -15.44 -39.41
CA ARG F 133 31.80 -14.60 -39.03
C ARG F 133 32.97 -14.76 -40.00
N ASP F 134 33.22 -15.99 -40.44
CA ASP F 134 34.25 -16.25 -41.44
C ASP F 134 33.95 -15.58 -42.77
N LYS F 135 32.68 -15.55 -43.17
CA LYS F 135 32.32 -14.90 -44.43
C LYS F 135 32.36 -13.37 -44.30
N LEU F 136 31.96 -12.85 -43.14
CA LEU F 136 31.94 -11.42 -42.90
C LEU F 136 33.34 -10.83 -42.84
N LEU F 137 34.26 -11.52 -42.16
CA LEU F 137 35.63 -11.01 -42.08
C LEU F 137 36.29 -10.99 -43.43
N GLN F 138 36.00 -11.99 -44.27
CA GLN F 138 36.57 -12.01 -45.62
C GLN F 138 35.95 -10.95 -46.51
N THR F 139 34.65 -10.67 -46.33
CA THR F 139 34.02 -9.61 -47.13
C THR F 139 34.57 -8.23 -46.78
N VAL F 140 34.74 -7.94 -45.49
CA VAL F 140 35.32 -6.66 -45.13
C VAL F 140 36.81 -6.62 -45.49
N ALA F 141 37.53 -7.74 -45.39
CA ALA F 141 38.94 -7.76 -45.73
C ALA F 141 39.19 -7.64 -47.22
N THR F 142 38.24 -8.05 -48.05
CA THR F 142 38.38 -7.79 -49.47
C THR F 142 37.79 -6.45 -49.88
N TYR F 143 36.98 -5.82 -49.03
CA TYR F 143 36.70 -4.40 -49.22
C TYR F 143 37.95 -3.57 -49.00
N VAL F 144 38.71 -3.87 -47.93
CA VAL F 144 39.78 -2.99 -47.48
C VAL F 144 40.94 -2.95 -48.47
N ASN F 145 41.38 -4.10 -48.96
CA ASN F 145 42.52 -4.09 -49.88
C ASN F 145 42.15 -3.68 -51.30
N ASP F 146 40.87 -3.80 -51.68
CA ASP F 146 40.44 -3.31 -52.98
C ASP F 146 40.45 -1.79 -53.00
N GLN F 147 39.92 -1.17 -51.96
CA GLN F 147 39.85 0.28 -51.85
C GLN F 147 39.85 0.61 -50.36
N GLY F 148 40.69 1.57 -49.95
CA GLY F 148 40.98 1.72 -48.55
C GLY F 148 39.84 2.37 -47.78
N PHE F 149 40.16 2.73 -46.54
CA PHE F 149 39.28 3.61 -45.78
C PHE F 149 39.49 5.07 -46.11
N ALA F 150 40.33 5.39 -47.09
CA ALA F 150 40.67 6.77 -47.40
C ALA F 150 39.49 7.57 -47.94
N GLU F 151 38.52 6.91 -48.57
CA GLU F 151 37.33 7.60 -49.07
C GLU F 151 36.39 7.95 -47.92
N LEU F 152 36.09 6.97 -47.06
CA LEU F 152 35.28 7.22 -45.88
C LEU F 152 35.97 8.19 -44.93
N ALA F 153 37.29 8.04 -44.73
CA ALA F 153 38.00 8.99 -43.88
C ALA F 153 38.11 10.36 -44.51
N ARG F 154 38.12 10.42 -45.84
CA ARG F 154 38.10 11.70 -46.53
C ARG F 154 36.76 12.40 -46.36
N ARG F 155 35.69 11.65 -46.16
CA ARG F 155 34.40 12.26 -45.86
C ARG F 155 34.14 12.48 -44.37
N TYR F 156 34.79 11.75 -43.47
CA TYR F 156 34.70 12.09 -42.04
C TYR F 156 35.57 13.29 -41.70
N ALA F 157 36.69 13.45 -42.42
CA ALA F 157 37.58 14.58 -42.19
C ALA F 157 36.93 15.89 -42.63
N HIS F 158 36.01 15.84 -43.59
CA HIS F 158 35.26 17.04 -43.96
C HIS F 158 34.30 17.46 -42.85
N ASN F 159 33.60 16.51 -42.23
CA ASN F 159 32.73 16.89 -41.12
C ASN F 159 33.51 17.30 -39.88
N LEU F 160 34.77 16.87 -39.74
CA LEU F 160 35.61 17.52 -38.74
C LEU F 160 36.11 18.87 -39.20
N ALA F 161 36.33 19.07 -40.50
CA ALA F 161 37.05 20.23 -40.98
C ALA F 161 36.15 21.46 -41.00
N ASN F 162 34.96 21.33 -41.56
CA ASN F 162 33.97 22.32 -41.17
C ASN F 162 33.46 21.96 -39.79
N ALA F 163 32.86 22.91 -39.10
CA ALA F 163 32.08 22.51 -37.95
C ALA F 163 30.78 21.92 -38.47
N ARG F 164 30.37 20.80 -37.89
CA ARG F 164 29.06 20.24 -38.19
C ARG F 164 28.47 19.91 -36.83
N PHE F 165 29.38 19.66 -35.89
CA PHE F 165 29.06 19.38 -34.50
C PHE F 165 28.63 20.62 -33.74
N LEU F 166 28.98 21.80 -34.22
CA LEU F 166 28.31 23.02 -33.79
C LEU F 166 26.97 23.00 -34.51
N TRP F 167 25.93 22.54 -33.85
CA TRP F 167 24.66 22.30 -34.56
C TRP F 167 23.92 23.59 -34.84
N ARG F 168 23.47 24.27 -33.81
CA ARG F 168 22.84 25.57 -33.92
C ARG F 168 23.78 26.68 -33.47
N ASN F 169 24.96 26.31 -32.98
CA ASN F 169 26.01 27.26 -32.67
C ASN F 169 26.79 27.71 -33.89
N ARG F 170 26.44 27.22 -35.08
CA ARG F 170 27.13 27.52 -36.31
C ARG F 170 26.37 28.47 -37.20
N VAL F 171 25.04 28.37 -37.21
CA VAL F 171 24.21 29.27 -38.00
C VAL F 171 24.31 30.70 -37.44
N GLY F 172 24.46 31.66 -38.33
CA GLY F 172 24.58 33.05 -37.94
C GLY F 172 25.84 33.37 -37.16
N ALA F 173 26.98 32.91 -37.65
CA ALA F 173 28.26 33.14 -36.99
C ALA F 173 29.13 34.04 -37.85
N GLU F 174 29.89 34.93 -37.20
CA GLU F 174 30.91 35.72 -37.89
C GLU F 174 31.92 34.82 -38.57
N ALA F 175 32.67 34.07 -37.77
CA ALA F 175 33.72 33.19 -38.23
C ALA F 175 33.65 31.91 -37.42
N VAL F 176 33.93 30.79 -38.08
CA VAL F 176 34.07 29.51 -37.41
C VAL F 176 35.46 28.97 -37.75
N GLU F 177 36.27 28.71 -36.73
CA GLU F 177 37.62 28.21 -36.91
C GLU F 177 37.78 26.90 -36.15
N VAL F 178 38.35 25.89 -36.80
CA VAL F 178 38.49 24.55 -36.25
C VAL F 178 39.97 24.20 -36.17
N ARG F 179 40.38 23.71 -35.01
CA ARG F 179 41.74 23.24 -34.78
C ARG F 179 41.71 21.76 -34.41
N ILE F 180 42.52 20.96 -35.09
CA ILE F 180 42.60 19.53 -34.87
C ILE F 180 44.05 19.18 -34.58
N ASN F 181 44.31 18.61 -33.41
CA ASN F 181 45.64 18.19 -33.00
C ASN F 181 45.70 16.67 -32.94
N HIS F 182 46.85 16.12 -33.29
CA HIS F 182 47.08 14.67 -33.21
C HIS F 182 47.93 14.39 -32.00
N ILE F 183 47.30 13.85 -30.95
CA ILE F 183 47.94 13.66 -29.66
C ILE F 183 48.58 12.28 -29.68
N ARG F 184 49.89 12.24 -29.91
CA ARG F 184 50.57 10.96 -30.07
C ARG F 184 50.92 10.32 -28.73
N GLN F 185 51.71 10.98 -27.89
CA GLN F 185 52.00 10.41 -26.57
C GLN F 185 51.37 11.26 -25.47
N GLY F 186 51.79 12.49 -25.30
CA GLY F 186 51.12 13.38 -24.38
C GLY F 186 51.18 14.79 -24.92
N GLU F 187 51.69 14.92 -26.15
CA GLU F 187 51.88 16.21 -26.77
C GLU F 187 51.44 16.14 -28.22
N VAL F 188 51.47 17.29 -28.87
CA VAL F 188 50.92 17.46 -30.21
C VAL F 188 51.95 16.96 -31.21
N ALA F 189 51.62 15.91 -31.94
CA ALA F 189 52.48 15.44 -33.01
C ALA F 189 52.30 16.24 -34.29
N ARG F 190 51.13 16.82 -34.48
CA ARG F 190 50.83 17.61 -35.67
C ARG F 190 49.61 18.47 -35.36
N ALA F 191 49.64 19.73 -35.80
CA ALA F 191 48.50 20.62 -35.67
C ALA F 191 47.91 20.93 -37.04
N TRP F 192 46.59 20.81 -37.16
CA TRP F 192 45.84 21.34 -38.28
C TRP F 192 45.14 22.63 -37.89
N ARG F 193 44.63 23.33 -38.90
CA ARG F 193 44.07 24.67 -38.70
C ARG F 193 43.12 24.94 -39.85
N PHE F 194 41.82 24.93 -39.58
CA PHE F 194 40.81 25.06 -40.63
C PHE F 194 39.94 26.27 -40.37
N ASP F 195 39.73 27.08 -41.40
CA ASP F 195 38.70 28.10 -41.43
C ASP F 195 37.43 27.44 -41.96
N ALA F 196 36.48 27.21 -41.07
CA ALA F 196 35.42 26.24 -41.32
C ALA F 196 34.30 26.76 -42.20
N LEU F 197 34.27 28.04 -42.53
CA LEU F 197 33.19 28.57 -43.35
C LEU F 197 33.50 28.54 -44.83
N ALA F 198 34.78 28.63 -45.21
CA ALA F 198 35.16 28.42 -46.59
C ALA F 198 34.96 26.97 -47.00
N ILE F 199 35.26 26.04 -46.10
CA ILE F 199 34.84 24.65 -46.27
C ILE F 199 33.33 24.60 -46.19
N GLY F 200 32.70 24.00 -47.18
CA GLY F 200 31.27 24.09 -47.33
C GLY F 200 30.50 23.19 -46.39
N LEU F 201 29.28 22.87 -46.81
CA LEU F 201 28.44 21.95 -46.08
C LEU F 201 27.75 20.97 -47.02
N ARG F 202 27.93 21.12 -48.34
CA ARG F 202 27.39 20.21 -49.32
C ARG F 202 28.46 19.43 -50.08
N ASP F 203 29.54 20.09 -50.49
CA ASP F 203 30.54 19.49 -51.34
C ASP F 203 31.67 18.88 -50.50
N PHE F 204 32.36 17.91 -51.09
CA PHE F 204 33.45 17.22 -50.42
C PHE F 204 34.74 17.44 -51.20
N LYS F 205 35.04 18.70 -51.50
CA LYS F 205 36.22 19.08 -52.26
C LYS F 205 37.50 18.73 -51.50
N ALA F 206 38.59 18.60 -52.26
CA ALA F 206 39.84 18.05 -51.75
C ALA F 206 40.88 19.14 -51.56
N ASP F 207 41.61 19.05 -50.44
CA ASP F 207 42.67 19.98 -50.09
C ASP F 207 43.93 19.20 -49.77
N ALA F 208 45.04 19.92 -49.60
CA ALA F 208 46.28 19.25 -49.23
C ALA F 208 46.26 18.83 -47.76
N GLU F 209 46.09 19.80 -46.86
CA GLU F 209 46.06 19.55 -45.43
C GLU F 209 44.83 18.78 -44.98
N LEU F 210 43.80 18.68 -45.82
CA LEU F 210 42.65 17.84 -45.51
C LEU F 210 42.82 16.41 -45.98
N ASP F 211 43.52 16.19 -47.08
CA ASP F 211 43.96 14.83 -47.40
C ASP F 211 44.99 14.33 -46.40
N ALA F 212 45.78 15.23 -45.82
CA ALA F 212 46.75 14.82 -44.79
C ALA F 212 46.05 14.40 -43.49
N LEU F 213 44.84 14.90 -43.25
CA LEU F 213 44.03 14.43 -42.13
C LEU F 213 43.28 13.15 -42.47
N ALA F 214 42.84 13.04 -43.73
CA ALA F 214 42.21 11.81 -44.20
C ALA F 214 43.16 10.62 -44.14
N GLU F 215 44.46 10.85 -44.39
CA GLU F 215 45.46 9.79 -44.23
C GLU F 215 45.55 9.31 -42.79
N LEU F 216 45.48 10.23 -41.82
CA LEU F 216 45.59 9.87 -40.42
C LEU F 216 44.38 9.08 -39.93
N ILE F 217 43.18 9.55 -40.27
CA ILE F 217 41.97 8.84 -39.90
C ILE F 217 41.87 7.51 -40.66
N ALA F 218 42.38 7.44 -41.89
CA ALA F 218 42.34 6.21 -42.64
C ALA F 218 43.32 5.17 -42.11
N SER F 219 44.46 5.61 -41.59
CA SER F 219 45.36 4.69 -40.93
C SER F 219 44.78 4.22 -39.60
N GLY F 220 44.04 5.09 -38.92
CA GLY F 220 43.38 4.67 -37.69
C GLY F 220 42.27 3.66 -37.90
N LEU F 221 41.52 3.80 -38.99
CA LEU F 221 40.42 2.87 -39.24
C LEU F 221 40.90 1.51 -39.72
N SER F 222 42.11 1.42 -40.26
CA SER F 222 42.65 0.15 -40.72
C SER F 222 43.65 -0.45 -39.75
N GLY F 223 43.63 -0.01 -38.50
CA GLY F 223 44.52 -0.54 -37.49
C GLY F 223 45.99 -0.22 -37.66
N SER F 224 46.33 0.72 -38.54
CA SER F 224 47.72 1.03 -38.84
C SER F 224 48.24 2.17 -37.97
N GLY F 225 48.09 2.00 -36.67
CA GLY F 225 48.51 3.02 -35.73
C GLY F 225 47.41 3.48 -34.82
N HIS F 226 47.79 3.94 -33.63
CA HIS F 226 46.85 4.50 -32.68
C HIS F 226 46.63 5.98 -32.96
N VAL F 227 45.37 6.39 -32.96
CA VAL F 227 44.96 7.73 -33.35
C VAL F 227 44.11 8.31 -32.23
N LEU F 228 44.49 9.50 -31.77
CA LEU F 228 43.69 10.30 -30.87
C LEU F 228 43.69 11.72 -31.40
N LEU F 229 42.53 12.35 -31.42
CA LEU F 229 42.39 13.70 -31.95
C LEU F 229 41.69 14.59 -30.95
N GLU F 230 42.24 15.79 -30.72
CA GLU F 230 41.59 16.81 -29.93
C GLU F 230 41.07 17.88 -30.87
N VAL F 231 39.76 18.09 -30.87
CA VAL F 231 39.08 19.03 -31.77
C VAL F 231 38.59 20.20 -30.95
N VAL F 232 38.99 21.40 -31.33
CA VAL F 232 38.60 22.64 -30.67
C VAL F 232 38.05 23.58 -31.73
N ALA F 233 36.80 23.98 -31.60
CA ALA F 233 36.15 24.86 -32.57
C ALA F 233 35.81 26.19 -31.93
N PHE F 234 36.13 27.28 -32.65
CA PHE F 234 35.88 28.64 -32.20
C PHE F 234 34.86 29.29 -33.14
N ALA F 235 33.67 29.56 -32.62
CA ALA F 235 32.61 30.21 -33.39
C ALA F 235 32.34 31.57 -32.80
N ARG F 236 32.54 32.63 -33.58
CA ARG F 236 32.32 33.99 -33.11
C ARG F 236 30.88 34.37 -33.42
N ILE F 237 30.02 34.37 -32.40
CA ILE F 237 28.60 34.60 -32.65
C ILE F 237 28.20 35.99 -32.20
N GLY F 238 28.78 36.50 -31.13
CA GLY F 238 28.46 37.83 -30.66
C GLY F 238 28.37 37.87 -29.16
N ASP F 239 28.57 39.07 -28.61
CA ASP F 239 28.81 39.24 -27.19
C ASP F 239 27.51 39.11 -26.42
N GLY F 240 27.46 38.15 -25.51
CA GLY F 240 26.30 37.93 -24.67
C GLY F 240 25.21 37.06 -25.28
N GLN F 241 25.40 36.55 -26.49
CA GLN F 241 24.36 35.83 -27.20
C GLN F 241 24.14 34.44 -26.60
N GLU F 242 23.13 33.74 -27.12
CA GLU F 242 22.75 32.45 -26.60
C GLU F 242 23.43 31.32 -27.36
N VAL F 243 24.06 30.41 -26.62
CA VAL F 243 24.60 29.18 -27.15
C VAL F 243 23.62 28.06 -26.86
N PHE F 244 23.73 26.96 -27.59
CA PHE F 244 22.73 25.90 -27.53
C PHE F 244 23.35 24.56 -27.13
N PRO F 245 23.46 24.26 -25.85
CA PRO F 245 23.85 22.91 -25.43
C PRO F 245 22.70 21.94 -25.63
N SER F 246 23.01 20.66 -25.46
CA SER F 246 21.97 19.67 -25.72
C SER F 246 21.02 19.59 -24.53
N GLN F 247 19.79 19.17 -24.83
CA GLN F 247 18.68 19.31 -23.91
C GLN F 247 18.31 17.96 -23.31
N GLU F 248 18.12 17.95 -22.00
CA GLU F 248 17.90 16.75 -21.23
C GLU F 248 16.42 16.46 -21.04
N LEU F 249 16.10 15.22 -20.73
CA LEU F 249 14.74 14.77 -20.56
C LEU F 249 14.26 15.08 -19.15
N ILE F 250 13.15 15.80 -19.05
CA ILE F 250 12.67 16.33 -17.78
C ILE F 250 11.83 15.27 -17.10
N LEU F 251 12.22 14.87 -15.89
CA LEU F 251 11.50 13.83 -15.16
C LEU F 251 10.20 14.37 -14.57
N LYS F 257 8.14 27.18 -10.06
CA LYS F 257 9.46 27.35 -9.46
C LYS F 257 10.27 26.06 -9.50
N GLY F 258 11.51 26.16 -9.98
CA GLY F 258 12.44 25.05 -9.90
C GLY F 258 12.62 24.21 -11.13
N GLN F 259 12.86 24.87 -12.28
CA GLN F 259 13.30 24.24 -13.55
C GLN F 259 12.30 23.20 -14.04
N LYS F 260 11.15 23.73 -14.46
CA LYS F 260 10.03 22.90 -14.85
C LYS F 260 10.02 22.55 -16.33
N SER F 261 10.47 23.45 -17.19
CA SER F 261 10.22 23.33 -18.63
C SER F 261 11.39 22.80 -19.44
N LYS F 262 12.60 23.36 -19.25
CA LYS F 262 13.76 22.99 -20.05
C LYS F 262 14.92 22.67 -19.13
N THR F 263 15.58 21.55 -19.39
CA THR F 263 16.81 21.15 -18.72
C THR F 263 17.90 21.08 -19.77
N LEU F 264 19.06 21.66 -19.49
CA LEU F 264 20.19 21.61 -20.41
C LEU F 264 21.32 20.80 -19.81
N TYR F 265 21.98 20.03 -20.68
CA TYR F 265 23.02 19.10 -20.24
C TYR F 265 24.26 19.83 -19.81
N SER F 266 24.73 19.53 -18.62
CA SER F 266 25.99 20.05 -18.13
C SER F 266 26.73 18.92 -17.42
N VAL F 267 28.06 18.97 -17.49
CA VAL F 267 28.91 18.00 -16.80
C VAL F 267 29.91 18.74 -15.94
N ARG F 268 29.78 18.56 -14.62
CA ARG F 268 30.46 19.33 -13.58
C ARG F 268 30.34 20.83 -13.84
N ASP F 269 29.09 21.28 -13.68
CA ASP F 269 28.57 22.67 -13.82
C ASP F 269 29.21 23.45 -14.97
N ALA F 270 29.27 22.81 -16.14
CA ALA F 270 29.75 23.38 -17.38
C ALA F 270 28.89 22.82 -18.51
N ALA F 271 28.29 23.70 -19.31
CA ALA F 271 27.34 23.28 -20.33
C ALA F 271 28.03 22.45 -21.40
N ALA F 272 27.28 21.50 -21.96
CA ALA F 272 27.92 20.53 -22.82
C ALA F 272 26.96 19.96 -23.85
N ILE F 273 27.54 19.43 -24.91
CA ILE F 273 26.83 18.67 -25.93
C ILE F 273 27.07 17.18 -25.65
N HIS F 274 26.05 16.36 -25.89
CA HIS F 274 26.16 14.92 -25.77
C HIS F 274 27.19 14.35 -26.75
N SER F 275 27.73 13.20 -26.40
CA SER F 275 28.69 12.54 -27.28
C SER F 275 28.00 11.97 -28.50
N GLN F 276 26.77 11.48 -28.34
CA GLN F 276 26.07 10.89 -29.47
C GLN F 276 25.60 11.93 -30.46
N LYS F 277 25.41 13.17 -30.03
CA LYS F 277 25.04 14.25 -30.93
C LYS F 277 26.21 14.66 -31.82
N ILE F 278 27.40 14.76 -31.22
CA ILE F 278 28.63 14.97 -32.00
C ILE F 278 28.88 13.80 -32.93
N GLY F 279 28.65 12.58 -32.46
CA GLY F 279 28.83 11.41 -33.29
C GLY F 279 27.90 11.36 -34.47
N ASN F 280 26.65 11.80 -34.27
CA ASN F 280 25.73 11.97 -35.38
C ASN F 280 26.24 13.02 -36.35
N ALA F 281 26.77 14.12 -35.83
CA ALA F 281 27.28 15.16 -36.71
C ALA F 281 28.53 14.73 -37.48
N LEU F 282 29.24 13.71 -37.02
CA LEU F 282 30.37 13.21 -37.79
C LEU F 282 29.97 12.22 -38.88
N ARG F 283 28.98 11.38 -38.63
CA ARG F 283 28.65 10.35 -39.60
C ARG F 283 27.72 10.83 -40.72
N THR F 284 27.53 12.15 -40.88
CA THR F 284 26.73 12.72 -41.96
C THR F 284 27.54 12.76 -43.25
N ILE F 285 27.72 11.57 -43.82
CA ILE F 285 28.49 11.39 -45.04
C ILE F 285 27.70 10.71 -46.13
N ASP F 286 26.44 10.36 -45.87
CA ASP F 286 25.60 9.56 -46.76
C ASP F 286 25.05 10.46 -47.87
N THR F 287 25.62 10.36 -49.06
CA THR F 287 25.09 11.09 -50.21
C THR F 287 24.66 10.17 -51.32
N TRP F 288 24.31 8.93 -50.99
CA TRP F 288 23.76 7.99 -51.96
C TRP F 288 22.38 7.60 -51.46
N TYR F 289 21.39 7.73 -52.31
CA TYR F 289 20.01 7.42 -51.96
C TYR F 289 19.38 6.79 -53.19
N PRO F 290 18.26 6.07 -53.07
CA PRO F 290 17.50 5.70 -54.27
C PRO F 290 16.89 6.91 -54.96
N ASP F 291 16.60 7.97 -54.21
CA ASP F 291 15.99 9.16 -54.78
C ASP F 291 16.85 10.34 -54.37
N GLU F 292 17.45 10.99 -55.35
CA GLU F 292 18.40 12.06 -55.10
C GLU F 292 18.46 12.99 -56.31
N ASP F 293 18.43 14.29 -56.02
CA ASP F 293 18.75 15.32 -56.99
C ASP F 293 19.55 16.45 -56.34
N GLY F 294 20.07 16.20 -55.15
CA GLY F 294 20.87 17.14 -54.41
C GLY F 294 20.13 17.68 -53.20
N LEU F 295 20.41 17.09 -52.03
CA LEU F 295 19.81 17.54 -50.78
C LEU F 295 20.82 17.55 -49.63
N GLY F 296 22.05 17.11 -49.85
CA GLY F 296 23.05 17.10 -48.81
C GLY F 296 23.10 15.79 -48.05
N PRO F 297 24.16 15.60 -47.28
CA PRO F 297 24.33 14.33 -46.55
C PRO F 297 23.42 14.26 -45.35
N ILE F 298 22.98 13.04 -45.05
CA ILE F 298 22.37 12.74 -43.76
C ILE F 298 23.27 11.74 -43.03
N ALA F 299 22.95 11.50 -41.77
CA ALA F 299 23.77 10.60 -40.96
C ALA F 299 23.58 9.17 -41.43
N VAL F 300 24.67 8.41 -41.40
CA VAL F 300 24.65 7.01 -41.80
C VAL F 300 23.84 6.25 -40.76
N GLU F 301 22.69 5.73 -41.16
CA GLU F 301 21.84 4.93 -40.31
C GLU F 301 21.24 3.83 -41.17
N PRO F 302 20.97 2.65 -40.58
CA PRO F 302 20.10 1.70 -41.27
C PRO F 302 18.72 2.31 -41.34
N TYR F 303 18.06 2.14 -42.49
CA TYR F 303 16.80 2.80 -42.84
C TYR F 303 16.96 4.32 -42.70
N GLY F 304 17.83 4.87 -43.54
CA GLY F 304 18.45 6.16 -43.31
C GLY F 304 17.52 7.31 -43.12
N SER F 305 17.36 7.73 -41.86
CA SER F 305 16.24 8.53 -41.44
C SER F 305 16.70 9.79 -40.73
N VAL F 306 15.90 10.85 -40.90
CA VAL F 306 16.16 12.15 -40.31
C VAL F 306 15.11 12.39 -39.23
N THR F 307 15.55 12.81 -38.05
CA THR F 307 14.58 13.11 -37.01
C THR F 307 13.90 14.45 -37.24
N SER F 308 14.61 15.40 -37.84
CA SER F 308 14.04 16.71 -38.16
C SER F 308 13.33 16.73 -39.51
N GLN F 309 13.02 15.58 -40.07
CA GLN F 309 12.23 15.54 -41.29
C GLN F 309 11.19 14.44 -41.25
N GLY F 310 11.23 13.56 -40.24
CA GLY F 310 10.22 12.54 -40.06
C GLY F 310 10.21 11.46 -41.11
N LYS F 311 11.31 11.28 -41.83
CA LYS F 311 11.28 10.53 -43.07
C LYS F 311 12.45 9.57 -43.12
N ALA F 312 12.22 8.39 -43.70
CA ALA F 312 13.28 7.41 -43.94
C ALA F 312 13.57 7.40 -45.43
N TYR F 313 14.85 7.49 -45.77
CA TYR F 313 15.29 7.53 -47.17
C TYR F 313 15.65 6.17 -47.71
N ARG F 314 16.17 5.30 -46.85
CA ARG F 314 16.51 3.93 -47.22
C ARG F 314 15.35 3.03 -46.80
N GLN F 315 14.25 3.19 -47.43
CA GLN F 315 13.20 2.26 -47.06
C GLN F 315 13.36 0.97 -47.84
N PRO F 316 13.08 -0.18 -47.23
CA PRO F 316 13.41 -1.46 -47.87
C PRO F 316 12.53 -1.82 -49.07
N LYS F 317 11.54 -1.02 -49.43
CA LYS F 317 10.83 -1.25 -50.68
C LYS F 317 11.73 -0.95 -51.86
N GLN F 318 12.54 0.09 -51.76
CA GLN F 318 13.75 0.18 -52.57
C GLN F 318 14.79 -0.75 -51.96
N LYS F 319 15.52 -1.47 -52.80
CA LYS F 319 16.42 -2.46 -52.23
C LYS F 319 17.80 -1.90 -51.94
N LEU F 320 17.87 -0.63 -51.54
CA LEU F 320 19.10 0.02 -51.09
C LEU F 320 18.89 0.38 -49.63
N ASP F 321 19.42 -0.46 -48.74
CA ASP F 321 19.21 -0.41 -47.31
C ASP F 321 20.23 -1.36 -46.69
N PHE F 322 20.62 -1.07 -45.45
CA PHE F 322 21.79 -1.73 -44.85
C PHE F 322 21.58 -3.22 -44.69
N TYR F 323 20.40 -3.63 -44.27
CA TYR F 323 20.20 -5.05 -44.04
C TYR F 323 20.09 -5.82 -45.34
N THR F 324 19.42 -5.25 -46.34
CA THR F 324 19.31 -5.86 -47.65
C THR F 324 20.66 -5.98 -48.34
N LEU F 325 21.40 -4.89 -48.41
CA LEU F 325 22.72 -4.85 -49.05
C LEU F 325 23.73 -5.72 -48.32
N LEU F 326 23.74 -5.64 -46.99
CA LEU F 326 24.64 -6.47 -46.18
C LEU F 326 24.34 -7.94 -46.36
N ASP F 327 23.07 -8.34 -46.30
CA ASP F 327 22.73 -9.74 -46.41
C ASP F 327 23.01 -10.29 -47.79
N ASN F 328 22.75 -9.52 -48.85
CA ASN F 328 23.12 -9.97 -50.19
C ASN F 328 24.63 -10.10 -50.35
N TRP F 329 25.39 -9.08 -49.92
CA TRP F 329 26.83 -9.05 -50.15
C TRP F 329 27.57 -10.07 -49.30
N VAL F 330 27.01 -10.47 -48.15
CA VAL F 330 27.64 -11.52 -47.36
C VAL F 330 27.15 -12.90 -47.76
N LEU F 331 25.84 -13.14 -47.78
CA LEU F 331 25.33 -14.46 -48.10
C LEU F 331 25.43 -14.77 -49.58
N ARG F 332 24.72 -14.00 -50.40
CA ARG F 332 24.53 -14.35 -51.81
C ARG F 332 25.67 -13.88 -52.70
N ASP F 333 26.71 -13.26 -52.13
CA ASP F 333 27.86 -12.70 -52.85
C ASP F 333 27.47 -11.66 -53.90
N GLU F 334 26.31 -11.04 -53.73
CA GLU F 334 25.90 -9.93 -54.58
C GLU F 334 26.69 -8.71 -54.16
N ALA F 335 27.80 -8.47 -54.84
CA ALA F 335 28.57 -7.27 -54.62
C ALA F 335 27.75 -6.07 -55.08
N PRO F 336 27.54 -5.07 -54.22
CA PRO F 336 26.68 -3.94 -54.60
C PRO F 336 27.33 -3.02 -55.61
N ALA F 337 26.66 -1.90 -55.91
CA ALA F 337 27.35 -0.79 -56.53
C ALA F 337 28.45 -0.32 -55.58
N VAL F 338 29.55 0.18 -56.18
CA VAL F 338 30.75 0.52 -55.43
C VAL F 338 30.48 1.66 -54.46
N GLU F 339 29.47 2.47 -54.75
CA GLU F 339 29.08 3.54 -53.85
C GLU F 339 28.30 3.02 -52.64
N GLN F 340 27.61 1.89 -52.76
CA GLN F 340 26.83 1.38 -51.64
C GLN F 340 27.67 0.61 -50.63
N GLN F 341 28.82 0.09 -51.08
CA GLN F 341 29.78 -0.55 -50.19
C GLN F 341 30.29 0.42 -49.13
N HIS F 342 30.45 1.69 -49.50
CA HIS F 342 30.84 2.72 -48.57
C HIS F 342 29.81 2.90 -47.47
N TYR F 343 28.53 2.87 -47.83
CA TYR F 343 27.44 2.97 -46.86
C TYR F 343 27.42 1.79 -45.91
N VAL F 344 27.65 0.58 -46.44
CA VAL F 344 27.64 -0.61 -45.60
C VAL F 344 28.81 -0.60 -44.61
N ILE F 345 29.99 -0.20 -45.08
CA ILE F 345 31.14 -0.15 -44.18
C ILE F 345 31.00 1.00 -43.18
N ALA F 346 30.34 2.09 -43.56
CA ALA F 346 30.06 3.14 -42.59
C ALA F 346 29.07 2.69 -41.51
N ASN F 347 28.10 1.86 -41.85
CA ASN F 347 27.26 1.26 -40.83
C ASN F 347 27.98 0.26 -39.94
N LEU F 348 28.99 -0.42 -40.46
CA LEU F 348 29.79 -1.25 -39.57
C LEU F 348 30.67 -0.41 -38.66
N ILE F 349 31.12 0.76 -39.12
CA ILE F 349 31.94 1.65 -38.30
C ILE F 349 31.10 2.29 -37.20
N ARG F 350 29.83 2.60 -37.45
CA ARG F 350 29.06 3.22 -36.38
C ARG F 350 28.63 2.24 -35.30
N GLY F 351 28.70 0.95 -35.55
CA GLY F 351 28.29 -0.03 -34.58
C GLY F 351 26.82 -0.38 -34.70
N GLY F 352 26.32 -1.08 -33.69
CA GLY F 352 24.91 -1.38 -33.65
C GLY F 352 24.57 -2.78 -33.21
N VAL F 353 23.28 -3.03 -33.03
CA VAL F 353 22.77 -4.33 -32.59
C VAL F 353 22.03 -4.92 -33.78
N PHE F 354 22.68 -5.79 -34.51
CA PHE F 354 22.13 -6.33 -35.75
C PHE F 354 21.63 -7.75 -35.46
N GLY F 355 21.28 -8.49 -36.50
CA GLY F 355 20.91 -9.87 -36.28
C GLY F 355 19.43 -10.16 -36.14
N GLU F 356 18.78 -9.66 -35.10
CA GLU F 356 17.34 -9.88 -34.93
C GLU F 356 16.59 -8.62 -34.52
N ILE G 23 32.39 -50.69 -4.97
CA ILE G 23 32.76 -49.77 -6.03
C ILE G 23 32.69 -48.34 -5.55
N LEU G 24 32.99 -47.40 -6.44
CA LEU G 24 32.96 -45.99 -6.13
C LEU G 24 31.99 -45.28 -7.07
N SER G 25 31.33 -44.26 -6.55
CA SER G 25 30.58 -43.34 -7.37
C SER G 25 30.79 -41.93 -6.83
N THR G 26 30.47 -40.94 -7.66
CA THR G 26 30.60 -39.56 -7.25
C THR G 26 29.55 -39.26 -6.19
N ALA G 27 29.95 -38.52 -5.16
CA ALA G 27 29.04 -38.10 -4.12
C ALA G 27 27.92 -37.25 -4.72
N SER G 28 26.69 -37.48 -4.23
CA SER G 28 25.55 -36.71 -4.69
C SER G 28 25.57 -35.27 -4.20
N VAL G 29 26.44 -34.94 -3.25
CA VAL G 29 26.74 -33.58 -2.89
C VAL G 29 28.25 -33.44 -2.92
N LEU G 30 28.75 -32.65 -3.86
CA LEU G 30 30.09 -32.10 -3.83
C LEU G 30 29.98 -30.59 -3.90
N ALA G 31 30.89 -29.91 -3.22
CA ALA G 31 30.98 -28.48 -3.35
C ALA G 31 32.41 -28.09 -3.07
N PHE G 32 32.94 -27.22 -3.89
CA PHE G 32 34.27 -26.69 -3.73
C PHE G 32 34.14 -25.19 -3.61
N GLU G 33 34.89 -24.59 -2.71
CA GLU G 33 34.92 -23.15 -2.63
C GLU G 33 35.99 -22.64 -3.57
N ARG G 34 35.76 -21.43 -4.10
CA ARG G 34 36.69 -20.89 -5.07
C ARG G 34 37.98 -20.46 -4.39
N LYS G 35 39.08 -20.73 -5.05
CA LYS G 35 40.35 -20.12 -4.73
C LYS G 35 40.53 -18.96 -5.70
N LEU G 36 41.54 -18.13 -5.45
CA LEU G 36 41.77 -16.87 -6.17
C LEU G 36 40.56 -15.94 -6.06
N ASP G 37 40.39 -15.40 -4.86
CA ASP G 37 39.32 -14.44 -4.56
C ASP G 37 39.73 -13.03 -4.93
N PRO G 38 39.14 -12.40 -5.94
CA PRO G 38 39.36 -10.98 -6.16
C PRO G 38 38.28 -10.14 -5.49
N SER G 39 38.59 -8.87 -5.30
CA SER G 39 37.61 -7.92 -4.85
C SER G 39 37.03 -7.21 -6.07
N ASP G 40 36.11 -6.29 -5.85
CA ASP G 40 35.66 -5.42 -6.92
C ASP G 40 36.76 -4.42 -7.26
N ALA G 41 36.82 -4.03 -8.52
CA ALA G 41 37.86 -3.12 -9.00
C ALA G 41 37.30 -1.73 -9.09
N LEU G 42 37.73 -0.86 -8.18
CA LEU G 42 37.32 0.54 -8.22
C LEU G 42 38.06 1.28 -9.31
N MET G 43 37.41 2.18 -10.04
CA MET G 43 38.01 3.05 -11.06
C MET G 43 38.28 4.50 -10.54
N SER G 44 39.39 5.11 -10.90
CA SER G 44 39.89 6.42 -10.55
C SER G 44 40.49 7.11 -11.73
N ALA G 45 40.65 8.40 -11.80
CA ALA G 45 41.24 9.04 -12.97
C ALA G 45 42.27 10.07 -12.71
N GLY G 46 43.20 10.24 -13.61
CA GLY G 46 44.23 11.19 -13.41
C GLY G 46 45.14 11.30 -14.54
N ALA G 47 46.21 12.03 -14.40
CA ALA G 47 47.18 12.22 -15.46
C ALA G 47 48.27 11.29 -15.35
N TRP G 48 49.07 11.02 -16.35
CA TRP G 48 50.14 10.03 -16.27
C TRP G 48 51.41 10.53 -15.50
N ALA G 49 51.16 10.69 -14.21
CA ALA G 49 51.89 11.03 -12.97
C ALA G 49 51.26 9.92 -12.10
N GLN G 50 51.37 8.71 -12.58
CA GLN G 50 50.86 7.54 -12.08
C GLN G 50 51.52 7.08 -10.91
N ARG G 51 52.82 7.02 -10.88
CA ARG G 51 53.46 6.48 -9.72
C ARG G 51 53.31 7.26 -8.51
N ASP G 52 53.51 8.53 -8.68
CA ASP G 52 53.62 9.51 -7.62
C ASP G 52 52.41 9.57 -6.82
N ALA G 53 51.33 9.61 -7.52
CA ALA G 53 50.13 9.70 -6.85
C ALA G 53 49.41 8.45 -7.16
N SER G 54 48.14 8.62 -7.27
CA SER G 54 47.12 7.69 -7.53
C SER G 54 46.53 7.15 -6.31
N GLN G 55 47.18 7.25 -5.18
CA GLN G 55 46.53 6.80 -3.98
C GLN G 55 45.43 7.82 -3.77
N GLU G 56 45.81 9.07 -3.84
CA GLU G 56 44.86 10.11 -3.65
C GLU G 56 44.37 10.69 -4.97
N TRP G 57 43.66 9.94 -5.77
CA TRP G 57 43.19 10.52 -6.99
C TRP G 57 41.74 10.23 -7.16
N PRO G 58 40.93 11.18 -7.60
CA PRO G 58 39.49 11.08 -7.63
C PRO G 58 38.94 10.01 -8.36
N ALA G 59 37.79 9.57 -7.97
CA ALA G 59 37.12 8.40 -8.52
C ALA G 59 36.21 8.78 -9.68
N VAL G 60 36.12 7.88 -10.65
CA VAL G 60 35.20 8.05 -11.77
C VAL G 60 33.78 7.82 -11.27
N THR G 61 32.91 8.78 -11.49
CA THR G 61 31.54 8.70 -10.99
C THR G 61 30.60 8.28 -12.11
N VAL G 62 29.52 7.63 -11.72
CA VAL G 62 28.50 7.20 -12.67
C VAL G 62 27.47 8.30 -12.79
N ARG G 63 27.38 8.89 -13.97
CA ARG G 63 26.50 10.00 -14.26
C ARG G 63 25.44 9.54 -15.24
N GLU G 64 24.28 10.19 -15.24
CA GLU G 64 23.21 9.81 -16.14
C GLU G 64 22.96 10.90 -17.17
N LYS G 65 22.53 10.48 -18.35
CA LYS G 65 22.25 11.43 -19.43
C LYS G 65 21.06 10.95 -20.23
N SER G 66 20.48 11.87 -20.98
CA SER G 66 19.35 11.57 -21.84
C SER G 66 19.85 11.21 -23.22
N VAL G 67 19.14 10.31 -23.88
CA VAL G 67 19.53 9.86 -25.20
C VAL G 67 18.26 9.61 -26.01
N ARG G 68 18.27 10.08 -27.25
CA ARG G 68 17.16 9.94 -28.17
C ARG G 68 17.63 9.14 -29.38
N GLY G 69 16.92 8.07 -29.70
CA GLY G 69 17.26 7.24 -30.82
C GLY G 69 16.13 7.18 -31.83
N THR G 70 16.45 6.60 -32.97
CA THR G 70 15.46 6.13 -33.93
C THR G 70 15.54 4.61 -33.98
N ILE G 71 14.55 3.99 -34.61
CA ILE G 71 14.59 2.54 -34.74
C ILE G 71 15.67 2.16 -35.76
N SER G 72 16.44 1.14 -35.43
CA SER G 72 17.47 0.63 -36.31
C SER G 72 17.52 -0.88 -36.31
N ASN G 73 16.58 -1.54 -35.62
CA ASN G 73 16.59 -2.99 -35.53
C ASN G 73 15.97 -3.62 -36.77
N ARG G 74 16.03 -4.95 -36.82
CA ARG G 74 15.49 -5.69 -37.96
C ARG G 74 13.98 -5.55 -38.01
N LEU G 75 13.44 -5.45 -39.22
CA LEU G 75 12.00 -5.46 -39.42
C LEU G 75 11.62 -6.70 -40.23
N LYS G 76 10.48 -7.27 -39.88
CA LYS G 76 10.07 -8.56 -40.43
C LYS G 76 9.52 -8.39 -41.85
N THR G 77 9.10 -9.51 -42.44
CA THR G 77 8.42 -9.45 -43.74
C THR G 77 7.05 -8.83 -43.60
N LYS G 78 6.40 -9.02 -42.45
CA LYS G 78 5.27 -8.21 -42.05
C LYS G 78 5.78 -6.93 -41.39
N ASP G 79 4.85 -5.99 -41.17
CA ASP G 79 5.12 -4.67 -40.61
C ASP G 79 6.15 -3.90 -41.44
N ARG G 80 6.08 -4.07 -42.75
CA ARG G 80 6.86 -3.30 -43.71
C ARG G 80 5.91 -2.41 -44.48
N ASP G 81 6.14 -1.11 -44.39
CA ASP G 81 5.21 -0.06 -44.80
C ASP G 81 6.00 1.23 -44.84
N PRO G 82 5.89 2.06 -45.88
CA PRO G 82 6.42 3.42 -45.76
C PRO G 82 5.72 4.22 -44.67
N ALA G 83 4.41 4.05 -44.54
CA ALA G 83 3.62 4.78 -43.57
C ALA G 83 3.98 4.40 -42.14
N LYS G 84 4.01 3.09 -41.84
CA LYS G 84 4.29 2.66 -40.47
C LYS G 84 5.74 2.88 -40.08
N LEU G 85 6.68 2.73 -41.01
CA LEU G 85 8.07 3.04 -40.70
C LEU G 85 8.27 4.53 -40.45
N ASP G 86 7.77 5.38 -41.35
CA ASP G 86 7.88 6.83 -41.15
C ASP G 86 7.06 7.34 -39.98
N ALA G 87 6.04 6.61 -39.56
CA ALA G 87 5.34 6.93 -38.32
C ALA G 87 6.04 6.38 -37.10
N SER G 88 6.95 5.43 -37.27
CA SER G 88 7.84 5.03 -36.20
C SER G 88 9.03 5.96 -36.02
N ILE G 89 9.47 6.64 -37.09
CA ILE G 89 10.47 7.69 -36.93
C ILE G 89 9.88 8.88 -36.15
N GLN G 90 8.61 9.21 -36.42
CA GLN G 90 8.01 10.39 -35.81
C GLN G 90 7.70 10.20 -34.33
N SER G 91 7.67 8.96 -33.84
CA SER G 91 7.51 8.66 -32.42
C SER G 91 8.77 7.95 -31.93
N PRO G 92 9.81 8.69 -31.55
CA PRO G 92 11.09 8.06 -31.21
C PRO G 92 11.10 7.46 -29.83
N ASN G 93 12.26 6.98 -29.38
CA ASN G 93 12.41 6.47 -28.02
C ASN G 93 13.29 7.41 -27.21
N LEU G 94 12.74 7.96 -26.14
CA LEU G 94 13.50 8.78 -25.21
C LEU G 94 13.79 7.96 -23.97
N GLN G 95 15.06 7.93 -23.57
CA GLN G 95 15.46 7.06 -22.48
C GLN G 95 16.66 7.65 -21.78
N THR G 96 16.86 7.21 -20.55
CA THR G 96 17.99 7.62 -19.74
C THR G 96 18.97 6.47 -19.66
N VAL G 97 20.26 6.77 -19.84
CA VAL G 97 21.32 5.79 -19.63
C VAL G 97 22.25 6.33 -18.57
N ASP G 98 22.97 5.42 -17.91
CA ASP G 98 24.14 5.79 -17.13
C ASP G 98 25.38 5.78 -18.00
N VAL G 99 26.23 6.78 -17.82
CA VAL G 99 27.52 6.84 -18.49
C VAL G 99 28.60 7.07 -17.45
N ALA G 100 29.80 6.64 -17.78
CA ALA G 100 30.97 6.89 -16.97
C ALA G 100 32.06 7.39 -17.89
N ASN G 101 32.56 8.58 -17.60
CA ASN G 101 33.57 9.22 -18.42
C ASN G 101 34.76 9.56 -17.56
N LEU G 102 35.92 9.68 -18.17
CA LEU G 102 37.00 10.31 -17.49
C LEU G 102 36.72 11.80 -17.37
N PRO G 103 37.31 12.49 -16.40
CA PRO G 103 37.26 13.95 -16.42
C PRO G 103 38.01 14.49 -17.62
N SER G 104 37.64 15.70 -18.03
CA SER G 104 38.25 16.28 -19.21
C SER G 104 39.69 16.70 -18.99
N ASP G 105 40.12 16.82 -17.74
CA ASP G 105 41.53 17.07 -17.45
C ASP G 105 42.38 15.82 -17.61
N ALA G 106 41.91 14.69 -17.09
CA ALA G 106 42.71 13.48 -16.95
C ALA G 106 42.51 12.55 -18.14
N ASP G 107 43.56 11.79 -18.46
CA ASP G 107 43.56 10.88 -19.60
C ASP G 107 43.78 9.42 -19.23
N THR G 108 43.86 9.08 -17.96
CA THR G 108 44.30 7.77 -17.52
C THR G 108 43.29 7.18 -16.55
N LEU G 109 42.90 5.94 -16.79
CA LEU G 109 42.05 5.18 -15.89
C LEU G 109 42.92 4.36 -14.95
N LYS G 110 42.66 4.45 -13.66
CA LYS G 110 43.26 3.58 -12.68
C LYS G 110 42.22 2.55 -12.26
N VAL G 111 42.60 1.28 -12.27
CA VAL G 111 41.74 0.18 -11.86
C VAL G 111 42.50 -0.64 -10.83
N ARG G 112 41.95 -0.75 -9.63
CA ARG G 112 42.68 -1.22 -8.46
C ARG G 112 41.84 -2.23 -7.71
N PHE G 113 42.28 -3.49 -7.68
CA PHE G 113 41.62 -4.53 -6.91
C PHE G 113 42.66 -5.32 -6.12
N THR G 114 42.18 -6.26 -5.33
CA THR G 114 42.99 -7.03 -4.39
C THR G 114 42.71 -8.50 -4.62
N LEU G 115 43.76 -9.30 -4.77
CA LEU G 115 43.62 -10.71 -5.05
C LEU G 115 44.19 -11.52 -3.90
N ARG G 116 43.50 -12.59 -3.53
CA ARG G 116 43.90 -13.44 -2.42
C ARG G 116 43.90 -14.88 -2.88
N VAL G 117 45.00 -15.58 -2.67
CA VAL G 117 45.18 -16.95 -3.16
C VAL G 117 45.14 -17.87 -1.96
N LEU G 118 44.20 -18.82 -1.94
CA LEU G 118 43.87 -19.49 -0.69
C LEU G 118 44.65 -20.78 -0.45
N GLY G 119 44.52 -21.76 -1.32
CA GLY G 119 45.26 -22.97 -1.02
C GLY G 119 44.38 -24.06 -0.44
N GLY G 120 44.70 -25.30 -0.78
CA GLY G 120 43.86 -26.43 -0.45
C GLY G 120 42.80 -26.67 -1.51
N ALA G 121 43.25 -26.82 -2.76
CA ALA G 121 42.33 -26.78 -3.90
C ALA G 121 41.53 -28.07 -4.02
N GLY G 122 42.13 -29.21 -3.68
CA GLY G 122 41.40 -30.45 -3.88
C GLY G 122 40.34 -30.75 -2.85
N THR G 123 40.38 -30.08 -1.71
CA THR G 123 39.51 -30.44 -0.60
C THR G 123 38.11 -29.88 -0.82
N PRO G 124 37.07 -30.71 -0.78
CA PRO G 124 35.72 -30.21 -0.97
C PRO G 124 35.14 -29.63 0.31
N SER G 125 34.43 -28.52 0.17
CA SER G 125 33.81 -27.88 1.32
C SER G 125 32.58 -28.61 1.82
N ALA G 126 32.02 -29.52 1.02
CA ALA G 126 30.94 -30.38 1.45
C ALA G 126 31.00 -31.63 0.59
N CYS G 127 30.98 -32.80 1.21
CA CYS G 127 31.04 -34.04 0.44
C CYS G 127 30.16 -35.10 1.06
N ASN G 128 29.34 -35.74 0.22
CA ASN G 128 28.29 -36.65 0.66
C ASN G 128 28.82 -38.05 0.93
N ASP G 129 29.79 -38.51 0.13
CA ASP G 129 30.39 -39.83 0.27
C ASP G 129 31.77 -39.69 0.89
N ALA G 130 32.20 -40.74 1.59
CA ALA G 130 33.50 -40.72 2.24
C ALA G 130 34.58 -41.41 1.42
N ALA G 131 34.25 -42.52 0.78
CA ALA G 131 35.21 -43.22 -0.06
C ALA G 131 35.41 -42.56 -1.41
N TYR G 132 34.57 -41.59 -1.78
CA TYR G 132 34.84 -40.75 -2.94
C TYR G 132 35.76 -39.60 -2.56
N ARG G 133 35.57 -39.02 -1.38
CA ARG G 133 36.43 -37.94 -0.92
C ARG G 133 37.83 -38.44 -0.62
N ASP G 134 37.95 -39.63 -0.04
CA ASP G 134 39.27 -40.20 0.21
C ASP G 134 39.99 -40.53 -1.07
N LYS G 135 39.26 -40.82 -2.15
CA LYS G 135 39.86 -41.12 -3.44
C LYS G 135 40.25 -39.85 -4.19
N LEU G 136 39.42 -38.82 -4.10
CA LEU G 136 39.69 -37.58 -4.81
C LEU G 136 40.80 -36.76 -4.15
N LEU G 137 40.93 -36.81 -2.83
CA LEU G 137 42.09 -36.19 -2.20
C LEU G 137 43.40 -36.86 -2.60
N GLN G 138 43.39 -38.19 -2.77
CA GLN G 138 44.56 -38.90 -3.27
C GLN G 138 44.88 -38.53 -4.71
N THR G 139 43.85 -38.41 -5.55
CA THR G 139 44.02 -38.04 -6.95
C THR G 139 44.63 -36.64 -7.09
N VAL G 140 44.12 -35.67 -6.32
CA VAL G 140 44.66 -34.32 -6.40
C VAL G 140 46.06 -34.25 -5.81
N ALA G 141 46.32 -34.99 -4.73
CA ALA G 141 47.68 -35.00 -4.16
C ALA G 141 48.69 -35.66 -5.08
N THR G 142 48.27 -36.66 -5.85
CA THR G 142 49.15 -37.27 -6.83
C THR G 142 49.42 -36.33 -8.00
N TYR G 143 48.41 -35.51 -8.37
CA TYR G 143 48.66 -34.44 -9.33
C TYR G 143 49.71 -33.46 -8.83
N VAL G 144 49.51 -32.94 -7.62
CA VAL G 144 50.39 -31.92 -7.05
C VAL G 144 51.80 -32.46 -6.81
N ASN G 145 51.96 -33.75 -6.56
CA ASN G 145 53.31 -34.30 -6.54
C ASN G 145 53.90 -34.55 -7.92
N ASP G 146 53.09 -34.96 -8.91
CA ASP G 146 53.65 -35.28 -10.23
C ASP G 146 54.08 -34.05 -11.00
N GLN G 147 53.44 -32.91 -10.75
CA GLN G 147 53.98 -31.61 -11.06
C GLN G 147 53.31 -30.61 -10.13
N GLY G 148 53.92 -29.47 -9.92
CA GLY G 148 53.37 -28.55 -8.95
C GLY G 148 52.17 -27.79 -9.45
N PHE G 149 52.04 -26.55 -9.01
CA PHE G 149 51.10 -25.63 -9.65
C PHE G 149 51.82 -24.73 -10.61
N ALA G 150 52.81 -25.26 -11.33
CA ALA G 150 53.62 -24.45 -12.22
C ALA G 150 52.84 -23.98 -13.43
N GLU G 151 52.24 -24.90 -14.18
CA GLU G 151 51.60 -24.54 -15.43
C GLU G 151 50.22 -23.95 -15.28
N LEU G 152 49.65 -23.97 -14.07
CA LEU G 152 48.46 -23.18 -13.84
C LEU G 152 48.79 -21.78 -13.34
N ALA G 153 49.72 -21.64 -12.41
CA ALA G 153 50.08 -20.32 -11.93
C ALA G 153 50.83 -19.51 -12.98
N ARG G 154 51.50 -20.18 -13.92
CA ARG G 154 52.14 -19.46 -15.01
C ARG G 154 51.12 -18.81 -15.92
N ARG G 155 49.93 -19.39 -16.05
CA ARG G 155 48.88 -18.82 -16.87
C ARG G 155 47.93 -17.94 -16.10
N TYR G 156 47.84 -18.08 -14.77
CA TYR G 156 47.17 -17.05 -13.98
C TYR G 156 48.03 -15.80 -13.82
N ALA G 157 49.35 -15.93 -13.92
CA ALA G 157 50.20 -14.75 -13.83
C ALA G 157 50.12 -13.91 -15.09
N HIS G 158 49.91 -14.54 -16.24
CA HIS G 158 49.78 -13.79 -17.50
C HIS G 158 48.54 -12.94 -17.51
N ASN G 159 47.39 -13.50 -17.13
CA ASN G 159 46.13 -12.74 -17.12
C ASN G 159 46.11 -11.62 -16.09
N LEU G 160 47.05 -11.61 -15.15
CA LEU G 160 47.33 -10.44 -14.34
C LEU G 160 48.24 -9.46 -15.04
N ALA G 161 49.33 -9.97 -15.64
CA ALA G 161 50.38 -9.09 -16.16
C ALA G 161 49.93 -8.39 -17.43
N ASN G 162 49.26 -9.08 -18.34
CA ASN G 162 48.49 -8.35 -19.32
C ASN G 162 47.18 -7.96 -18.67
N ALA G 163 46.61 -6.84 -19.07
CA ALA G 163 45.46 -6.35 -18.32
C ALA G 163 44.16 -6.91 -18.90
N ARG G 164 44.04 -8.24 -18.81
CA ARG G 164 42.85 -8.94 -19.30
C ARG G 164 41.61 -8.50 -18.55
N PHE G 165 41.77 -8.18 -17.26
CA PHE G 165 40.66 -7.74 -16.42
C PHE G 165 40.13 -6.37 -16.79
N LEU G 166 40.90 -5.58 -17.55
CA LEU G 166 40.35 -4.43 -18.25
C LEU G 166 39.70 -4.95 -19.52
N TRP G 167 38.38 -4.96 -19.58
CA TRP G 167 37.75 -5.67 -20.68
C TRP G 167 37.69 -4.84 -21.95
N ARG G 168 36.92 -3.77 -21.94
CA ARG G 168 36.84 -2.88 -23.07
C ARG G 168 37.66 -1.62 -22.85
N ASN G 169 38.08 -1.40 -21.60
CA ASN G 169 38.98 -0.30 -21.25
C ASN G 169 40.39 -0.54 -21.76
N ARG G 170 40.73 -1.77 -22.12
CA ARG G 170 42.00 -2.12 -22.71
C ARG G 170 42.01 -1.93 -24.22
N VAL G 171 40.84 -2.02 -24.85
CA VAL G 171 40.74 -2.01 -26.30
C VAL G 171 40.96 -0.59 -26.80
N GLY G 172 42.06 -0.38 -27.51
CA GLY G 172 42.34 0.92 -28.08
C GLY G 172 43.05 1.88 -27.16
N ALA G 173 43.53 1.41 -26.01
CA ALA G 173 44.35 2.25 -25.15
C ALA G 173 45.73 2.43 -25.76
N GLU G 174 46.32 3.60 -25.54
CA GLU G 174 47.65 3.86 -26.09
C GLU G 174 48.71 3.03 -25.39
N ALA G 175 48.78 3.14 -24.06
CA ALA G 175 49.69 2.37 -23.24
C ALA G 175 48.93 1.84 -22.04
N VAL G 176 49.20 0.60 -21.67
CA VAL G 176 48.66 -0.01 -20.46
C VAL G 176 49.83 -0.48 -19.62
N GLU G 177 49.77 -0.25 -18.31
CA GLU G 177 50.88 -0.56 -17.42
C GLU G 177 50.33 -1.14 -16.13
N VAL G 178 50.68 -2.38 -15.82
CA VAL G 178 50.13 -3.10 -14.67
C VAL G 178 51.15 -3.12 -13.56
N ARG G 179 50.72 -2.82 -12.34
CA ARG G 179 51.55 -2.92 -11.15
C ARG G 179 50.94 -3.93 -10.18
N ILE G 180 51.80 -4.76 -9.59
CA ILE G 180 51.40 -5.80 -8.67
C ILE G 180 52.26 -5.71 -7.42
N ASN G 181 51.63 -5.66 -6.25
CA ASN G 181 52.34 -5.71 -4.98
C ASN G 181 52.01 -7.01 -4.26
N HIS G 182 53.00 -7.58 -3.59
CA HIS G 182 52.78 -8.60 -2.59
C HIS G 182 52.92 -7.96 -1.21
N ILE G 183 51.96 -8.20 -0.34
CA ILE G 183 51.88 -7.56 0.97
C ILE G 183 51.74 -8.60 2.06
N ARG G 184 52.66 -8.58 3.03
CA ARG G 184 52.64 -9.51 4.14
C ARG G 184 52.37 -8.87 5.50
N GLN G 185 52.21 -7.55 5.53
CA GLN G 185 51.64 -6.78 6.63
C GLN G 185 50.94 -5.64 5.92
N GLY G 186 50.85 -4.48 6.57
CA GLY G 186 50.59 -3.27 5.81
C GLY G 186 51.62 -3.01 4.73
N GLU G 187 52.87 -3.41 4.96
CA GLU G 187 53.99 -3.07 4.09
C GLU G 187 54.03 -3.97 2.85
N VAL G 188 54.80 -3.54 1.86
CA VAL G 188 54.93 -4.21 0.57
C VAL G 188 56.22 -5.00 0.57
N ALA G 189 56.11 -6.30 0.31
CA ALA G 189 57.26 -7.19 0.31
C ALA G 189 57.91 -7.32 -1.07
N ARG G 190 57.11 -7.30 -2.14
CA ARG G 190 57.63 -7.53 -3.49
C ARG G 190 56.74 -6.86 -4.51
N ALA G 191 57.33 -6.00 -5.33
CA ALA G 191 56.60 -5.19 -6.30
C ALA G 191 57.04 -5.53 -7.71
N TRP G 192 56.08 -5.86 -8.56
CA TRP G 192 56.31 -6.04 -9.98
C TRP G 192 55.79 -4.84 -10.75
N ARG G 193 56.28 -4.68 -11.98
CA ARG G 193 55.77 -3.73 -12.95
C ARG G 193 55.77 -4.41 -14.31
N PHE G 194 54.77 -4.11 -15.12
CA PHE G 194 54.66 -4.75 -16.41
C PHE G 194 54.24 -3.75 -17.45
N ASP G 195 54.52 -4.09 -18.71
CA ASP G 195 53.98 -3.41 -19.87
C ASP G 195 52.95 -4.37 -20.45
N ALA G 196 51.67 -4.07 -20.23
CA ALA G 196 50.62 -5.04 -20.49
C ALA G 196 50.38 -5.25 -21.97
N LEU G 197 50.71 -4.25 -22.79
CA LEU G 197 50.50 -4.40 -24.23
C LEU G 197 51.67 -5.12 -24.88
N ALA G 198 52.87 -4.99 -24.30
CA ALA G 198 54.03 -5.70 -24.82
C ALA G 198 53.94 -7.19 -24.51
N ILE G 199 53.38 -7.53 -23.34
CA ILE G 199 53.09 -8.92 -23.02
C ILE G 199 52.02 -9.46 -23.97
N GLY G 200 50.88 -8.79 -24.04
CA GLY G 200 49.85 -9.11 -24.99
C GLY G 200 49.08 -10.36 -24.60
N LEU G 201 47.96 -10.54 -25.29
CA LEU G 201 47.13 -11.71 -25.08
C LEU G 201 47.68 -12.87 -25.89
N ARG G 202 47.14 -14.06 -25.62
CA ARG G 202 47.24 -15.30 -26.41
C ARG G 202 48.61 -15.97 -26.33
N ASP G 203 49.63 -15.34 -25.78
CA ASP G 203 50.97 -15.93 -25.89
C ASP G 203 51.23 -17.06 -24.89
N PHE G 204 51.07 -16.77 -23.59
CA PHE G 204 51.51 -17.61 -22.47
C PHE G 204 52.98 -18.00 -22.61
N LYS G 205 53.80 -17.04 -23.05
CA LYS G 205 55.22 -17.28 -23.26
C LYS G 205 55.97 -16.84 -22.00
N ALA G 206 57.16 -17.39 -21.81
CA ALA G 206 57.86 -17.25 -20.54
C ALA G 206 58.61 -15.94 -20.45
N ASP G 207 58.74 -15.44 -19.23
CA ASP G 207 59.48 -14.23 -18.89
C ASP G 207 60.29 -14.49 -17.65
N ALA G 208 61.38 -13.74 -17.50
CA ALA G 208 62.23 -13.84 -16.33
C ALA G 208 61.70 -13.07 -15.13
N GLU G 209 60.57 -12.38 -15.28
CA GLU G 209 59.94 -11.66 -14.19
C GLU G 209 58.53 -12.18 -13.91
N LEU G 210 57.85 -12.72 -14.92
CA LEU G 210 56.58 -13.41 -14.71
C LEU G 210 56.73 -14.68 -13.90
N ASP G 211 57.86 -15.38 -14.01
CA ASP G 211 57.99 -16.62 -13.26
C ASP G 211 58.21 -16.39 -11.78
N ALA G 212 58.73 -15.22 -11.39
CA ALA G 212 58.78 -14.86 -9.99
C ALA G 212 57.38 -14.63 -9.43
N LEU G 213 56.44 -14.21 -10.27
CA LEU G 213 55.05 -14.08 -9.85
C LEU G 213 54.33 -15.41 -9.87
N ALA G 214 54.69 -16.27 -10.82
CA ALA G 214 54.08 -17.59 -10.90
C ALA G 214 54.50 -18.47 -9.74
N GLU G 215 55.74 -18.35 -9.27
CA GLU G 215 56.16 -19.07 -8.08
C GLU G 215 55.46 -18.59 -6.82
N LEU G 216 55.13 -17.31 -6.72
CA LEU G 216 54.33 -16.82 -5.59
C LEU G 216 52.90 -17.34 -5.65
N ILE G 217 52.28 -17.30 -6.82
CA ILE G 217 50.92 -17.83 -6.96
C ILE G 217 50.89 -19.34 -6.73
N ALA G 218 51.95 -20.05 -7.13
CA ALA G 218 52.03 -21.48 -6.88
C ALA G 218 52.33 -21.80 -5.42
N SER G 219 53.00 -20.92 -4.70
CA SER G 219 53.09 -21.11 -3.26
C SER G 219 51.77 -20.84 -2.58
N GLY G 220 50.95 -19.97 -3.16
CA GLY G 220 49.62 -19.75 -2.63
C GLY G 220 48.66 -20.90 -2.87
N LEU G 221 48.73 -21.50 -4.06
CA LEU G 221 47.78 -22.55 -4.43
C LEU G 221 48.06 -23.88 -3.76
N SER G 222 49.30 -24.12 -3.33
CA SER G 222 49.65 -25.34 -2.62
C SER G 222 49.71 -25.14 -1.11
N GLY G 223 49.41 -23.95 -0.63
CA GLY G 223 49.28 -23.72 0.79
C GLY G 223 50.55 -23.43 1.54
N SER G 224 51.66 -23.15 0.84
CA SER G 224 52.95 -22.98 1.50
C SER G 224 53.22 -21.52 1.87
N GLY G 225 52.27 -20.89 2.54
CA GLY G 225 52.41 -19.48 2.86
C GLY G 225 51.22 -18.66 2.41
N HIS G 226 51.01 -17.51 3.03
CA HIS G 226 49.88 -16.66 2.70
C HIS G 226 50.23 -15.69 1.58
N VAL G 227 49.32 -15.56 0.61
CA VAL G 227 49.54 -14.71 -0.56
C VAL G 227 48.38 -13.75 -0.67
N LEU G 228 48.66 -12.45 -0.51
CA LEU G 228 47.73 -11.39 -0.81
C LEU G 228 48.37 -10.44 -1.79
N LEU G 229 47.69 -10.18 -2.90
CA LEU G 229 48.20 -9.36 -4.00
C LEU G 229 47.24 -8.21 -4.26
N GLU G 230 47.75 -7.00 -4.37
CA GLU G 230 46.97 -5.90 -4.91
C GLU G 230 47.45 -5.57 -6.32
N VAL G 231 46.51 -5.42 -7.23
CA VAL G 231 46.81 -5.25 -8.65
C VAL G 231 46.28 -3.88 -9.08
N VAL G 232 47.15 -3.06 -9.64
CA VAL G 232 46.79 -1.74 -10.13
C VAL G 232 47.12 -1.67 -11.61
N ALA G 233 46.17 -1.26 -12.42
CA ALA G 233 46.36 -1.07 -13.85
C ALA G 233 46.18 0.41 -14.20
N PHE G 234 46.93 0.88 -15.19
CA PHE G 234 46.84 2.23 -15.70
C PHE G 234 46.66 2.17 -17.21
N ALA G 235 45.51 2.61 -17.70
CA ALA G 235 45.22 2.64 -19.13
C ALA G 235 45.07 4.08 -19.61
N ARG G 236 45.97 4.53 -20.47
CA ARG G 236 45.84 5.83 -21.14
C ARG G 236 44.85 5.70 -22.28
N ILE G 237 43.69 6.34 -22.16
CA ILE G 237 42.72 6.29 -23.23
C ILE G 237 42.38 7.67 -23.79
N GLY G 238 42.63 8.76 -23.08
CA GLY G 238 42.34 10.08 -23.62
C GLY G 238 41.47 10.91 -22.71
N ASP G 239 41.53 12.23 -22.86
CA ASP G 239 40.80 13.12 -21.98
C ASP G 239 39.29 13.01 -22.19
N GLY G 240 38.57 12.74 -21.11
CA GLY G 240 37.13 12.75 -21.17
C GLY G 240 36.50 11.54 -21.81
N GLN G 241 37.28 10.52 -22.15
CA GLN G 241 36.76 9.38 -22.89
C GLN G 241 35.86 8.50 -22.02
N GLU G 242 35.10 7.64 -22.69
CA GLU G 242 34.14 6.76 -22.04
C GLU G 242 34.83 5.54 -21.47
N VAL G 243 34.77 5.39 -20.16
CA VAL G 243 35.21 4.18 -19.50
C VAL G 243 34.01 3.27 -19.31
N PHE G 244 34.27 1.99 -19.10
CA PHE G 244 33.24 0.95 -19.14
C PHE G 244 33.25 0.15 -17.85
N PRO G 245 32.50 0.58 -16.84
CA PRO G 245 32.23 -0.29 -15.70
C PRO G 245 31.16 -1.32 -16.08
N SER G 246 30.94 -2.25 -15.18
CA SER G 246 30.03 -3.35 -15.44
C SER G 246 28.59 -2.92 -15.23
N GLN G 247 27.68 -3.60 -15.89
CA GLN G 247 26.29 -3.17 -15.92
C GLN G 247 25.43 -4.00 -15.00
N GLU G 248 24.29 -3.42 -14.63
CA GLU G 248 23.37 -3.98 -13.66
C GLU G 248 22.06 -4.38 -14.32
N LEU G 249 21.39 -5.33 -13.68
CA LEU G 249 20.01 -5.63 -14.01
C LEU G 249 19.11 -4.48 -13.58
N ILE G 250 18.33 -3.97 -14.52
CA ILE G 250 17.42 -2.87 -14.28
C ILE G 250 16.11 -3.34 -13.65
N GLY G 258 12.08 7.84 -21.11
CA GLY G 258 12.11 8.22 -19.71
C GLY G 258 12.71 7.15 -18.81
N GLN G 259 12.47 5.90 -19.17
CA GLN G 259 12.89 4.78 -18.34
C GLN G 259 14.41 4.61 -18.41
N LYS G 260 15.01 4.32 -17.25
CA LYS G 260 16.44 4.14 -17.10
C LYS G 260 16.86 2.86 -17.78
N SER G 261 17.40 2.95 -18.99
CA SER G 261 17.60 1.76 -19.80
C SER G 261 18.95 1.09 -19.58
N LYS G 262 19.91 1.78 -18.99
CA LYS G 262 21.19 1.15 -18.67
C LYS G 262 21.67 1.67 -17.33
N THR G 263 21.96 0.73 -16.41
CA THR G 263 22.47 1.05 -15.10
C THR G 263 23.90 0.52 -14.99
N LEU G 264 24.79 1.28 -14.39
CA LEU G 264 26.16 0.86 -14.20
C LEU G 264 26.41 0.53 -12.74
N TYR G 265 27.47 -0.22 -12.49
CA TYR G 265 27.78 -0.67 -11.14
C TYR G 265 28.65 0.34 -10.44
N SER G 266 28.29 0.67 -9.21
CA SER G 266 29.08 1.55 -8.38
C SER G 266 29.05 1.05 -6.95
N VAL G 267 30.11 1.33 -6.21
CA VAL G 267 30.16 1.06 -4.77
C VAL G 267 30.60 2.34 -4.07
N ARG G 268 29.62 3.07 -3.54
CA ARG G 268 29.78 4.32 -2.78
C ARG G 268 30.47 5.39 -3.63
N ASP G 269 29.73 5.85 -4.64
CA ASP G 269 30.03 6.99 -5.53
C ASP G 269 31.30 6.80 -6.37
N ALA G 270 31.63 5.55 -6.69
CA ALA G 270 32.80 5.24 -7.50
C ALA G 270 32.43 4.10 -8.42
N ALA G 271 32.64 4.29 -9.73
CA ALA G 271 32.35 3.26 -10.70
C ALA G 271 33.24 2.05 -10.49
N ALA G 272 32.69 0.86 -10.69
CA ALA G 272 33.38 -0.36 -10.32
C ALA G 272 33.09 -1.47 -11.32
N ILE G 273 33.92 -2.49 -11.27
CA ILE G 273 33.74 -3.72 -12.05
C ILE G 273 33.40 -4.83 -11.06
N HIS G 274 32.44 -5.69 -11.42
CA HIS G 274 32.08 -6.81 -10.54
C HIS G 274 33.26 -7.77 -10.39
N SER G 275 33.36 -8.36 -9.21
CA SER G 275 34.47 -9.25 -8.92
C SER G 275 34.40 -10.55 -9.70
N GLN G 276 33.21 -10.99 -10.09
CA GLN G 276 33.11 -12.15 -10.94
C GLN G 276 33.59 -11.86 -12.36
N LYS G 277 33.53 -10.61 -12.80
CA LYS G 277 34.03 -10.28 -14.13
C LYS G 277 35.55 -10.18 -14.15
N ILE G 278 36.15 -9.82 -13.03
CA ILE G 278 37.60 -9.93 -12.90
C ILE G 278 38.03 -11.38 -12.84
N GLY G 279 37.33 -12.17 -12.02
CA GLY G 279 37.69 -13.57 -11.85
C GLY G 279 37.50 -14.38 -13.11
N ASN G 280 36.56 -13.96 -13.97
CA ASN G 280 36.42 -14.55 -15.29
C ASN G 280 37.66 -14.32 -16.14
N ALA G 281 38.16 -13.09 -16.15
CA ALA G 281 39.31 -12.76 -16.97
C ALA G 281 40.57 -13.40 -16.46
N LEU G 282 40.68 -13.58 -15.14
CA LEU G 282 41.87 -14.20 -14.56
C LEU G 282 42.01 -15.67 -14.96
N ARG G 283 40.89 -16.38 -15.10
CA ARG G 283 40.98 -17.78 -15.47
C ARG G 283 40.81 -18.03 -16.96
N THR G 284 41.04 -17.02 -17.80
CA THR G 284 41.04 -17.25 -19.25
C THR G 284 42.37 -17.91 -19.59
N ILE G 285 42.37 -19.24 -19.46
CA ILE G 285 43.57 -20.06 -19.51
C ILE G 285 43.49 -21.10 -20.60
N ASP G 286 42.33 -21.72 -20.75
CA ASP G 286 42.15 -23.02 -21.39
C ASP G 286 42.45 -22.92 -22.87
N THR G 287 43.65 -23.33 -23.26
CA THR G 287 44.05 -23.50 -24.64
C THR G 287 44.28 -24.97 -24.95
N TRP G 288 43.43 -25.84 -24.43
CA TRP G 288 43.56 -27.26 -24.72
C TRP G 288 42.29 -27.83 -25.31
N TYR G 289 41.30 -27.00 -25.58
CA TYR G 289 40.05 -27.44 -26.18
C TYR G 289 40.29 -27.82 -27.64
N PRO G 290 39.55 -28.84 -28.16
CA PRO G 290 40.06 -29.58 -29.33
C PRO G 290 39.96 -28.86 -30.67
N ASP G 291 38.98 -27.99 -30.85
CA ASP G 291 38.80 -27.30 -32.13
C ASP G 291 39.54 -25.99 -32.20
N GLU G 292 40.61 -25.83 -31.44
CA GLU G 292 41.39 -24.60 -31.41
C GLU G 292 42.40 -24.62 -32.54
N ASP G 293 42.04 -24.04 -33.68
CA ASP G 293 43.00 -23.82 -34.76
C ASP G 293 43.24 -22.34 -35.00
N GLY G 294 42.21 -21.57 -35.38
CA GLY G 294 42.31 -20.14 -35.26
C GLY G 294 41.36 -19.60 -34.21
N LEU G 295 41.88 -19.40 -33.00
CA LEU G 295 41.18 -18.84 -31.84
C LEU G 295 42.24 -18.56 -30.79
N GLY G 296 41.80 -18.27 -29.56
CA GLY G 296 42.71 -18.08 -28.46
C GLY G 296 42.33 -18.79 -27.19
N PRO G 297 42.81 -18.28 -26.05
CA PRO G 297 42.46 -18.86 -24.75
C PRO G 297 41.04 -18.51 -24.35
N ILE G 298 40.36 -19.47 -23.74
CA ILE G 298 39.01 -19.26 -23.24
C ILE G 298 39.02 -19.46 -21.73
N ALA G 299 37.96 -19.01 -21.08
CA ALA G 299 37.87 -19.15 -19.64
C ALA G 299 37.56 -20.59 -19.26
N VAL G 300 38.21 -21.07 -18.20
CA VAL G 300 37.99 -22.41 -17.71
C VAL G 300 36.60 -22.52 -17.13
N GLU G 301 35.85 -23.50 -17.56
CA GLU G 301 34.42 -23.55 -17.39
C GLU G 301 34.00 -24.97 -17.75
N PRO G 302 33.01 -25.56 -17.08
CA PRO G 302 32.56 -26.88 -17.50
C PRO G 302 31.79 -26.77 -18.79
N TYR G 303 32.05 -27.70 -19.72
CA TYR G 303 31.55 -27.70 -21.10
C TYR G 303 32.02 -26.48 -21.88
N GLY G 304 33.18 -25.93 -21.53
CA GLY G 304 33.93 -24.92 -22.27
C GLY G 304 33.24 -23.81 -23.04
N SER G 305 32.27 -23.14 -22.41
CA SER G 305 31.39 -22.23 -23.12
C SER G 305 31.89 -20.81 -23.09
N VAL G 306 31.86 -20.15 -24.25
CA VAL G 306 32.08 -18.73 -24.37
C VAL G 306 30.76 -18.11 -24.81
N THR G 307 30.37 -17.03 -24.15
CA THR G 307 29.05 -16.44 -24.42
C THR G 307 29.04 -15.68 -25.74
N SER G 308 30.13 -14.99 -26.06
CA SER G 308 30.18 -14.13 -27.25
C SER G 308 30.10 -14.95 -28.53
N GLN G 309 30.93 -15.99 -28.65
CA GLN G 309 30.81 -16.88 -29.79
C GLN G 309 29.57 -17.77 -29.73
N GLY G 310 28.91 -17.85 -28.58
CA GLY G 310 27.66 -18.56 -28.47
C GLY G 310 27.75 -20.07 -28.60
N LYS G 311 28.94 -20.64 -28.56
CA LYS G 311 29.08 -22.08 -28.66
C LYS G 311 29.81 -22.63 -27.45
N ALA G 312 29.82 -23.96 -27.38
CA ALA G 312 30.50 -24.69 -26.32
C ALA G 312 31.54 -25.59 -26.96
N TYR G 313 32.80 -25.25 -26.77
CA TYR G 313 33.89 -26.22 -26.87
C TYR G 313 33.80 -27.12 -25.66
N ARG G 314 34.58 -28.22 -25.67
CA ARG G 314 34.46 -29.30 -24.69
C ARG G 314 33.03 -29.83 -24.65
N GLN G 315 32.62 -30.40 -25.76
CA GLN G 315 31.33 -31.08 -25.77
C GLN G 315 31.42 -32.37 -24.96
N PRO G 316 30.30 -32.81 -24.39
CA PRO G 316 30.28 -34.13 -23.75
C PRO G 316 30.39 -35.29 -24.70
N LYS G 317 30.17 -35.11 -26.00
CA LYS G 317 30.22 -36.27 -26.89
C LYS G 317 31.64 -36.60 -27.32
N GLN G 318 32.54 -35.63 -27.37
CA GLN G 318 33.95 -35.93 -27.23
C GLN G 318 34.24 -36.06 -25.74
N LYS G 319 35.41 -36.55 -25.36
CA LYS G 319 35.62 -36.91 -23.96
C LYS G 319 36.42 -35.86 -23.20
N LEU G 320 36.19 -34.59 -23.52
CA LEU G 320 36.95 -33.50 -22.90
C LEU G 320 36.07 -32.56 -22.09
N ASP G 321 34.85 -32.99 -21.80
CA ASP G 321 34.03 -32.39 -20.75
C ASP G 321 34.76 -32.47 -19.41
N PHE G 322 34.47 -31.51 -18.52
CA PHE G 322 35.02 -31.55 -17.17
C PHE G 322 34.53 -32.76 -16.39
N TYR G 323 33.24 -33.09 -16.50
CA TYR G 323 32.71 -34.18 -15.70
C TYR G 323 33.17 -35.53 -16.21
N THR G 324 33.40 -35.66 -17.51
CA THR G 324 33.97 -36.87 -18.07
C THR G 324 35.40 -37.07 -17.59
N LEU G 325 36.21 -36.02 -17.69
CA LEU G 325 37.61 -36.12 -17.32
C LEU G 325 37.81 -36.24 -15.81
N LEU G 326 36.84 -35.79 -15.02
CA LEU G 326 36.92 -35.99 -13.58
C LEU G 326 36.50 -37.40 -13.19
N ASP G 327 35.39 -37.89 -13.77
CA ASP G 327 34.90 -39.21 -13.42
C ASP G 327 35.78 -40.32 -13.95
N ASN G 328 36.46 -40.13 -15.08
CA ASN G 328 37.36 -41.18 -15.54
C ASN G 328 38.63 -41.22 -14.71
N TRP G 329 39.00 -40.11 -14.09
CA TRP G 329 40.28 -39.99 -13.41
C TRP G 329 40.19 -40.26 -11.93
N VAL G 330 39.02 -40.10 -11.33
CA VAL G 330 38.81 -40.44 -9.93
C VAL G 330 38.19 -41.83 -9.78
N LEU G 331 37.14 -42.13 -10.54
CA LEU G 331 36.46 -43.42 -10.38
C LEU G 331 37.22 -44.53 -11.09
N ARG G 332 37.32 -44.44 -12.42
CA ARG G 332 37.89 -45.53 -13.22
C ARG G 332 39.41 -45.51 -13.28
N ASP G 333 40.06 -44.54 -12.62
CA ASP G 333 41.53 -44.40 -12.58
C ASP G 333 42.16 -44.25 -13.96
N GLU G 334 41.41 -43.71 -14.93
CA GLU G 334 41.95 -43.40 -16.25
C GLU G 334 42.49 -41.97 -16.19
N ALA G 335 43.78 -41.84 -15.95
CA ALA G 335 44.41 -40.53 -15.92
C ALA G 335 44.48 -39.96 -17.33
N PRO G 336 43.95 -38.77 -17.57
CA PRO G 336 43.96 -38.21 -18.92
C PRO G 336 45.33 -37.73 -19.35
N ALA G 337 45.39 -37.02 -20.48
CA ALA G 337 46.62 -36.39 -20.89
C ALA G 337 47.03 -35.31 -19.88
N VAL G 338 48.32 -34.99 -19.89
CA VAL G 338 48.89 -34.04 -18.94
C VAL G 338 48.27 -32.66 -19.12
N GLU G 339 47.85 -32.35 -20.34
CA GLU G 339 47.25 -31.07 -20.65
C GLU G 339 45.85 -30.95 -20.05
N GLN G 340 45.12 -32.06 -20.01
CA GLN G 340 43.75 -32.03 -19.52
C GLN G 340 43.68 -32.10 -18.00
N GLN G 341 44.73 -32.62 -17.35
CA GLN G 341 44.81 -32.56 -15.90
C GLN G 341 44.91 -31.14 -15.39
N HIS G 342 45.58 -30.25 -16.13
CA HIS G 342 45.57 -28.84 -15.79
C HIS G 342 44.17 -28.24 -15.89
N TYR G 343 43.40 -28.68 -16.88
CA TYR G 343 42.03 -28.21 -17.03
C TYR G 343 41.13 -28.67 -15.88
N VAL G 344 41.24 -29.95 -15.50
CA VAL G 344 40.40 -30.46 -14.41
C VAL G 344 40.76 -29.80 -13.09
N ILE G 345 42.06 -29.60 -12.85
CA ILE G 345 42.45 -28.93 -11.63
C ILE G 345 42.06 -27.46 -11.67
N ALA G 346 42.03 -26.84 -12.86
CA ALA G 346 41.60 -25.46 -12.97
C ALA G 346 40.11 -25.30 -12.69
N ASN G 347 39.31 -26.30 -13.04
CA ASN G 347 37.92 -26.32 -12.63
C ASN G 347 37.74 -26.59 -11.15
N LEU G 348 38.65 -27.33 -10.52
CA LEU G 348 38.55 -27.48 -9.07
C LEU G 348 38.97 -26.22 -8.32
N ILE G 349 39.88 -25.42 -8.91
CA ILE G 349 40.33 -24.19 -8.28
C ILE G 349 39.22 -23.14 -8.26
N ARG G 350 38.43 -23.05 -9.34
CA ARG G 350 37.36 -22.07 -9.33
C ARG G 350 36.13 -22.51 -8.55
N GLY G 351 36.07 -23.75 -8.11
CA GLY G 351 34.97 -24.17 -7.30
C GLY G 351 33.72 -24.43 -8.11
N GLY G 352 32.66 -24.73 -7.40
CA GLY G 352 31.38 -24.97 -8.02
C GLY G 352 30.64 -26.09 -7.33
N VAL G 353 29.36 -26.21 -7.67
CA VAL G 353 28.49 -27.20 -7.04
C VAL G 353 28.47 -28.39 -8.01
N PHE G 354 29.37 -29.32 -7.79
CA PHE G 354 29.41 -30.51 -8.63
C PHE G 354 28.66 -31.62 -7.91
N GLY G 355 28.79 -32.83 -8.41
CA GLY G 355 28.06 -33.92 -7.78
C GLY G 355 26.64 -34.02 -8.30
N GLU G 356 26.05 -35.20 -8.15
CA GLU G 356 24.75 -35.47 -8.73
C GLU G 356 23.60 -35.05 -7.82
N ILE H 23 9.89 -51.54 36.01
CA ILE H 23 9.54 -50.16 36.34
C ILE H 23 10.55 -49.19 35.73
N LEU H 24 10.37 -47.91 36.06
CA LEU H 24 11.20 -46.80 35.60
C LEU H 24 11.24 -46.72 34.07
N SER H 25 10.10 -46.37 33.51
CA SER H 25 10.07 -45.90 32.14
C SER H 25 10.71 -44.52 32.06
N THR H 26 11.09 -44.12 30.85
CA THR H 26 11.59 -42.78 30.62
C THR H 26 10.46 -41.77 30.80
N ALA H 27 10.83 -40.56 31.20
CA ALA H 27 9.83 -39.49 31.29
C ALA H 27 9.42 -39.06 29.89
N SER H 28 8.11 -39.04 29.64
CA SER H 28 7.61 -38.78 28.30
C SER H 28 7.83 -37.35 27.86
N VAL H 29 8.05 -36.44 28.79
CA VAL H 29 8.41 -35.07 28.48
C VAL H 29 9.78 -34.81 29.08
N LEU H 30 10.72 -34.37 28.26
CA LEU H 30 11.97 -33.83 28.74
C LEU H 30 12.36 -32.64 27.90
N ALA H 31 12.66 -31.54 28.55
CA ALA H 31 13.12 -30.35 27.85
C ALA H 31 14.10 -29.65 28.77
N PHE H 32 15.23 -29.24 28.20
CA PHE H 32 16.29 -28.56 28.92
C PHE H 32 16.52 -27.20 28.31
N GLU H 33 16.71 -26.18 29.14
CA GLU H 33 17.06 -24.89 28.61
C GLU H 33 18.54 -24.87 28.26
N ARG H 34 18.92 -24.00 27.32
CA ARG H 34 20.30 -23.97 26.89
C ARG H 34 21.16 -23.14 27.81
N LYS H 35 22.30 -23.67 28.14
CA LYS H 35 23.41 -22.94 28.74
C LYS H 35 24.34 -22.56 27.60
N LEU H 36 25.20 -21.57 27.85
CA LEU H 36 26.03 -20.94 26.82
C LEU H 36 25.16 -20.34 25.70
N ASP H 37 24.49 -19.24 26.03
CA ASP H 37 23.75 -18.55 24.99
C ASP H 37 24.49 -17.33 24.47
N PRO H 38 24.92 -17.33 23.21
CA PRO H 38 25.54 -16.16 22.62
C PRO H 38 24.53 -15.27 21.92
N SER H 39 24.90 -14.02 21.75
CA SER H 39 24.11 -13.11 20.93
C SER H 39 24.49 -13.27 19.46
N ASP H 40 23.73 -12.59 18.60
CA ASP H 40 24.16 -12.40 17.22
C ASP H 40 25.46 -11.60 17.20
N ALA H 41 26.37 -11.96 16.31
CA ALA H 41 27.63 -11.25 16.22
C ALA H 41 27.59 -10.28 15.06
N LEU H 42 27.98 -9.05 15.29
CA LEU H 42 27.90 -7.98 14.32
C LEU H 42 29.27 -7.67 13.73
N MET H 43 29.28 -7.45 12.43
CA MET H 43 30.51 -7.27 11.67
C MET H 43 30.84 -5.81 11.47
N SER H 44 32.12 -5.47 11.64
CA SER H 44 32.61 -4.11 11.44
C SER H 44 33.87 -4.15 10.58
N ALA H 45 34.54 -3.02 10.41
CA ALA H 45 35.68 -2.98 9.51
C ALA H 45 36.60 -1.82 9.86
N GLY H 46 37.89 -2.07 9.75
CA GLY H 46 38.86 -1.03 10.01
C GLY H 46 40.24 -1.45 9.60
N ALA H 47 41.23 -0.78 10.17
CA ALA H 47 42.63 -1.06 9.91
C ALA H 47 43.24 -1.82 11.08
N TRP H 48 44.18 -2.69 10.77
CA TRP H 48 44.71 -3.63 11.75
C TRP H 48 45.53 -2.95 12.83
N ALA H 49 46.10 -1.79 12.54
CA ALA H 49 46.84 -1.04 13.54
C ALA H 49 45.96 -0.12 14.35
N GLN H 50 44.64 -0.20 14.16
CA GLN H 50 43.69 0.58 14.93
C GLN H 50 42.75 -0.32 15.73
N ARG H 51 43.22 -1.51 16.09
CA ARG H 51 42.38 -2.48 16.77
C ARG H 51 42.11 -2.11 18.23
N ASP H 52 42.96 -1.32 18.84
CA ASP H 52 42.78 -0.93 20.23
C ASP H 52 41.79 0.21 20.40
N ALA H 53 41.34 0.82 19.30
CA ALA H 53 40.38 1.90 19.30
C ALA H 53 39.25 1.59 18.31
N SER H 54 38.71 0.39 18.42
CA SER H 54 37.77 -0.14 17.43
C SER H 54 36.32 -0.07 17.88
N GLN H 55 35.98 0.85 18.77
CA GLN H 55 34.58 0.99 19.17
C GLN H 55 33.78 1.77 18.15
N GLU H 56 34.43 2.63 17.36
CA GLU H 56 33.76 3.52 16.42
C GLU H 56 34.00 3.06 14.98
N TRP H 57 34.35 1.79 14.79
CA TRP H 57 34.48 1.27 13.44
C TRP H 57 33.10 1.11 12.82
N PRO H 58 32.94 1.49 11.55
CA PRO H 58 31.63 1.40 10.92
C PRO H 58 31.27 -0.03 10.58
N ALA H 59 29.97 -0.26 10.45
CA ALA H 59 29.47 -1.59 10.20
C ALA H 59 29.66 -2.00 8.76
N VAL H 60 29.95 -3.28 8.54
CA VAL H 60 29.90 -3.85 7.21
C VAL H 60 28.45 -3.89 6.77
N THR H 61 28.16 -3.29 5.62
CA THR H 61 26.80 -3.24 5.11
C THR H 61 26.60 -4.31 4.05
N VAL H 62 25.36 -4.74 3.91
CA VAL H 62 24.95 -5.66 2.87
C VAL H 62 24.53 -4.83 1.66
N ARG H 63 25.09 -5.15 0.51
CA ARG H 63 24.78 -4.46 -0.73
C ARG H 63 24.08 -5.43 -1.68
N GLU H 64 23.88 -4.98 -2.91
CA GLU H 64 23.32 -5.79 -3.97
C GLU H 64 24.21 -5.71 -5.19
N LYS H 65 24.26 -6.81 -5.94
CA LYS H 65 24.91 -6.76 -7.24
C LYS H 65 24.25 -7.77 -8.15
N SER H 66 24.49 -7.60 -9.44
CA SER H 66 23.92 -8.45 -10.46
C SER H 66 24.96 -9.44 -10.92
N VAL H 67 24.60 -10.72 -10.93
CA VAL H 67 25.48 -11.73 -11.47
C VAL H 67 24.81 -12.31 -12.70
N ARG H 68 25.61 -12.72 -13.66
CA ARG H 68 25.07 -13.62 -14.66
C ARG H 68 26.13 -14.66 -14.99
N GLY H 69 25.66 -15.88 -15.20
CA GLY H 69 26.55 -16.98 -15.48
C GLY H 69 25.86 -17.96 -16.39
N THR H 70 26.62 -18.95 -16.80
CA THR H 70 26.09 -20.01 -17.64
C THR H 70 25.58 -21.13 -16.75
N ILE H 71 24.47 -21.74 -17.12
CA ILE H 71 24.03 -22.93 -16.42
C ILE H 71 24.96 -24.05 -16.84
N SER H 72 25.95 -24.33 -16.00
CA SER H 72 26.93 -25.36 -16.31
C SER H 72 26.89 -26.46 -15.27
N ASN H 73 25.69 -26.91 -14.92
CA ASN H 73 25.50 -28.05 -14.05
C ASN H 73 25.64 -29.33 -14.86
N ARG H 74 25.51 -30.45 -14.18
CA ARG H 74 25.70 -31.74 -14.82
C ARG H 74 24.48 -32.06 -15.68
N LEU H 75 24.72 -32.73 -16.78
CA LEU H 75 23.78 -32.76 -17.89
C LEU H 75 22.92 -34.01 -17.80
N LYS H 76 21.64 -33.86 -18.08
CA LYS H 76 20.78 -35.03 -18.20
C LYS H 76 21.09 -35.77 -19.50
N THR H 77 20.99 -37.10 -19.46
CA THR H 77 21.64 -37.98 -20.43
C THR H 77 20.74 -38.29 -21.63
N LYS H 78 19.90 -37.34 -22.03
CA LYS H 78 18.97 -37.60 -23.13
C LYS H 78 19.56 -37.32 -24.51
N ASP H 79 20.30 -36.21 -24.68
CA ASP H 79 20.76 -35.79 -26.00
C ASP H 79 22.21 -35.33 -25.90
N ARG H 80 23.07 -35.93 -26.73
CA ARG H 80 24.47 -35.55 -26.81
C ARG H 80 24.76 -34.65 -28.01
N ASP H 81 23.73 -34.08 -28.63
CA ASP H 81 23.93 -33.27 -29.83
C ASP H 81 24.53 -31.92 -29.45
N PRO H 82 25.51 -31.43 -30.23
CA PRO H 82 26.17 -30.18 -29.88
C PRO H 82 25.28 -28.95 -29.99
N ALA H 83 24.30 -28.98 -30.90
CA ALA H 83 23.42 -27.84 -31.10
C ALA H 83 22.53 -27.57 -29.90
N LYS H 84 22.16 -28.60 -29.15
CA LYS H 84 21.35 -28.44 -27.95
C LYS H 84 22.09 -27.65 -26.87
N LEU H 85 23.30 -28.07 -26.53
CA LEU H 85 24.08 -27.37 -25.52
C LEU H 85 24.53 -26.00 -26.00
N ASP H 86 24.84 -25.87 -27.31
CA ASP H 86 25.21 -24.56 -27.83
C ASP H 86 24.05 -23.59 -27.81
N ALA H 87 22.82 -24.05 -28.07
CA ALA H 87 21.67 -23.17 -28.00
C ALA H 87 21.23 -22.93 -26.56
N SER H 88 21.55 -23.82 -25.63
CA SER H 88 21.25 -23.56 -24.23
C SER H 88 22.18 -22.52 -23.64
N ILE H 89 23.47 -22.55 -24.01
CA ILE H 89 24.40 -21.61 -23.40
C ILE H 89 24.32 -20.22 -24.00
N GLN H 90 23.58 -20.04 -25.10
CA GLN H 90 23.37 -18.71 -25.64
C GLN H 90 22.45 -17.86 -24.77
N SER H 91 21.59 -18.49 -23.96
CA SER H 91 20.73 -17.76 -23.04
C SER H 91 21.40 -17.73 -21.68
N PRO H 92 21.80 -16.57 -21.18
CA PRO H 92 22.42 -16.52 -19.86
C PRO H 92 21.38 -16.44 -18.75
N ASN H 93 21.87 -16.62 -17.53
CA ASN H 93 21.07 -16.69 -16.32
C ASN H 93 21.24 -15.40 -15.53
N LEU H 94 20.21 -14.58 -15.47
CA LEU H 94 20.30 -13.28 -14.83
C LEU H 94 19.76 -13.35 -13.41
N GLN H 95 20.35 -12.56 -12.51
CA GLN H 95 20.18 -12.82 -11.09
C GLN H 95 20.64 -11.60 -10.30
N THR H 96 20.10 -11.43 -9.10
CA THR H 96 20.53 -10.40 -8.16
C THR H 96 20.80 -11.04 -6.81
N VAL H 97 21.98 -10.80 -6.26
CA VAL H 97 22.39 -11.38 -4.98
C VAL H 97 22.70 -10.28 -4.00
N ASP H 98 22.79 -10.65 -2.72
CA ASP H 98 23.33 -9.80 -1.67
C ASP H 98 24.78 -10.15 -1.40
N VAL H 99 25.62 -9.14 -1.26
CA VAL H 99 27.04 -9.35 -0.99
C VAL H 99 27.50 -8.41 0.12
N ALA H 100 28.47 -8.88 0.88
CA ALA H 100 29.10 -8.08 1.92
C ALA H 100 30.59 -8.08 1.68
N ASN H 101 31.18 -6.89 1.69
CA ASN H 101 32.60 -6.70 1.43
C ASN H 101 33.16 -5.78 2.50
N LEU H 102 34.47 -5.83 2.68
CA LEU H 102 35.10 -4.78 3.42
C LEU H 102 35.17 -3.51 2.56
N PRO H 103 35.23 -2.35 3.18
CA PRO H 103 35.59 -1.14 2.44
C PRO H 103 37.00 -1.25 1.90
N SER H 104 37.25 -0.55 0.79
CA SER H 104 38.50 -0.72 0.06
C SER H 104 39.70 -0.11 0.76
N ASP H 105 39.48 0.65 1.83
CA ASP H 105 40.55 1.12 2.70
C ASP H 105 40.66 0.33 3.99
N ALA H 106 39.80 -0.66 4.20
CA ALA H 106 39.80 -1.46 5.42
C ALA H 106 40.23 -2.88 5.08
N ASP H 107 41.14 -3.43 5.87
CA ASP H 107 41.58 -4.80 5.67
C ASP H 107 41.24 -5.75 6.81
N THR H 108 40.63 -5.26 7.88
CA THR H 108 40.38 -6.07 9.06
C THR H 108 38.89 -6.15 9.33
N LEU H 109 38.39 -7.37 9.48
CA LEU H 109 37.03 -7.63 9.91
C LEU H 109 36.97 -7.76 11.42
N LYS H 110 36.06 -7.03 12.04
CA LYS H 110 35.78 -7.22 13.46
C LYS H 110 34.47 -7.99 13.59
N VAL H 111 34.44 -8.96 14.50
CA VAL H 111 33.24 -9.71 14.83
C VAL H 111 33.11 -9.71 16.35
N ARG H 112 31.98 -9.22 16.85
CA ARG H 112 31.80 -8.95 18.27
C ARG H 112 30.50 -9.56 18.75
N PHE H 113 30.54 -10.35 19.82
CA PHE H 113 29.32 -10.85 20.45
C PHE H 113 29.56 -10.99 21.94
N THR H 114 28.47 -11.17 22.68
CA THR H 114 28.54 -11.44 24.10
C THR H 114 28.02 -12.84 24.36
N LEU H 115 28.63 -13.50 25.34
CA LEU H 115 28.29 -14.87 25.68
C LEU H 115 27.94 -14.93 27.14
N ARG H 116 26.91 -15.68 27.47
CA ARG H 116 26.51 -15.84 28.85
C ARG H 116 26.42 -17.32 29.17
N VAL H 117 27.03 -17.73 30.27
CA VAL H 117 27.18 -19.12 30.66
C VAL H 117 26.41 -19.30 31.96
N LEU H 118 25.34 -20.10 31.91
CA LEU H 118 24.27 -20.02 32.89
C LEU H 118 24.48 -20.91 34.11
N GLY H 119 24.60 -22.21 33.92
CA GLY H 119 24.76 -23.09 35.05
C GLY H 119 23.44 -23.61 35.60
N GLY H 120 23.53 -24.73 36.31
CA GLY H 120 22.35 -25.48 36.68
C GLY H 120 21.97 -26.40 35.54
N ALA H 121 22.96 -27.18 35.08
CA ALA H 121 22.88 -27.80 33.76
C ALA H 121 21.94 -28.99 33.73
N GLY H 122 21.96 -29.82 34.77
CA GLY H 122 21.18 -31.03 34.74
C GLY H 122 19.71 -30.87 35.06
N THR H 123 19.28 -29.71 35.53
CA THR H 123 17.88 -29.52 35.89
C THR H 123 17.04 -29.33 34.64
N PRO H 124 16.05 -30.18 34.38
CA PRO H 124 15.20 -29.98 33.20
C PRO H 124 14.27 -28.80 33.36
N SER H 125 13.76 -28.33 32.23
CA SER H 125 12.74 -27.30 32.26
C SER H 125 11.34 -27.88 32.29
N ALA H 126 11.16 -29.09 31.76
CA ALA H 126 9.87 -29.77 31.77
C ALA H 126 10.10 -31.26 31.91
N CYS H 127 9.26 -31.91 32.69
CA CYS H 127 9.36 -33.34 32.96
C CYS H 127 8.00 -33.85 33.44
N ASN H 128 7.85 -35.16 33.50
CA ASN H 128 6.64 -35.76 34.07
C ASN H 128 6.94 -36.54 35.35
N ASP H 129 7.80 -37.54 35.27
CA ASP H 129 8.07 -38.39 36.43
C ASP H 129 8.93 -37.62 37.43
N ALA H 130 8.63 -37.79 38.71
CA ALA H 130 9.45 -37.19 39.75
C ALA H 130 10.57 -38.10 40.20
N ALA H 131 10.38 -39.41 40.12
CA ALA H 131 11.45 -40.36 40.37
C ALA H 131 12.52 -40.32 39.29
N TYR H 132 12.12 -40.21 38.02
CA TYR H 132 13.10 -40.04 36.94
C TYR H 132 13.84 -38.73 37.08
N ARG H 133 13.16 -37.69 37.53
CA ARG H 133 13.81 -36.40 37.67
C ARG H 133 14.77 -36.38 38.84
N ASP H 134 14.44 -37.06 39.95
CA ASP H 134 15.38 -37.12 41.05
C ASP H 134 16.56 -38.04 40.75
N LYS H 135 16.34 -39.16 40.07
CA LYS H 135 17.45 -40.00 39.66
C LYS H 135 18.35 -39.33 38.63
N LEU H 136 17.77 -38.52 37.73
CA LEU H 136 18.59 -37.74 36.80
C LEU H 136 19.39 -36.66 37.51
N LEU H 137 18.78 -35.94 38.46
CA LEU H 137 19.53 -34.93 39.19
C LEU H 137 20.64 -35.54 40.04
N GLN H 138 20.42 -36.72 40.61
CA GLN H 138 21.46 -37.35 41.39
C GLN H 138 22.55 -37.94 40.49
N THR H 139 22.21 -38.40 39.29
CA THR H 139 23.21 -38.85 38.33
C THR H 139 24.09 -37.68 37.86
N VAL H 140 23.49 -36.52 37.59
CA VAL H 140 24.29 -35.37 37.17
C VAL H 140 25.08 -34.81 38.34
N ALA H 141 24.55 -34.87 39.56
CA ALA H 141 25.33 -34.46 40.73
C ALA H 141 26.51 -35.39 41.01
N THR H 142 26.35 -36.69 40.78
CA THR H 142 27.42 -37.65 40.94
C THR H 142 28.43 -37.57 39.81
N TYR H 143 28.02 -37.07 38.64
CA TYR H 143 29.02 -36.64 37.67
C TYR H 143 29.84 -35.48 38.20
N VAL H 144 29.17 -34.37 38.52
CA VAL H 144 29.82 -33.11 38.83
C VAL H 144 30.71 -33.22 40.06
N ASN H 145 30.36 -34.09 41.00
CA ASN H 145 31.19 -34.17 42.19
C ASN H 145 32.45 -35.00 41.94
N ASP H 146 32.39 -36.03 41.10
CA ASP H 146 33.58 -36.81 40.77
C ASP H 146 34.62 -35.97 40.04
N GLN H 147 34.30 -35.56 38.81
CA GLN H 147 35.06 -34.54 38.12
C GLN H 147 34.10 -33.41 37.78
N GLY H 148 34.62 -32.19 37.77
CA GLY H 148 33.72 -31.06 37.63
C GLY H 148 33.31 -30.81 36.20
N PHE H 149 33.23 -29.54 35.82
CA PHE H 149 33.06 -29.19 34.43
C PHE H 149 34.38 -28.88 33.76
N ALA H 150 35.47 -29.45 34.26
CA ALA H 150 36.81 -29.01 33.90
C ALA H 150 37.16 -29.36 32.46
N GLU H 151 36.88 -30.61 32.06
CA GLU H 151 37.20 -31.02 30.69
C GLU H 151 36.33 -30.29 29.68
N LEU H 152 35.03 -30.17 29.95
CA LEU H 152 34.14 -29.48 29.05
C LEU H 152 34.44 -27.98 28.97
N ALA H 153 34.82 -27.37 30.08
CA ALA H 153 35.14 -25.95 30.02
C ALA H 153 36.46 -25.68 29.34
N ARG H 154 37.47 -26.54 29.55
CA ARG H 154 38.69 -26.47 28.76
C ARG H 154 38.43 -26.71 27.29
N ARG H 155 37.40 -27.47 26.98
CA ARG H 155 37.07 -27.78 25.62
C ARG H 155 36.28 -26.66 24.95
N TYR H 156 35.46 -25.92 25.71
CA TYR H 156 34.75 -24.75 25.21
C TYR H 156 35.66 -23.53 25.05
N ALA H 157 36.60 -23.36 25.99
CA ALA H 157 37.52 -22.23 25.92
C ALA H 157 38.47 -22.32 24.74
N HIS H 158 38.74 -23.51 24.22
CA HIS H 158 39.50 -23.61 22.98
C HIS H 158 38.71 -23.16 21.77
N ASN H 159 37.41 -23.50 21.69
CA ASN H 159 36.60 -23.00 20.60
C ASN H 159 36.29 -21.53 20.71
N LEU H 160 36.45 -20.92 21.88
CA LEU H 160 36.51 -19.46 21.93
C LEU H 160 37.87 -18.90 21.54
N ALA H 161 38.95 -19.57 21.97
CA ALA H 161 40.28 -19.01 21.83
C ALA H 161 40.75 -19.04 20.39
N ASN H 162 40.59 -20.16 19.71
CA ASN H 162 40.64 -20.09 18.26
C ASN H 162 39.31 -19.51 17.81
N ALA H 163 39.31 -18.81 16.70
CA ALA H 163 38.07 -18.15 16.28
C ALA H 163 37.29 -19.05 15.33
N ARG H 164 36.90 -20.21 15.85
CA ARG H 164 36.11 -21.16 15.09
C ARG H 164 34.75 -20.59 14.71
N PHE H 165 34.21 -19.70 15.54
CA PHE H 165 32.98 -18.99 15.22
C PHE H 165 33.10 -18.07 14.00
N LEU H 166 34.30 -17.62 13.67
CA LEU H 166 34.54 -17.11 12.33
C LEU H 166 34.57 -18.29 11.40
N TRP H 167 33.51 -18.49 10.62
CA TRP H 167 33.41 -19.77 9.93
C TRP H 167 34.22 -19.78 8.64
N ARG H 168 33.80 -19.01 7.66
CA ARG H 168 34.55 -18.89 6.41
C ARG H 168 35.40 -17.65 6.41
N ASN H 169 35.12 -16.71 7.31
CA ASN H 169 35.94 -15.53 7.49
C ASN H 169 37.32 -15.86 8.03
N ARG H 170 37.50 -17.04 8.64
CA ARG H 170 38.77 -17.43 9.21
C ARG H 170 39.73 -17.97 8.16
N VAL H 171 39.21 -18.45 7.04
CA VAL H 171 40.00 -19.18 6.05
C VAL H 171 40.83 -18.20 5.25
N GLY H 172 42.16 -18.34 5.33
CA GLY H 172 43.04 -17.43 4.63
C GLY H 172 43.07 -16.04 5.24
N ALA H 173 43.57 -15.94 6.46
CA ALA H 173 43.79 -14.66 7.09
C ALA H 173 45.25 -14.57 7.49
N GLU H 174 45.83 -13.36 7.41
CA GLU H 174 47.22 -13.20 7.83
C GLU H 174 47.35 -13.39 9.33
N ALA H 175 46.40 -12.86 10.08
CA ALA H 175 46.33 -13.09 11.51
C ALA H 175 44.87 -13.10 11.90
N VAL H 176 44.57 -13.87 12.93
CA VAL H 176 43.29 -13.77 13.63
C VAL H 176 43.61 -13.51 15.09
N GLU H 177 43.02 -12.46 15.64
CA GLU H 177 43.19 -12.07 17.03
C GLU H 177 41.86 -12.26 17.72
N VAL H 178 41.87 -12.85 18.91
CA VAL H 178 40.67 -13.00 19.73
C VAL H 178 40.90 -12.25 21.03
N ARG H 179 39.92 -11.45 21.43
CA ARG H 179 40.03 -10.62 22.62
C ARG H 179 38.77 -10.82 23.46
N ILE H 180 38.94 -11.27 24.69
CA ILE H 180 37.84 -11.71 25.55
C ILE H 180 37.88 -10.89 26.84
N ASN H 181 36.73 -10.34 27.23
CA ASN H 181 36.60 -9.55 28.45
C ASN H 181 35.52 -10.15 29.34
N HIS H 182 35.82 -10.25 30.62
CA HIS H 182 34.84 -10.66 31.63
C HIS H 182 34.29 -9.42 32.31
N ILE H 183 32.99 -9.20 32.18
CA ILE H 183 32.36 -7.96 32.60
C ILE H 183 31.50 -8.16 33.84
N ARG H 184 32.11 -7.99 35.01
CA ARG H 184 31.47 -8.24 36.30
C ARG H 184 30.50 -7.13 36.69
N GLN H 185 30.59 -5.99 36.03
CA GLN H 185 29.61 -4.91 36.07
C GLN H 185 29.54 -4.45 34.63
N GLY H 186 29.22 -3.19 34.39
CA GLY H 186 29.65 -2.59 33.14
C GLY H 186 31.14 -2.69 32.94
N GLU H 187 31.92 -2.56 34.01
CA GLU H 187 33.38 -2.59 33.93
C GLU H 187 33.89 -4.00 33.68
N VAL H 188 35.13 -4.08 33.22
CA VAL H 188 35.78 -5.32 32.80
C VAL H 188 36.60 -5.86 33.96
N ALA H 189 36.34 -7.11 34.32
CA ALA H 189 37.03 -7.70 35.47
C ALA H 189 38.39 -8.27 35.07
N ARG H 190 38.47 -9.00 33.97
CA ARG H 190 39.72 -9.55 33.52
C ARG H 190 39.66 -9.73 32.01
N ALA H 191 40.81 -9.60 31.34
CA ALA H 191 40.91 -9.58 29.89
C ALA H 191 41.83 -10.68 29.38
N TRP H 192 41.62 -11.08 28.12
CA TRP H 192 42.40 -12.10 27.46
C TRP H 192 42.67 -11.72 26.02
N ARG H 193 43.82 -12.14 25.50
CA ARG H 193 44.18 -11.96 24.09
C ARG H 193 44.84 -13.22 23.57
N PHE H 194 44.35 -13.72 22.44
CA PHE H 194 44.81 -15.00 21.90
C PHE H 194 45.14 -14.85 20.42
N ASP H 195 46.32 -15.34 20.03
CA ASP H 195 46.59 -15.61 18.62
C ASP H 195 45.75 -16.82 18.22
N ALA H 196 44.70 -16.60 17.44
CA ALA H 196 43.76 -17.67 17.15
C ALA H 196 44.26 -18.66 16.12
N LEU H 197 45.35 -18.36 15.43
CA LEU H 197 45.92 -19.32 14.49
C LEU H 197 47.05 -20.13 15.09
N ALA H 198 47.69 -19.62 16.14
CA ALA H 198 48.65 -20.44 16.88
C ALA H 198 47.94 -21.56 17.61
N ILE H 199 46.91 -21.21 18.39
CA ILE H 199 45.97 -22.19 18.92
C ILE H 199 45.27 -22.84 17.75
N GLY H 200 45.39 -24.15 17.63
CA GLY H 200 44.97 -24.82 16.43
C GLY H 200 43.46 -24.94 16.28
N LEU H 201 43.05 -25.72 15.29
CA LEU H 201 41.65 -26.05 15.08
C LEU H 201 41.40 -27.53 15.29
N ARG H 202 42.43 -28.27 15.72
CA ARG H 202 42.29 -29.70 16.00
C ARG H 202 42.62 -30.07 17.44
N ASP H 203 43.79 -29.69 17.94
CA ASP H 203 44.27 -30.18 19.22
C ASP H 203 43.97 -29.23 20.38
N PHE H 204 43.65 -29.81 21.54
CA PHE H 204 43.29 -29.03 22.72
C PHE H 204 44.50 -28.94 23.65
N LYS H 205 45.51 -28.21 23.20
CA LYS H 205 46.71 -28.05 24.00
C LYS H 205 46.56 -26.92 25.01
N ALA H 206 47.34 -27.00 26.08
CA ALA H 206 47.08 -26.27 27.31
C ALA H 206 47.95 -25.02 27.41
N ASP H 207 47.38 -23.98 28.01
CA ASP H 207 48.06 -22.73 28.32
C ASP H 207 47.60 -22.29 29.70
N ALA H 208 48.35 -21.38 30.32
CA ALA H 208 47.93 -20.87 31.63
C ALA H 208 46.78 -19.89 31.49
N GLU H 209 46.89 -18.94 30.56
CA GLU H 209 45.84 -17.95 30.33
C GLU H 209 44.60 -18.57 29.72
N LEU H 210 44.70 -19.74 29.11
CA LEU H 210 43.53 -20.42 28.62
C LEU H 210 42.90 -21.31 29.69
N ASP H 211 43.70 -21.83 30.62
CA ASP H 211 43.13 -22.51 31.78
C ASP H 211 42.46 -21.53 32.73
N ALA H 212 42.86 -20.26 32.75
CA ALA H 212 42.12 -19.27 33.52
C ALA H 212 40.72 -19.05 32.96
N LEU H 213 40.59 -18.91 31.63
CA LEU H 213 39.28 -18.80 31.00
C LEU H 213 38.48 -20.08 31.15
N ALA H 214 39.15 -21.24 31.13
CA ALA H 214 38.45 -22.49 31.39
C ALA H 214 37.91 -22.56 32.82
N GLU H 215 38.68 -22.11 33.80
CA GLU H 215 38.17 -22.14 35.16
C GLU H 215 37.19 -21.02 35.44
N LEU H 216 37.06 -20.05 34.56
CA LEU H 216 35.92 -19.14 34.64
C LEU H 216 34.66 -19.74 34.03
N ILE H 217 34.77 -20.43 32.90
CA ILE H 217 33.61 -21.07 32.29
C ILE H 217 33.09 -22.23 33.15
N ALA H 218 33.98 -22.95 33.83
CA ALA H 218 33.54 -24.01 34.73
C ALA H 218 32.90 -23.45 35.99
N SER H 219 33.30 -22.26 36.44
CA SER H 219 32.63 -21.64 37.57
C SER H 219 31.24 -21.13 37.17
N GLY H 220 31.12 -20.67 35.93
CA GLY H 220 29.80 -20.29 35.45
C GLY H 220 28.88 -21.46 35.27
N LEU H 221 29.41 -22.60 34.82
CA LEU H 221 28.59 -23.79 34.59
C LEU H 221 28.19 -24.48 35.89
N SER H 222 28.99 -24.35 36.93
CA SER H 222 28.69 -24.97 38.21
C SER H 222 27.78 -24.11 39.08
N GLY H 223 27.23 -23.04 38.53
CA GLY H 223 26.32 -22.19 39.27
C GLY H 223 26.98 -21.32 40.31
N SER H 224 28.29 -21.16 40.25
CA SER H 224 29.01 -20.42 41.29
C SER H 224 28.80 -18.92 41.13
N GLY H 225 29.22 -18.35 40.00
CA GLY H 225 29.15 -16.94 39.78
C GLY H 225 28.36 -16.58 38.54
N HIS H 226 28.25 -15.28 38.31
CA HIS H 226 27.65 -14.77 37.08
C HIS H 226 28.75 -14.59 36.05
N VAL H 227 28.54 -15.17 34.87
CA VAL H 227 29.54 -15.13 33.81
C VAL H 227 28.90 -14.53 32.57
N LEU H 228 29.36 -13.33 32.20
CA LEU H 228 29.07 -12.72 30.93
C LEU H 228 30.40 -12.36 30.30
N LEU H 229 30.65 -12.88 29.10
CA LEU H 229 31.90 -12.68 28.39
C LEU H 229 31.63 -11.84 27.15
N GLU H 230 32.44 -10.84 26.92
CA GLU H 230 32.43 -10.08 25.67
C GLU H 230 33.55 -10.59 24.79
N VAL H 231 33.22 -11.01 23.57
CA VAL H 231 34.16 -11.68 22.69
C VAL H 231 34.31 -10.87 21.41
N VAL H 232 35.52 -10.38 21.15
CA VAL H 232 35.83 -9.62 19.95
C VAL H 232 36.91 -10.37 19.18
N ALA H 233 36.70 -10.53 17.88
CA ALA H 233 37.65 -11.25 17.03
C ALA H 233 38.01 -10.42 15.81
N PHE H 234 39.30 -10.21 15.60
CA PHE H 234 39.82 -9.42 14.49
C PHE H 234 40.44 -10.36 13.47
N ALA H 235 39.99 -10.28 12.23
CA ALA H 235 40.48 -11.16 11.16
C ALA H 235 40.94 -10.30 9.98
N ARG H 236 42.24 -10.05 9.90
CA ARG H 236 42.87 -9.37 8.77
C ARG H 236 42.74 -10.21 7.51
N ILE H 237 41.98 -9.75 6.52
CA ILE H 237 41.80 -10.50 5.30
C ILE H 237 42.20 -9.74 4.04
N GLY H 238 42.35 -8.42 4.09
CA GLY H 238 42.75 -7.68 2.90
C GLY H 238 41.73 -6.67 2.44
N ASP H 239 42.17 -5.66 1.70
CA ASP H 239 41.33 -4.51 1.36
C ASP H 239 40.21 -4.91 0.42
N GLY H 240 38.98 -4.66 0.81
CA GLY H 240 37.84 -4.84 -0.06
C GLY H 240 37.38 -6.27 -0.22
N GLN H 241 37.89 -7.20 0.57
CA GLN H 241 37.58 -8.60 0.38
C GLN H 241 36.19 -8.95 0.86
N GLU H 242 35.65 -10.02 0.31
CA GLU H 242 34.30 -10.46 0.65
C GLU H 242 34.27 -11.11 2.02
N VAL H 243 33.39 -10.64 2.89
CA VAL H 243 33.14 -11.26 4.16
C VAL H 243 31.86 -12.09 4.03
N PHE H 244 31.64 -12.98 4.98
CA PHE H 244 30.63 -14.01 4.86
C PHE H 244 29.72 -13.99 6.08
N PRO H 245 28.60 -13.28 6.00
CA PRO H 245 27.60 -13.40 7.05
C PRO H 245 26.67 -14.57 6.77
N SER H 246 25.67 -14.77 7.60
CA SER H 246 24.77 -15.90 7.44
C SER H 246 23.63 -15.55 6.52
N GLN H 247 23.06 -16.56 5.88
CA GLN H 247 22.05 -16.36 4.86
C GLN H 247 20.65 -16.61 5.41
N GLU H 248 19.68 -15.96 4.79
CA GLU H 248 18.29 -16.00 5.17
C GLU H 248 17.47 -16.76 4.13
N LEU H 249 16.33 -17.28 4.58
CA LEU H 249 15.40 -17.94 3.67
C LEU H 249 14.72 -16.93 2.77
N ILE H 250 14.20 -17.43 1.65
CA ILE H 250 13.83 -16.55 0.55
C ILE H 250 12.38 -16.11 0.62
N LEU H 251 11.58 -16.67 1.53
CA LEU H 251 10.19 -16.28 1.64
C LEU H 251 10.07 -14.86 2.19
N ASP H 252 8.94 -14.22 1.86
CA ASP H 252 8.59 -12.83 2.18
C ASP H 252 9.60 -11.82 1.58
N LYS H 253 10.38 -12.24 0.59
CA LYS H 253 11.24 -11.36 -0.20
C LYS H 253 11.01 -11.58 -1.69
N GLY H 254 9.74 -11.62 -2.09
CA GLY H 254 9.40 -11.92 -3.47
C GLY H 254 8.90 -13.34 -3.59
N ASP H 255 7.58 -13.51 -3.64
CA ASP H 255 6.97 -14.82 -3.52
C ASP H 255 6.23 -15.27 -4.77
N LYS H 256 5.64 -14.35 -5.53
CA LYS H 256 4.93 -14.70 -6.76
C LYS H 256 5.64 -14.21 -8.01
N LYS H 257 6.20 -13.00 -7.98
CA LYS H 257 7.24 -12.55 -8.89
C LYS H 257 8.25 -11.77 -8.07
N GLY H 258 9.48 -12.28 -7.99
CA GLY H 258 10.45 -11.66 -7.11
C GLY H 258 11.69 -11.16 -7.83
N GLN H 259 12.61 -10.56 -7.09
CA GLN H 259 13.85 -10.08 -7.68
C GLN H 259 15.08 -10.71 -7.07
N LYS H 260 15.20 -10.71 -5.75
CA LYS H 260 16.43 -11.10 -5.08
C LYS H 260 16.43 -12.59 -4.82
N SER H 261 17.57 -13.24 -5.06
CA SER H 261 17.66 -14.68 -4.88
C SER H 261 18.71 -15.09 -3.88
N LYS H 262 19.29 -14.14 -3.15
CA LYS H 262 20.21 -14.46 -2.08
C LYS H 262 20.14 -13.31 -1.10
N THR H 263 19.79 -13.61 0.15
CA THR H 263 19.61 -12.61 1.18
C THR H 263 20.60 -12.87 2.29
N LEU H 264 21.22 -11.83 2.82
CA LEU H 264 22.13 -11.94 3.93
C LEU H 264 21.50 -11.35 5.18
N TYR H 265 21.93 -11.86 6.32
CA TYR H 265 21.36 -11.50 7.60
C TYR H 265 21.93 -10.18 8.06
N SER H 266 21.05 -9.26 8.43
CA SER H 266 21.40 -7.95 8.95
C SER H 266 20.67 -7.76 10.27
N VAL H 267 21.06 -6.74 11.02
CA VAL H 267 20.27 -6.40 12.20
C VAL H 267 19.72 -4.98 12.07
N ARG H 268 20.59 -4.02 11.82
CA ARG H 268 20.22 -2.63 11.57
C ARG H 268 21.02 -2.12 10.40
N ASP H 269 20.99 -2.92 9.33
CA ASP H 269 21.93 -2.87 8.21
C ASP H 269 23.37 -2.88 8.70
N ALA H 270 23.63 -3.77 9.66
CA ALA H 270 24.96 -4.24 10.01
C ALA H 270 24.96 -5.72 9.74
N ALA H 271 25.91 -6.19 8.93
CA ALA H 271 25.95 -7.60 8.57
C ALA H 271 26.27 -8.45 9.79
N ALA H 272 25.67 -9.64 9.83
CA ALA H 272 25.72 -10.39 11.08
C ALA H 272 25.62 -11.89 10.82
N ILE H 273 26.09 -12.64 11.81
CA ILE H 273 25.98 -14.09 11.85
C ILE H 273 24.88 -14.43 12.84
N HIS H 274 24.07 -15.45 12.55
CA HIS H 274 23.04 -15.86 13.48
C HIS H 274 23.65 -16.36 14.77
N SER H 275 22.92 -16.24 15.85
CA SER H 275 23.41 -16.66 17.15
C SER H 275 23.37 -18.16 17.36
N GLN H 276 22.90 -18.93 16.39
CA GLN H 276 22.95 -20.37 16.50
C GLN H 276 24.04 -20.97 15.63
N LYS H 277 24.56 -20.22 14.65
CA LYS H 277 25.74 -20.69 13.92
C LYS H 277 26.99 -20.47 14.76
N ILE H 278 27.03 -19.39 15.51
CA ILE H 278 27.86 -19.31 16.69
C ILE H 278 27.22 -20.15 17.78
N GLY H 279 28.01 -20.89 18.51
CA GLY H 279 27.34 -21.76 19.46
C GLY H 279 27.28 -23.16 18.90
N ASN H 280 26.96 -23.27 17.61
CA ASN H 280 27.31 -24.50 16.91
C ASN H 280 28.81 -24.66 16.86
N ALA H 281 29.53 -23.56 16.66
CA ALA H 281 30.98 -23.56 16.68
C ALA H 281 31.56 -23.68 18.07
N LEU H 282 30.80 -23.29 19.10
CA LEU H 282 31.32 -23.44 20.45
C LEU H 282 31.24 -24.88 20.93
N ARG H 283 30.16 -25.58 20.61
CA ARG H 283 29.97 -26.94 21.06
C ARG H 283 30.57 -27.97 20.13
N THR H 284 31.49 -27.56 19.25
CA THR H 284 32.26 -28.50 18.42
C THR H 284 33.31 -29.14 19.31
N ILE H 285 32.87 -30.14 20.08
CA ILE H 285 33.58 -30.66 21.24
C ILE H 285 33.92 -32.11 21.04
N ASP H 286 33.02 -32.82 20.36
CA ASP H 286 32.94 -34.27 20.42
C ASP H 286 34.11 -34.88 19.67
N THR H 287 35.13 -35.29 20.42
CA THR H 287 36.24 -36.07 19.88
C THR H 287 36.16 -37.52 20.31
N TRP H 288 34.98 -37.98 20.74
CA TRP H 288 34.78 -39.38 21.16
C TRP H 288 33.62 -39.92 20.37
N TYR H 289 33.87 -40.40 19.16
CA TYR H 289 32.81 -41.00 18.39
C TYR H 289 33.52 -42.08 17.59
N PRO H 290 32.95 -43.28 17.49
CA PRO H 290 33.74 -44.48 17.17
C PRO H 290 34.48 -44.53 15.84
N ASP H 291 33.76 -44.49 14.72
CA ASP H 291 34.32 -44.87 13.43
C ASP H 291 35.07 -43.68 12.82
N GLU H 292 36.28 -43.43 13.32
CA GLU H 292 37.11 -42.36 12.81
C GLU H 292 38.56 -42.60 13.20
N ASP H 293 39.47 -41.90 12.52
CA ASP H 293 40.85 -41.78 12.94
C ASP H 293 41.27 -40.34 13.20
N GLY H 294 41.03 -39.43 12.25
CA GLY H 294 41.52 -38.07 12.36
C GLY H 294 40.60 -37.02 11.78
N LEU H 295 39.30 -37.26 11.80
CA LEU H 295 38.36 -36.35 11.17
C LEU H 295 38.03 -35.13 12.02
N GLY H 296 38.59 -35.02 13.22
CA GLY H 296 38.47 -33.82 14.03
C GLY H 296 37.24 -33.78 14.89
N PRO H 297 37.14 -32.74 15.74
CA PRO H 297 35.96 -32.60 16.59
C PRO H 297 34.72 -32.21 15.80
N ILE H 298 33.58 -32.76 16.20
CA ILE H 298 32.29 -32.39 15.62
C ILE H 298 31.43 -31.75 16.70
N ALA H 299 30.32 -31.18 16.28
CA ALA H 299 29.40 -30.54 17.21
C ALA H 299 28.65 -31.57 18.02
N VAL H 300 28.38 -31.24 19.28
CA VAL H 300 27.65 -32.13 20.16
C VAL H 300 26.18 -32.10 19.77
N GLU H 301 25.69 -33.23 19.28
CA GLU H 301 24.30 -33.40 18.89
C GLU H 301 23.88 -34.79 19.32
N PRO H 302 22.61 -34.98 19.71
CA PRO H 302 22.08 -36.34 19.82
C PRO H 302 22.07 -36.96 18.44
N TYR H 303 22.49 -38.22 18.38
CA TYR H 303 22.81 -38.93 17.14
C TYR H 303 23.83 -38.14 16.32
N GLY H 304 25.04 -38.01 16.88
CA GLY H 304 26.00 -36.99 16.50
C GLY H 304 26.35 -36.93 15.03
N SER H 305 25.82 -35.91 14.37
CA SER H 305 25.69 -35.89 12.91
C SER H 305 26.14 -34.57 12.34
N VAL H 306 26.42 -34.60 11.04
CA VAL H 306 26.93 -33.47 10.30
C VAL H 306 26.20 -33.38 8.98
N THR H 307 25.78 -32.19 8.61
CA THR H 307 24.98 -32.04 7.40
C THR H 307 25.87 -32.02 6.16
N SER H 308 27.09 -31.49 6.28
CA SER H 308 28.00 -31.43 5.13
C SER H 308 28.49 -32.81 4.73
N GLN H 309 28.93 -33.63 5.69
CA GLN H 309 29.24 -35.02 5.35
C GLN H 309 28.00 -35.86 5.16
N GLY H 310 26.82 -35.39 5.59
CA GLY H 310 25.59 -36.09 5.31
C GLY H 310 25.42 -37.40 6.02
N LYS H 311 26.00 -37.56 7.21
CA LYS H 311 25.91 -38.83 7.91
C LYS H 311 25.89 -38.59 9.40
N ALA H 312 25.45 -39.60 10.13
CA ALA H 312 25.48 -39.62 11.59
C ALA H 312 26.70 -40.39 12.04
N TYR H 313 27.66 -39.71 12.65
CA TYR H 313 28.84 -40.36 13.20
C TYR H 313 28.52 -41.23 14.40
N ARG H 314 27.33 -41.09 14.97
CA ARG H 314 26.97 -41.74 16.22
C ARG H 314 25.58 -42.34 15.99
N GLN H 315 25.56 -43.58 15.53
CA GLN H 315 24.39 -44.32 15.08
C GLN H 315 23.69 -45.01 16.25
N PRO H 316 22.39 -45.28 16.13
CA PRO H 316 21.72 -46.16 17.09
C PRO H 316 21.86 -47.64 16.81
N LYS H 317 22.40 -48.05 15.65
CA LYS H 317 22.71 -49.46 15.46
C LYS H 317 23.93 -49.86 16.30
N GLN H 318 24.81 -48.91 16.57
CA GLN H 318 25.77 -49.05 17.65
C GLN H 318 25.17 -48.42 18.90
N LYS H 319 25.89 -48.47 20.02
CA LYS H 319 25.23 -48.12 21.27
C LYS H 319 25.83 -46.86 21.90
N LEU H 320 26.04 -45.83 21.10
CA LEU H 320 26.82 -44.68 21.56
C LEU H 320 26.05 -43.37 21.55
N ASP H 321 24.75 -43.39 21.29
CA ASP H 321 23.99 -42.14 21.21
C ASP H 321 23.72 -41.59 22.59
N PHE H 322 23.26 -40.34 22.59
CA PHE H 322 22.84 -39.68 23.81
C PHE H 322 21.64 -40.35 24.45
N TYR H 323 20.70 -40.83 23.64
CA TYR H 323 19.57 -41.55 24.22
C TYR H 323 20.01 -42.88 24.79
N THR H 324 20.83 -43.62 24.04
CA THR H 324 21.24 -44.94 24.46
C THR H 324 22.23 -44.87 25.61
N LEU H 325 23.02 -43.80 25.70
CA LEU H 325 23.88 -43.64 26.87
C LEU H 325 23.09 -43.19 28.08
N LEU H 326 22.15 -42.26 27.90
CA LEU H 326 21.46 -41.67 29.05
C LEU H 326 20.46 -42.63 29.67
N ASP H 327 19.80 -43.45 28.85
CA ASP H 327 18.90 -44.46 29.39
C ASP H 327 19.64 -45.51 30.21
N ASN H 328 20.90 -45.75 29.91
CA ASN H 328 21.65 -46.67 30.74
C ASN H 328 22.32 -45.99 31.92
N TRP H 329 22.57 -44.68 31.83
CA TRP H 329 23.22 -44.00 32.93
C TRP H 329 22.24 -43.50 33.98
N VAL H 330 20.96 -43.44 33.67
CA VAL H 330 19.94 -43.05 34.64
C VAL H 330 19.09 -44.24 35.08
N LEU H 331 18.51 -44.96 34.13
CA LEU H 331 17.57 -46.02 34.49
C LEU H 331 18.31 -47.25 35.01
N ARG H 332 19.11 -47.89 34.15
CA ARG H 332 19.82 -49.10 34.52
C ARG H 332 21.09 -48.83 35.31
N ASP H 333 21.49 -47.56 35.47
CA ASP H 333 22.65 -47.12 36.26
C ASP H 333 23.96 -47.72 35.73
N GLU H 334 24.04 -47.95 34.42
CA GLU H 334 25.26 -48.40 33.77
C GLU H 334 26.05 -47.15 33.37
N ALA H 335 26.93 -46.71 34.26
CA ALA H 335 27.71 -45.51 34.03
C ALA H 335 28.74 -45.77 32.92
N PRO H 336 28.72 -45.02 31.82
CA PRO H 336 29.61 -45.32 30.71
C PRO H 336 31.04 -44.92 30.99
N ALA H 337 31.92 -45.13 30.00
CA ALA H 337 33.28 -44.63 30.07
C ALA H 337 33.25 -43.11 30.21
N VAL H 338 34.16 -42.60 31.05
CA VAL H 338 34.12 -41.21 31.51
C VAL H 338 34.28 -40.17 30.41
N GLU H 339 34.55 -40.60 29.18
CA GLU H 339 34.57 -39.71 28.04
C GLU H 339 33.20 -39.62 27.39
N GLN H 340 32.35 -40.63 27.59
CA GLN H 340 30.97 -40.56 27.17
C GLN H 340 30.14 -39.75 28.14
N GLN H 341 30.58 -39.68 29.38
CA GLN H 341 30.03 -38.79 30.40
C GLN H 341 30.39 -37.33 30.16
N HIS H 342 31.17 -37.01 29.14
CA HIS H 342 31.28 -35.65 28.68
C HIS H 342 30.33 -35.36 27.55
N TYR H 343 30.08 -36.35 26.70
CA TYR H 343 29.09 -36.21 25.63
C TYR H 343 27.69 -36.03 26.18
N VAL H 344 27.33 -36.79 27.22
CA VAL H 344 25.99 -36.69 27.78
C VAL H 344 25.78 -35.35 28.50
N ILE H 345 26.75 -34.91 29.29
CA ILE H 345 26.66 -33.63 29.98
C ILE H 345 26.73 -32.48 28.99
N ALA H 346 27.42 -32.64 27.86
CA ALA H 346 27.43 -31.64 26.81
C ALA H 346 26.10 -31.53 26.09
N ASN H 347 25.39 -32.63 25.90
CA ASN H 347 24.01 -32.55 25.40
C ASN H 347 23.06 -31.91 26.39
N LEU H 348 23.28 -32.10 27.68
CA LEU H 348 22.43 -31.41 28.66
C LEU H 348 22.74 -29.93 28.78
N ILE H 349 23.98 -29.51 28.54
CA ILE H 349 24.31 -28.10 28.46
C ILE H 349 23.80 -27.49 27.16
N ARG H 350 23.74 -28.28 26.09
CA ARG H 350 23.12 -27.83 24.84
C ARG H 350 21.64 -27.53 25.01
N GLY H 351 20.91 -28.39 25.70
CA GLY H 351 19.48 -28.26 25.81
C GLY H 351 18.77 -29.01 24.72
N GLY H 352 17.45 -29.00 24.78
CA GLY H 352 16.69 -29.59 23.70
C GLY H 352 15.45 -30.33 24.15
N VAL H 353 14.72 -30.88 23.20
CA VAL H 353 13.46 -31.59 23.46
C VAL H 353 13.77 -33.08 23.38
N PHE H 354 13.98 -33.72 24.53
CA PHE H 354 14.42 -35.10 24.57
C PHE H 354 13.33 -36.05 25.05
N GLY H 355 12.07 -35.78 24.71
CA GLY H 355 10.97 -36.62 25.13
C GLY H 355 10.42 -37.43 23.98
N GLU H 356 9.61 -38.43 24.32
CA GLU H 356 9.04 -39.32 23.33
C GLU H 356 7.96 -38.60 22.53
N ALA H 357 8.22 -38.41 21.24
CA ALA H 357 7.25 -37.82 20.33
C ALA H 357 7.47 -38.30 18.91
N LEU I 24 -28.17 -24.06 51.10
CA LEU I 24 -28.04 -25.37 51.72
C LEU I 24 -27.18 -26.27 50.85
N SER I 25 -27.40 -26.18 49.54
CA SER I 25 -26.65 -26.93 48.54
C SER I 25 -25.90 -25.96 47.65
N THR I 26 -25.00 -26.51 46.82
CA THR I 26 -24.18 -25.69 45.94
C THR I 26 -24.97 -25.28 44.71
N ALA I 27 -24.95 -23.98 44.41
CA ALA I 27 -25.65 -23.45 43.25
C ALA I 27 -25.01 -23.94 41.95
N SER I 28 -25.84 -24.22 40.95
CA SER I 28 -25.34 -24.75 39.69
C SER I 28 -24.66 -23.69 38.84
N VAL I 29 -24.85 -22.41 39.14
CA VAL I 29 -24.15 -21.32 38.49
C VAL I 29 -23.47 -20.51 39.58
N LEU I 30 -22.15 -20.53 39.59
CA LEU I 30 -21.32 -19.60 40.34
C LEU I 30 -20.28 -19.01 39.40
N ALA I 31 -19.96 -17.75 39.61
CA ALA I 31 -18.92 -17.10 38.85
C ALA I 31 -18.33 -16.01 39.71
N PHE I 32 -17.02 -16.04 39.89
CA PHE I 32 -16.30 -15.00 40.58
C PHE I 32 -15.46 -14.25 39.57
N GLU I 33 -15.31 -12.96 39.78
CA GLU I 33 -14.45 -12.15 38.94
C GLU I 33 -13.05 -12.18 39.48
N ARG I 34 -12.08 -11.88 38.64
CA ARG I 34 -10.72 -11.78 39.16
C ARG I 34 -10.50 -10.42 39.80
N LYS I 35 -9.94 -10.46 40.99
CA LYS I 35 -9.25 -9.33 41.56
C LYS I 35 -7.80 -9.48 41.18
N LEU I 36 -7.00 -8.44 41.42
CA LEU I 36 -5.63 -8.34 40.92
C LEU I 36 -5.60 -8.45 39.40
N ASP I 37 -6.09 -7.40 38.74
CA ASP I 37 -6.00 -7.29 37.29
C ASP I 37 -4.64 -6.76 36.87
N PRO I 38 -3.82 -7.52 36.16
CA PRO I 38 -2.62 -6.94 35.57
C PRO I 38 -2.87 -6.55 34.12
N SER I 39 -1.99 -5.73 33.56
CA SER I 39 -2.07 -5.42 32.15
C SER I 39 -1.08 -6.30 31.39
N ASP I 40 -0.94 -6.05 30.09
CA ASP I 40 0.22 -6.57 29.38
C ASP I 40 1.47 -5.82 29.85
N ALA I 41 2.61 -6.48 29.78
CA ALA I 41 3.86 -5.86 30.19
C ALA I 41 4.71 -5.59 28.96
N LEU I 42 4.98 -4.33 28.71
CA LEU I 42 5.73 -3.94 27.53
C LEU I 42 7.22 -3.87 27.86
N MET I 43 8.02 -4.38 26.94
CA MET I 43 9.45 -4.54 27.13
C MET I 43 10.17 -3.44 26.37
N SER I 44 11.15 -2.82 27.01
CA SER I 44 11.98 -1.81 26.36
C SER I 44 13.41 -2.04 26.82
N ALA I 45 14.34 -1.31 26.21
CA ALA I 45 15.75 -1.57 26.48
C ALA I 45 16.53 -0.28 26.53
N GLY I 46 17.51 -0.26 27.40
CA GLY I 46 18.40 0.85 27.52
C GLY I 46 19.60 0.42 28.30
N ALA I 47 20.31 1.38 28.86
CA ALA I 47 21.49 1.10 29.65
C ALA I 47 21.17 1.24 31.12
N TRP I 48 21.72 0.34 31.93
CA TRP I 48 21.72 0.51 33.38
C TRP I 48 22.52 1.75 33.73
N ALA I 49 22.15 2.37 34.85
CA ALA I 49 22.51 3.72 35.31
C ALA I 49 21.93 4.84 34.46
N GLN I 50 21.12 4.50 33.45
CA GLN I 50 20.18 5.44 32.86
C GLN I 50 18.75 5.07 33.25
N ARG I 51 18.59 4.51 34.45
CA ARG I 51 17.31 3.98 34.90
C ARG I 51 16.40 5.04 35.47
N ASP I 52 16.94 6.15 35.95
CA ASP I 52 16.12 7.24 36.45
C ASP I 52 15.67 8.18 35.34
N ALA I 53 15.96 7.84 34.09
CA ALA I 53 15.51 8.57 32.92
C ALA I 53 15.07 7.60 31.84
N SER I 54 14.40 6.53 32.26
CA SER I 54 14.05 5.41 31.41
C SER I 54 12.65 5.51 30.84
N GLN I 55 12.10 6.71 30.76
CA GLN I 55 10.75 6.88 30.23
C GLN I 55 10.77 6.89 28.71
N GLU I 56 11.91 7.23 28.12
CA GLU I 56 12.04 7.39 26.68
C GLU I 56 12.86 6.27 26.08
N TRP I 57 12.87 5.12 26.72
CA TRP I 57 13.66 4.04 26.19
C TRP I 57 12.99 3.42 24.96
N PRO I 58 13.78 2.96 24.00
CA PRO I 58 13.20 2.34 22.83
C PRO I 58 12.66 0.96 23.17
N ALA I 59 11.54 0.62 22.54
CA ALA I 59 10.94 -0.68 22.76
C ALA I 59 11.78 -1.77 22.12
N VAL I 60 11.62 -2.99 22.64
CA VAL I 60 12.24 -4.16 22.05
C VAL I 60 11.35 -4.67 20.93
N THR I 61 11.93 -4.85 19.75
CA THR I 61 11.16 -5.23 18.57
C THR I 61 11.34 -6.70 18.25
N VAL I 62 10.24 -7.35 17.92
CA VAL I 62 10.27 -8.74 17.48
C VAL I 62 10.64 -8.78 16.01
N ARG I 63 11.64 -9.58 15.68
CA ARG I 63 12.11 -9.73 14.31
C ARG I 63 12.31 -11.20 13.98
N GLU I 64 12.56 -11.47 12.71
CA GLU I 64 12.66 -12.84 12.21
C GLU I 64 14.10 -13.23 11.95
N LYS I 65 14.36 -14.53 12.00
CA LYS I 65 15.59 -15.07 11.47
C LYS I 65 15.33 -16.49 11.03
N SER I 66 16.16 -16.95 10.10
CA SER I 66 16.05 -18.29 9.58
C SER I 66 16.80 -19.26 10.48
N VAL I 67 16.35 -20.51 10.45
CA VAL I 67 16.93 -21.56 11.28
C VAL I 67 16.99 -22.82 10.46
N ARG I 68 18.18 -23.39 10.30
CA ARG I 68 18.32 -24.75 9.84
C ARG I 68 18.45 -25.65 11.07
N GLY I 69 17.56 -26.62 11.18
CA GLY I 69 17.56 -27.53 12.29
C GLY I 69 18.20 -28.87 11.95
N THR I 70 18.32 -29.69 12.98
CA THR I 70 18.88 -31.02 12.85
C THR I 70 17.95 -32.04 13.48
N ILE I 71 18.13 -33.30 13.11
CA ILE I 71 17.32 -34.38 13.66
C ILE I 71 17.79 -34.64 15.09
N SER I 72 16.97 -34.26 16.06
CA SER I 72 17.39 -34.31 17.45
C SER I 72 16.47 -35.13 18.32
N ASN I 73 15.28 -35.46 17.85
CA ASN I 73 14.28 -36.12 18.68
C ASN I 73 14.49 -37.64 18.69
N ARG I 74 13.76 -38.31 19.57
CA ARG I 74 13.81 -39.76 19.62
C ARG I 74 13.17 -40.35 18.38
N LEU I 75 13.79 -41.41 17.86
CA LEU I 75 13.21 -42.15 16.76
C LEU I 75 12.48 -43.37 17.30
N LYS I 76 11.39 -43.73 16.61
CA LYS I 76 10.40 -44.62 17.18
C LYS I 76 10.65 -46.07 16.82
N THR I 77 11.93 -46.46 16.69
CA THR I 77 12.48 -47.82 16.70
C THR I 77 12.19 -48.56 15.39
N LYS I 78 11.40 -47.95 14.50
CA LYS I 78 11.32 -48.35 13.11
C LYS I 78 12.11 -47.43 12.21
N ASP I 79 12.72 -46.39 12.77
CA ASP I 79 13.56 -45.46 12.04
C ASP I 79 15.00 -45.52 12.57
N ARG I 80 15.36 -46.68 13.15
CA ARG I 80 16.73 -46.91 13.58
C ARG I 80 17.70 -47.06 12.44
N ASP I 81 17.22 -47.30 11.22
CA ASP I 81 18.07 -47.69 10.11
C ASP I 81 18.95 -46.53 9.64
N PRO I 82 20.18 -46.83 9.22
CA PRO I 82 21.03 -45.75 8.67
C PRO I 82 20.54 -45.22 7.33
N ALA I 83 19.83 -46.04 6.55
CA ALA I 83 19.41 -45.63 5.21
C ALA I 83 18.34 -44.54 5.22
N LYS I 84 17.60 -44.40 6.32
CA LYS I 84 16.67 -43.28 6.46
C LYS I 84 17.22 -42.16 7.34
N LEU I 85 18.05 -42.50 8.33
CA LEU I 85 18.65 -41.46 9.16
C LEU I 85 19.65 -40.62 8.38
N ASP I 86 20.39 -41.24 7.45
CA ASP I 86 21.28 -40.46 6.59
C ASP I 86 20.53 -39.61 5.60
N ALA I 87 19.42 -40.10 5.07
CA ALA I 87 18.61 -39.31 4.15
C ALA I 87 17.90 -38.18 4.85
N SER I 88 17.56 -38.35 6.13
CA SER I 88 16.93 -37.28 6.88
C SER I 88 17.93 -36.27 7.42
N ILE I 89 19.17 -36.67 7.66
CA ILE I 89 20.18 -35.70 8.05
C ILE I 89 20.80 -35.03 6.83
N GLN I 90 20.60 -35.60 5.63
CA GLN I 90 21.17 -34.99 4.43
C GLN I 90 20.41 -33.72 4.06
N SER I 91 19.08 -33.81 3.94
CA SER I 91 18.23 -32.68 3.59
C SER I 91 17.38 -32.27 4.78
N PRO I 92 17.81 -31.28 5.57
CA PRO I 92 17.07 -30.92 6.80
C PRO I 92 15.92 -29.98 6.53
N ASN I 93 15.27 -29.52 7.59
CA ASN I 93 14.17 -28.58 7.48
C ASN I 93 14.57 -27.18 7.94
N LEU I 94 14.02 -26.19 7.25
CA LEU I 94 14.37 -24.80 7.41
C LEU I 94 13.18 -24.06 7.96
N GLN I 95 13.38 -23.27 9.00
CA GLN I 95 12.29 -22.61 9.69
C GLN I 95 12.57 -21.14 9.84
N THR I 96 11.50 -20.40 10.07
CA THR I 96 11.58 -18.99 10.41
C THR I 96 11.06 -18.86 11.83
N VAL I 97 11.84 -18.24 12.69
CA VAL I 97 11.39 -18.02 14.05
C VAL I 97 11.31 -16.52 14.28
N ASP I 98 10.46 -16.13 15.20
CA ASP I 98 10.49 -14.78 15.74
C ASP I 98 11.43 -14.74 16.92
N VAL I 99 12.27 -13.71 16.97
CA VAL I 99 13.24 -13.56 18.04
C VAL I 99 13.21 -12.12 18.55
N ALA I 100 13.46 -11.97 19.85
CA ALA I 100 13.56 -10.67 20.47
C ALA I 100 14.91 -10.59 21.17
N ASN I 101 15.70 -9.60 20.81
CA ASN I 101 17.00 -9.38 21.41
C ASN I 101 17.04 -7.97 21.95
N LEU I 102 18.00 -7.72 22.81
CA LEU I 102 18.33 -6.36 23.14
C LEU I 102 19.17 -5.78 22.01
N PRO I 103 19.25 -4.45 21.90
CA PRO I 103 20.22 -3.86 21.00
C PRO I 103 21.65 -4.11 21.47
N SER I 104 22.59 -3.92 20.56
CA SER I 104 23.97 -4.30 20.80
C SER I 104 24.65 -3.42 21.83
N ASP I 105 24.10 -2.25 22.13
CA ASP I 105 24.64 -1.37 23.14
C ASP I 105 23.80 -1.29 24.42
N ALA I 106 22.60 -1.84 24.41
CA ALA I 106 21.73 -1.85 25.59
C ALA I 106 21.92 -3.16 26.32
N ASP I 107 22.09 -3.08 27.64
CA ASP I 107 22.24 -4.28 28.46
C ASP I 107 21.07 -4.56 29.38
N THR I 108 20.12 -3.65 29.51
CA THR I 108 19.06 -3.74 30.52
C THR I 108 17.72 -3.91 29.82
N LEU I 109 16.92 -4.84 30.32
CA LEU I 109 15.54 -5.00 29.90
C LEU I 109 14.64 -4.32 30.92
N LYS I 110 13.86 -3.35 30.47
CA LYS I 110 12.83 -2.73 31.29
C LYS I 110 11.49 -3.36 30.97
N VAL I 111 10.77 -3.76 32.01
CA VAL I 111 9.44 -4.35 31.86
C VAL I 111 8.49 -3.56 32.76
N ARG I 112 7.37 -3.11 32.19
CA ARG I 112 6.48 -2.18 32.87
C ARG I 112 5.03 -2.58 32.62
N PHE I 113 4.28 -2.77 33.70
CA PHE I 113 2.84 -3.01 33.65
C PHE I 113 2.18 -2.34 34.84
N THR I 114 0.87 -2.20 34.80
CA THR I 114 0.08 -1.67 35.89
C THR I 114 -0.77 -2.76 36.50
N LEU I 115 -0.94 -2.72 37.82
CA LEU I 115 -1.72 -3.69 38.55
C LEU I 115 -2.88 -2.99 39.23
N ARG I 116 -4.06 -3.58 39.15
CA ARG I 116 -5.26 -3.00 39.74
C ARG I 116 -5.84 -4.00 40.73
N VAL I 117 -6.00 -3.58 41.98
CA VAL I 117 -6.42 -4.45 43.08
C VAL I 117 -7.82 -4.04 43.49
N LEU I 118 -8.79 -4.92 43.28
CA LEU I 118 -10.18 -4.45 43.28
C LEU I 118 -10.87 -4.54 44.63
N GLY I 119 -11.02 -5.73 45.17
CA GLY I 119 -11.75 -5.81 46.41
C GLY I 119 -13.21 -6.18 46.22
N GLY I 120 -13.81 -6.69 47.29
CA GLY I 120 -15.10 -7.31 47.19
C GLY I 120 -14.92 -8.77 46.83
N ALA I 121 -14.01 -9.44 47.55
CA ALA I 121 -13.42 -10.69 47.10
C ALA I 121 -14.36 -11.87 47.17
N GLY I 122 -15.28 -11.89 48.13
CA GLY I 122 -16.13 -13.05 48.28
C GLY I 122 -17.45 -13.00 47.55
N THR I 123 -17.80 -11.87 46.97
CA THR I 123 -19.09 -11.73 46.30
C THR I 123 -19.03 -12.35 44.91
N PRO I 124 -19.89 -13.30 44.59
CA PRO I 124 -19.94 -13.80 43.22
C PRO I 124 -20.58 -12.78 42.30
N SER I 125 -20.28 -12.91 41.01
CA SER I 125 -20.90 -12.05 40.02
C SER I 125 -22.12 -12.69 39.38
N ALA I 126 -22.13 -14.00 39.27
CA ALA I 126 -23.31 -14.74 38.83
C ALA I 126 -23.59 -15.80 39.87
N CYS I 127 -24.84 -15.91 40.29
CA CYS I 127 -25.20 -16.93 41.24
C CYS I 127 -26.61 -17.41 40.92
N ASN I 128 -26.96 -18.53 41.51
CA ASN I 128 -28.16 -19.25 41.16
C ASN I 128 -28.98 -19.60 42.39
N ASP I 129 -28.48 -19.29 43.58
CA ASP I 129 -29.17 -19.51 44.84
C ASP I 129 -29.14 -18.21 45.62
N ALA I 130 -30.09 -18.07 46.54
CA ALA I 130 -30.09 -16.98 47.49
C ALA I 130 -29.60 -17.40 48.87
N ALA I 131 -29.79 -18.66 49.24
CA ALA I 131 -29.32 -19.14 50.53
C ALA I 131 -27.85 -19.54 50.48
N TYR I 132 -27.44 -20.18 49.38
CA TYR I 132 -26.03 -20.48 49.20
C TYR I 132 -25.20 -19.22 49.05
N ARG I 133 -25.74 -18.22 48.35
CA ARG I 133 -25.03 -16.96 48.21
C ARG I 133 -24.90 -16.24 49.54
N ASP I 134 -25.97 -16.23 50.33
CA ASP I 134 -25.95 -15.60 51.64
C ASP I 134 -25.00 -16.31 52.60
N LYS I 135 -24.97 -17.64 52.57
CA LYS I 135 -24.08 -18.38 53.45
C LYS I 135 -22.63 -18.33 53.00
N LEU I 136 -22.38 -18.23 51.69
CA LEU I 136 -21.04 -18.00 51.18
C LEU I 136 -20.52 -16.63 51.60
N LEU I 137 -21.34 -15.60 51.48
CA LEU I 137 -20.93 -14.27 51.95
C LEU I 137 -20.75 -14.24 53.46
N GLN I 138 -21.57 -14.99 54.20
CA GLN I 138 -21.40 -15.10 55.64
C GLN I 138 -20.06 -15.74 56.00
N THR I 139 -19.70 -16.81 55.28
CA THR I 139 -18.46 -17.55 55.49
C THR I 139 -17.24 -16.71 55.15
N VAL I 140 -17.27 -15.97 54.04
CA VAL I 140 -16.14 -15.14 53.65
C VAL I 140 -16.01 -13.94 54.60
N ALA I 141 -17.14 -13.40 55.06
CA ALA I 141 -17.09 -12.35 56.06
C ALA I 141 -16.54 -12.87 57.39
N THR I 142 -16.83 -14.12 57.73
CA THR I 142 -16.27 -14.73 58.93
C THR I 142 -14.76 -14.87 58.81
N TYR I 143 -14.29 -15.31 57.64
CA TYR I 143 -12.86 -15.35 57.34
C TYR I 143 -12.19 -13.99 57.52
N VAL I 144 -12.76 -12.96 56.88
CA VAL I 144 -12.15 -11.63 56.90
C VAL I 144 -12.19 -11.03 58.30
N ASN I 145 -13.29 -11.22 59.02
CA ASN I 145 -13.37 -10.68 60.37
C ASN I 145 -12.54 -11.47 61.37
N ASP I 146 -12.09 -12.68 61.05
CA ASP I 146 -11.16 -13.33 61.97
C ASP I 146 -9.74 -12.82 61.76
N GLN I 147 -9.16 -13.08 60.59
CA GLN I 147 -7.92 -12.45 60.17
C GLN I 147 -8.14 -11.79 58.82
N GLY I 148 -7.43 -10.72 58.55
CA GLY I 148 -7.68 -9.93 57.36
C GLY I 148 -7.20 -10.57 56.08
N PHE I 149 -6.96 -9.75 55.08
CA PHE I 149 -6.26 -10.19 53.88
C PHE I 149 -4.76 -10.08 54.01
N ALA I 150 -4.25 -9.90 55.24
CA ALA I 150 -2.84 -9.55 55.45
C ALA I 150 -1.89 -10.68 55.08
N GLU I 151 -2.27 -11.92 55.35
CA GLU I 151 -1.41 -13.05 55.01
C GLU I 151 -1.36 -13.30 53.52
N LEU I 152 -2.49 -13.17 52.83
CA LEU I 152 -2.48 -13.31 51.37
C LEU I 152 -1.75 -12.15 50.73
N ALA I 153 -1.98 -10.94 51.20
CA ALA I 153 -1.38 -9.77 50.60
C ALA I 153 0.12 -9.71 50.83
N ARG I 154 0.61 -10.28 51.94
CA ARG I 154 2.05 -10.41 52.15
C ARG I 154 2.68 -11.28 51.07
N ARG I 155 2.04 -12.39 50.74
CA ARG I 155 2.51 -13.30 49.71
C ARG I 155 2.34 -12.77 48.30
N TYR I 156 1.39 -11.87 48.05
CA TYR I 156 1.33 -11.23 46.73
C TYR I 156 2.34 -10.09 46.60
N ALA I 157 2.52 -9.31 47.66
CA ALA I 157 3.54 -8.28 47.69
C ALA I 157 4.94 -8.85 47.56
N HIS I 158 5.15 -10.05 48.08
CA HIS I 158 6.44 -10.70 47.92
C HIS I 158 6.69 -11.11 46.48
N ASN I 159 5.66 -11.53 45.74
CA ASN I 159 5.82 -11.84 44.34
C ASN I 159 5.92 -10.61 43.47
N LEU I 160 5.51 -9.45 43.96
CA LEU I 160 5.88 -8.22 43.27
C LEU I 160 7.28 -7.75 43.57
N ALA I 161 7.76 -7.98 44.80
CA ALA I 161 9.09 -7.53 45.20
C ALA I 161 10.18 -8.30 44.46
N ASN I 162 10.18 -9.62 44.55
CA ASN I 162 10.98 -10.37 43.60
C ASN I 162 10.31 -10.32 42.24
N ALA I 163 11.08 -10.39 41.18
CA ALA I 163 10.48 -10.19 39.87
C ALA I 163 10.16 -11.53 39.22
N ARG I 164 9.23 -12.27 39.85
CA ARG I 164 8.86 -13.58 39.34
C ARG I 164 8.10 -13.48 38.02
N PHE I 165 7.43 -12.34 37.77
CA PHE I 165 6.79 -12.07 36.50
C PHE I 165 7.76 -11.94 35.34
N LEU I 166 9.04 -11.72 35.61
CA LEU I 166 10.10 -11.97 34.64
C LEU I 166 10.39 -13.45 34.70
N TRP I 167 9.95 -14.21 33.71
CA TRP I 167 9.98 -15.66 33.86
C TRP I 167 11.34 -16.25 33.53
N ARG I 168 11.73 -16.22 32.27
CA ARG I 168 13.04 -16.66 31.85
C ARG I 168 13.95 -15.47 31.66
N ASN I 169 13.39 -14.27 31.74
CA ASN I 169 14.12 -13.01 31.74
C ASN I 169 14.76 -12.72 33.08
N ARG I 170 14.58 -13.57 34.08
CA ARG I 170 15.17 -13.39 35.40
C ARG I 170 16.32 -14.33 35.67
N VAL I 171 16.31 -15.53 35.08
CA VAL I 171 17.36 -16.49 35.33
C VAL I 171 18.64 -16.08 34.61
N GLY I 172 19.74 -16.08 35.35
CA GLY I 172 21.00 -15.62 34.81
C GLY I 172 21.07 -14.14 34.58
N ALA I 173 20.38 -13.36 35.39
CA ALA I 173 20.42 -11.92 35.32
C ALA I 173 21.42 -11.40 36.35
N GLU I 174 22.16 -10.37 35.96
CA GLU I 174 23.24 -9.88 36.79
C GLU I 174 22.71 -9.11 37.98
N ALA I 175 21.61 -8.39 37.78
CA ALA I 175 20.92 -7.64 38.81
C ALA I 175 19.50 -7.43 38.32
N VAL I 176 18.54 -7.57 39.23
CA VAL I 176 17.15 -7.28 38.94
C VAL I 176 16.67 -6.28 39.98
N GLU I 177 16.13 -5.16 39.53
CA GLU I 177 15.59 -4.13 40.40
C GLU I 177 14.14 -3.86 40.06
N VAL I 178 13.28 -3.82 41.07
CA VAL I 178 11.85 -3.63 40.89
C VAL I 178 11.45 -2.34 41.56
N ARG I 179 10.71 -1.50 40.85
CA ARG I 179 10.16 -0.27 41.39
C ARG I 179 8.64 -0.31 41.31
N ILE I 180 7.98 -0.05 42.42
CA ILE I 180 6.51 -0.01 42.46
C ILE I 180 6.07 1.37 42.91
N ASN I 181 5.29 2.04 42.07
CA ASN I 181 4.65 3.30 42.40
C ASN I 181 3.17 3.07 42.69
N HIS I 182 2.67 3.70 43.74
CA HIS I 182 1.23 3.77 43.97
C HIS I 182 0.69 5.10 43.45
N ILE I 183 -0.39 5.02 42.69
CA ILE I 183 -0.88 6.13 41.87
C ILE I 183 -2.15 6.70 42.53
N ARG I 184 -2.10 7.97 42.92
CA ARG I 184 -3.26 8.62 43.53
C ARG I 184 -4.27 9.03 42.47
N GLN I 185 -3.94 10.05 41.69
CA GLN I 185 -4.75 10.47 40.57
C GLN I 185 -4.00 10.24 39.27
N GLY I 186 -2.84 10.86 39.15
CA GLY I 186 -1.83 10.50 38.19
C GLY I 186 -0.51 10.66 38.91
N GLU I 187 -0.61 11.06 40.17
CA GLU I 187 0.55 11.37 40.99
C GLU I 187 0.97 10.15 41.78
N VAL I 188 2.24 10.12 42.14
CA VAL I 188 2.82 9.01 42.88
C VAL I 188 2.68 9.31 44.37
N ALA I 189 1.86 8.51 45.05
CA ALA I 189 1.76 8.64 46.50
C ALA I 189 3.00 8.10 47.18
N ARG I 190 3.23 6.80 47.04
CA ARG I 190 4.41 6.15 47.60
C ARG I 190 5.12 5.40 46.49
N ALA I 191 6.45 5.47 46.51
CA ALA I 191 7.30 4.69 45.63
C ALA I 191 8.13 3.74 46.48
N TRP I 192 8.25 2.50 45.99
CA TRP I 192 9.05 1.46 46.62
C TRP I 192 10.17 1.04 45.68
N ARG I 193 11.20 0.45 46.25
CA ARG I 193 12.41 0.10 45.51
C ARG I 193 12.99 -1.17 46.09
N PHE I 194 13.11 -2.22 45.27
CA PHE I 194 13.51 -3.53 45.75
C PHE I 194 14.62 -4.12 44.90
N ASP I 195 15.52 -4.85 45.55
CA ASP I 195 16.49 -5.71 44.89
C ASP I 195 15.88 -7.10 44.79
N ALA I 196 15.47 -7.49 43.60
CA ALA I 196 14.68 -8.70 43.43
C ALA I 196 15.49 -9.99 43.55
N LEU I 197 16.81 -9.92 43.50
CA LEU I 197 17.60 -11.13 43.64
C LEU I 197 17.99 -11.41 45.09
N ALA I 198 18.05 -10.38 45.93
CA ALA I 198 18.29 -10.61 47.35
C ALA I 198 17.03 -11.15 48.01
N ILE I 199 15.88 -10.55 47.71
CA ILE I 199 14.60 -11.09 48.13
C ILE I 199 14.40 -12.41 47.39
N GLY I 200 14.30 -13.50 48.13
CA GLY I 200 14.34 -14.82 47.54
C GLY I 200 13.12 -15.13 46.71
N LEU I 201 13.23 -16.22 45.95
CA LEU I 201 12.12 -16.68 45.15
C LEU I 201 11.40 -17.86 45.80
N ARG I 202 11.97 -18.44 46.85
CA ARG I 202 11.41 -19.60 47.53
C ARG I 202 11.42 -19.42 49.05
N ASP I 203 10.96 -18.26 49.51
CA ASP I 203 10.65 -18.03 50.91
C ASP I 203 9.63 -16.89 50.99
N PHE I 204 9.21 -16.56 52.22
CA PHE I 204 8.37 -15.40 52.47
C PHE I 204 8.81 -14.79 53.80
N LYS I 205 9.75 -13.86 53.75
CA LYS I 205 10.27 -13.20 54.94
C LYS I 205 9.56 -11.87 55.17
N ALA I 206 10.05 -11.09 56.14
CA ALA I 206 9.45 -9.82 56.50
C ALA I 206 10.47 -8.70 56.34
N ASP I 207 9.97 -7.52 55.99
CA ASP I 207 10.80 -6.34 55.82
C ASP I 207 9.93 -5.11 56.05
N ALA I 208 10.54 -4.06 56.63
CA ALA I 208 9.78 -2.90 57.04
C ALA I 208 9.28 -2.05 55.88
N GLU I 209 9.76 -2.30 54.67
CA GLU I 209 9.26 -1.57 53.51
C GLU I 209 8.39 -2.43 52.61
N LEU I 210 8.46 -3.75 52.78
CA LEU I 210 7.56 -4.68 52.13
C LEU I 210 6.28 -4.91 52.93
N ASP I 211 6.30 -4.65 54.24
CA ASP I 211 5.08 -4.64 55.03
C ASP I 211 4.12 -3.55 54.57
N ALA I 212 4.67 -2.40 54.18
CA ALA I 212 3.84 -1.30 53.68
C ALA I 212 3.14 -1.65 52.36
N LEU I 213 3.86 -2.30 51.44
CA LEU I 213 3.25 -2.76 50.21
C LEU I 213 2.21 -3.84 50.47
N ALA I 214 2.48 -4.71 51.43
CA ALA I 214 1.52 -5.75 51.79
C ALA I 214 0.25 -5.14 52.39
N GLU I 215 0.38 -4.11 53.22
CA GLU I 215 -0.83 -3.54 53.79
C GLU I 215 -1.56 -2.61 52.83
N LEU I 216 -0.87 -2.04 51.84
CA LEU I 216 -1.58 -1.36 50.76
C LEU I 216 -2.41 -2.34 49.94
N ILE I 217 -1.83 -3.48 49.59
CA ILE I 217 -2.61 -4.51 48.87
C ILE I 217 -3.71 -5.08 49.76
N ALA I 218 -3.49 -5.13 51.07
CA ALA I 218 -4.53 -5.60 51.99
C ALA I 218 -5.69 -4.61 52.07
N SER I 219 -5.39 -3.31 52.12
CA SER I 219 -6.43 -2.30 52.08
C SER I 219 -7.12 -2.19 50.74
N GLY I 220 -6.47 -2.64 49.67
CA GLY I 220 -7.13 -2.76 48.39
C GLY I 220 -8.06 -3.95 48.29
N LEU I 221 -7.64 -5.13 48.76
CA LEU I 221 -8.48 -6.32 48.64
C LEU I 221 -9.63 -6.33 49.63
N SER I 222 -9.47 -5.70 50.80
CA SER I 222 -10.57 -5.63 51.74
C SER I 222 -11.60 -4.60 51.37
N GLY I 223 -11.28 -3.68 50.46
CA GLY I 223 -12.23 -2.73 49.93
C GLY I 223 -12.16 -1.34 50.51
N SER I 224 -11.07 -0.99 51.20
CA SER I 224 -11.00 0.31 51.83
C SER I 224 -10.70 1.40 50.82
N GLY I 225 -9.55 1.33 50.16
CA GLY I 225 -9.14 2.34 49.20
C GLY I 225 -9.13 1.82 47.77
N HIS I 226 -8.93 2.74 46.85
CA HIS I 226 -8.66 2.40 45.45
C HIS I 226 -7.16 2.27 45.27
N VAL I 227 -6.72 1.08 44.84
CA VAL I 227 -5.31 0.78 44.71
C VAL I 227 -5.02 0.50 43.25
N LEU I 228 -4.13 1.31 42.68
CA LEU I 228 -3.53 1.08 41.37
C LEU I 228 -2.03 1.14 41.56
N LEU I 229 -1.33 0.15 41.03
CA LEU I 229 0.12 0.07 41.17
C LEU I 229 0.75 0.18 39.80
N GLU I 230 1.97 0.71 39.77
CA GLU I 230 2.77 0.76 38.54
C GLU I 230 4.07 0.04 38.83
N VAL I 231 4.26 -1.12 38.21
CA VAL I 231 5.39 -1.98 38.48
C VAL I 231 6.37 -1.86 37.33
N VAL I 232 7.63 -1.53 37.66
CA VAL I 232 8.72 -1.45 36.69
C VAL I 232 9.82 -2.37 37.18
N ALA I 233 10.26 -3.27 36.32
CA ALA I 233 11.39 -4.14 36.63
C ALA I 233 12.50 -3.93 35.62
N PHE I 234 13.72 -3.84 36.12
CA PHE I 234 14.91 -3.75 35.30
C PHE I 234 15.72 -5.02 35.48
N ALA I 235 16.40 -5.46 34.42
CA ALA I 235 17.19 -6.68 34.50
C ALA I 235 18.40 -6.55 33.59
N ARG I 236 19.60 -6.58 34.16
CA ARG I 236 20.83 -6.61 33.35
C ARG I 236 20.98 -8.01 32.79
N ILE I 237 20.63 -8.16 31.53
CA ILE I 237 20.77 -9.42 30.83
C ILE I 237 22.07 -9.46 30.04
N GLY I 238 22.48 -8.34 29.46
CA GLY I 238 23.71 -8.25 28.70
C GLY I 238 23.48 -7.68 27.31
N ASP I 239 24.55 -7.16 26.69
CA ASP I 239 24.44 -6.46 25.41
C ASP I 239 24.04 -7.43 24.31
N GLY I 240 22.89 -7.18 23.69
CA GLY I 240 22.46 -7.96 22.55
C GLY I 240 21.89 -9.31 22.89
N GLN I 241 21.76 -9.65 24.15
CA GLN I 241 21.27 -10.96 24.57
C GLN I 241 19.79 -11.11 24.28
N GLU I 242 19.32 -12.34 24.36
CA GLU I 242 17.96 -12.65 23.98
C GLU I 242 17.03 -12.45 25.15
N VAL I 243 15.96 -11.71 24.93
CA VAL I 243 14.89 -11.58 25.89
C VAL I 243 13.75 -12.44 25.41
N PHE I 244 12.85 -12.78 26.33
CA PHE I 244 11.84 -13.81 26.07
C PHE I 244 10.46 -13.23 26.29
N PRO I 245 9.81 -12.73 25.24
CA PRO I 245 8.41 -12.33 25.37
C PRO I 245 7.51 -13.56 25.39
N SER I 246 6.24 -13.31 25.64
CA SER I 246 5.31 -14.42 25.64
C SER I 246 5.02 -14.84 24.21
N GLN I 247 4.62 -16.09 24.05
CA GLN I 247 4.60 -16.75 22.76
C GLN I 247 3.18 -17.11 22.35
N GLU I 248 2.87 -16.94 21.07
CA GLU I 248 1.55 -17.15 20.53
C GLU I 248 1.43 -18.56 19.94
N LEU I 249 0.20 -18.98 19.68
CA LEU I 249 -0.02 -20.26 19.05
C LEU I 249 -0.12 -20.09 17.53
N ILE I 250 0.45 -21.03 16.81
CA ILE I 250 0.60 -20.91 15.35
C ILE I 250 -0.73 -21.25 14.70
N LEU I 251 -1.28 -20.29 13.97
CA LEU I 251 -2.56 -20.48 13.31
C LEU I 251 -2.36 -21.26 12.00
N GLY I 258 10.06 -22.84 4.60
CA GLY I 258 10.37 -21.95 5.71
C GLY I 258 9.14 -21.54 6.50
N GLN I 259 8.30 -22.52 6.83
CA GLN I 259 7.10 -22.27 7.60
C GLN I 259 7.47 -21.91 9.02
N LYS I 260 6.75 -20.93 9.57
CA LYS I 260 7.15 -20.31 10.83
C LYS I 260 6.92 -21.23 12.01
N SER I 261 7.95 -21.37 12.86
CA SER I 261 7.94 -22.26 14.01
C SER I 261 7.61 -21.58 15.32
N LYS I 262 7.68 -20.25 15.38
CA LYS I 262 7.57 -19.56 16.65
C LYS I 262 7.09 -18.15 16.39
N THR I 263 6.11 -17.70 17.15
CA THR I 263 5.52 -16.39 16.99
C THR I 263 5.48 -15.73 18.36
N LEU I 264 5.97 -14.51 18.44
CA LEU I 264 6.07 -13.81 19.71
C LEU I 264 4.97 -12.76 19.81
N TYR I 265 4.56 -12.48 21.03
CA TYR I 265 3.48 -11.55 21.28
C TYR I 265 4.00 -10.12 21.25
N SER I 266 3.30 -9.27 20.51
CA SER I 266 3.65 -7.87 20.40
C SER I 266 2.38 -7.04 20.35
N VAL I 267 2.30 -5.96 21.13
CA VAL I 267 1.06 -5.20 21.20
C VAL I 267 0.91 -4.24 20.01
N ARG I 268 1.86 -3.34 19.81
CA ARG I 268 1.88 -2.58 18.57
C ARG I 268 3.14 -2.89 17.76
N ASP I 269 4.31 -2.60 18.32
CA ASP I 269 5.57 -3.13 17.84
C ASP I 269 6.48 -3.54 18.97
N ALA I 270 6.19 -3.14 20.20
CA ALA I 270 6.95 -3.59 21.36
C ALA I 270 6.70 -5.06 21.60
N ALA I 271 7.75 -5.78 21.96
CA ALA I 271 7.58 -7.13 22.49
C ALA I 271 6.93 -7.04 23.86
N ALA I 272 6.03 -7.97 24.15
CA ALA I 272 5.23 -7.86 25.36
C ALA I 272 5.04 -9.22 25.99
N ILE I 273 4.53 -9.20 27.21
CA ILE I 273 4.17 -10.39 27.97
C ILE I 273 2.67 -10.37 28.18
N HIS I 274 2.02 -11.52 27.96
CA HIS I 274 0.58 -11.68 28.19
C HIS I 274 0.22 -11.34 29.62
N SER I 275 -0.98 -10.79 29.81
CA SER I 275 -1.41 -10.37 31.14
C SER I 275 -1.66 -11.55 32.05
N GLN I 276 -2.06 -12.68 31.50
CA GLN I 276 -2.31 -13.87 32.29
C GLN I 276 -1.04 -14.57 32.73
N LYS I 277 0.08 -14.35 32.04
CA LYS I 277 1.32 -14.93 32.52
C LYS I 277 1.98 -14.08 33.59
N ILE I 278 1.76 -12.76 33.56
CA ILE I 278 2.11 -11.92 34.69
C ILE I 278 1.21 -12.25 35.87
N GLY I 279 -0.07 -12.44 35.60
CA GLY I 279 -1.02 -12.75 36.66
C GLY I 279 -0.75 -14.08 37.31
N ASN I 280 -0.27 -15.05 36.53
CA ASN I 280 0.12 -16.35 37.07
C ASN I 280 1.24 -16.22 38.08
N ALA I 281 2.25 -15.40 37.78
CA ALA I 281 3.40 -15.29 38.65
C ALA I 281 3.14 -14.48 39.90
N LEU I 282 1.93 -13.96 40.08
CA LEU I 282 1.55 -13.26 41.29
C LEU I 282 0.89 -14.17 42.30
N ARG I 283 0.06 -15.11 41.86
CA ARG I 283 -0.62 -16.01 42.80
C ARG I 283 0.12 -17.34 42.95
N THR I 284 1.40 -17.40 42.59
CA THR I 284 2.28 -18.46 43.05
C THR I 284 2.65 -18.26 44.50
N ILE I 285 1.69 -18.50 45.39
CA ILE I 285 1.81 -18.21 46.81
C ILE I 285 1.52 -19.43 47.66
N ASP I 286 1.19 -20.56 47.04
CA ASP I 286 0.68 -21.74 47.75
C ASP I 286 1.85 -22.56 48.28
N THR I 287 2.02 -22.56 49.61
CA THR I 287 3.03 -23.37 50.25
C THR I 287 2.42 -24.39 51.21
N TRP I 288 1.17 -24.77 51.00
CA TRP I 288 0.47 -25.68 51.90
C TRP I 288 0.04 -26.89 51.08
N TYR I 289 0.85 -27.92 51.06
CA TYR I 289 0.47 -29.02 50.19
C TYR I 289 -0.02 -30.19 51.02
N PRO I 290 -0.79 -31.09 50.41
CA PRO I 290 -0.89 -32.46 50.94
C PRO I 290 0.19 -33.39 50.43
N ASP I 291 1.17 -32.85 49.72
CA ASP I 291 2.32 -33.56 49.20
C ASP I 291 3.57 -32.91 49.81
N GLU I 292 4.74 -33.33 49.33
CA GLU I 292 6.01 -32.87 49.88
C GLU I 292 6.24 -31.39 49.59
N ASP I 293 6.72 -30.67 50.60
CA ASP I 293 7.09 -29.25 50.50
C ASP I 293 8.54 -29.05 50.10
N GLY I 294 9.14 -29.99 49.36
CA GLY I 294 10.49 -29.80 48.88
C GLY I 294 10.56 -29.30 47.46
N LEU I 295 9.58 -28.50 47.05
CA LEU I 295 9.51 -28.02 45.67
C LEU I 295 9.15 -26.55 45.53
N GLY I 296 8.94 -25.82 46.62
CA GLY I 296 8.68 -24.40 46.56
C GLY I 296 7.21 -24.05 46.44
N PRO I 297 6.91 -22.77 46.27
CA PRO I 297 5.52 -22.36 46.00
C PRO I 297 5.07 -22.75 44.62
N ILE I 298 3.78 -23.05 44.49
CA ILE I 298 3.12 -23.25 43.21
C ILE I 298 2.00 -22.23 43.10
N ALA I 299 1.44 -22.15 41.90
CA ALA I 299 0.34 -21.24 41.63
C ALA I 299 -0.96 -21.77 42.20
N VAL I 300 -1.80 -20.85 42.67
CA VAL I 300 -3.13 -21.19 43.17
C VAL I 300 -3.99 -21.64 42.00
N GLU I 301 -4.42 -22.89 42.05
CA GLU I 301 -5.29 -23.51 41.07
C GLU I 301 -6.23 -24.44 41.81
N PRO I 302 -7.38 -24.75 41.24
CA PRO I 302 -8.09 -25.96 41.66
C PRO I 302 -7.28 -27.17 41.25
N TYR I 303 -7.19 -28.14 42.17
CA TYR I 303 -6.38 -29.36 42.02
C TYR I 303 -4.93 -28.99 41.75
N GLY I 304 -4.28 -28.37 42.74
CA GLY I 304 -3.09 -27.53 42.55
C GLY I 304 -1.97 -28.10 41.71
N SER I 305 -1.83 -27.55 40.52
CA SER I 305 -1.19 -28.23 39.41
C SER I 305 -0.17 -27.32 38.76
N VAL I 306 0.88 -27.94 38.22
CA VAL I 306 1.88 -27.26 37.41
C VAL I 306 2.12 -28.11 36.17
N THR I 307 2.04 -27.47 34.99
CA THR I 307 2.25 -28.23 33.75
C THR I 307 3.69 -28.63 33.57
N SER I 308 4.63 -27.80 34.03
CA SER I 308 6.05 -28.08 33.84
C SER I 308 6.54 -29.24 34.69
N GLN I 309 5.77 -29.66 35.69
CA GLN I 309 6.06 -30.89 36.40
C GLN I 309 5.03 -31.97 36.11
N GLY I 310 3.95 -31.64 35.42
CA GLY I 310 3.02 -32.63 34.92
C GLY I 310 2.23 -33.39 35.96
N LYS I 311 2.02 -32.81 37.14
CA LYS I 311 1.20 -33.49 38.12
C LYS I 311 0.47 -32.48 38.98
N ALA I 312 -0.65 -32.92 39.56
CA ALA I 312 -1.52 -32.09 40.39
C ALA I 312 -1.27 -32.42 41.85
N TYR I 313 -0.89 -31.42 42.63
CA TYR I 313 -0.45 -31.69 43.98
C TYR I 313 -1.56 -31.68 45.01
N ARG I 314 -2.76 -31.26 44.64
CA ARG I 314 -3.92 -31.32 45.52
C ARG I 314 -4.92 -32.26 44.87
N GLN I 315 -4.77 -33.52 45.13
CA GLN I 315 -5.65 -34.54 44.58
C GLN I 315 -6.97 -34.56 45.34
N PRO I 316 -8.07 -34.89 44.65
CA PRO I 316 -9.33 -35.15 45.34
C PRO I 316 -9.43 -36.53 45.98
N LYS I 317 -8.43 -37.39 45.82
CA LYS I 317 -8.30 -38.56 46.69
C LYS I 317 -8.13 -38.11 48.14
N GLN I 318 -7.17 -37.24 48.39
CA GLN I 318 -7.10 -36.54 49.67
C GLN I 318 -8.13 -35.42 49.69
N LYS I 319 -8.28 -34.80 50.84
CA LYS I 319 -9.39 -33.87 51.05
C LYS I 319 -8.90 -32.42 51.10
N LEU I 320 -7.97 -32.06 50.20
CA LEU I 320 -7.41 -30.73 50.20
C LEU I 320 -7.36 -30.08 48.82
N ASP I 321 -8.25 -30.42 47.91
CA ASP I 321 -8.41 -29.59 46.72
C ASP I 321 -9.37 -28.45 47.02
N PHE I 322 -9.66 -27.64 46.00
CA PHE I 322 -10.45 -26.43 46.26
C PHE I 322 -11.93 -26.75 46.42
N TYR I 323 -12.47 -27.67 45.61
CA TYR I 323 -13.92 -27.86 45.60
C TYR I 323 -14.40 -28.58 46.84
N THR I 324 -13.64 -29.58 47.32
CA THR I 324 -14.03 -30.30 48.53
C THR I 324 -13.92 -29.41 49.77
N LEU I 325 -12.84 -28.63 49.88
CA LEU I 325 -12.70 -27.69 50.98
C LEU I 325 -13.75 -26.59 50.95
N LEU I 326 -14.12 -26.11 49.76
CA LEU I 326 -15.18 -25.11 49.64
C LEU I 326 -16.53 -25.69 50.04
N ASP I 327 -16.84 -26.90 49.59
CA ASP I 327 -18.11 -27.52 49.95
C ASP I 327 -18.19 -27.83 51.45
N ASN I 328 -17.08 -28.24 52.06
CA ASN I 328 -17.13 -28.51 53.49
C ASN I 328 -17.17 -27.23 54.31
N TRP I 329 -16.56 -26.16 53.83
CA TRP I 329 -16.53 -24.94 54.62
C TRP I 329 -17.78 -24.10 54.46
N VAL I 330 -18.47 -24.22 53.33
CA VAL I 330 -19.67 -23.43 53.12
C VAL I 330 -20.93 -24.19 53.50
N LEU I 331 -21.10 -25.40 52.98
CA LEU I 331 -22.38 -26.10 53.13
C LEU I 331 -22.56 -26.64 54.54
N ARG I 332 -21.69 -27.56 54.95
CA ARG I 332 -21.87 -28.29 56.19
C ARG I 332 -21.04 -27.73 57.33
N ASP I 333 -20.50 -26.53 57.14
CA ASP I 333 -19.87 -25.71 58.18
C ASP I 333 -18.63 -26.34 58.79
N GLU I 334 -18.05 -27.34 58.13
CA GLU I 334 -16.81 -27.95 58.57
C GLU I 334 -15.65 -27.14 58.02
N ALA I 335 -15.10 -26.28 58.83
CA ALA I 335 -14.00 -25.44 58.38
C ALA I 335 -12.74 -26.26 58.20
N PRO I 336 -11.89 -25.89 57.25
CA PRO I 336 -10.55 -26.48 57.16
C PRO I 336 -9.63 -25.81 58.18
N ALA I 337 -8.37 -26.21 58.12
CA ALA I 337 -7.35 -25.56 58.94
C ALA I 337 -7.14 -24.12 58.48
N VAL I 338 -6.53 -23.33 59.35
CA VAL I 338 -6.38 -21.89 59.13
C VAL I 338 -5.52 -21.61 57.91
N GLU I 339 -4.59 -22.51 57.59
CA GLU I 339 -3.75 -22.33 56.42
C GLU I 339 -4.47 -22.67 55.13
N GLN I 340 -5.41 -23.60 55.16
CA GLN I 340 -6.13 -23.96 53.94
C GLN I 340 -7.22 -22.96 53.62
N GLN I 341 -7.67 -22.20 54.62
CA GLN I 341 -8.60 -21.12 54.38
C GLN I 341 -7.99 -20.03 53.52
N HIS I 342 -6.68 -19.78 53.69
CA HIS I 342 -5.98 -18.85 52.81
C HIS I 342 -5.97 -19.33 51.38
N TYR I 343 -5.82 -20.65 51.19
CA TYR I 343 -5.88 -21.24 49.85
C TYR I 343 -7.25 -21.09 49.22
N VAL I 344 -8.31 -21.33 49.99
CA VAL I 344 -9.66 -21.25 49.43
C VAL I 344 -10.01 -19.81 49.08
N ILE I 345 -9.63 -18.86 49.94
CA ILE I 345 -9.85 -17.46 49.62
C ILE I 345 -8.98 -17.01 48.45
N ALA I 346 -7.78 -17.56 48.31
CA ALA I 346 -6.94 -17.21 47.17
C ALA I 346 -7.47 -17.74 45.87
N ASN I 347 -8.16 -18.88 45.88
CA ASN I 347 -8.92 -19.28 44.71
C ASN I 347 -10.14 -18.42 44.46
N LEU I 348 -10.72 -17.83 45.49
CA LEU I 348 -11.81 -16.90 45.23
C LEU I 348 -11.32 -15.56 44.69
N ILE I 349 -10.08 -15.21 44.95
CA ILE I 349 -9.53 -13.95 44.43
C ILE I 349 -9.20 -14.06 42.94
N ARG I 350 -8.73 -15.21 42.47
CA ARG I 350 -8.45 -15.34 41.05
C ARG I 350 -9.70 -15.54 40.19
N GLY I 351 -10.84 -15.79 40.79
CA GLY I 351 -12.07 -15.95 40.04
C GLY I 351 -12.16 -17.31 39.39
N GLY I 352 -13.27 -17.52 38.71
CA GLY I 352 -13.44 -18.75 37.97
C GLY I 352 -14.90 -19.13 37.89
N VAL I 353 -15.15 -20.19 37.14
CA VAL I 353 -16.49 -20.70 36.90
C VAL I 353 -16.66 -21.90 37.82
N PHE I 354 -17.22 -21.68 38.98
CA PHE I 354 -17.39 -22.72 39.97
C PHE I 354 -18.84 -23.21 39.92
N GLY I 355 -19.22 -24.06 40.85
CA GLY I 355 -20.62 -24.42 40.93
C GLY I 355 -21.02 -25.59 40.05
N GLU I 356 -21.85 -26.48 40.58
CA GLU I 356 -22.20 -27.72 39.90
C GLU I 356 -23.26 -27.51 38.82
N LEU J 24 -64.29 -5.47 25.74
CA LEU J 24 -64.37 -5.87 27.15
C LEU J 24 -63.52 -7.11 27.40
N SER J 25 -62.56 -7.35 26.51
CA SER J 25 -61.63 -8.45 26.69
C SER J 25 -60.28 -8.06 26.08
N THR J 26 -59.27 -8.88 26.37
CA THR J 26 -57.93 -8.63 25.87
C THR J 26 -57.89 -8.87 24.36
N ALA J 27 -57.32 -7.90 23.63
CA ALA J 27 -57.12 -8.06 22.21
C ALA J 27 -56.10 -9.16 21.92
N SER J 28 -56.28 -9.84 20.79
CA SER J 28 -55.38 -10.91 20.41
C SER J 28 -54.04 -10.42 19.91
N VAL J 29 -53.98 -9.21 19.39
CA VAL J 29 -52.71 -8.57 19.01
C VAL J 29 -52.58 -7.32 19.85
N LEU J 30 -51.48 -7.19 20.56
CA LEU J 30 -51.23 -5.99 21.37
C LEU J 30 -49.72 -5.80 21.47
N ALA J 31 -49.23 -4.70 20.95
CA ALA J 31 -47.80 -4.50 20.90
C ALA J 31 -47.50 -3.04 21.15
N PHE J 32 -46.36 -2.80 21.78
CA PHE J 32 -45.90 -1.46 22.10
C PHE J 32 -44.51 -1.29 21.51
N GLU J 33 -44.15 -0.05 21.27
CA GLU J 33 -42.89 0.26 20.60
C GLU J 33 -41.92 0.85 21.62
N ARG J 34 -40.63 0.70 21.33
CA ARG J 34 -39.57 1.08 22.25
C ARG J 34 -39.44 2.59 22.32
N LYS J 35 -39.88 3.16 23.44
CA LYS J 35 -39.45 4.47 23.88
C LYS J 35 -38.19 4.26 24.70
N LEU J 36 -37.44 5.34 24.92
CA LEU J 36 -36.10 5.29 25.51
C LEU J 36 -35.19 4.38 24.70
N ASP J 37 -34.88 4.86 23.50
CA ASP J 37 -34.10 4.16 22.48
C ASP J 37 -32.66 4.66 22.42
N PRO J 38 -31.68 3.92 22.95
CA PRO J 38 -30.29 4.37 22.84
C PRO J 38 -29.60 3.86 21.57
N SER J 39 -28.36 4.27 21.37
CA SER J 39 -27.53 3.79 20.28
C SER J 39 -26.38 2.96 20.84
N ASP J 40 -25.54 2.46 19.95
CA ASP J 40 -24.32 1.79 20.37
C ASP J 40 -23.39 2.77 21.02
N ALA J 41 -22.66 2.30 22.02
CA ALA J 41 -21.78 3.14 22.82
C ALA J 41 -20.35 2.88 22.37
N LEU J 42 -19.76 3.84 21.68
CA LEU J 42 -18.40 3.71 21.21
C LEU J 42 -17.41 4.00 22.33
N MET J 43 -16.21 3.43 22.21
CA MET J 43 -15.18 3.56 23.22
C MET J 43 -13.96 4.29 22.68
N SER J 44 -13.49 5.28 23.43
CA SER J 44 -12.28 6.03 23.11
C SER J 44 -11.36 6.00 24.30
N ALA J 45 -10.17 6.56 24.15
CA ALA J 45 -9.18 6.46 25.20
C ALA J 45 -8.23 7.64 25.17
N GLY J 46 -8.04 8.29 26.28
CA GLY J 46 -7.10 9.39 26.39
C GLY J 46 -6.75 9.58 27.82
N ALA J 47 -6.37 10.80 28.15
CA ALA J 47 -5.98 11.11 29.51
C ALA J 47 -7.08 11.88 30.22
N TRP J 48 -7.16 11.68 31.53
CA TRP J 48 -7.99 12.52 32.37
C TRP J 48 -7.39 13.93 32.40
N ALA J 49 -8.25 14.92 32.64
CA ALA J 49 -7.95 16.36 32.63
C ALA J 49 -7.54 16.89 31.26
N GLN J 50 -7.57 16.06 30.21
CA GLN J 50 -7.67 16.52 28.84
C GLN J 50 -9.02 16.14 28.26
N ARG J 51 -10.02 15.97 29.11
CA ARG J 51 -11.28 15.34 28.74
C ARG J 51 -12.37 16.34 28.38
N ASP J 52 -12.12 17.64 28.59
CA ASP J 52 -12.99 18.65 28.03
C ASP J 52 -12.81 18.77 26.51
N ALA J 53 -11.65 18.36 26.01
CA ALA J 53 -11.30 18.41 24.60
C ALA J 53 -11.11 17.02 24.05
N SER J 54 -12.05 16.13 24.35
CA SER J 54 -11.90 14.70 24.09
C SER J 54 -12.51 14.27 22.77
N GLN J 55 -12.75 15.20 21.84
CA GLN J 55 -13.39 14.85 20.58
C GLN J 55 -12.44 14.23 19.57
N GLU J 56 -11.14 14.25 19.83
CA GLU J 56 -10.15 13.72 18.90
C GLU J 56 -9.44 12.49 19.45
N TRP J 57 -9.91 11.94 20.56
CA TRP J 57 -9.27 10.77 21.16
C TRP J 57 -9.41 9.56 20.24
N PRO J 58 -8.36 8.75 20.11
CA PRO J 58 -8.45 7.59 19.25
C PRO J 58 -9.29 6.50 19.90
N ALA J 59 -9.81 5.63 19.06
CA ALA J 59 -10.71 4.58 19.52
C ALA J 59 -9.92 3.46 20.19
N VAL J 60 -10.61 2.74 21.08
CA VAL J 60 -10.08 1.50 21.62
C VAL J 60 -10.34 0.41 20.61
N THR J 61 -9.28 -0.27 20.16
CA THR J 61 -9.41 -1.30 19.15
C THR J 61 -9.38 -2.68 19.78
N VAL J 62 -9.99 -3.63 19.10
CA VAL J 62 -10.05 -5.02 19.54
C VAL J 62 -8.94 -5.78 18.83
N ARG J 63 -8.11 -6.46 19.58
CA ARG J 63 -7.07 -7.32 19.03
C ARG J 63 -7.22 -8.73 19.61
N GLU J 64 -6.44 -9.66 19.10
CA GLU J 64 -6.48 -11.04 19.55
C GLU J 64 -5.21 -11.40 20.33
N LYS J 65 -5.32 -12.42 21.17
CA LYS J 65 -4.15 -13.00 21.82
C LYS J 65 -4.42 -14.48 22.06
N SER J 66 -3.38 -15.17 22.50
CA SER J 66 -3.46 -16.59 22.81
C SER J 66 -3.48 -16.80 24.31
N VAL J 67 -4.09 -17.90 24.71
CA VAL J 67 -4.27 -18.21 26.12
C VAL J 67 -4.24 -19.72 26.28
N ARG J 68 -3.39 -20.19 27.17
CA ARG J 68 -3.24 -21.59 27.50
C ARG J 68 -3.61 -21.78 28.96
N GLY J 69 -4.42 -22.79 29.25
CA GLY J 69 -4.78 -23.07 30.62
C GLY J 69 -5.00 -24.55 30.80
N THR J 70 -5.10 -24.95 32.05
CA THR J 70 -5.43 -26.32 32.40
C THR J 70 -6.93 -26.43 32.64
N ILE J 71 -7.50 -27.58 32.29
CA ILE J 71 -8.90 -27.85 32.58
C ILE J 71 -8.97 -28.17 34.07
N SER J 72 -9.37 -27.20 34.86
CA SER J 72 -9.60 -27.41 36.28
C SER J 72 -11.07 -27.10 36.55
N ASN J 73 -11.92 -28.07 36.28
CA ASN J 73 -13.35 -28.02 36.53
C ASN J 73 -13.70 -29.16 37.46
N ARG J 74 -14.95 -29.21 37.88
CA ARG J 74 -15.37 -30.22 38.84
C ARG J 74 -15.36 -31.59 38.21
N LEU J 75 -14.67 -32.53 38.83
CA LEU J 75 -14.66 -33.89 38.35
C LEU J 75 -16.00 -34.54 38.65
N LYS J 76 -16.25 -35.65 37.99
CA LYS J 76 -17.39 -36.47 38.34
C LYS J 76 -17.08 -37.29 39.59
N THR J 77 -18.08 -38.08 40.01
CA THR J 77 -17.91 -38.92 41.19
C THR J 77 -17.13 -40.19 40.87
N LYS J 78 -17.15 -40.62 39.60
CA LYS J 78 -16.74 -41.98 39.29
C LYS J 78 -15.23 -42.19 39.23
N ASP J 79 -14.46 -41.15 38.89
CA ASP J 79 -13.02 -41.30 38.65
C ASP J 79 -12.24 -40.56 39.74
N ARG J 80 -11.72 -41.32 40.68
CA ARG J 80 -10.83 -40.78 41.71
C ARG J 80 -9.53 -41.57 41.69
N ASP J 81 -8.50 -40.97 41.10
CA ASP J 81 -7.25 -41.61 40.75
C ASP J 81 -6.23 -40.52 40.42
N PRO J 82 -5.03 -40.55 41.01
CA PRO J 82 -4.00 -39.57 40.62
C PRO J 82 -3.52 -39.72 39.19
N ALA J 83 -3.52 -40.93 38.64
CA ALA J 83 -3.01 -41.14 37.29
C ALA J 83 -3.94 -40.58 36.23
N LYS J 84 -5.26 -40.70 36.42
CA LYS J 84 -6.20 -40.16 35.45
C LYS J 84 -6.33 -38.65 35.57
N LEU J 85 -5.95 -38.05 36.70
CA LEU J 85 -5.99 -36.60 36.80
C LEU J 85 -4.70 -35.98 36.29
N ASP J 86 -3.55 -36.59 36.61
CA ASP J 86 -2.27 -36.05 36.15
C ASP J 86 -2.10 -36.18 34.64
N ALA J 87 -2.74 -37.16 34.02
CA ALA J 87 -2.69 -37.28 32.57
C ALA J 87 -3.60 -36.28 31.87
N SER J 88 -4.56 -35.69 32.60
CA SER J 88 -5.41 -34.66 32.02
C SER J 88 -4.71 -33.32 31.96
N ILE J 89 -3.75 -33.09 32.85
CA ILE J 89 -2.99 -31.85 32.86
C ILE J 89 -1.62 -32.02 32.23
N GLN J 90 -1.35 -33.18 31.62
CA GLN J 90 -0.27 -33.27 30.65
C GLN J 90 -0.61 -32.47 29.41
N SER J 91 -1.90 -32.40 29.07
CA SER J 91 -2.36 -31.73 27.88
C SER J 91 -3.14 -30.49 28.26
N PRO J 92 -2.61 -29.29 28.05
CA PRO J 92 -3.41 -28.09 28.22
C PRO J 92 -4.31 -27.91 27.00
N ASN J 93 -5.25 -27.00 27.11
CA ASN J 93 -5.92 -26.58 25.90
C ASN J 93 -5.60 -25.13 25.57
N LEU J 94 -5.65 -24.84 24.29
CA LEU J 94 -5.32 -23.52 23.80
C LEU J 94 -6.49 -22.98 23.02
N GLN J 95 -6.53 -21.66 22.92
CA GLN J 95 -7.61 -20.94 22.29
C GLN J 95 -7.16 -19.51 22.05
N THR J 96 -7.78 -18.89 21.06
CA THR J 96 -7.56 -17.50 20.73
C THR J 96 -8.76 -16.71 21.21
N VAL J 97 -8.53 -15.62 21.94
CA VAL J 97 -9.61 -14.77 22.42
C VAL J 97 -9.38 -13.36 21.91
N ASP J 98 -10.39 -12.53 22.06
CA ASP J 98 -10.27 -11.10 21.83
C ASP J 98 -10.02 -10.35 23.13
N VAL J 99 -9.30 -9.26 23.03
CA VAL J 99 -9.00 -8.42 24.18
C VAL J 99 -9.02 -6.98 23.74
N ALA J 100 -9.52 -6.11 24.61
CA ALA J 100 -9.51 -4.67 24.40
C ALA J 100 -8.87 -4.03 25.60
N ASN J 101 -7.85 -3.23 25.36
CA ASN J 101 -7.08 -2.57 26.41
C ASN J 101 -7.03 -1.08 26.13
N LEU J 102 -6.84 -0.30 27.18
CA LEU J 102 -6.42 1.06 26.96
C LEU J 102 -4.98 1.08 26.47
N PRO J 103 -4.56 2.12 25.77
CA PRO J 103 -3.14 2.27 25.46
C PRO J 103 -2.32 2.53 26.71
N SER J 104 -1.01 2.36 26.57
CA SER J 104 -0.12 2.40 27.72
C SER J 104 0.04 3.81 28.29
N ASP J 105 -0.30 4.84 27.53
CA ASP J 105 -0.22 6.21 28.00
C ASP J 105 -1.58 6.83 28.31
N ALA J 106 -2.66 6.14 28.00
CA ALA J 106 -4.01 6.61 28.29
C ALA J 106 -4.52 5.92 29.54
N ASP J 107 -5.14 6.68 30.44
CA ASP J 107 -5.72 6.09 31.64
C ASP J 107 -7.22 6.23 31.73
N THR J 108 -7.87 6.86 30.75
CA THR J 108 -9.27 7.22 30.85
C THR J 108 -10.03 6.59 29.70
N LEU J 109 -11.15 5.98 30.01
CA LEU J 109 -12.06 5.43 29.03
C LEU J 109 -13.18 6.43 28.78
N LYS J 110 -13.45 6.73 27.52
CA LYS J 110 -14.54 7.58 27.10
C LYS J 110 -15.59 6.74 26.39
N VAL J 111 -16.82 6.80 26.88
CA VAL J 111 -17.93 6.04 26.32
C VAL J 111 -19.05 7.01 26.03
N ARG J 112 -19.39 7.20 24.75
CA ARG J 112 -20.50 8.09 24.41
C ARG J 112 -21.56 7.36 23.61
N PHE J 113 -22.81 7.73 23.84
CA PHE J 113 -23.92 7.26 23.04
C PHE J 113 -24.98 8.35 23.04
N THR J 114 -25.95 8.21 22.14
CA THR J 114 -27.02 9.17 22.01
C THR J 114 -28.32 8.49 22.38
N LEU J 115 -29.05 9.06 23.30
CA LEU J 115 -30.36 8.59 23.69
C LEU J 115 -31.41 9.45 23.01
N ARG J 116 -32.50 8.84 22.56
CA ARG J 116 -33.66 9.62 22.17
C ARG J 116 -34.88 9.13 22.95
N VAL J 117 -35.60 10.07 23.55
CA VAL J 117 -36.77 9.79 24.36
C VAL J 117 -37.98 10.17 23.51
N LEU J 118 -38.76 9.19 23.08
CA LEU J 118 -39.74 9.46 22.02
C LEU J 118 -41.03 10.06 22.55
N GLY J 119 -41.75 9.34 23.37
CA GLY J 119 -42.99 9.88 23.89
C GLY J 119 -44.20 9.52 23.04
N GLY J 120 -45.36 9.53 23.69
CA GLY J 120 -46.55 8.92 23.16
C GLY J 120 -46.61 7.50 23.69
N ALA J 121 -46.48 7.38 25.02
CA ALA J 121 -46.05 6.13 25.64
C ALA J 121 -47.13 5.05 25.59
N GLY J 122 -48.33 5.35 26.09
CA GLY J 122 -49.36 4.34 26.20
C GLY J 122 -50.09 4.00 24.93
N THR J 123 -49.74 4.62 23.82
CA THR J 123 -50.37 4.30 22.55
C THR J 123 -49.78 3.02 21.98
N PRO J 124 -50.58 2.00 21.71
CA PRO J 124 -50.02 0.77 21.14
C PRO J 124 -49.63 1.00 19.69
N SER J 125 -48.66 0.21 19.24
CA SER J 125 -48.38 0.13 17.82
C SER J 125 -49.18 -0.97 17.15
N ALA J 126 -50.01 -1.68 17.90
CA ALA J 126 -50.89 -2.71 17.36
C ALA J 126 -51.95 -3.00 18.39
N CYS J 127 -53.22 -3.05 17.95
CA CYS J 127 -54.32 -3.47 18.81
C CYS J 127 -55.48 -3.88 17.93
N ASN J 128 -56.14 -4.98 18.29
CA ASN J 128 -57.33 -5.45 17.58
C ASN J 128 -58.56 -4.65 17.97
N ASP J 129 -58.96 -4.75 19.23
CA ASP J 129 -60.23 -4.19 19.67
C ASP J 129 -60.15 -2.67 19.79
N ALA J 130 -61.14 -1.99 19.22
CA ALA J 130 -61.24 -0.55 19.42
C ALA J 130 -61.67 -0.23 20.84
N ALA J 131 -62.50 -1.09 21.45
CA ALA J 131 -62.92 -0.88 22.82
C ALA J 131 -61.75 -1.01 23.78
N TYR J 132 -60.85 -1.97 23.51
CA TYR J 132 -59.70 -2.16 24.37
C TYR J 132 -58.72 -1.00 24.26
N ARG J 133 -58.51 -0.48 23.05
CA ARG J 133 -57.67 0.70 22.92
C ARG J 133 -58.33 1.93 23.56
N ASP J 134 -59.65 2.03 23.48
CA ASP J 134 -60.34 3.19 24.05
C ASP J 134 -60.31 3.17 25.57
N LYS J 135 -60.47 2.02 26.20
CA LYS J 135 -60.34 1.98 27.65
C LYS J 135 -58.92 1.62 28.09
N LEU J 136 -57.98 1.58 27.16
CA LEU J 136 -56.57 1.52 27.48
C LEU J 136 -55.95 2.91 27.53
N LEU J 137 -56.20 3.75 26.52
CA LEU J 137 -55.56 5.06 26.55
C LEU J 137 -56.21 5.97 27.56
N GLN J 138 -57.47 5.71 27.94
CA GLN J 138 -58.09 6.43 29.04
C GLN J 138 -57.48 6.06 30.38
N THR J 139 -57.15 4.79 30.59
CA THR J 139 -56.46 4.37 31.79
C THR J 139 -55.02 4.88 31.83
N VAL J 140 -54.36 4.96 30.66
CA VAL J 140 -53.04 5.57 30.61
C VAL J 140 -53.12 7.07 30.90
N ALA J 141 -54.19 7.73 30.44
CA ALA J 141 -54.37 9.14 30.74
C ALA J 141 -54.69 9.38 32.20
N THR J 142 -55.48 8.52 32.84
CA THR J 142 -55.72 8.69 34.26
C THR J 142 -54.56 8.18 35.11
N TYR J 143 -53.59 7.51 34.51
CA TYR J 143 -52.29 7.45 35.18
C TYR J 143 -51.57 8.79 35.07
N VAL J 144 -51.47 9.32 33.85
CA VAL J 144 -50.65 10.49 33.58
C VAL J 144 -51.24 11.75 34.21
N ASN J 145 -52.56 11.93 34.11
CA ASN J 145 -53.17 13.14 34.63
C ASN J 145 -53.22 13.14 36.15
N ASP J 146 -53.19 11.96 36.78
CA ASP J 146 -53.19 11.93 38.24
C ASP J 146 -51.80 12.06 38.82
N GLN J 147 -50.79 11.59 38.12
CA GLN J 147 -49.40 11.73 38.55
C GLN J 147 -48.50 11.62 37.31
N GLY J 148 -47.44 12.40 37.30
CA GLY J 148 -46.64 12.52 36.09
C GLY J 148 -45.81 11.29 35.81
N PHE J 149 -44.98 11.40 34.78
CA PHE J 149 -43.94 10.41 34.57
C PHE J 149 -42.74 10.62 35.47
N ALA J 150 -42.78 11.62 36.35
CA ALA J 150 -41.67 12.04 37.19
C ALA J 150 -41.11 10.94 38.07
N GLU J 151 -41.94 10.01 38.54
CA GLU J 151 -41.41 8.89 39.29
C GLU J 151 -40.67 7.92 38.39
N LEU J 152 -41.19 7.65 37.19
CA LEU J 152 -40.41 6.87 36.24
C LEU J 152 -39.26 7.68 35.67
N ALA J 153 -39.44 8.98 35.50
CA ALA J 153 -38.39 9.79 34.89
C ALA J 153 -37.19 9.97 35.79
N ARG J 154 -37.39 10.07 37.11
CA ARG J 154 -36.25 10.13 38.02
C ARG J 154 -35.45 8.84 37.98
N ARG J 155 -36.13 7.71 37.83
CA ARG J 155 -35.40 6.45 37.84
C ARG J 155 -34.79 6.10 36.50
N TYR J 156 -35.32 6.64 35.40
CA TYR J 156 -34.58 6.51 34.15
C TYR J 156 -33.40 7.48 34.10
N ALA J 157 -33.53 8.68 34.66
CA ALA J 157 -32.44 9.63 34.66
C ALA J 157 -31.36 9.30 35.69
N HIS J 158 -31.72 8.59 36.75
CA HIS J 158 -30.74 8.22 37.75
C HIS J 158 -29.78 7.20 37.18
N ASN J 159 -30.26 6.27 36.36
CA ASN J 159 -29.42 5.30 35.69
C ASN J 159 -28.58 5.90 34.57
N LEU J 160 -28.85 7.13 34.17
CA LEU J 160 -27.92 7.87 33.31
C LEU J 160 -26.92 8.64 34.13
N ALA J 161 -27.34 9.14 35.28
CA ALA J 161 -26.46 9.96 36.11
C ALA J 161 -25.43 9.15 36.86
N ASN J 162 -25.76 7.94 37.30
CA ASN J 162 -24.72 6.99 37.62
C ASN J 162 -24.48 6.15 36.37
N ALA J 163 -23.23 5.77 36.14
CA ALA J 163 -22.90 5.21 34.84
C ALA J 163 -23.10 3.69 34.86
N ARG J 164 -24.35 3.29 35.06
CA ARG J 164 -24.67 1.87 35.09
C ARG J 164 -24.52 1.22 33.72
N PHE J 165 -24.58 2.01 32.65
CA PHE J 165 -24.31 1.51 31.31
C PHE J 165 -22.85 1.14 31.11
N LEU J 166 -21.95 1.61 31.97
CA LEU J 166 -20.62 1.04 32.11
C LEU J 166 -20.78 -0.19 32.98
N TRP J 167 -20.70 -1.38 32.41
CA TRP J 167 -21.10 -2.53 33.19
C TRP J 167 -20.00 -3.03 34.11
N ARG J 168 -18.94 -3.57 33.53
CA ARG J 168 -17.76 -3.97 34.27
C ARG J 168 -16.68 -2.92 34.12
N ASN J 169 -16.89 -1.94 33.25
CA ASN J 169 -16.00 -0.82 33.12
C ASN J 169 -16.13 0.13 34.29
N ARG J 170 -17.23 0.05 35.03
CA ARG J 170 -17.46 0.90 36.18
C ARG J 170 -16.81 0.38 37.46
N VAL J 171 -16.74 -0.94 37.62
CA VAL J 171 -16.33 -1.52 38.90
C VAL J 171 -14.83 -1.37 39.07
N GLY J 172 -14.43 -0.87 40.23
CA GLY J 172 -13.03 -0.59 40.50
C GLY J 172 -12.44 0.56 39.72
N ALA J 173 -13.27 1.44 39.18
CA ALA J 173 -12.77 2.66 38.58
C ALA J 173 -12.54 3.70 39.66
N GLU J 174 -11.56 4.55 39.45
CA GLU J 174 -11.25 5.54 40.48
C GLU J 174 -12.26 6.68 40.48
N ALA J 175 -12.55 7.23 39.31
CA ALA J 175 -13.49 8.32 39.20
C ALA J 175 -14.29 8.14 37.92
N VAL J 176 -15.60 8.33 38.00
CA VAL J 176 -16.47 8.28 36.84
C VAL J 176 -17.16 9.64 36.73
N GLU J 177 -17.25 10.17 35.53
CA GLU J 177 -17.74 11.53 35.30
C GLU J 177 -18.66 11.52 34.09
N VAL J 178 -19.92 11.86 34.27
CA VAL J 178 -20.95 11.74 33.24
C VAL J 178 -21.37 13.13 32.78
N ARG J 179 -21.45 13.31 31.47
CA ARG J 179 -21.82 14.58 30.86
C ARG J 179 -22.99 14.36 29.91
N ILE J 180 -24.09 15.08 30.15
CA ILE J 180 -25.33 14.91 29.40
C ILE J 180 -25.70 16.24 28.77
N ASN J 181 -25.91 16.25 27.46
CA ASN J 181 -26.19 17.46 26.71
C ASN J 181 -27.50 17.31 25.96
N HIS J 182 -28.46 18.17 26.27
CA HIS J 182 -29.69 18.24 25.48
C HIS J 182 -29.42 18.98 24.18
N ILE J 183 -29.95 18.45 23.07
CA ILE J 183 -29.63 18.93 21.74
C ILE J 183 -30.91 19.22 20.97
N ARG J 184 -31.08 20.47 20.53
CA ARG J 184 -32.28 20.86 19.79
C ARG J 184 -32.18 20.52 18.31
N GLN J 185 -31.27 21.20 17.60
CA GLN J 185 -30.94 20.83 16.22
C GLN J 185 -29.46 20.52 16.08
N GLY J 186 -28.59 21.44 16.46
CA GLY J 186 -27.17 21.19 16.51
C GLY J 186 -26.53 21.94 17.66
N GLU J 187 -27.35 22.45 18.57
CA GLU J 187 -26.88 23.26 19.67
C GLU J 187 -27.00 22.47 20.97
N VAL J 188 -26.48 23.04 22.04
CA VAL J 188 -26.55 22.45 23.37
C VAL J 188 -27.46 23.35 24.21
N ALA J 189 -28.70 22.90 24.42
CA ALA J 189 -29.65 23.71 25.18
C ALA J 189 -29.28 23.76 26.65
N ARG J 190 -29.26 22.60 27.31
CA ARG J 190 -28.74 22.51 28.67
C ARG J 190 -27.74 21.37 28.73
N ALA J 191 -26.62 21.61 29.42
CA ALA J 191 -25.63 20.60 29.74
C ALA J 191 -25.71 20.25 31.22
N TRP J 192 -25.42 18.99 31.53
CA TRP J 192 -25.32 18.49 32.89
C TRP J 192 -23.93 17.94 33.14
N ARG J 193 -23.67 17.62 34.40
CA ARG J 193 -22.36 17.12 34.81
C ARG J 193 -22.55 16.43 36.15
N PHE J 194 -22.11 15.18 36.26
CA PHE J 194 -22.35 14.37 37.45
C PHE J 194 -21.11 13.65 37.89
N ASP J 195 -21.04 13.37 39.20
CA ASP J 195 -20.11 12.41 39.76
C ASP J 195 -20.86 11.10 39.90
N ALA J 196 -20.55 10.14 39.03
CA ALA J 196 -21.36 8.93 38.95
C ALA J 196 -21.13 7.98 40.11
N LEU J 197 -20.00 8.10 40.81
CA LEU J 197 -19.77 7.27 41.98
C LEU J 197 -20.40 7.86 43.22
N ALA J 198 -20.61 9.18 43.25
CA ALA J 198 -21.16 9.84 44.42
C ALA J 198 -22.61 9.45 44.66
N ILE J 199 -23.34 9.16 43.60
CA ILE J 199 -24.68 8.58 43.72
C ILE J 199 -24.57 7.08 43.46
N GLY J 200 -25.21 6.30 44.31
CA GLY J 200 -25.01 4.87 44.29
C GLY J 200 -25.82 4.18 43.22
N LEU J 201 -25.93 2.86 43.37
CA LEU J 201 -26.72 2.02 42.51
C LEU J 201 -27.90 1.39 43.21
N ARG J 202 -27.98 1.50 44.54
CA ARG J 202 -29.04 0.85 45.30
C ARG J 202 -30.22 1.78 45.56
N ASP J 203 -29.98 2.90 46.24
CA ASP J 203 -31.04 3.77 46.71
C ASP J 203 -31.19 4.97 45.77
N PHE J 204 -32.40 5.15 45.23
CA PHE J 204 -32.71 6.29 44.40
C PHE J 204 -32.95 7.50 45.30
N LYS J 205 -32.10 8.51 45.16
CA LYS J 205 -32.20 9.72 45.96
C LYS J 205 -32.70 10.87 45.10
N ALA J 206 -33.14 11.93 45.77
CA ALA J 206 -33.58 13.16 45.13
C ALA J 206 -32.43 14.16 45.12
N ASP J 207 -32.13 14.70 43.95
CA ASP J 207 -31.12 15.72 43.81
C ASP J 207 -31.75 16.98 43.23
N ALA J 208 -30.92 17.99 42.96
CA ALA J 208 -31.39 19.28 42.45
C ALA J 208 -31.05 19.48 40.98
N GLU J 209 -29.81 19.20 40.59
CA GLU J 209 -29.43 19.27 39.18
C GLU J 209 -29.98 18.08 38.41
N LEU J 210 -30.37 17.02 39.11
CA LEU J 210 -30.88 15.81 38.50
C LEU J 210 -32.37 15.87 38.25
N ASP J 211 -33.12 16.63 39.06
CA ASP J 211 -34.55 16.76 38.80
C ASP J 211 -34.86 17.58 37.56
N ALA J 212 -33.95 18.46 37.11
CA ALA J 212 -34.17 19.15 35.85
C ALA J 212 -34.07 18.19 34.67
N LEU J 213 -33.12 17.27 34.72
CA LEU J 213 -33.02 16.20 33.74
C LEU J 213 -34.21 15.26 33.81
N ALA J 214 -34.70 14.98 35.01
CA ALA J 214 -35.91 14.17 35.17
C ALA J 214 -37.12 14.86 34.57
N GLU J 215 -37.24 16.18 34.74
CA GLU J 215 -38.35 16.91 34.13
C GLU J 215 -38.22 16.96 32.62
N LEU J 216 -37.00 17.02 32.10
CA LEU J 216 -36.81 16.96 30.65
C LEU J 216 -37.23 15.61 30.10
N ILE J 217 -36.85 14.53 30.76
CA ILE J 217 -37.23 13.19 30.30
C ILE J 217 -38.73 12.97 30.45
N ALA J 218 -39.34 13.53 31.49
CA ALA J 218 -40.79 13.40 31.66
C ALA J 218 -41.54 14.19 30.60
N SER J 219 -41.09 15.42 30.30
CA SER J 219 -41.71 16.21 29.24
C SER J 219 -41.43 15.66 27.86
N GLY J 220 -40.41 14.82 27.70
CA GLY J 220 -40.21 14.11 26.47
C GLY J 220 -41.08 12.89 26.33
N LEU J 221 -41.34 12.18 27.43
CA LEU J 221 -42.24 11.04 27.39
C LEU J 221 -43.69 11.44 27.25
N SER J 222 -44.06 12.59 27.81
CA SER J 222 -45.47 12.94 27.85
C SER J 222 -45.94 13.54 26.53
N GLY J 223 -45.08 14.29 25.84
CA GLY J 223 -45.44 14.94 24.62
C GLY J 223 -45.38 14.00 23.42
N SER J 224 -45.40 14.60 22.24
CA SER J 224 -45.25 13.89 20.98
C SER J 224 -44.10 14.52 20.22
N GLY J 225 -43.07 13.73 19.95
CA GLY J 225 -41.85 14.26 19.37
C GLY J 225 -40.66 13.93 20.25
N HIS J 226 -39.54 13.63 19.63
CA HIS J 226 -38.41 13.09 20.36
C HIS J 226 -37.64 14.18 21.11
N VAL J 227 -37.02 13.76 22.21
CA VAL J 227 -36.04 14.55 22.94
C VAL J 227 -34.71 13.84 22.81
N LEU J 228 -33.72 14.51 22.24
CA LEU J 228 -32.42 13.91 21.96
C LEU J 228 -31.43 14.29 23.04
N LEU J 229 -30.72 13.30 23.55
CA LEU J 229 -29.66 13.50 24.52
C LEU J 229 -28.38 12.88 23.97
N GLU J 230 -27.23 13.45 24.32
CA GLU J 230 -25.98 12.72 24.18
C GLU J 230 -25.42 12.53 25.58
N VAL J 231 -24.95 11.32 25.85
CA VAL J 231 -24.47 10.94 27.17
C VAL J 231 -23.05 10.46 27.00
N VAL J 232 -22.11 11.13 27.63
CA VAL J 232 -20.72 10.73 27.61
C VAL J 232 -20.32 10.37 29.04
N ALA J 233 -19.61 9.27 29.20
CA ALA J 233 -19.08 8.89 30.51
C ALA J 233 -17.57 8.74 30.41
N PHE J 234 -16.87 9.28 31.39
CA PHE J 234 -15.42 9.21 31.47
C PHE J 234 -15.04 8.41 32.70
N ALA J 235 -14.42 7.26 32.51
CA ALA J 235 -14.03 6.39 33.61
C ALA J 235 -12.52 6.32 33.66
N ARG J 236 -11.94 6.83 34.74
CA ARG J 236 -10.50 6.76 34.97
C ARG J 236 -10.16 5.38 35.53
N ILE J 237 -9.41 4.60 34.76
CA ILE J 237 -9.22 3.18 34.99
C ILE J 237 -7.76 2.83 35.27
N GLY J 238 -6.85 3.33 34.46
CA GLY J 238 -5.44 3.08 34.64
C GLY J 238 -4.80 2.84 33.29
N ASP J 239 -3.48 3.03 33.25
CA ASP J 239 -2.71 2.89 32.01
C ASP J 239 -2.71 1.44 31.55
N GLY J 240 -3.15 1.21 30.33
CA GLY J 240 -3.03 -0.09 29.72
C GLY J 240 -3.98 -1.14 30.22
N GLN J 241 -4.93 -0.78 31.08
CA GLN J 241 -5.83 -1.76 31.67
C GLN J 241 -6.86 -2.26 30.66
N GLU J 242 -7.52 -3.35 31.02
CA GLU J 242 -8.46 -4.00 30.13
C GLU J 242 -9.83 -3.39 30.27
N VAL J 243 -10.43 -3.04 29.13
CA VAL J 243 -11.79 -2.55 29.08
C VAL J 243 -12.65 -3.67 28.51
N PHE J 244 -13.96 -3.56 28.74
CA PHE J 244 -14.88 -4.67 28.53
C PHE J 244 -15.98 -4.25 27.58
N PRO J 245 -15.79 -4.37 26.28
CA PRO J 245 -16.91 -4.18 25.35
C PRO J 245 -17.82 -5.40 25.37
N SER J 246 -18.91 -5.29 24.64
CA SER J 246 -19.85 -6.37 24.69
C SER J 246 -19.37 -7.51 23.78
N GLN J 247 -19.76 -8.73 24.16
CA GLN J 247 -19.30 -9.93 23.50
C GLN J 247 -20.40 -10.41 22.56
N GLU J 248 -20.01 -10.90 21.40
CA GLU J 248 -20.98 -11.20 20.37
C GLU J 248 -21.37 -12.67 20.43
N LEU J 249 -22.65 -12.94 20.17
CA LEU J 249 -23.21 -14.28 20.24
C LEU J 249 -23.24 -14.84 18.82
N ILE J 250 -22.49 -15.92 18.60
CA ILE J 250 -22.46 -16.61 17.31
C ILE J 250 -22.98 -18.03 17.52
N LEU J 251 -24.02 -18.41 16.79
CA LEU J 251 -24.62 -19.72 17.03
C LEU J 251 -23.97 -20.82 16.21
N ASP J 252 -23.24 -20.47 15.14
CA ASP J 252 -22.57 -21.45 14.29
C ASP J 252 -21.07 -21.29 14.48
N LYS J 253 -20.46 -22.24 15.18
CA LYS J 253 -19.04 -22.19 15.46
C LYS J 253 -18.27 -22.96 14.39
N GLY J 254 -17.16 -22.36 13.93
CA GLY J 254 -16.47 -22.89 12.77
C GLY J 254 -15.76 -24.20 13.07
N ASP J 255 -16.02 -25.18 12.22
CA ASP J 255 -15.53 -26.54 12.41
C ASP J 255 -14.21 -26.80 11.71
N LYS J 256 -13.16 -26.01 11.98
CA LYS J 256 -11.89 -26.27 11.31
C LYS J 256 -10.72 -26.40 12.28
N LYS J 257 -10.83 -25.77 13.47
CA LYS J 257 -9.86 -25.32 14.50
C LYS J 257 -9.31 -23.91 14.24
N GLY J 258 -9.86 -23.18 13.28
CA GLY J 258 -9.38 -21.82 13.06
C GLY J 258 -9.88 -20.78 14.04
N GLN J 259 -11.11 -20.92 14.53
CA GLN J 259 -11.88 -19.77 15.00
C GLN J 259 -11.50 -19.39 16.42
N LYS J 260 -11.66 -18.10 16.73
CA LYS J 260 -11.56 -17.58 18.09
C LYS J 260 -12.64 -18.18 18.99
N SER J 261 -12.37 -18.14 20.28
CA SER J 261 -13.33 -18.58 21.28
C SER J 261 -14.13 -17.43 21.87
N LYS J 262 -13.75 -16.19 21.59
CA LYS J 262 -14.39 -15.03 22.20
C LYS J 262 -14.26 -13.87 21.25
N THR J 263 -15.39 -13.35 20.76
CA THR J 263 -15.42 -12.26 19.80
C THR J 263 -16.02 -11.05 20.47
N LEU J 264 -15.39 -9.89 20.32
CA LEU J 264 -15.87 -8.67 20.91
C LEU J 264 -16.53 -7.79 19.87
N TYR J 265 -17.53 -7.05 20.29
CA TYR J 265 -18.30 -6.22 19.39
C TYR J 265 -17.54 -4.95 19.07
N SER J 266 -17.61 -4.54 17.82
CA SER J 266 -16.82 -3.41 17.34
C SER J 266 -17.57 -2.72 16.22
N VAL J 267 -17.72 -1.42 16.34
CA VAL J 267 -18.37 -0.60 15.32
C VAL J 267 -17.29 0.17 14.61
N ARG J 268 -16.95 -0.30 13.39
CA ARG J 268 -15.94 0.24 12.46
C ARG J 268 -14.62 0.55 13.16
N ASP J 269 -13.99 -0.53 13.62
CA ASP J 269 -12.67 -0.62 14.23
C ASP J 269 -12.63 0.17 15.54
N ALA J 270 -13.77 0.24 16.21
CA ALA J 270 -13.89 0.85 17.54
C ALA J 270 -14.69 -0.09 18.41
N ALA J 271 -14.13 -0.47 19.55
CA ALA J 271 -14.80 -1.36 20.48
C ALA J 271 -16.07 -0.71 21.02
N ALA J 272 -17.14 -1.49 21.08
CA ALA J 272 -18.43 -0.88 21.36
C ALA J 272 -19.29 -1.82 22.20
N ILE J 273 -20.23 -1.22 22.90
CA ILE J 273 -21.27 -1.90 23.66
C ILE J 273 -22.53 -1.90 22.81
N HIS J 274 -23.30 -2.97 22.85
CA HIS J 274 -24.54 -3.04 22.09
C HIS J 274 -25.57 -2.05 22.61
N SER J 275 -26.52 -1.71 21.75
CA SER J 275 -27.57 -0.79 22.15
C SER J 275 -28.55 -1.44 23.11
N GLN J 276 -28.80 -2.74 22.94
CA GLN J 276 -29.70 -3.41 23.86
C GLN J 276 -29.10 -3.61 25.24
N LYS J 277 -27.78 -3.60 25.38
CA LYS J 277 -27.19 -3.71 26.70
C LYS J 277 -27.18 -2.38 27.44
N ILE J 278 -26.95 -1.27 26.73
CA ILE J 278 -27.17 0.06 27.29
C ILE J 278 -28.63 0.24 27.71
N GLY J 279 -29.56 -0.16 26.85
CA GLY J 279 -30.96 -0.05 27.17
C GLY J 279 -31.39 -0.94 28.31
N ASN J 280 -30.79 -2.11 28.45
CA ASN J 280 -31.00 -2.92 29.65
C ASN J 280 -30.52 -2.22 30.90
N ALA J 281 -29.38 -1.54 30.81
CA ALA J 281 -28.88 -0.80 31.97
C ALA J 281 -29.78 0.37 32.33
N LEU J 282 -30.43 0.98 31.36
CA LEU J 282 -31.32 2.08 31.68
C LEU J 282 -32.65 1.63 32.26
N ARG J 283 -33.09 0.40 31.97
CA ARG J 283 -34.38 -0.09 32.45
C ARG J 283 -34.36 -0.63 33.87
N THR J 284 -33.20 -0.77 34.51
CA THR J 284 -33.14 -1.39 35.83
C THR J 284 -33.67 -0.41 36.88
N ILE J 285 -34.99 -0.37 37.01
CA ILE J 285 -35.66 0.58 37.89
C ILE J 285 -36.64 -0.17 38.77
N ASP J 286 -36.81 -1.47 38.51
CA ASP J 286 -37.84 -2.28 39.15
C ASP J 286 -37.41 -2.64 40.55
N THR J 287 -37.95 -1.94 41.55
CA THR J 287 -37.71 -2.24 42.95
C THR J 287 -39.02 -2.47 43.67
N TRP J 288 -40.08 -2.82 42.95
CA TRP J 288 -41.42 -2.78 43.52
C TRP J 288 -42.01 -4.16 43.71
N TYR J 289 -41.27 -5.19 43.48
CA TYR J 289 -41.85 -6.47 43.86
C TYR J 289 -41.44 -6.83 45.28
N PRO J 290 -42.38 -7.34 46.11
CA PRO J 290 -42.21 -7.32 47.60
C PRO J 290 -41.18 -8.32 48.11
N ASP J 291 -39.93 -8.11 47.71
CA ASP J 291 -38.82 -9.02 47.96
C ASP J 291 -37.56 -8.18 48.12
N GLU J 292 -36.42 -8.82 47.94
CA GLU J 292 -35.12 -8.20 47.61
C GLU J 292 -34.68 -7.15 48.64
N ASP J 293 -34.63 -7.58 49.90
CA ASP J 293 -34.06 -6.75 50.95
C ASP J 293 -32.54 -6.76 50.85
N GLY J 294 -32.02 -6.07 49.82
CA GLY J 294 -30.61 -6.03 49.54
C GLY J 294 -30.17 -6.56 48.19
N LEU J 295 -31.07 -6.69 47.22
CA LEU J 295 -30.62 -7.01 45.86
C LEU J 295 -30.38 -5.73 45.07
N GLY J 296 -31.40 -4.87 44.99
CA GLY J 296 -31.33 -3.66 44.21
C GLY J 296 -32.38 -3.68 43.12
N PRO J 297 -32.28 -2.75 42.18
CA PRO J 297 -33.19 -2.79 41.02
C PRO J 297 -32.85 -3.95 40.12
N ILE J 298 -33.89 -4.54 39.53
CA ILE J 298 -33.73 -5.42 38.38
C ILE J 298 -34.31 -4.70 37.19
N ALA J 299 -34.07 -5.25 36.00
CA ALA J 299 -34.65 -4.70 34.80
C ALA J 299 -36.14 -4.95 34.76
N VAL J 300 -36.83 -4.15 33.95
CA VAL J 300 -38.27 -4.29 33.78
C VAL J 300 -38.51 -5.28 32.65
N GLU J 301 -39.17 -6.40 32.97
CA GLU J 301 -39.56 -7.39 31.97
C GLU J 301 -40.92 -7.95 32.35
N PRO J 302 -41.71 -8.40 31.37
CA PRO J 302 -42.87 -9.23 31.71
C PRO J 302 -42.36 -10.59 32.17
N TYR J 303 -43.00 -11.11 33.21
CA TYR J 303 -42.55 -12.29 33.97
C TYR J 303 -41.13 -12.06 34.47
N GLY J 304 -41.01 -11.06 35.36
CA GLY J 304 -39.77 -10.35 35.60
C GLY J 304 -38.56 -11.18 35.98
N SER J 305 -37.66 -11.33 35.03
CA SER J 305 -36.65 -12.37 35.05
C SER J 305 -35.27 -11.77 34.85
N VAL J 306 -34.29 -12.33 35.56
CA VAL J 306 -32.91 -11.87 35.51
C VAL J 306 -32.09 -13.00 34.91
N THR J 307 -31.29 -12.69 33.89
CA THR J 307 -30.54 -13.75 33.24
C THR J 307 -29.32 -14.16 34.04
N SER J 308 -28.76 -13.27 34.86
CA SER J 308 -27.63 -13.65 35.70
C SER J 308 -28.08 -14.51 36.87
N GLN J 309 -29.17 -14.10 37.55
CA GLN J 309 -29.69 -14.89 38.65
C GLN J 309 -30.31 -16.18 38.17
N GLY J 310 -30.78 -16.22 36.92
CA GLY J 310 -31.38 -17.40 36.36
C GLY J 310 -32.88 -17.53 36.57
N LYS J 311 -33.43 -16.91 37.61
CA LYS J 311 -34.83 -17.10 37.96
C LYS J 311 -35.70 -15.99 37.39
N ALA J 312 -36.98 -16.05 37.73
CA ALA J 312 -37.95 -15.03 37.36
C ALA J 312 -38.72 -14.65 38.61
N TYR J 313 -38.67 -13.37 38.97
CA TYR J 313 -39.14 -12.92 40.28
C TYR J 313 -40.62 -12.59 40.32
N ARG J 314 -41.23 -12.28 39.18
CA ARG J 314 -42.65 -12.01 39.09
C ARG J 314 -43.31 -13.22 38.44
N GLN J 315 -44.01 -14.00 39.23
CA GLN J 315 -44.57 -15.26 38.79
C GLN J 315 -46.09 -15.16 38.64
N PRO J 316 -46.69 -15.96 37.76
CA PRO J 316 -48.15 -15.93 37.60
C PRO J 316 -48.93 -16.47 38.78
N LYS J 317 -48.28 -17.19 39.71
CA LYS J 317 -48.97 -17.64 40.91
C LYS J 317 -49.32 -16.49 41.84
N GLN J 318 -48.59 -15.38 41.75
CA GLN J 318 -48.83 -14.19 42.55
C GLN J 318 -49.31 -13.07 41.65
N LYS J 319 -50.04 -12.13 42.24
CA LYS J 319 -50.60 -11.01 41.47
C LYS J 319 -49.53 -9.96 41.18
N LEU J 320 -48.57 -10.31 40.32
CA LEU J 320 -47.47 -9.40 40.06
C LEU J 320 -47.06 -9.37 38.59
N ASP J 321 -47.81 -10.00 37.70
CA ASP J 321 -47.36 -10.04 36.32
C ASP J 321 -48.08 -9.03 35.44
N PHE J 322 -47.34 -8.59 34.41
CA PHE J 322 -47.82 -7.60 33.47
C PHE J 322 -49.05 -8.08 32.72
N TYR J 323 -49.09 -9.34 32.34
CA TYR J 323 -50.26 -9.95 31.71
C TYR J 323 -51.46 -10.04 32.64
N THR J 324 -51.24 -10.01 33.96
CA THR J 324 -52.32 -10.04 34.93
C THR J 324 -52.61 -8.67 35.55
N LEU J 325 -51.58 -7.91 35.93
CA LEU J 325 -51.76 -6.54 36.41
C LEU J 325 -52.42 -5.67 35.35
N LEU J 326 -52.03 -5.83 34.08
CA LEU J 326 -52.52 -4.96 33.02
C LEU J 326 -54.01 -5.17 32.78
N ASP J 327 -54.46 -6.42 32.65
CA ASP J 327 -55.87 -6.60 32.38
C ASP J 327 -56.72 -6.58 33.64
N ASN J 328 -56.11 -6.64 34.84
CA ASN J 328 -56.89 -6.26 36.00
C ASN J 328 -57.10 -4.76 36.05
N TRP J 329 -56.11 -3.98 35.61
CA TRP J 329 -56.22 -2.53 35.67
C TRP J 329 -56.99 -1.94 34.49
N VAL J 330 -57.14 -2.66 33.40
CA VAL J 330 -57.81 -2.14 32.21
C VAL J 330 -59.21 -2.75 32.03
N LEU J 331 -59.31 -4.08 32.03
CA LEU J 331 -60.58 -4.72 31.69
C LEU J 331 -61.60 -4.60 32.80
N ARG J 332 -61.26 -5.09 33.99
CA ARG J 332 -62.16 -5.08 35.13
C ARG J 332 -61.90 -3.93 36.08
N ASP J 333 -61.16 -2.92 35.62
CA ASP J 333 -60.71 -1.66 36.27
C ASP J 333 -60.32 -1.83 37.74
N GLU J 334 -59.79 -2.99 38.10
CA GLU J 334 -59.23 -3.25 39.42
C GLU J 334 -57.83 -2.69 39.39
N ALA J 335 -57.66 -1.48 39.90
CA ALA J 335 -56.36 -0.84 39.91
C ALA J 335 -55.43 -1.56 40.88
N PRO J 336 -54.15 -1.64 40.55
CA PRO J 336 -53.18 -2.18 41.50
C PRO J 336 -52.77 -1.13 42.51
N ALA J 337 -51.77 -1.46 43.33
CA ALA J 337 -51.07 -0.43 44.09
C ALA J 337 -50.33 0.49 43.13
N VAL J 338 -50.04 1.71 43.60
CA VAL J 338 -49.39 2.72 42.78
C VAL J 338 -47.99 2.27 42.35
N GLU J 339 -47.30 1.55 43.24
CA GLU J 339 -45.99 1.01 42.92
C GLU J 339 -46.05 -0.05 41.84
N GLN J 340 -47.19 -0.72 41.71
CA GLN J 340 -47.36 -1.67 40.61
C GLN J 340 -47.80 -0.98 39.33
N GLN J 341 -48.51 0.15 39.45
CA GLN J 341 -48.82 0.96 38.28
C GLN J 341 -47.57 1.56 37.66
N HIS J 342 -46.59 1.96 38.48
CA HIS J 342 -45.31 2.43 37.95
C HIS J 342 -44.61 1.35 37.15
N TYR J 343 -44.67 0.11 37.63
CA TYR J 343 -44.11 -1.02 36.90
C TYR J 343 -44.83 -1.26 35.59
N VAL J 344 -46.16 -1.17 35.58
CA VAL J 344 -46.92 -1.42 34.35
C VAL J 344 -46.62 -0.35 33.30
N ILE J 345 -46.52 0.92 33.72
CA ILE J 345 -46.20 1.97 32.76
C ILE J 345 -44.76 1.89 32.29
N ALA J 346 -43.82 1.52 33.18
CA ALA J 346 -42.45 1.31 32.76
C ALA J 346 -42.32 0.15 31.79
N ASN J 347 -43.17 -0.85 31.95
CA ASN J 347 -43.19 -2.00 31.07
C ASN J 347 -43.86 -1.69 29.75
N LEU J 348 -44.70 -0.65 29.70
CA LEU J 348 -45.15 -0.09 28.43
C LEU J 348 -44.08 0.73 27.73
N ILE J 349 -43.22 1.41 28.47
CA ILE J 349 -42.19 2.24 27.85
C ILE J 349 -41.09 1.41 27.18
N ARG J 350 -40.82 0.20 27.67
CA ARG J 350 -39.83 -0.64 27.01
C ARG J 350 -40.34 -1.28 25.73
N GLY J 351 -41.65 -1.34 25.52
CA GLY J 351 -42.20 -2.03 24.39
C GLY J 351 -42.65 -3.43 24.73
N GLY J 352 -42.76 -4.26 23.70
CA GLY J 352 -43.11 -5.64 23.90
C GLY J 352 -44.24 -6.13 23.01
N VAL J 353 -44.17 -7.39 22.60
CA VAL J 353 -45.22 -8.03 21.82
C VAL J 353 -46.02 -8.93 22.74
N PHE J 354 -47.35 -8.80 22.71
CA PHE J 354 -48.21 -9.54 23.62
C PHE J 354 -49.34 -10.18 22.82
N GLY J 355 -49.87 -11.28 23.35
CA GLY J 355 -50.78 -12.10 22.57
C GLY J 355 -52.21 -12.18 23.10
N GLU J 356 -52.48 -13.28 23.81
CA GLU J 356 -53.70 -13.86 24.36
C GLU J 356 -54.54 -14.61 23.30
N ALA J 357 -54.27 -14.44 22.00
CA ALA J 357 -54.54 -15.43 20.93
C ALA J 357 -56.00 -15.87 20.85
N GLU J 358 -56.87 -14.95 20.41
CA GLU J 358 -58.30 -15.24 20.22
C GLU J 358 -58.59 -16.38 19.25
N GLU J 359 -57.70 -16.64 18.28
CA GLU J 359 -57.81 -17.81 17.44
C GLU J 359 -56.49 -18.55 17.42
N LYS J 360 -56.57 -19.87 17.38
CA LYS J 360 -55.38 -20.71 17.36
C LYS J 360 -55.43 -21.73 16.22
N MET K 1 -9.34 75.48 -15.38
CA MET K 1 -10.42 76.18 -16.06
C MET K 1 -11.42 75.22 -16.69
N ASP K 2 -12.00 75.65 -17.81
CA ASP K 2 -12.98 74.87 -18.56
C ASP K 2 -12.33 73.76 -19.36
N HIS K 3 -11.09 73.94 -19.81
CA HIS K 3 -10.52 73.14 -20.88
C HIS K 3 -10.15 71.75 -20.35
N TYR K 4 -11.17 70.98 -20.03
CA TYR K 4 -11.01 69.59 -19.61
C TYR K 4 -11.72 68.70 -20.61
N LEU K 5 -11.04 67.61 -21.00
CA LEU K 5 -11.57 66.67 -21.97
C LEU K 5 -11.61 65.28 -21.36
N ASP K 6 -12.62 64.50 -21.74
CA ASP K 6 -12.68 63.07 -21.46
C ASP K 6 -12.68 62.31 -22.78
N ILE K 7 -11.98 61.18 -22.80
CA ILE K 7 -12.04 60.28 -23.93
C ILE K 7 -13.09 59.22 -23.62
N ARG K 8 -13.57 58.55 -24.67
CA ARG K 8 -14.59 57.52 -24.49
C ARG K 8 -13.93 56.19 -24.15
N LEU K 9 -14.74 55.22 -23.76
CA LEU K 9 -14.26 53.96 -23.18
C LEU K 9 -13.69 53.08 -24.30
N ARG K 10 -12.39 53.27 -24.58
CA ARG K 10 -11.62 52.46 -25.51
C ARG K 10 -10.59 51.63 -24.76
N PRO K 11 -10.37 50.37 -25.18
CA PRO K 11 -9.34 49.55 -24.55
C PRO K 11 -7.95 50.00 -24.97
N ASP K 12 -7.05 50.14 -24.00
CA ASP K 12 -5.72 50.65 -24.26
C ASP K 12 -4.69 49.55 -24.04
N PRO K 13 -3.95 49.11 -25.10
CA PRO K 13 -2.86 48.14 -24.93
C PRO K 13 -1.53 48.75 -24.50
N GLU K 14 -1.58 49.63 -23.50
CA GLU K 14 -0.36 50.18 -22.92
C GLU K 14 -0.44 50.31 -21.40
N PHE K 15 -1.60 50.06 -20.80
CA PHE K 15 -1.83 50.36 -19.39
C PHE K 15 -2.60 49.21 -18.77
N PRO K 16 -1.92 48.29 -18.07
CA PRO K 16 -2.62 47.18 -17.41
C PRO K 16 -3.34 47.65 -16.15
N PRO K 17 -4.64 47.29 -15.99
CA PRO K 17 -5.40 47.65 -14.78
C PRO K 17 -5.23 46.64 -13.64
N ALA K 18 -3.99 46.36 -13.26
CA ALA K 18 -3.69 45.26 -12.34
C ALA K 18 -3.21 45.75 -10.98
N GLN K 19 -2.15 46.55 -10.93
CA GLN K 19 -1.57 46.93 -9.66
C GLN K 19 -1.15 48.39 -9.57
N LEU K 20 -1.31 49.18 -10.64
CA LEU K 20 -0.77 50.54 -10.67
C LEU K 20 -1.78 51.57 -11.17
N MET K 21 -3.07 51.23 -11.24
CA MET K 21 -4.04 52.17 -11.78
C MET K 21 -4.56 53.13 -10.71
N SER K 22 -4.35 52.81 -9.44
CA SER K 22 -4.68 53.70 -8.33
C SER K 22 -3.44 54.07 -7.53
N VAL K 23 -2.26 53.98 -8.14
CA VAL K 23 -1.00 54.34 -7.48
C VAL K 23 -0.33 55.48 -8.23
N LEU K 24 -0.06 55.28 -9.53
CA LEU K 24 0.64 56.28 -10.34
C LEU K 24 -0.39 57.18 -11.01
N PHE K 25 -0.80 58.22 -10.29
CA PHE K 25 -1.67 59.25 -10.82
C PHE K 25 -0.98 60.59 -11.00
N GLY K 26 -0.02 60.94 -10.14
CA GLY K 26 0.74 62.16 -10.28
C GLY K 26 2.19 61.95 -9.91
N LYS K 27 2.66 60.71 -10.05
CA LYS K 27 3.99 60.35 -9.57
C LYS K 27 5.09 60.70 -10.56
N LEU K 28 4.79 60.76 -11.86
CA LEU K 28 5.79 61.12 -12.85
C LEU K 28 6.00 62.63 -12.95
N HIS K 29 5.16 63.42 -12.30
CA HIS K 29 5.33 64.86 -12.24
C HIS K 29 6.45 65.18 -11.25
N GLN K 30 6.95 66.41 -11.31
CA GLN K 30 7.99 66.89 -10.40
C GLN K 30 7.41 67.60 -9.18
N ALA K 31 6.22 67.19 -8.71
CA ALA K 31 5.59 67.81 -7.56
C ALA K 31 6.19 67.36 -6.23
N LEU K 32 7.03 66.33 -6.22
CA LEU K 32 7.68 65.88 -5.00
C LEU K 32 8.99 66.59 -4.72
N VAL K 33 9.60 67.19 -5.73
CA VAL K 33 10.78 68.01 -5.50
C VAL K 33 10.40 69.48 -5.40
N ALA K 34 9.39 69.90 -6.19
CA ALA K 34 8.81 71.25 -6.19
C ALA K 34 9.85 72.33 -6.50
N GLN K 35 10.37 72.27 -7.73
CA GLN K 35 11.37 73.22 -8.18
C GLN K 35 10.75 74.20 -9.17
N GLY K 36 9.73 73.77 -9.91
CA GLY K 36 9.05 74.62 -10.85
C GLY K 36 7.60 74.87 -10.49
N GLY K 37 6.68 74.26 -11.22
CA GLY K 37 5.28 74.39 -10.89
C GLY K 37 4.86 73.48 -9.74
N ASP K 38 3.84 73.94 -9.01
CA ASP K 38 3.38 73.25 -7.82
C ASP K 38 1.89 72.98 -7.82
N ARG K 39 1.16 73.38 -8.85
CA ARG K 39 -0.28 73.25 -8.88
C ARG K 39 -0.67 71.93 -9.54
N ILE K 40 -1.34 71.06 -8.78
CA ILE K 40 -1.86 69.80 -9.31
C ILE K 40 -3.09 69.42 -8.47
N GLY K 41 -4.13 68.95 -9.14
CA GLY K 41 -5.35 68.58 -8.46
C GLY K 41 -5.58 67.08 -8.48
N VAL K 42 -6.08 66.54 -7.38
CA VAL K 42 -6.34 65.11 -7.23
C VAL K 42 -7.80 64.94 -6.83
N SER K 43 -8.52 64.10 -7.58
CA SER K 43 -9.94 63.88 -7.34
C SER K 43 -10.28 62.41 -7.55
N PHE K 44 -11.42 62.01 -7.00
CA PHE K 44 -11.96 60.66 -7.15
C PHE K 44 -13.48 60.74 -7.14
N PRO K 45 -14.14 60.67 -8.32
CA PRO K 45 -15.61 60.76 -8.34
C PRO K 45 -16.25 59.46 -7.89
N ASP K 46 -15.50 58.38 -8.07
CA ASP K 46 -16.03 57.03 -8.00
C ASP K 46 -15.86 56.42 -6.61
N LEU K 47 -16.94 56.44 -5.83
CA LEU K 47 -17.02 55.72 -4.56
C LEU K 47 -18.05 54.61 -4.74
N ASP K 48 -17.58 53.42 -5.14
CA ASP K 48 -18.43 52.25 -5.30
C ASP K 48 -17.80 51.09 -4.52
N GLU K 49 -18.44 50.71 -3.40
CA GLU K 49 -17.96 49.62 -2.55
C GLU K 49 -18.94 48.46 -2.68
N SER K 50 -18.71 47.59 -3.69
CA SER K 50 -19.53 46.38 -3.84
C SER K 50 -18.80 45.14 -3.34
N ARG K 51 -17.65 44.82 -3.94
CA ARG K 51 -16.87 43.65 -3.56
C ARG K 51 -15.44 43.84 -4.04
N SER K 52 -14.54 44.14 -3.10
CA SER K 52 -13.08 44.15 -3.31
C SER K 52 -12.64 45.13 -4.39
N ARG K 53 -13.34 46.26 -4.50
CA ARG K 53 -12.97 47.26 -5.50
C ARG K 53 -13.45 48.63 -5.04
N LEU K 54 -12.61 49.64 -5.26
CA LEU K 54 -12.98 51.04 -5.01
C LEU K 54 -12.21 51.91 -5.99
N GLY K 55 -12.87 52.31 -7.07
CA GLY K 55 -12.28 53.21 -8.04
C GLY K 55 -11.56 52.45 -9.14
N GLU K 56 -12.00 52.60 -10.39
CA GLU K 56 -11.32 51.93 -11.49
C GLU K 56 -11.22 52.70 -12.79
N ARG K 57 -11.83 53.88 -12.93
CA ARG K 57 -11.69 54.67 -14.14
C ARG K 57 -11.22 56.09 -13.81
N LEU K 58 -10.62 56.77 -14.78
CA LEU K 58 -9.83 57.98 -14.58
C LEU K 58 -10.69 59.21 -14.85
N ARG K 59 -10.90 60.03 -13.82
CA ARG K 59 -11.44 61.37 -13.97
C ARG K 59 -10.92 62.18 -12.79
N ILE K 60 -9.81 62.90 -13.01
CA ILE K 60 -9.05 63.57 -11.97
C ILE K 60 -8.74 64.99 -12.44
N HIS K 61 -9.33 66.00 -11.80
CA HIS K 61 -9.24 67.35 -12.33
C HIS K 61 -8.04 68.07 -11.70
N ALA K 62 -7.12 68.50 -12.55
CA ALA K 62 -5.94 69.25 -12.16
C ALA K 62 -6.22 70.75 -12.24
N SER K 63 -5.16 71.55 -12.22
CA SER K 63 -5.25 72.99 -12.11
C SER K 63 -5.36 73.63 -13.48
N ALA K 64 -5.23 74.97 -13.49
CA ALA K 64 -5.33 75.74 -14.71
C ALA K 64 -3.97 76.19 -15.24
N ASP K 65 -3.00 76.43 -14.35
CA ASP K 65 -1.69 76.90 -14.75
C ASP K 65 -0.77 75.79 -15.26
N ASP K 66 -1.06 74.52 -14.92
CA ASP K 66 -0.12 73.44 -15.20
C ASP K 66 -0.09 73.07 -16.69
N LEU K 67 -1.23 73.09 -17.37
CA LEU K 67 -1.24 72.76 -18.79
C LEU K 67 -0.71 73.90 -19.65
N ARG K 68 -0.77 75.12 -19.15
CA ARG K 68 -0.47 76.31 -19.94
C ARG K 68 0.92 76.89 -19.70
N ALA K 69 1.38 77.00 -18.46
CA ALA K 69 2.66 77.61 -18.17
C ALA K 69 3.79 76.60 -18.02
N LEU K 70 3.51 75.44 -17.42
CA LEU K 70 4.54 74.45 -17.16
C LEU K 70 4.96 73.69 -18.41
N LEU K 71 4.14 73.71 -19.46
CA LEU K 71 4.39 72.91 -20.67
C LEU K 71 5.05 73.73 -21.78
N ALA K 72 5.97 74.62 -21.40
CA ALA K 72 6.82 75.27 -22.38
C ALA K 72 7.87 74.33 -22.97
N ARG K 73 8.27 73.27 -22.22
CA ARG K 73 9.11 72.20 -22.75
C ARG K 73 8.24 71.03 -23.20
N PRO K 74 8.67 70.28 -24.23
CA PRO K 74 7.87 69.12 -24.68
C PRO K 74 7.84 68.00 -23.66
N TRP K 75 6.69 67.83 -23.03
CA TRP K 75 6.48 66.81 -22.01
C TRP K 75 5.17 66.06 -22.18
N LEU K 76 4.17 66.64 -22.84
CA LEU K 76 2.89 65.97 -23.08
C LEU K 76 2.41 66.15 -24.52
N GLU K 77 3.21 66.76 -25.39
CA GLU K 77 2.81 67.08 -26.75
C GLU K 77 3.18 65.93 -27.69
N GLY K 78 3.09 66.20 -28.99
CA GLY K 78 3.22 65.16 -30.00
C GLY K 78 1.87 64.74 -30.53
N LEU K 79 0.89 64.69 -29.64
CA LEU K 79 -0.49 64.31 -30.00
C LEU K 79 -1.33 65.56 -30.21
N ARG K 80 -0.87 66.44 -31.11
CA ARG K 80 -1.55 67.70 -31.38
C ARG K 80 -2.60 67.55 -32.47
N ASP K 81 -2.22 67.11 -33.66
CA ASP K 81 -3.08 67.15 -34.83
C ASP K 81 -3.71 65.79 -35.11
N HIS K 82 -4.06 65.04 -34.06
CA HIS K 82 -4.65 63.73 -34.23
C HIS K 82 -6.11 63.82 -34.65
N LEU K 83 -6.92 64.52 -33.85
CA LEU K 83 -8.34 64.67 -34.12
C LEU K 83 -8.72 66.14 -34.00
N GLN K 84 -9.89 66.47 -34.53
CA GLN K 84 -10.41 67.84 -34.44
C GLN K 84 -11.29 67.97 -33.20
N PHE K 85 -11.09 69.04 -32.43
CA PHE K 85 -11.86 69.26 -31.22
C PHE K 85 -13.30 69.63 -31.56
N GLY K 86 -14.25 68.92 -30.93
CA GLY K 86 -15.66 69.10 -31.22
C GLY K 86 -16.31 70.18 -30.39
N GLU K 87 -17.56 69.94 -30.02
CA GLU K 87 -18.32 70.91 -29.25
C GLU K 87 -17.80 70.96 -27.82
N PRO K 88 -17.55 72.14 -27.26
CA PRO K 88 -16.88 72.22 -25.96
C PRO K 88 -17.81 71.85 -24.80
N ALA K 89 -17.19 71.38 -23.73
CA ALA K 89 -17.89 70.99 -22.52
C ALA K 89 -18.07 72.18 -21.60
N VAL K 90 -19.06 72.08 -20.72
CA VAL K 90 -19.34 73.12 -19.75
C VAL K 90 -18.80 72.68 -18.39
N VAL K 91 -18.54 73.67 -17.55
CA VAL K 91 -18.21 73.42 -16.15
C VAL K 91 -19.51 73.27 -15.36
N PRO K 92 -19.70 72.19 -14.61
CA PRO K 92 -21.03 71.88 -14.07
C PRO K 92 -21.42 72.83 -12.94
N HIS K 93 -22.61 73.40 -13.06
CA HIS K 93 -23.11 74.31 -12.05
C HIS K 93 -23.60 73.62 -10.77
N PRO K 94 -24.14 72.39 -10.79
CA PRO K 94 -24.26 71.66 -9.53
C PRO K 94 -22.97 70.96 -9.11
N THR K 95 -22.88 70.75 -7.80
CA THR K 95 -21.87 69.91 -7.17
C THR K 95 -22.43 69.44 -5.83
N PRO K 96 -22.15 68.20 -5.43
CA PRO K 96 -22.59 67.74 -4.10
C PRO K 96 -21.58 67.98 -2.97
N TYR K 97 -21.95 67.52 -1.77
CA TYR K 97 -21.02 67.39 -0.64
C TYR K 97 -20.58 65.93 -0.49
N ARG K 98 -19.66 65.52 -1.37
CA ARG K 98 -19.31 64.12 -1.51
C ARG K 98 -17.83 63.83 -1.38
N GLN K 99 -16.95 64.77 -1.74
CA GLN K 99 -15.60 64.49 -2.23
C GLN K 99 -14.72 63.84 -1.17
N VAL K 100 -13.90 62.89 -1.61
CA VAL K 100 -13.05 62.11 -0.74
C VAL K 100 -11.69 62.82 -0.66
N SER K 101 -10.89 62.44 0.34
CA SER K 101 -9.57 63.04 0.50
C SER K 101 -8.60 61.98 1.02
N ARG K 102 -7.31 62.33 1.03
CA ARG K 102 -6.25 61.61 1.73
C ARG K 102 -5.09 62.57 1.96
N VAL K 103 -4.90 63.03 3.20
CA VAL K 103 -3.88 64.04 3.49
C VAL K 103 -2.91 63.58 4.59
N GLN K 104 -3.44 63.27 5.78
CA GLN K 104 -2.68 63.35 7.03
C GLN K 104 -2.35 62.01 7.66
N ALA K 105 -2.55 60.89 6.96
CA ALA K 105 -2.45 59.58 7.58
C ALA K 105 -0.99 59.17 7.76
N LYS K 106 -0.34 59.68 8.81
CA LYS K 106 0.97 59.17 9.23
C LYS K 106 1.11 59.44 10.73
N SER K 107 0.79 58.44 11.55
CA SER K 107 0.73 58.66 12.99
C SER K 107 1.47 57.59 13.81
N ASN K 108 1.41 56.34 13.39
CA ASN K 108 1.90 55.21 14.17
C ASN K 108 2.16 54.04 13.24
N PRO K 109 3.39 53.83 12.82
CA PRO K 109 3.71 52.75 11.88
C PRO K 109 3.58 51.37 12.53
N GLU K 110 3.32 50.38 11.69
CA GLU K 110 3.02 49.02 12.15
C GLU K 110 4.14 48.02 11.91
N ARG K 111 5.11 48.33 11.06
CA ARG K 111 6.31 47.51 10.94
C ARG K 111 7.33 47.83 12.02
N LEU K 112 7.14 48.94 12.73
CA LEU K 112 8.06 49.44 13.75
C LEU K 112 7.19 50.04 14.85
N ARG K 113 6.82 49.21 15.83
CA ARG K 113 5.84 49.57 16.85
C ARG K 113 6.39 49.62 18.25
N ARG K 114 7.15 48.60 18.68
CA ARG K 114 7.51 48.42 20.08
C ARG K 114 8.54 49.43 20.59
N ARG K 115 9.29 50.09 19.71
CA ARG K 115 10.37 50.96 20.18
C ARG K 115 10.12 52.43 19.91
N LEU K 116 9.00 52.78 19.27
CA LEU K 116 8.61 54.18 19.15
C LEU K 116 7.98 54.69 20.45
N MET K 117 7.62 53.79 21.35
CA MET K 117 6.72 54.12 22.46
C MET K 117 7.46 54.89 23.56
N ARG K 118 8.55 54.32 24.08
CA ARG K 118 9.38 55.05 25.02
C ARG K 118 10.88 54.89 24.75
N ARG K 119 11.45 55.79 23.97
CA ARG K 119 12.89 56.02 24.00
C ARG K 119 13.13 57.50 24.19
N HIS K 120 13.70 57.87 25.33
CA HIS K 120 14.17 59.21 25.63
C HIS K 120 15.51 59.13 26.34
N ASP K 121 16.35 58.20 25.84
CA ASP K 121 17.72 57.95 26.30
C ASP K 121 17.75 57.58 27.79
N LEU K 122 16.94 56.57 28.10
CA LEU K 122 16.87 56.04 29.47
C LEU K 122 16.51 54.57 29.40
N SER K 123 16.50 53.92 30.56
CA SER K 123 16.35 52.48 30.63
C SER K 123 14.88 52.07 30.67
N GLU K 124 14.66 50.75 30.59
CA GLU K 124 13.34 50.15 30.68
C GLU K 124 13.38 49.07 31.76
N GLU K 125 12.83 49.39 32.94
CA GLU K 125 12.64 48.40 33.98
C GLU K 125 11.23 47.84 34.04
N GLU K 126 10.23 48.60 33.59
CA GLU K 126 8.84 48.17 33.54
C GLU K 126 8.31 48.36 32.13
N ALA K 127 8.36 47.29 31.32
CA ALA K 127 7.98 47.40 29.91
C ALA K 127 7.22 46.17 29.42
N ARG K 128 6.51 45.47 30.29
CA ARG K 128 5.76 44.27 29.90
C ARG K 128 4.27 44.40 30.14
N LYS K 129 3.84 44.99 31.25
CA LYS K 129 2.42 45.14 31.55
C LYS K 129 2.00 46.60 31.58
N ARG K 130 2.49 47.39 30.62
CA ARG K 130 2.23 48.83 30.64
C ARG K 130 0.81 49.18 30.18
N ILE K 131 0.42 48.78 28.97
CA ILE K 131 -0.97 48.89 28.54
C ILE K 131 -1.39 47.58 27.90
N PRO K 132 -2.67 47.24 28.01
CA PRO K 132 -3.19 46.07 27.27
C PRO K 132 -3.40 46.41 25.80
N ASP K 133 -2.63 45.77 24.92
CA ASP K 133 -2.87 45.85 23.49
C ASP K 133 -3.67 44.66 22.97
N THR K 134 -3.98 43.69 23.83
CA THR K 134 -4.71 42.49 23.43
C THR K 134 -6.21 42.65 23.47
N VAL K 135 -6.72 43.85 23.79
CA VAL K 135 -8.16 44.05 23.92
C VAL K 135 -8.80 44.31 22.57
N ALA K 136 -8.19 45.15 21.75
CA ALA K 136 -8.76 45.59 20.48
C ALA K 136 -8.32 44.67 19.35
N ARG K 137 -9.25 44.39 18.44
CA ARG K 137 -8.99 43.53 17.28
C ARG K 137 -9.89 44.02 16.14
N ALA K 138 -9.27 44.55 15.09
CA ALA K 138 -10.00 45.04 13.94
C ALA K 138 -9.30 44.57 12.67
N LEU K 139 -10.09 44.31 11.62
CA LEU K 139 -9.56 43.89 10.33
C LEU K 139 -10.46 44.41 9.21
N ASP K 140 -10.05 45.52 8.60
CA ASP K 140 -10.69 46.08 7.42
C ASP K 140 -9.75 47.05 6.72
N LEU K 141 -9.62 46.90 5.41
CA LEU K 141 -8.87 47.85 4.60
C LEU K 141 -9.59 48.04 3.28
N PRO K 142 -10.58 48.93 3.23
CA PRO K 142 -11.25 49.24 1.95
C PRO K 142 -10.63 50.41 1.19
N PHE K 143 -9.48 50.94 1.62
CA PHE K 143 -8.95 52.16 1.06
C PHE K 143 -8.12 51.85 -0.20
N VAL K 144 -7.87 52.90 -0.98
CA VAL K 144 -6.92 52.91 -2.10
C VAL K 144 -5.58 52.35 -1.67
N THR K 145 -5.16 51.26 -2.31
CA THR K 145 -3.79 50.80 -2.19
C THR K 145 -2.89 51.70 -3.02
N LEU K 146 -1.99 52.42 -2.34
CA LEU K 146 -0.98 53.23 -3.02
C LEU K 146 0.38 52.80 -2.47
N ARG K 147 1.23 52.29 -3.37
CA ARG K 147 2.42 51.56 -3.01
C ARG K 147 3.68 52.39 -3.23
N SER K 148 4.79 51.88 -2.70
CA SER K 148 6.10 52.53 -2.75
C SER K 148 7.15 51.43 -2.85
N GLN K 149 8.39 51.75 -2.50
CA GLN K 149 9.43 50.73 -2.49
C GLN K 149 9.48 50.03 -1.14
N SER K 150 9.82 48.73 -1.19
CA SER K 150 9.84 47.81 -0.04
C SER K 150 8.50 47.79 0.69
N THR K 151 7.46 47.40 -0.06
CA THR K 151 6.11 47.27 0.47
C THR K 151 5.60 45.85 0.22
N GLY K 152 4.64 45.45 1.03
CA GLY K 152 3.95 44.18 0.82
C GLY K 152 2.75 44.40 -0.08
N GLN K 153 1.56 44.01 0.37
CA GLN K 153 0.37 44.39 -0.36
C GLN K 153 0.04 45.86 -0.11
N HIS K 154 -0.26 46.22 1.13
CA HIS K 154 -0.42 47.62 1.48
C HIS K 154 -0.14 47.78 2.97
N PHE K 155 0.54 48.88 3.31
CA PHE K 155 1.00 49.13 4.68
C PHE K 155 -0.17 49.32 5.65
N ARG K 156 -0.98 50.36 5.45
CA ARG K 156 -2.18 50.69 6.21
C ARG K 156 -2.81 51.91 5.57
N LEU K 157 -4.07 52.17 5.96
CA LEU K 157 -4.72 53.48 6.05
C LEU K 157 -6.11 53.26 6.64
N PHE K 158 -6.58 54.26 7.39
CA PHE K 158 -7.93 54.22 7.96
C PHE K 158 -8.71 55.44 7.49
N ILE K 159 -10.03 55.30 7.40
CA ILE K 159 -10.88 56.39 6.94
C ILE K 159 -11.00 57.44 8.03
N ARG K 160 -10.44 58.63 7.77
CA ARG K 160 -10.40 59.74 8.72
C ARG K 160 -11.16 60.92 8.12
N HIS K 161 -12.36 60.63 7.60
CA HIS K 161 -13.18 61.55 6.84
C HIS K 161 -13.70 62.67 7.75
N GLY K 162 -14.25 63.71 7.13
CA GLY K 162 -14.80 64.82 7.86
C GLY K 162 -14.29 66.19 7.44
N PRO K 163 -12.96 66.35 7.23
CA PRO K 163 -12.51 67.56 6.54
C PRO K 163 -12.95 67.61 5.07
N LEU K 164 -13.86 68.53 4.79
CA LEU K 164 -14.37 68.75 3.45
C LEU K 164 -14.83 70.20 3.37
N GLN K 165 -14.37 70.89 2.33
CA GLN K 165 -14.90 72.20 1.97
C GLN K 165 -15.20 72.21 0.47
N VAL K 166 -15.74 73.34 0.01
CA VAL K 166 -16.03 73.53 -1.41
C VAL K 166 -14.91 74.37 -1.99
N THR K 167 -13.76 74.40 -1.32
CA THR K 167 -12.64 75.23 -1.71
C THR K 167 -11.51 74.34 -2.24
N ALA K 168 -10.91 74.76 -3.35
CA ALA K 168 -9.85 74.00 -3.99
C ALA K 168 -8.50 74.30 -3.34
N GLU K 169 -7.42 73.92 -4.01
CA GLU K 169 -6.06 74.13 -3.56
C GLU K 169 -5.69 75.61 -3.59
N GLU K 170 -4.61 75.94 -2.89
CA GLU K 170 -4.03 77.28 -2.89
C GLU K 170 -2.53 77.20 -3.09
N GLY K 171 -1.93 78.33 -3.46
CA GLY K 171 -0.50 78.36 -3.70
C GLY K 171 0.30 78.37 -2.40
N GLY K 172 1.36 77.55 -2.39
CA GLY K 172 2.28 77.48 -1.29
C GLY K 172 1.87 76.53 -0.18
N PHE K 173 0.59 76.17 -0.11
CA PHE K 173 0.08 75.31 0.95
C PHE K 173 -0.18 73.93 0.35
N THR K 174 0.82 73.05 0.46
CA THR K 174 0.69 71.67 0.07
C THR K 174 1.17 70.80 1.23
N CYS K 175 0.48 69.69 1.45
CA CYS K 175 0.89 68.72 2.47
C CYS K 175 1.43 67.44 1.84
N TYR K 176 0.64 66.76 1.02
CA TYR K 176 1.16 65.70 0.16
C TYR K 176 0.95 66.01 -1.31
N GLY K 177 -0.29 66.15 -1.76
CA GLY K 177 -0.57 66.57 -3.13
C GLY K 177 -1.85 67.36 -3.29
N LEU K 178 -2.51 67.69 -2.18
CA LEU K 178 -3.87 68.21 -2.27
C LEU K 178 -4.21 68.95 -0.99
N SER K 179 -5.05 69.99 -1.10
CA SER K 179 -5.50 70.80 0.01
C SER K 179 -6.92 70.42 0.41
N LYS K 180 -7.50 71.21 1.31
CA LYS K 180 -8.76 70.91 2.00
C LYS K 180 -9.93 71.21 1.08
N GLY K 181 -10.49 70.16 0.47
CA GLY K 181 -11.70 70.30 -0.33
C GLY K 181 -11.47 70.11 -1.81
N GLY K 182 -12.15 70.90 -2.63
CA GLY K 182 -11.97 70.87 -4.07
C GLY K 182 -13.27 70.87 -4.85
N PHE K 183 -13.15 71.05 -6.16
CA PHE K 183 -14.28 71.01 -7.09
C PHE K 183 -14.16 69.81 -8.03
N VAL K 184 -15.01 68.81 -7.80
CA VAL K 184 -15.42 67.86 -8.83
C VAL K 184 -16.85 67.42 -8.49
N PRO K 185 -17.80 67.55 -9.44
CA PRO K 185 -19.15 66.99 -9.25
C PRO K 185 -19.35 65.64 -9.90
N TRP K 186 -20.60 65.15 -9.85
CA TRP K 186 -20.94 63.82 -10.36
C TRP K 186 -20.95 63.77 -11.88
N PHE K 187 -21.73 64.65 -12.51
CA PHE K 187 -21.77 64.69 -13.97
C PHE K 187 -20.83 65.75 -14.51
#